data_4R2G
#
_entry.id   4R2G
#
_cell.length_a   164.406
_cell.length_b   165.438
_cell.length_c   229.712
_cell.angle_alpha   90.00
_cell.angle_beta   90.00
_cell.angle_gamma   90.00
#
_symmetry.space_group_name_H-M   'P 21 21 21'
#
loop_
_entity.id
_entity.type
_entity.pdbx_description
1 polymer 'Surface protein gp160'
2 polymer 'T-cell surface glycoprotein CD4'
3 polymer 'PGT124 Light Chain'
4 polymer 'PGT124 Heavy Chain'
5 branched alpha-D-mannopyranose-(1-2)-alpha-D-mannopyranose-(1-2)-alpha-D-mannopyranose-(1-3)-[alpha-D-mannopyranose-(1-2)-alpha-D-mannopyranose-(1-6)-[alpha-D-mannopyranose-(1-3)]alpha-D-mannopyranose-(1-6)]beta-D-mannopyranose-(1-4)-2-acetamido-2-deoxy-beta-D-glucopyranose-(1-4)-2-acetamido-2-deoxy-beta-D-glucopyranose
6 branched 2-acetamido-2-deoxy-beta-D-glucopyranose-(1-4)-2-acetamido-2-deoxy-beta-D-glucopyranose
7 non-polymer 2-acetamido-2-deoxy-beta-D-glucopyranose
8 non-polymer 'CHLORIDE ION'
9 non-polymer GLYCEROL
#
loop_
_entity_poly.entity_id
_entity_poly.type
_entity_poly.pdbx_seq_one_letter_code
_entity_poly.pdbx_strand_id
1 'polypeptide(L)'
;DFNMWKNNMVEQMQEDVINLWDQSLKPCVKLTGGSVITQACPKVSFEPIPIHYCAPAGFAILKCNNKTFNGKGQCKNVST
VQCTHGIRPVVSTQLLLNGSLAEEKVVIRSDNFTDNAKTIIVQLNESVKINCTRPSNNTRPGEIIGDIRQAHCNISRAQW
NNTLKQIVEKLREQFNNKTIVFTHSSGGDPEIVMHSFNCGGEFFYCNSTQLFNSTWNDTEKSSGTEGNDTIILPCRIKQI
INMWQEVGKAMYAPPIKGQIRCSSNITGLLLTRDGGKNESEIEIFRPGGGDMRDNWRSELYKYKVVKIE
;
E,O,A,K
2 'polypeptide(L)'
;MKKVVLGKKGDTVELTCTASQKKSIQFHWKNSNQIKILGNQGSFLTKGPSKLNDRADSRRSLWDQGNFPLIIKNLKIEDS
DTYICEVEDQKEEVQLLVFGLTANSDTHLLQGQSLTLTLESPPGSSPSVQCRSPRGKNIQGGKTLSVSQLELQDSGTWTC
TVLQNQKKVEFKIDIVVLAFQKAS
;
F,B,H,L
3 'polypeptide(L)'
;SYVSPLSVALGETARISCGRQALGSRAVQWYQHKPGQAPILLIYNNQDRPSGIPERFSGTPDINFGTTATLTISGVEVGD
EADYYCHMWDSRSGFSWSFGGATRLTVLSQPKAAPSVTLFPPSSEELQANKATLVCLISDFYPGAVTVAWKADSSPVKAG
VETTTPSKQSNNKYAASSYLSLTPEQWKSHKSYSCQVTHEGSTVEKTVAPTECS
;
P,C,I,M
4 'polypeptide(L)'
;QVQLQESGPGLVRPSETLSVTCIVSGGSISNYYWTWIRQSPGKGLEWIGYISDRETTTYNPSLNSRAVISRDTSKNQLSL
QLRSVTTADTAIYFCATARRGQRIYGVVSFGEFFYYYYMDVWGKGTAVTVSSASTKGPSVFPLAPSSKSTSGGTAALGCL
VKDYFPEPVTVSWNSGALTSGVHTFPAVLQSSGLYSLSSVVTVPSSSLGTQTYICNVNHKPSNTKVDKKVEPKSCD
;
Q,D,J,N
#
loop_
_chem_comp.id
_chem_comp.type
_chem_comp.name
_chem_comp.formula
BMA D-saccharide, beta linking beta-D-mannopyranose 'C6 H12 O6'
CL non-polymer 'CHLORIDE ION' 'Cl -1'
GOL non-polymer GLYCEROL 'C3 H8 O3'
MAN D-saccharide, alpha linking alpha-D-mannopyranose 'C6 H12 O6'
NAG D-saccharide, beta linking 2-acetamido-2-deoxy-beta-D-glucopyranose 'C8 H15 N O6'
#
# COMPACT_ATOMS: atom_id res chain seq x y z
N ASP A 1 -22.13 29.47 -70.29
CA ASP A 1 -23.16 29.00 -69.35
C ASP A 1 -22.59 28.21 -68.17
N PHE A 2 -21.97 28.94 -67.24
CA PHE A 2 -21.49 28.39 -65.98
C PHE A 2 -22.65 27.81 -65.18
N ASN A 3 -22.33 26.91 -64.24
CA ASN A 3 -23.33 26.31 -63.35
C ASN A 3 -22.68 25.53 -62.21
N MET A 4 -22.36 26.25 -61.13
CA MET A 4 -21.66 25.68 -59.97
C MET A 4 -22.42 24.50 -59.35
N TRP A 5 -23.73 24.46 -59.57
CA TRP A 5 -24.58 23.46 -58.94
C TRP A 5 -24.67 22.17 -59.74
N LYS A 6 -24.42 22.27 -61.04
CA LYS A 6 -24.27 21.11 -61.89
C LYS A 6 -22.91 21.16 -62.54
N ASN A 7 -21.87 21.24 -61.71
CA ASN A 7 -20.52 21.16 -62.19
C ASN A 7 -20.03 19.72 -62.03
N ASN A 8 -19.11 19.30 -62.89
CA ASN A 8 -18.61 17.94 -62.84
C ASN A 8 -17.22 17.90 -62.19
N MET A 9 -16.57 19.06 -62.14
CA MET A 9 -15.29 19.20 -61.46
C MET A 9 -15.49 18.92 -60.00
N VAL A 10 -16.68 19.22 -59.52
CA VAL A 10 -16.95 19.11 -58.09
C VAL A 10 -17.01 17.63 -57.67
N GLU A 11 -17.50 16.77 -58.55
CA GLU A 11 -17.58 15.34 -58.27
C GLU A 11 -16.20 14.70 -58.31
N GLN A 12 -15.37 15.17 -59.24
CA GLN A 12 -14.02 14.68 -59.36
C GLN A 12 -13.25 15.09 -58.13
N MET A 13 -13.37 16.36 -57.78
CA MET A 13 -12.84 16.89 -56.54
C MET A 13 -13.20 15.98 -55.35
N GLN A 14 -14.49 15.70 -55.21
CA GLN A 14 -14.98 14.86 -54.12
C GLN A 14 -14.23 13.54 -54.07
N GLU A 15 -14.17 12.88 -55.23
CA GLU A 15 -13.49 11.59 -55.32
C GLU A 15 -12.01 11.72 -54.96
N ASP A 16 -11.42 12.87 -55.30
CA ASP A 16 -10.04 13.17 -54.94
C ASP A 16 -9.87 13.22 -53.43
N VAL A 17 -10.70 13.98 -52.74
CA VAL A 17 -10.57 14.05 -51.28
C VAL A 17 -10.79 12.70 -50.64
N ILE A 18 -11.80 11.96 -51.12
CA ILE A 18 -12.01 10.61 -50.59
C ILE A 18 -10.73 9.79 -50.68
N ASN A 19 -10.12 9.81 -51.86
CA ASN A 19 -8.90 9.04 -52.06
C ASN A 19 -7.73 9.61 -51.23
N LEU A 20 -7.76 10.90 -50.97
CA LEU A 20 -6.74 11.53 -50.15
C LEU A 20 -6.88 11.11 -48.69
N TRP A 21 -8.11 10.78 -48.30
CA TRP A 21 -8.43 10.38 -46.92
C TRP A 21 -8.17 8.91 -46.70
N ASP A 22 -8.18 8.12 -47.77
CA ASP A 22 -7.51 6.84 -47.76
C ASP A 22 -6.04 7.24 -47.74
N GLN A 23 -5.18 6.37 -47.23
CA GLN A 23 -3.75 6.68 -47.14
C GLN A 23 -3.41 7.70 -46.05
N SER A 24 -3.97 8.90 -46.16
CA SER A 24 -3.74 9.93 -45.15
C SER A 24 -4.33 9.63 -43.77
N LEU A 25 -5.55 9.13 -43.73
CA LEU A 25 -6.27 8.86 -42.50
C LEU A 25 -7.00 7.53 -42.55
N LYS A 26 -6.29 6.43 -42.32
CA LYS A 26 -6.90 5.10 -42.44
C LYS A 26 -7.69 4.64 -41.22
N PRO A 27 -8.98 4.32 -41.43
CA PRO A 27 -9.77 3.85 -40.29
C PRO A 27 -9.58 2.35 -39.98
N CYS A 28 -9.29 2.07 -38.71
CA CYS A 28 -9.25 0.72 -38.16
C CYS A 28 -10.44 -0.13 -38.56
N VAL A 29 -11.63 0.45 -38.46
CA VAL A 29 -12.86 -0.28 -38.75
C VAL A 29 -13.80 0.60 -39.54
N LYS A 30 -14.39 0.05 -40.59
CA LYS A 30 -15.54 0.67 -41.22
C LYS A 30 -16.67 -0.30 -40.99
N LEU A 31 -17.88 0.20 -40.81
CA LEU A 31 -19.06 -0.68 -40.76
C LEU A 31 -20.06 -0.23 -41.80
N THR A 32 -20.44 -1.12 -42.70
CA THR A 32 -21.31 -0.72 -43.81
C THR A 32 -22.43 -1.70 -44.19
N GLY A 33 -22.05 -2.84 -44.75
CA GLY A 33 -22.99 -3.75 -45.40
C GLY A 33 -24.10 -4.35 -44.55
N GLY A 34 -23.79 -4.78 -43.33
CA GLY A 34 -22.46 -4.70 -42.77
C GLY A 34 -21.44 -5.49 -43.55
N SER A 35 -20.32 -4.83 -43.85
CA SER A 35 -19.13 -5.47 -44.39
C SER A 35 -18.02 -5.68 -43.34
N VAL A 36 -17.98 -4.79 -42.36
CA VAL A 36 -17.07 -4.89 -41.22
C VAL A 36 -15.59 -4.92 -41.64
N ILE A 37 -15.20 -4.04 -42.55
CA ILE A 37 -13.81 -3.94 -42.99
C ILE A 37 -12.85 -3.52 -41.87
N THR A 38 -11.72 -4.22 -41.78
CA THR A 38 -10.65 -3.94 -40.83
C THR A 38 -9.37 -3.62 -41.61
N GLN A 39 -8.51 -2.78 -41.03
CA GLN A 39 -7.29 -2.32 -41.68
C GLN A 39 -6.36 -1.72 -40.62
N ALA A 40 -5.07 -1.98 -40.70
CA ALA A 40 -4.13 -1.47 -39.69
C ALA A 40 -4.11 0.05 -39.68
N CYS A 41 -4.34 0.65 -38.52
CA CYS A 41 -4.36 2.11 -38.40
C CYS A 41 -3.26 2.66 -37.51
N PRO A 42 -2.19 3.15 -38.13
CA PRO A 42 -1.11 3.78 -37.37
C PRO A 42 -1.53 5.17 -36.93
N LYS A 43 -1.19 5.57 -35.71
CA LYS A 43 -1.54 6.91 -35.27
C LYS A 43 -0.87 7.89 -36.20
N VAL A 44 -1.60 8.91 -36.62
CA VAL A 44 -1.11 9.85 -37.61
C VAL A 44 -1.61 11.26 -37.36
N SER A 45 -0.90 12.24 -37.93
CA SER A 45 -1.30 13.63 -37.90
C SER A 45 -1.70 14.03 -39.30
N PHE A 46 -2.89 14.61 -39.44
CA PHE A 46 -3.44 14.93 -40.76
C PHE A 46 -3.66 16.41 -40.98
N GLU A 47 -3.21 16.90 -42.12
CA GLU A 47 -3.39 18.29 -42.49
C GLU A 47 -3.48 18.31 -44.00
N PRO A 48 -4.64 18.71 -44.53
CA PRO A 48 -4.87 18.59 -45.99
C PRO A 48 -3.91 19.48 -46.77
N ILE A 49 -3.23 18.89 -47.74
CA ILE A 49 -2.43 19.65 -48.70
C ILE A 49 -3.36 20.13 -49.79
N PRO A 50 -3.00 21.23 -50.44
CA PRO A 50 -3.89 21.73 -51.50
C PRO A 50 -4.05 20.75 -52.68
N ILE A 51 -5.16 20.88 -53.39
CA ILE A 51 -5.40 20.08 -54.59
C ILE A 51 -5.66 21.00 -55.76
N HIS A 52 -5.25 20.58 -56.97
CA HIS A 52 -5.61 21.29 -58.19
C HIS A 52 -6.42 20.36 -59.08
N TYR A 53 -7.46 20.89 -59.71
CA TYR A 53 -8.13 20.13 -60.77
C TYR A 53 -7.40 20.45 -62.05
N CYS A 54 -7.04 19.41 -62.79
CA CYS A 54 -6.30 19.62 -64.03
C CYS A 54 -7.13 19.30 -65.25
N ALA A 55 -6.90 20.09 -66.29
CA ALA A 55 -7.56 19.90 -67.56
C ALA A 55 -6.67 19.03 -68.44
N PRO A 56 -7.21 17.90 -68.92
CA PRO A 56 -6.51 17.14 -69.95
C PRO A 56 -6.41 17.99 -71.22
N ALA A 57 -5.27 17.95 -71.92
CA ALA A 57 -5.13 18.66 -73.19
C ALA A 57 -6.26 18.23 -74.12
N GLY A 58 -6.76 19.16 -74.93
CA GLY A 58 -7.94 18.90 -75.72
C GLY A 58 -9.22 19.20 -74.94
N PHE A 59 -9.05 19.48 -73.65
CA PHE A 59 -10.13 19.99 -72.82
C PHE A 59 -9.60 21.21 -72.07
N ALA A 60 -10.48 22.09 -71.63
CA ALA A 60 -10.02 23.25 -70.87
C ALA A 60 -11.02 23.73 -69.85
N ILE A 61 -10.50 24.42 -68.84
CA ILE A 61 -11.37 25.05 -67.87
C ILE A 61 -11.36 26.55 -68.12
N LEU A 62 -12.55 27.13 -68.09
CA LEU A 62 -12.73 28.55 -68.18
C LEU A 62 -12.89 29.08 -66.76
N LYS A 63 -12.17 30.15 -66.45
CA LYS A 63 -12.29 30.82 -65.16
C LYS A 63 -13.05 32.13 -65.28
N CYS A 64 -14.25 32.20 -64.71
CA CYS A 64 -14.98 33.47 -64.65
C CYS A 64 -14.27 34.46 -63.73
N ASN A 65 -14.40 35.75 -64.03
CA ASN A 65 -13.65 36.78 -63.33
C ASN A 65 -14.54 37.82 -62.69
N ASN A 66 -15.85 37.66 -62.81
CA ASN A 66 -16.78 38.52 -62.10
C ASN A 66 -16.53 38.45 -60.61
N LYS A 67 -15.91 39.50 -60.08
CA LYS A 67 -15.58 39.62 -58.65
C LYS A 67 -16.80 39.30 -57.77
N THR A 68 -17.99 39.55 -58.29
CA THR A 68 -19.22 39.06 -57.68
C THR A 68 -19.97 38.19 -58.68
N PHE A 69 -19.86 36.88 -58.50
CA PHE A 69 -20.52 35.96 -59.42
C PHE A 69 -21.41 34.98 -58.65
N ASN A 70 -22.69 34.95 -59.00
CA ASN A 70 -23.66 34.09 -58.35
C ASN A 70 -23.44 32.60 -58.61
N GLY A 71 -22.85 32.28 -59.76
CA GLY A 71 -22.57 30.89 -60.11
C GLY A 71 -23.51 30.20 -61.08
N LYS A 72 -24.57 30.87 -61.49
CA LYS A 72 -25.49 30.25 -62.43
C LYS A 72 -26.03 31.31 -63.38
N GLY A 73 -25.15 31.79 -64.25
CA GLY A 73 -25.50 32.84 -65.18
C GLY A 73 -24.47 32.82 -66.28
N GLN A 74 -24.78 33.45 -67.40
CA GLN A 74 -23.78 33.65 -68.43
C GLN A 74 -22.72 34.51 -67.78
N CYS A 75 -21.46 34.22 -68.05
CA CYS A 75 -20.37 34.98 -67.45
C CYS A 75 -19.80 35.91 -68.49
N LYS A 76 -19.80 37.21 -68.19
CA LYS A 76 -19.32 38.21 -69.14
C LYS A 76 -17.83 38.13 -69.42
N ASN A 77 -17.01 38.41 -68.41
CA ASN A 77 -15.56 38.22 -68.52
C ASN A 77 -15.22 36.76 -68.24
N VAL A 78 -14.51 36.13 -69.17
CA VAL A 78 -14.10 34.74 -69.01
C VAL A 78 -12.62 34.59 -69.37
N SER A 79 -11.90 33.77 -68.61
CA SER A 79 -10.49 33.48 -68.87
C SER A 79 -10.31 31.99 -69.17
N THR A 80 -9.10 31.62 -69.61
CA THR A 80 -8.75 30.23 -69.90
C THR A 80 -7.37 29.89 -69.32
N VAL A 81 -7.34 29.09 -68.26
CA VAL A 81 -6.07 28.65 -67.65
C VAL A 81 -6.01 27.12 -67.62
N GLN A 82 -4.82 26.58 -67.36
CA GLN A 82 -4.54 25.15 -67.44
C GLN A 82 -5.08 24.38 -66.23
N CYS A 83 -4.81 24.92 -65.04
CA CYS A 83 -5.26 24.29 -63.80
C CYS A 83 -5.89 25.32 -62.84
N THR A 84 -6.88 24.86 -62.09
CA THR A 84 -7.54 25.67 -61.06
C THR A 84 -6.53 26.13 -60.04
N HIS A 85 -6.88 27.13 -59.25
CA HIS A 85 -5.98 27.57 -58.20
C HIS A 85 -5.77 26.45 -57.17
N GLY A 86 -4.81 26.63 -56.28
CA GLY A 86 -4.60 25.67 -55.21
C GLY A 86 -5.75 25.77 -54.21
N ILE A 87 -6.39 24.64 -53.91
CA ILE A 87 -7.47 24.64 -52.92
C ILE A 87 -7.28 23.58 -51.86
N ARG A 88 -7.06 24.00 -50.61
CA ARG A 88 -6.88 23.05 -49.53
C ARG A 88 -8.22 22.57 -49.03
N PRO A 89 -8.50 21.28 -49.25
CA PRO A 89 -9.84 20.75 -49.08
C PRO A 89 -10.12 20.37 -47.64
N VAL A 90 -10.41 21.36 -46.81
CA VAL A 90 -10.85 21.05 -45.46
C VAL A 90 -12.24 20.40 -45.52
N VAL A 91 -12.36 19.19 -44.96
CA VAL A 91 -13.67 18.61 -44.73
C VAL A 91 -14.22 19.14 -43.41
N SER A 92 -15.28 19.96 -43.49
CA SER A 92 -15.89 20.57 -42.31
C SER A 92 -17.42 20.65 -42.40
N THR A 93 -18.10 20.25 -41.34
CA THR A 93 -19.57 20.22 -41.33
C THR A 93 -20.37 21.52 -41.39
N GLN A 94 -20.01 22.53 -40.60
CA GLN A 94 -20.88 23.70 -40.46
C GLN A 94 -20.32 25.03 -40.93
N LEU A 95 -19.02 25.21 -40.79
CA LEU A 95 -18.36 26.46 -41.14
C LEU A 95 -17.29 26.16 -42.15
N LEU A 96 -17.24 26.94 -43.22
CA LEU A 96 -16.20 26.66 -44.22
C LEU A 96 -14.88 27.26 -43.76
N LEU A 97 -13.82 26.46 -43.78
CA LEU A 97 -12.52 26.88 -43.24
C LEU A 97 -11.41 26.96 -44.26
N ASN A 98 -10.72 28.10 -44.29
CA ASN A 98 -9.54 28.29 -45.12
C ASN A 98 -9.86 28.45 -46.61
N GLY A 99 -11.14 28.64 -46.90
CA GLY A 99 -11.60 28.88 -48.27
C GLY A 99 -11.25 30.27 -48.74
N SER A 100 -11.19 30.49 -50.05
CA SER A 100 -10.86 31.81 -50.54
C SER A 100 -11.98 32.80 -50.24
N LEU A 101 -11.56 34.01 -49.88
CA LEU A 101 -12.47 35.10 -49.55
C LEU A 101 -13.13 35.68 -50.79
N ALA A 102 -14.39 36.07 -50.65
CA ALA A 102 -15.09 36.71 -51.75
C ALA A 102 -14.50 38.08 -52.02
N GLU A 103 -14.35 38.42 -53.29
CA GLU A 103 -13.90 39.75 -53.68
C GLU A 103 -15.00 40.76 -53.40
N GLU A 104 -14.62 41.95 -52.95
CA GLU A 104 -15.59 42.99 -52.66
C GLU A 104 -16.64 42.55 -51.63
N LYS A 105 -17.91 42.73 -51.93
CA LYS A 105 -19.00 42.42 -51.01
C LYS A 105 -19.25 40.93 -50.78
N VAL A 106 -19.80 40.62 -49.61
CA VAL A 106 -20.23 39.27 -49.27
C VAL A 106 -21.15 38.66 -50.32
N VAL A 107 -21.02 37.37 -50.59
CA VAL A 107 -21.88 36.73 -51.57
C VAL A 107 -22.66 35.56 -50.98
N ILE A 108 -23.92 35.42 -51.34
CA ILE A 108 -24.65 34.22 -50.94
C ILE A 108 -25.16 33.55 -52.19
N ARG A 109 -25.12 32.23 -52.21
CA ARG A 109 -25.43 31.47 -53.41
C ARG A 109 -26.37 30.29 -53.11
N SER A 110 -27.44 30.19 -53.88
CA SER A 110 -28.21 28.96 -53.90
C SER A 110 -28.52 28.57 -55.34
N ASP A 111 -28.67 27.28 -55.58
CA ASP A 111 -29.18 26.83 -56.86
C ASP A 111 -30.61 27.32 -56.97
N ASN A 112 -31.36 27.15 -55.89
CA ASN A 112 -32.66 27.78 -55.72
C ASN A 112 -32.79 28.36 -54.31
N PHE A 113 -32.97 29.67 -54.22
CA PHE A 113 -33.21 30.32 -52.93
C PHE A 113 -34.54 29.91 -52.33
N THR A 114 -35.50 29.71 -53.22
CA THR A 114 -36.91 29.51 -52.90
C THR A 114 -37.20 28.10 -52.33
N ASP A 115 -36.44 27.10 -52.77
CA ASP A 115 -36.65 25.78 -52.20
C ASP A 115 -35.94 25.79 -50.86
N ASN A 116 -36.71 25.66 -49.80
CA ASN A 116 -36.14 25.73 -48.47
C ASN A 116 -35.20 24.56 -48.22
N ALA A 117 -35.28 23.52 -49.05
CA ALA A 117 -34.41 22.35 -48.90
C ALA A 117 -33.12 22.43 -49.73
N LYS A 118 -32.92 23.54 -50.41
CA LYS A 118 -31.65 23.77 -51.09
C LYS A 118 -30.73 24.66 -50.25
N THR A 119 -29.48 24.21 -50.13
CA THR A 119 -28.49 24.81 -49.25
C THR A 119 -27.96 26.14 -49.77
N ILE A 120 -27.89 27.13 -48.89
CA ILE A 120 -27.25 28.39 -49.21
C ILE A 120 -25.80 28.40 -48.78
N ILE A 121 -24.92 28.67 -49.74
CA ILE A 121 -23.49 28.79 -49.46
C ILE A 121 -23.14 30.26 -49.30
N VAL A 122 -22.32 30.58 -48.30
CA VAL A 122 -22.00 31.95 -47.97
C VAL A 122 -20.50 32.18 -48.11
N GLN A 123 -20.11 33.22 -48.86
CA GLN A 123 -18.72 33.62 -49.02
C GLN A 123 -18.48 35.01 -48.43
N LEU A 124 -17.42 35.16 -47.62
CA LEU A 124 -17.23 36.36 -46.82
C LEU A 124 -16.38 37.49 -47.40
N ASN A 125 -16.70 38.71 -46.98
CA ASN A 125 -15.89 39.90 -47.23
C ASN A 125 -14.47 39.65 -46.75
N GLU A 126 -14.30 39.57 -45.44
CA GLU A 126 -13.03 39.22 -44.82
C GLU A 126 -13.17 38.05 -43.82
N SER A 127 -12.07 37.37 -43.56
CA SER A 127 -12.07 36.15 -42.75
C SER A 127 -12.17 36.35 -41.24
N VAL A 128 -12.84 35.42 -40.56
CA VAL A 128 -12.88 35.43 -39.10
C VAL A 128 -12.04 34.32 -38.49
N LYS A 129 -11.14 34.66 -37.56
CA LYS A 129 -10.31 33.64 -36.93
C LYS A 129 -11.07 32.77 -35.95
N ILE A 130 -10.85 31.46 -36.02
CA ILE A 130 -11.37 30.53 -35.02
C ILE A 130 -10.24 29.67 -34.48
N ASN A 131 -10.11 29.59 -33.16
CA ASN A 131 -9.03 28.81 -32.55
C ASN A 131 -9.55 27.65 -31.70
N CYS A 132 -9.06 26.45 -31.97
CA CYS A 132 -9.53 25.24 -31.30
C CYS A 132 -8.38 24.42 -30.71
N THR A 133 -8.59 23.86 -29.52
CA THR A 133 -7.58 23.03 -28.89
C THR A 133 -8.17 21.90 -28.02
N ARG A 134 -7.39 20.84 -27.83
CA ARG A 134 -7.73 19.79 -26.87
C ARG A 134 -6.49 19.65 -26.02
N PRO A 135 -6.41 20.46 -24.95
CA PRO A 135 -5.21 20.59 -24.12
C PRO A 135 -4.82 19.34 -23.33
N SER A 136 -5.73 18.83 -22.51
CA SER A 136 -5.43 17.70 -21.66
C SER A 136 -4.97 16.49 -22.45
N ASN A 137 -3.72 16.10 -22.27
CA ASN A 137 -3.23 14.92 -22.96
C ASN A 137 -4.01 13.71 -22.50
N ASN A 138 -4.32 12.82 -23.44
CA ASN A 138 -5.10 11.63 -23.13
C ASN A 138 -4.55 10.39 -23.80
N ILE A 144 -7.05 9.95 -17.34
CA ILE A 144 -6.72 11.35 -17.62
C ILE A 144 -5.56 11.77 -16.72
N ILE A 145 -4.36 11.87 -17.27
CA ILE A 145 -3.15 12.28 -16.52
C ILE A 145 -2.98 13.80 -16.41
N GLY A 146 -2.88 14.30 -15.17
CA GLY A 146 -2.76 15.72 -14.90
C GLY A 146 -4.08 16.49 -14.86
N ASP A 147 -4.07 17.70 -15.40
CA ASP A 147 -5.27 18.53 -15.40
C ASP A 147 -6.36 18.07 -16.38
N ILE A 148 -7.60 18.08 -15.90
CA ILE A 148 -8.75 17.79 -16.75
C ILE A 148 -9.17 19.07 -17.44
N ARG A 149 -8.92 19.17 -18.74
CA ARG A 149 -9.31 20.35 -19.52
C ARG A 149 -10.32 20.05 -20.63
N GLN A 150 -11.20 21.03 -20.89
CA GLN A 150 -12.27 20.88 -21.86
C GLN A 150 -11.88 21.34 -23.28
N ALA A 151 -11.92 20.43 -24.24
CA ALA A 151 -11.57 20.78 -25.61
C ALA A 151 -12.51 21.87 -26.09
N HIS A 152 -11.96 22.90 -26.73
CA HIS A 152 -12.78 24.08 -27.03
C HIS A 152 -12.31 24.97 -28.16
N CYS A 153 -13.20 25.83 -28.61
CA CYS A 153 -12.93 26.75 -29.71
C CYS A 153 -13.20 28.20 -29.33
N ASN A 154 -12.34 29.11 -29.80
CA ASN A 154 -12.50 30.53 -29.48
C ASN A 154 -12.76 31.38 -30.72
N ILE A 155 -13.80 32.20 -30.64
CA ILE A 155 -14.13 33.13 -31.70
C ILE A 155 -14.34 34.51 -31.12
N SER A 156 -14.06 35.56 -31.91
CA SER A 156 -14.26 36.91 -31.45
C SER A 156 -15.73 37.29 -31.60
N ARG A 157 -16.32 37.78 -30.51
CA ARG A 157 -17.72 38.19 -30.54
C ARG A 157 -17.88 39.35 -31.48
N ALA A 158 -16.91 40.27 -31.46
CA ALA A 158 -16.95 41.46 -32.30
C ALA A 158 -16.98 41.13 -33.79
N GLN A 159 -15.97 40.40 -34.24
CA GLN A 159 -15.86 40.02 -35.65
C GLN A 159 -17.01 39.13 -36.09
N TRP A 160 -17.44 38.23 -35.23
CA TRP A 160 -18.59 37.40 -35.56
C TRP A 160 -19.82 38.27 -35.75
N ASN A 161 -19.99 39.25 -34.87
CA ASN A 161 -21.11 40.16 -34.95
C ASN A 161 -21.10 40.97 -36.24
N ASN A 162 -19.94 41.47 -36.62
CA ASN A 162 -19.79 42.19 -37.88
C ASN A 162 -20.06 41.31 -39.09
N THR A 163 -19.59 40.08 -39.04
CA THR A 163 -19.84 39.14 -40.12
C THR A 163 -21.33 38.84 -40.25
N LEU A 164 -21.99 38.69 -39.11
CA LEU A 164 -23.42 38.45 -39.07
C LEU A 164 -24.16 39.63 -39.67
N LYS A 165 -23.67 40.83 -39.39
CA LYS A 165 -24.29 42.05 -39.89
C LYS A 165 -24.25 42.06 -41.41
N GLN A 166 -23.14 41.64 -41.98
CA GLN A 166 -23.02 41.53 -43.45
C GLN A 166 -23.94 40.45 -44.04
N ILE A 167 -23.95 39.29 -43.41
CA ILE A 167 -24.76 38.19 -43.85
C ILE A 167 -26.23 38.59 -43.85
N VAL A 168 -26.60 39.40 -42.87
CA VAL A 168 -27.98 39.86 -42.76
C VAL A 168 -28.33 40.84 -43.88
N GLU A 169 -27.43 41.75 -44.22
CA GLU A 169 -27.70 42.64 -45.33
C GLU A 169 -27.85 41.90 -46.67
N LYS A 170 -27.03 40.89 -46.92
CA LYS A 170 -27.13 40.13 -48.15
C LYS A 170 -28.34 39.19 -48.17
N LEU A 171 -28.72 38.68 -47.02
CA LEU A 171 -29.90 37.82 -46.95
C LEU A 171 -31.17 38.63 -47.14
N ARG A 172 -31.21 39.81 -46.51
CA ARG A 172 -32.41 40.64 -46.51
C ARG A 172 -32.71 41.14 -47.91
N GLU A 173 -31.66 41.38 -48.67
CA GLU A 173 -31.80 41.70 -50.08
C GLU A 173 -32.63 40.61 -50.80
N GLN A 174 -32.14 39.38 -50.73
CA GLN A 174 -32.77 38.24 -51.40
C GLN A 174 -34.13 37.82 -50.80
N PHE A 175 -34.42 38.25 -49.58
CA PHE A 175 -35.63 37.81 -48.90
C PHE A 175 -36.67 38.87 -48.61
N ASN A 176 -36.56 40.01 -49.28
CA ASN A 176 -37.58 41.05 -49.19
C ASN A 176 -37.59 41.85 -47.89
N ASN A 177 -36.48 41.83 -47.17
CA ASN A 177 -36.34 42.68 -45.99
C ASN A 177 -37.01 42.12 -44.73
N LYS A 178 -37.47 40.88 -44.80
CA LYS A 178 -38.08 40.24 -43.65
C LYS A 178 -37.04 40.10 -42.56
N THR A 179 -37.43 40.27 -41.30
CA THR A 179 -36.47 40.08 -40.21
C THR A 179 -35.91 38.66 -40.30
N ILE A 180 -34.61 38.51 -40.11
CA ILE A 180 -34.01 37.19 -40.18
C ILE A 180 -33.37 36.73 -38.89
N VAL A 181 -33.65 35.47 -38.58
CA VAL A 181 -33.31 34.85 -37.31
C VAL A 181 -32.32 33.70 -37.56
N PHE A 182 -31.23 33.69 -36.80
CA PHE A 182 -30.29 32.57 -36.82
C PHE A 182 -30.53 31.67 -35.60
N THR A 183 -30.66 30.38 -35.83
CA THR A 183 -30.85 29.41 -34.77
C THR A 183 -30.07 28.15 -35.04
N HIS A 184 -30.03 27.23 -34.08
CA HIS A 184 -29.26 26.01 -34.26
C HIS A 184 -29.89 24.92 -35.13
N SER A 185 -29.16 23.86 -35.39
CA SER A 185 -29.67 22.80 -36.26
C SER A 185 -30.90 22.15 -35.66
N SER A 186 -31.92 21.96 -36.51
CA SER A 186 -33.17 21.38 -36.06
C SER A 186 -33.02 19.95 -35.57
N GLY A 187 -32.31 19.16 -36.35
CA GLY A 187 -32.09 17.76 -36.03
C GLY A 187 -30.95 17.23 -36.88
N GLY A 188 -30.43 16.06 -36.54
CA GLY A 188 -29.43 15.46 -37.39
C GLY A 188 -28.40 14.61 -36.67
N ASP A 189 -27.43 14.15 -37.44
CA ASP A 189 -26.30 13.42 -36.90
C ASP A 189 -25.41 14.40 -36.15
N PRO A 190 -24.56 13.82 -35.19
CA PRO A 190 -23.79 14.82 -34.41
C PRO A 190 -22.91 15.68 -35.30
N GLU A 191 -22.48 15.14 -36.42
CA GLU A 191 -21.56 15.84 -37.31
C GLU A 191 -22.15 17.15 -37.84
N ILE A 192 -23.45 17.15 -38.11
CA ILE A 192 -24.10 18.28 -38.76
C ILE A 192 -24.91 19.13 -37.78
N VAL A 193 -25.22 18.54 -36.64
CA VAL A 193 -25.86 19.27 -35.58
C VAL A 193 -24.83 20.23 -35.00
N MET A 194 -23.58 19.80 -35.07
CA MET A 194 -22.51 20.51 -34.44
C MET A 194 -21.44 20.86 -35.45
N HIS A 195 -20.64 21.88 -35.15
CA HIS A 195 -19.54 22.24 -36.04
C HIS A 195 -18.49 21.16 -35.98
N SER A 196 -18.52 20.25 -36.93
CA SER A 196 -17.61 19.12 -36.88
C SER A 196 -16.45 19.39 -37.79
N PHE A 197 -15.24 19.24 -37.29
CA PHE A 197 -14.08 19.43 -38.16
C PHE A 197 -12.90 18.59 -37.71
N ASN A 198 -11.80 18.75 -38.43
CA ASN A 198 -10.60 17.96 -38.19
C ASN A 198 -9.38 18.82 -37.85
N CYS A 199 -8.87 18.68 -36.63
CA CYS A 199 -7.72 19.46 -36.24
C CYS A 199 -6.65 18.54 -35.69
N GLY A 200 -5.54 18.44 -36.42
CA GLY A 200 -4.43 17.59 -36.01
C GLY A 200 -4.81 16.13 -35.88
N GLY A 201 -5.63 15.66 -36.81
CA GLY A 201 -6.07 14.27 -36.82
C GLY A 201 -7.09 13.91 -35.75
N GLU A 202 -7.53 14.91 -34.97
CA GLU A 202 -8.61 14.70 -34.01
C GLU A 202 -9.91 15.10 -34.65
N PHE A 203 -10.95 14.33 -34.35
CA PHE A 203 -12.27 14.64 -34.87
C PHE A 203 -13.05 15.44 -33.85
N PHE A 204 -13.05 16.76 -34.04
CA PHE A 204 -13.74 17.67 -33.15
C PHE A 204 -15.21 17.75 -33.47
N TYR A 205 -16.02 17.72 -32.41
CA TYR A 205 -17.40 18.15 -32.48
C TYR A 205 -17.53 19.36 -31.56
N CYS A 206 -17.93 20.50 -32.12
CA CYS A 206 -18.03 21.72 -31.34
C CYS A 206 -19.41 22.37 -31.37
N ASN A 207 -19.82 23.01 -30.28
CA ASN A 207 -21.18 23.52 -30.15
C ASN A 207 -21.25 24.97 -30.60
N SER A 208 -21.93 25.20 -31.72
CA SER A 208 -22.01 26.52 -32.32
C SER A 208 -23.27 27.30 -31.96
N THR A 209 -24.14 26.73 -31.15
CA THR A 209 -25.41 27.41 -30.85
C THR A 209 -25.11 28.84 -30.47
N GLN A 210 -24.06 29.05 -29.69
CA GLN A 210 -23.60 30.38 -29.34
C GLN A 210 -23.44 31.28 -30.57
N LEU A 211 -23.01 30.67 -31.67
CA LEU A 211 -22.81 31.32 -32.96
C LEU A 211 -24.12 31.81 -33.58
N PHE A 212 -25.18 31.04 -33.41
CA PHE A 212 -26.45 31.33 -34.07
C PHE A 212 -27.59 31.42 -33.06
N ASN A 213 -27.58 32.50 -32.28
CA ASN A 213 -28.66 32.82 -31.36
C ASN A 213 -29.04 34.30 -31.47
N SER A 214 -29.65 34.70 -32.57
CA SER A 214 -29.98 36.12 -32.76
C SER A 214 -31.19 36.41 -33.64
N THR A 215 -31.76 37.60 -33.45
CA THR A 215 -32.82 38.11 -34.32
C THR A 215 -32.34 39.44 -34.89
N TRP A 216 -32.28 39.54 -36.21
CA TRP A 216 -31.94 40.82 -36.84
C TRP A 216 -33.15 41.36 -37.58
N ASN A 217 -33.59 42.56 -37.21
CA ASN A 217 -34.70 43.19 -37.91
C ASN A 217 -34.15 44.00 -39.08
N ASP A 218 -33.18 44.86 -38.79
CA ASP A 218 -32.42 45.58 -39.80
C ASP A 218 -30.97 45.15 -39.67
N THR A 219 -30.09 45.80 -40.41
CA THR A 219 -28.66 45.57 -40.25
C THR A 219 -28.18 46.15 -38.92
N GLU A 220 -28.98 47.04 -38.34
CA GLU A 220 -28.88 47.39 -36.91
C GLU A 220 -30.14 46.84 -36.27
N LYS A 221 -30.44 47.23 -35.04
CA LYS A 221 -31.65 46.73 -34.35
C LYS A 221 -31.72 45.19 -34.30
N SER A 222 -30.79 44.56 -33.59
CA SER A 222 -30.80 43.10 -33.49
C SER A 222 -30.83 42.63 -32.06
N SER A 223 -31.26 41.39 -31.88
CA SER A 223 -31.46 40.81 -30.56
C SER A 223 -30.57 39.59 -30.31
N GLY A 224 -30.10 39.44 -29.08
CA GLY A 224 -29.36 38.25 -28.67
C GLY A 224 -27.88 38.18 -29.01
N THR A 225 -27.41 39.20 -29.72
CA THR A 225 -26.05 39.26 -30.23
C THR A 225 -25.03 39.74 -29.20
N GLU A 226 -25.56 40.42 -28.17
CA GLU A 226 -24.73 41.02 -27.13
C GLU A 226 -24.18 39.89 -26.27
N GLY A 227 -23.00 40.10 -25.70
CA GLY A 227 -22.36 39.08 -24.90
C GLY A 227 -20.94 39.42 -24.51
N ASN A 228 -20.24 38.43 -24.00
CA ASN A 228 -18.83 38.56 -23.64
C ASN A 228 -17.99 38.75 -24.89
N ASP A 229 -16.83 39.36 -24.74
CA ASP A 229 -15.99 39.76 -25.87
C ASP A 229 -15.54 38.54 -26.66
N THR A 230 -15.25 37.46 -25.95
CA THR A 230 -14.76 36.24 -26.55
C THR A 230 -15.67 35.02 -26.42
N ILE A 231 -16.15 34.54 -27.56
CA ILE A 231 -17.06 33.40 -27.61
C ILE A 231 -16.28 32.10 -27.48
N ILE A 232 -16.67 31.28 -26.52
CA ILE A 232 -16.00 30.02 -26.28
C ILE A 232 -16.93 28.84 -26.53
N LEU A 233 -16.74 28.19 -27.67
CA LEU A 233 -17.50 27.00 -28.03
C LEU A 233 -16.92 25.77 -27.33
N PRO A 234 -17.76 25.01 -26.63
CA PRO A 234 -17.22 23.78 -26.03
C PRO A 234 -17.18 22.65 -27.06
N CYS A 235 -16.20 21.74 -26.95
CA CYS A 235 -16.12 20.62 -27.90
C CYS A 235 -15.97 19.27 -27.24
N ARG A 236 -16.39 18.25 -27.99
CA ARG A 236 -16.27 16.85 -27.62
C ARG A 236 -15.31 16.35 -28.65
N ILE A 237 -14.57 15.28 -28.37
CA ILE A 237 -13.68 14.75 -29.38
C ILE A 237 -13.86 13.25 -29.56
N LYS A 238 -14.15 12.85 -30.80
CA LYS A 238 -14.53 11.45 -31.02
C LYS A 238 -13.51 10.69 -31.87
N GLN A 239 -13.72 9.38 -31.91
CA GLN A 239 -12.90 8.42 -32.62
C GLN A 239 -13.74 7.36 -33.36
N ILE A 240 -14.87 6.97 -32.78
CA ILE A 240 -15.87 6.24 -33.54
C ILE A 240 -16.85 7.27 -34.06
N ILE A 241 -16.82 7.52 -35.37
CA ILE A 241 -17.63 8.57 -35.95
C ILE A 241 -18.51 8.09 -37.10
N ASN A 242 -19.37 8.96 -37.59
CA ASN A 242 -20.18 8.69 -38.76
C ASN A 242 -19.43 9.15 -39.99
N MET A 243 -19.43 8.34 -41.03
CA MET A 243 -18.62 8.64 -42.22
C MET A 243 -19.21 9.71 -43.12
N TRP A 244 -18.35 10.58 -43.66
CA TRP A 244 -18.80 11.54 -44.65
C TRP A 244 -18.70 11.01 -46.08
N GLN A 245 -17.82 10.02 -46.27
CA GLN A 245 -17.51 9.47 -47.58
C GLN A 245 -18.54 8.48 -48.11
N GLU A 246 -19.25 7.82 -47.20
CA GLU A 246 -20.20 6.80 -47.57
C GLU A 246 -21.03 6.50 -46.34
N VAL A 247 -22.24 6.00 -46.53
CA VAL A 247 -23.08 5.79 -45.38
C VAL A 247 -22.57 4.63 -44.55
N GLY A 248 -21.93 4.96 -43.43
CA GLY A 248 -21.47 3.97 -42.49
C GLY A 248 -20.85 4.62 -41.27
N LYS A 249 -20.35 3.80 -40.36
CA LYS A 249 -19.57 4.29 -39.22
C LYS A 249 -18.13 3.86 -39.38
N ALA A 250 -17.22 4.52 -38.68
CA ALA A 250 -15.82 4.20 -38.80
C ALA A 250 -15.07 4.57 -37.51
N MET A 251 -14.10 3.74 -37.12
CA MET A 251 -13.29 4.08 -35.95
C MET A 251 -11.89 4.50 -36.38
N TYR A 252 -11.44 5.63 -35.86
CA TYR A 252 -10.14 6.13 -36.23
C TYR A 252 -9.15 5.95 -35.10
N ALA A 253 -7.88 6.21 -35.40
CA ALA A 253 -6.86 6.13 -34.41
C ALA A 253 -6.78 7.48 -33.71
N PRO A 254 -6.32 7.49 -32.46
CA PRO A 254 -5.92 8.74 -31.81
C PRO A 254 -4.68 9.29 -32.52
N PRO A 255 -4.24 10.50 -32.18
CA PRO A 255 -3.13 11.03 -32.97
C PRO A 255 -1.83 10.94 -32.18
N ILE A 256 -0.72 11.34 -32.81
CA ILE A 256 0.53 11.54 -32.09
C ILE A 256 0.23 12.43 -30.88
N LYS A 257 0.70 12.02 -29.70
CA LYS A 257 0.27 12.64 -28.45
C LYS A 257 0.52 14.15 -28.32
N GLY A 258 -0.07 14.73 -27.28
CA GLY A 258 0.17 16.12 -26.94
C GLY A 258 -1.00 17.06 -27.16
N GLN A 259 -0.74 18.35 -26.99
CA GLN A 259 -1.73 19.38 -27.25
C GLN A 259 -1.94 19.56 -28.74
N ILE A 260 -3.21 19.57 -29.13
CA ILE A 260 -3.59 19.94 -30.48
C ILE A 260 -3.95 21.41 -30.41
N ARG A 261 -3.34 22.24 -31.26
CA ARG A 261 -3.75 23.65 -31.33
C ARG A 261 -3.86 24.09 -32.79
N CYS A 262 -5.05 24.50 -33.23
CA CYS A 262 -5.15 24.96 -34.60
C CYS A 262 -6.05 26.18 -34.83
N SER A 263 -5.51 27.16 -35.55
CA SER A 263 -6.26 28.36 -35.89
C SER A 263 -6.68 28.40 -37.35
N SER A 264 -8.00 28.44 -37.58
CA SER A 264 -8.54 28.47 -38.92
C SER A 264 -9.41 29.66 -39.30
N ASN A 265 -9.13 30.26 -40.46
CA ASN A 265 -9.94 31.35 -40.96
C ASN A 265 -11.32 30.78 -41.29
N ILE A 266 -12.38 31.50 -40.93
CA ILE A 266 -13.71 31.11 -41.36
C ILE A 266 -14.02 31.95 -42.58
N THR A 267 -13.99 31.32 -43.75
CA THR A 267 -14.22 32.02 -45.00
C THR A 267 -15.59 31.78 -45.61
N GLY A 268 -16.44 31.01 -44.93
CA GLY A 268 -17.71 30.66 -45.53
C GLY A 268 -18.69 30.07 -44.53
N LEU A 269 -19.97 30.05 -44.89
CA LEU A 269 -20.96 29.39 -44.04
C LEU A 269 -21.87 28.53 -44.89
N LEU A 270 -22.52 27.57 -44.26
CA LEU A 270 -23.51 26.75 -44.93
C LEU A 270 -24.81 26.84 -44.17
N LEU A 271 -25.76 27.60 -44.71
CA LEU A 271 -27.03 27.82 -44.04
C LEU A 271 -28.16 27.17 -44.81
N THR A 272 -29.22 26.81 -44.11
CA THR A 272 -30.48 26.44 -44.76
C THR A 272 -31.58 27.23 -44.07
N ARG A 273 -32.63 27.58 -44.80
CA ARG A 273 -33.73 28.28 -44.13
C ARG A 273 -34.96 27.39 -44.03
N ASP A 274 -35.72 27.56 -42.95
CA ASP A 274 -36.88 26.73 -42.69
C ASP A 274 -37.96 26.91 -43.74
N GLY A 275 -38.45 28.14 -43.84
CA GLY A 275 -39.53 28.44 -44.76
C GLY A 275 -40.76 27.60 -44.51
N GLY A 276 -41.47 27.26 -45.58
CA GLY A 276 -42.76 26.62 -45.46
C GLY A 276 -43.86 27.63 -45.13
N LYS A 277 -45.11 27.22 -45.29
CA LYS A 277 -46.23 28.13 -45.04
C LYS A 277 -46.59 28.28 -43.56
N ASN A 278 -45.68 28.87 -42.80
CA ASN A 278 -45.96 29.28 -41.44
C ASN A 278 -46.01 30.81 -41.35
N GLU A 279 -45.53 31.46 -42.40
CA GLU A 279 -45.52 32.92 -42.49
C GLU A 279 -44.77 33.59 -41.32
N SER A 280 -45.40 34.59 -40.70
CA SER A 280 -44.82 35.35 -39.59
C SER A 280 -43.91 36.47 -40.08
N GLU A 281 -43.77 36.57 -41.40
CA GLU A 281 -42.96 37.62 -42.00
C GLU A 281 -41.55 37.57 -41.42
N ILE A 282 -41.06 36.36 -41.18
CA ILE A 282 -39.73 36.16 -40.64
C ILE A 282 -39.08 34.99 -41.35
N GLU A 283 -37.75 35.03 -41.49
CA GLU A 283 -37.04 33.90 -42.07
C GLU A 283 -36.06 33.30 -41.07
N ILE A 284 -36.07 31.97 -40.94
CA ILE A 284 -35.16 31.29 -40.02
C ILE A 284 -34.07 30.53 -40.74
N PHE A 285 -32.83 30.80 -40.34
CA PHE A 285 -31.65 30.20 -40.94
C PHE A 285 -30.87 29.39 -39.90
N ARG A 286 -30.53 28.17 -40.25
CA ARG A 286 -29.73 27.32 -39.39
C ARG A 286 -28.47 26.88 -40.13
N PRO A 287 -27.44 26.45 -39.39
CA PRO A 287 -26.26 25.96 -40.09
C PRO A 287 -26.47 24.52 -40.56
N GLY A 288 -25.77 24.14 -41.63
CA GLY A 288 -25.91 22.81 -42.19
C GLY A 288 -24.64 22.41 -42.90
N GLY A 289 -24.73 21.46 -43.81
CA GLY A 289 -23.53 20.93 -44.43
C GLY A 289 -23.55 19.42 -44.28
N GLY A 290 -22.50 18.76 -44.73
CA GLY A 290 -22.42 17.31 -44.65
C GLY A 290 -22.22 16.70 -46.02
N ASP A 291 -22.84 17.33 -47.02
CA ASP A 291 -22.50 17.02 -48.39
C ASP A 291 -21.27 17.88 -48.72
N MET A 292 -20.09 17.27 -48.69
CA MET A 292 -18.86 18.04 -48.78
C MET A 292 -18.71 18.67 -50.16
N ARG A 293 -19.47 18.15 -51.11
CA ARG A 293 -19.52 18.77 -52.41
C ARG A 293 -19.82 20.25 -52.28
N ASP A 294 -20.71 20.62 -51.37
CA ASP A 294 -21.01 22.03 -51.17
C ASP A 294 -19.74 22.79 -50.81
N ASN A 295 -18.88 22.15 -50.02
CA ASN A 295 -17.58 22.73 -49.68
C ASN A 295 -16.71 22.92 -50.92
N TRP A 296 -16.69 21.95 -51.82
CA TRP A 296 -15.89 22.16 -53.02
C TRP A 296 -16.51 23.21 -53.95
N ARG A 297 -17.83 23.16 -54.10
CA ARG A 297 -18.62 24.12 -54.87
C ARG A 297 -18.21 25.51 -54.49
N SER A 298 -18.18 25.76 -53.18
CA SER A 298 -17.75 27.03 -52.63
C SER A 298 -16.44 27.56 -53.22
N GLU A 299 -15.63 26.67 -53.79
CA GLU A 299 -14.34 27.06 -54.38
C GLU A 299 -14.36 27.04 -55.90
N LEU A 300 -15.14 26.13 -56.47
CA LEU A 300 -15.16 25.94 -57.93
C LEU A 300 -16.29 26.66 -58.69
N TYR A 301 -17.08 27.50 -58.01
CA TYR A 301 -18.14 28.27 -58.67
C TYR A 301 -17.58 29.08 -59.85
N LYS A 302 -16.31 29.45 -59.76
CA LYS A 302 -15.65 30.22 -60.81
C LYS A 302 -14.76 29.37 -61.74
N TYR A 303 -15.33 28.27 -62.25
CA TYR A 303 -14.62 27.35 -63.14
C TYR A 303 -15.62 26.50 -63.90
N LYS A 304 -15.33 26.19 -65.16
CA LYS A 304 -16.10 25.16 -65.86
C LYS A 304 -15.32 24.50 -66.99
N VAL A 305 -15.56 23.21 -67.22
CA VAL A 305 -14.82 22.48 -68.24
C VAL A 305 -15.59 22.41 -69.56
N VAL A 306 -14.93 22.82 -70.65
CA VAL A 306 -15.49 22.68 -71.98
C VAL A 306 -14.47 21.99 -72.89
N LYS A 307 -14.97 21.33 -73.93
CA LYS A 307 -14.15 20.64 -74.91
C LYS A 307 -13.53 21.66 -75.86
N ILE A 308 -12.36 21.35 -76.41
CA ILE A 308 -11.77 22.16 -77.47
C ILE A 308 -11.32 21.28 -78.65
N LYS B 2 -50.81 10.39 -54.99
CA LYS B 2 -52.19 9.93 -54.88
C LYS B 2 -52.26 8.67 -54.03
N LYS B 3 -51.09 8.16 -53.65
CA LYS B 3 -51.00 7.04 -52.73
C LYS B 3 -51.77 7.40 -51.44
N VAL B 4 -52.47 6.45 -50.85
CA VAL B 4 -53.10 6.72 -49.58
C VAL B 4 -52.83 5.61 -48.56
N VAL B 5 -52.02 5.94 -47.54
CA VAL B 5 -51.64 4.98 -46.53
C VAL B 5 -52.41 5.26 -45.25
N LEU B 6 -53.08 4.25 -44.70
CA LEU B 6 -53.75 4.44 -43.43
C LEU B 6 -52.77 4.09 -42.32
N GLY B 7 -53.10 4.42 -41.08
CA GLY B 7 -52.25 4.09 -39.95
C GLY B 7 -52.99 4.12 -38.63
N LYS B 8 -52.76 3.13 -37.79
CA LYS B 8 -53.36 3.15 -36.46
C LYS B 8 -52.60 4.09 -35.55
N LYS B 9 -53.30 4.68 -34.59
CA LYS B 9 -52.69 5.55 -33.60
C LYS B 9 -51.67 4.76 -32.79
N GLY B 10 -50.49 5.32 -32.58
CA GLY B 10 -49.47 4.68 -31.78
C GLY B 10 -48.67 3.64 -32.53
N ASP B 11 -49.07 3.34 -33.77
CA ASP B 11 -48.34 2.44 -34.63
C ASP B 11 -47.16 3.14 -35.31
N THR B 12 -46.42 2.40 -36.14
CA THR B 12 -45.33 2.97 -36.95
C THR B 12 -45.60 2.80 -38.44
N VAL B 13 -45.31 3.80 -39.24
CA VAL B 13 -45.51 3.66 -40.68
C VAL B 13 -44.21 3.94 -41.44
N GLU B 14 -44.02 3.26 -42.57
CA GLU B 14 -42.90 3.57 -43.45
C GLU B 14 -43.41 4.09 -44.78
N LEU B 15 -43.31 5.39 -44.99
CA LEU B 15 -43.71 5.95 -46.27
C LEU B 15 -42.57 5.77 -47.24
N THR B 16 -42.77 4.95 -48.24
CA THR B 16 -41.66 4.58 -49.12
C THR B 16 -41.35 5.64 -50.17
N CYS B 17 -40.11 5.62 -50.64
CA CYS B 17 -39.63 6.55 -51.66
C CYS B 17 -38.46 5.86 -52.35
N THR B 18 -38.41 5.94 -53.67
CA THR B 18 -37.41 5.21 -54.45
C THR B 18 -36.86 6.06 -55.59
N ALA B 19 -35.61 5.79 -55.96
CA ALA B 19 -34.93 6.56 -57.01
C ALA B 19 -34.67 5.72 -58.26
N SER B 20 -34.50 6.40 -59.38
CA SER B 20 -34.22 5.75 -60.65
C SER B 20 -32.84 5.13 -60.58
N GLN B 21 -31.88 5.93 -60.16
CA GLN B 21 -30.52 5.45 -59.94
C GLN B 21 -30.51 4.53 -58.72
N LYS B 22 -29.59 3.57 -58.69
CA LYS B 22 -29.49 2.68 -57.53
C LYS B 22 -28.29 3.04 -56.64
N LYS B 23 -27.97 4.33 -56.57
CA LYS B 23 -27.00 4.85 -55.62
C LYS B 23 -27.66 5.94 -54.77
N SER B 24 -27.02 6.30 -53.66
CA SER B 24 -27.54 7.34 -52.78
C SER B 24 -27.39 8.75 -53.37
N ILE B 25 -28.40 9.58 -53.21
CA ILE B 25 -28.32 10.99 -53.64
C ILE B 25 -29.25 11.83 -52.73
N GLN B 26 -29.20 13.15 -52.87
CA GLN B 26 -30.01 14.06 -52.06
C GLN B 26 -31.50 13.79 -52.16
N PHE B 27 -32.13 13.52 -51.02
CA PHE B 27 -33.57 13.39 -50.95
C PHE B 27 -34.14 14.18 -49.78
N HIS B 28 -35.32 14.78 -49.97
CA HIS B 28 -35.99 15.50 -48.88
C HIS B 28 -37.47 15.17 -48.70
N TRP B 29 -37.85 14.81 -47.48
CA TRP B 29 -39.26 14.64 -47.11
C TRP B 29 -39.82 15.90 -46.48
N LYS B 30 -40.80 16.49 -47.17
CA LYS B 30 -41.53 17.66 -46.66
C LYS B 30 -43.01 17.33 -46.44
N ASN B 31 -43.71 18.14 -45.66
CA ASN B 31 -45.16 17.99 -45.59
C ASN B 31 -45.89 19.09 -46.35
N SER B 32 -47.21 18.99 -46.40
CA SER B 32 -48.07 19.87 -47.19
C SER B 32 -47.73 21.35 -47.08
N ASN B 33 -47.37 21.79 -45.89
CA ASN B 33 -47.04 23.19 -45.67
C ASN B 33 -45.61 23.52 -46.04
N GLN B 34 -44.95 22.60 -46.74
CA GLN B 34 -43.56 22.76 -47.17
C GLN B 34 -42.57 22.76 -45.99
N ILE B 35 -43.02 22.28 -44.84
CA ILE B 35 -42.11 22.13 -43.70
C ILE B 35 -41.21 20.92 -43.92
N LYS B 36 -39.90 21.15 -43.83
CA LYS B 36 -38.94 20.07 -44.01
C LYS B 36 -39.10 19.08 -42.86
N ILE B 37 -39.48 17.85 -43.19
CA ILE B 37 -39.57 16.79 -42.18
C ILE B 37 -38.19 16.18 -41.93
N LEU B 38 -37.55 15.71 -43.01
CA LEU B 38 -36.32 14.93 -42.85
C LEU B 38 -35.59 14.80 -44.18
N GLY B 39 -34.26 14.86 -44.16
CA GLY B 39 -33.53 14.69 -45.40
C GLY B 39 -32.16 14.06 -45.22
N ASN B 40 -31.38 14.05 -46.30
CA ASN B 40 -30.00 13.61 -46.21
C ASN B 40 -29.04 14.62 -46.82
N GLN B 41 -27.99 14.97 -46.09
CA GLN B 41 -26.93 15.77 -46.64
C GLN B 41 -25.72 14.86 -46.68
N GLY B 42 -25.18 14.60 -47.86
CA GLY B 42 -24.12 13.63 -47.97
C GLY B 42 -24.62 12.30 -47.45
N SER B 43 -23.86 11.71 -46.53
CA SER B 43 -24.18 10.43 -45.92
C SER B 43 -24.84 10.63 -44.57
N PHE B 44 -25.22 11.88 -44.30
CA PHE B 44 -25.71 12.30 -42.99
C PHE B 44 -27.22 12.50 -43.01
N LEU B 45 -27.85 12.17 -41.89
CA LEU B 45 -29.26 12.38 -41.73
C LEU B 45 -29.47 13.78 -41.20
N THR B 46 -30.34 14.55 -41.84
CA THR B 46 -30.80 15.83 -41.28
C THR B 46 -32.24 15.63 -40.85
N LYS B 47 -32.62 16.28 -39.76
CA LYS B 47 -34.03 16.28 -39.37
C LYS B 47 -34.54 17.71 -39.36
N GLY B 48 -35.56 17.98 -40.17
CA GLY B 48 -36.11 19.33 -40.25
C GLY B 48 -36.82 19.76 -38.97
N PRO B 49 -37.34 20.99 -38.94
CA PRO B 49 -37.99 21.48 -37.73
C PRO B 49 -39.49 21.18 -37.68
N SER B 50 -39.90 20.00 -38.12
CA SER B 50 -41.33 19.67 -38.12
C SER B 50 -41.82 19.28 -36.73
N LYS B 51 -43.04 18.74 -36.68
CA LYS B 51 -43.63 18.27 -35.43
C LYS B 51 -43.25 16.83 -35.25
N LEU B 52 -42.80 16.21 -36.34
CA LEU B 52 -42.46 14.80 -36.35
C LEU B 52 -41.05 14.56 -35.83
N ASN B 53 -40.29 15.65 -35.69
CA ASN B 53 -38.86 15.61 -35.44
C ASN B 53 -38.32 14.44 -34.62
N ASP B 54 -38.83 14.27 -33.41
CA ASP B 54 -38.24 13.27 -32.52
C ASP B 54 -38.85 11.89 -32.73
N ARG B 55 -39.74 11.77 -33.71
CA ARG B 55 -40.35 10.48 -34.05
C ARG B 55 -40.09 10.10 -35.51
N ALA B 56 -39.70 11.09 -36.31
CA ALA B 56 -39.27 10.82 -37.66
C ALA B 56 -37.91 10.15 -37.62
N ASP B 57 -37.61 9.35 -38.63
CA ASP B 57 -36.31 8.72 -38.79
C ASP B 57 -36.28 8.13 -40.18
N SER B 58 -35.15 7.57 -40.60
CA SER B 58 -35.09 6.88 -41.88
C SER B 58 -34.40 5.52 -41.72
N ARG B 59 -34.07 4.87 -42.83
CA ARG B 59 -33.25 3.66 -42.76
C ARG B 59 -32.08 3.81 -43.73
N ARG B 60 -30.96 4.33 -43.22
CA ARG B 60 -29.86 4.73 -44.08
C ARG B 60 -29.15 3.56 -44.75
N SER B 61 -29.32 2.37 -44.19
CA SER B 61 -28.70 1.19 -44.79
C SER B 61 -29.20 0.92 -46.22
N LEU B 62 -30.36 1.48 -46.57
CA LEU B 62 -30.93 1.27 -47.88
C LEU B 62 -30.59 2.41 -48.84
N TRP B 63 -30.03 3.50 -48.30
CA TRP B 63 -29.77 4.68 -49.11
C TRP B 63 -28.92 4.34 -50.32
N ASP B 64 -27.98 3.43 -50.10
CA ASP B 64 -27.03 3.07 -51.13
C ASP B 64 -27.71 2.50 -52.36
N GLN B 65 -28.88 1.90 -52.21
CA GLN B 65 -29.61 1.43 -53.39
C GLN B 65 -30.81 2.31 -53.75
N GLY B 66 -30.70 3.60 -53.48
CA GLY B 66 -31.69 4.58 -53.91
C GLY B 66 -33.06 4.47 -53.23
N ASN B 67 -33.05 4.13 -51.95
CA ASN B 67 -34.28 3.90 -51.21
C ASN B 67 -34.34 4.73 -49.94
N PHE B 68 -35.24 5.70 -49.91
CA PHE B 68 -35.20 6.71 -48.86
C PHE B 68 -36.49 6.81 -48.03
N PRO B 69 -36.80 5.75 -47.26
CA PRO B 69 -38.08 5.71 -46.56
C PRO B 69 -38.14 6.74 -45.45
N LEU B 70 -39.32 7.31 -45.25
CA LEU B 70 -39.58 8.11 -44.09
C LEU B 70 -40.37 7.26 -43.09
N ILE B 71 -39.83 7.06 -41.90
CA ILE B 71 -40.47 6.21 -40.91
C ILE B 71 -41.00 7.07 -39.79
N ILE B 72 -42.28 6.96 -39.49
CA ILE B 72 -42.84 7.71 -38.38
C ILE B 72 -43.34 6.76 -37.32
N LYS B 73 -42.86 6.93 -36.10
CA LYS B 73 -43.16 5.97 -35.05
C LYS B 73 -44.07 6.59 -34.00
N ASN B 74 -44.80 5.74 -33.28
CA ASN B 74 -45.85 6.18 -32.37
C ASN B 74 -46.73 7.21 -33.06
N LEU B 75 -47.61 6.74 -33.93
CA LEU B 75 -48.40 7.64 -34.75
C LEU B 75 -49.37 8.47 -33.91
N LYS B 76 -49.69 9.65 -34.40
CA LYS B 76 -50.64 10.56 -33.76
C LYS B 76 -51.60 11.02 -34.85
N ILE B 77 -52.80 11.42 -34.45
CA ILE B 77 -53.81 11.81 -35.45
C ILE B 77 -53.34 13.07 -36.19
N GLU B 78 -52.73 14.00 -35.45
CA GLU B 78 -52.20 15.23 -36.01
C GLU B 78 -51.15 15.00 -37.10
N ASP B 79 -50.63 13.77 -37.19
CA ASP B 79 -49.61 13.43 -38.17
C ASP B 79 -50.24 13.22 -39.52
N SER B 80 -51.57 13.13 -39.54
CA SER B 80 -52.29 12.94 -40.77
C SER B 80 -51.98 14.12 -41.68
N ASP B 81 -51.46 13.82 -42.86
CA ASP B 81 -51.02 14.85 -43.79
C ASP B 81 -50.63 14.26 -45.15
N THR B 82 -50.21 15.15 -46.04
CA THR B 82 -49.73 14.78 -47.35
C THR B 82 -48.24 15.03 -47.41
N TYR B 83 -47.47 13.95 -47.40
CA TYR B 83 -46.01 14.02 -47.42
C TYR B 83 -45.41 13.83 -48.81
N ILE B 84 -44.40 14.62 -49.09
CA ILE B 84 -43.75 14.62 -50.39
C ILE B 84 -42.27 14.25 -50.26
N CYS B 85 -41.75 13.47 -51.20
CA CYS B 85 -40.34 13.09 -51.18
C CYS B 85 -39.62 13.61 -52.42
N GLU B 86 -39.11 14.85 -52.36
CA GLU B 86 -38.35 15.43 -53.45
C GLU B 86 -36.94 14.83 -53.59
N VAL B 87 -36.77 13.96 -54.57
CA VAL B 87 -35.47 13.36 -54.88
C VAL B 87 -35.28 13.30 -56.38
N GLU B 88 -34.11 13.72 -56.87
CA GLU B 88 -33.72 13.54 -58.27
C GLU B 88 -34.61 14.37 -59.20
N ASP B 89 -35.17 15.44 -58.65
CA ASP B 89 -36.16 16.24 -59.39
C ASP B 89 -37.34 15.42 -59.91
N GLN B 90 -38.10 14.90 -58.94
CA GLN B 90 -39.41 14.31 -59.12
C GLN B 90 -40.10 14.51 -57.77
N LYS B 91 -41.43 14.54 -57.73
CA LYS B 91 -42.13 14.80 -56.46
C LYS B 91 -43.13 13.72 -56.09
N GLU B 92 -42.67 12.68 -55.41
CA GLU B 92 -43.59 11.64 -54.97
C GLU B 92 -44.50 12.14 -53.85
N GLU B 93 -45.80 11.95 -54.02
CA GLU B 93 -46.79 12.34 -53.01
C GLU B 93 -47.43 11.13 -52.34
N VAL B 94 -47.52 11.17 -51.01
CA VAL B 94 -48.26 10.17 -50.25
C VAL B 94 -49.22 10.91 -49.32
N GLN B 95 -50.35 10.27 -49.00
CA GLN B 95 -51.27 10.83 -48.03
C GLN B 95 -51.47 9.85 -46.90
N LEU B 96 -51.13 10.27 -45.68
CA LEU B 96 -51.23 9.42 -44.51
C LEU B 96 -52.44 9.76 -43.65
N LEU B 97 -53.33 8.79 -43.45
CA LEU B 97 -54.49 9.01 -42.59
C LEU B 97 -54.38 8.16 -41.34
N VAL B 98 -54.41 8.81 -40.18
CA VAL B 98 -54.22 8.11 -38.91
C VAL B 98 -55.52 8.03 -38.11
N PHE B 99 -55.90 6.83 -37.71
CA PHE B 99 -57.15 6.62 -36.96
C PHE B 99 -56.93 5.97 -35.62
N GLY B 100 -57.73 6.36 -34.64
CA GLY B 100 -57.75 5.70 -33.36
C GLY B 100 -59.12 5.10 -33.17
N LEU B 101 -59.21 4.01 -32.43
CA LEU B 101 -60.52 3.47 -32.12
C LEU B 101 -60.43 2.92 -30.72
N THR B 102 -60.81 3.75 -29.77
CA THR B 102 -60.68 3.40 -28.37
C THR B 102 -62.03 3.00 -27.77
N ALA B 103 -61.98 2.17 -26.75
CA ALA B 103 -63.18 1.71 -26.08
C ALA B 103 -63.51 2.49 -24.81
N ASN B 104 -62.47 3.07 -24.20
CA ASN B 104 -62.62 3.89 -23.00
C ASN B 104 -63.65 3.29 -22.05
N SER B 105 -63.45 2.01 -21.71
CA SER B 105 -64.41 1.27 -20.92
C SER B 105 -63.95 1.12 -19.47
N ASP B 106 -64.89 0.83 -18.58
CA ASP B 106 -64.61 0.56 -17.18
C ASP B 106 -63.82 -0.75 -17.00
N THR B 107 -63.72 -1.52 -18.09
CA THR B 107 -63.03 -2.79 -18.05
C THR B 107 -63.94 -3.85 -17.40
N HIS B 108 -65.09 -3.39 -16.92
CA HIS B 108 -66.09 -4.22 -16.29
C HIS B 108 -67.44 -3.80 -16.84
N LEU B 109 -67.78 -4.23 -18.05
CA LEU B 109 -69.11 -3.92 -18.52
C LEU B 109 -69.87 -5.03 -17.82
N LEU B 110 -70.69 -4.65 -16.85
CA LEU B 110 -71.52 -5.65 -16.19
C LEU B 110 -72.67 -5.91 -17.13
N GLN B 111 -73.34 -7.04 -17.00
CA GLN B 111 -74.37 -7.35 -17.98
C GLN B 111 -75.44 -6.30 -18.19
N GLY B 112 -75.77 -6.06 -19.45
CA GLY B 112 -76.77 -5.08 -19.84
C GLY B 112 -76.19 -3.69 -19.97
N GLN B 113 -74.91 -3.55 -19.67
CA GLN B 113 -74.19 -2.29 -19.87
C GLN B 113 -73.89 -2.09 -21.35
N SER B 114 -73.68 -0.84 -21.77
CA SER B 114 -73.50 -0.54 -23.20
C SER B 114 -72.15 0.09 -23.58
N LEU B 115 -71.53 -0.45 -24.63
CA LEU B 115 -70.34 0.16 -25.23
C LEU B 115 -70.74 1.45 -25.95
N THR B 116 -69.99 2.55 -25.82
CA THR B 116 -68.63 2.66 -25.28
C THR B 116 -67.47 2.50 -26.28
N LEU B 117 -67.79 2.46 -27.58
CA LEU B 117 -66.75 2.44 -28.60
C LEU B 117 -66.72 3.73 -29.41
N THR B 118 -65.56 4.37 -29.48
CA THR B 118 -65.42 5.67 -30.15
C THR B 118 -64.23 5.73 -31.09
N LEU B 119 -64.34 6.57 -32.13
CA LEU B 119 -63.29 6.68 -33.13
C LEU B 119 -62.68 8.09 -33.19
N GLU B 120 -61.36 8.14 -33.14
CA GLU B 120 -60.59 9.38 -33.28
C GLU B 120 -60.11 9.47 -34.73
N SER B 121 -60.38 10.60 -35.37
CA SER B 121 -60.21 10.69 -36.80
C SER B 121 -59.66 12.05 -37.22
N PRO B 122 -58.88 12.08 -38.31
CA PRO B 122 -58.29 13.33 -38.80
C PRO B 122 -59.25 14.18 -39.63
N PRO B 123 -59.01 15.50 -39.69
CA PRO B 123 -59.71 16.45 -40.55
C PRO B 123 -59.74 15.99 -42.00
N GLY B 124 -60.93 16.02 -42.60
CA GLY B 124 -61.09 15.73 -44.01
C GLY B 124 -61.55 14.31 -44.23
N SER B 125 -61.19 13.43 -43.33
CA SER B 125 -61.50 12.02 -43.47
C SER B 125 -62.99 11.78 -43.38
N SER B 126 -63.47 10.79 -44.14
CA SER B 126 -64.87 10.40 -44.05
C SER B 126 -64.96 8.90 -43.76
N PRO B 127 -64.41 8.46 -42.63
CA PRO B 127 -64.25 7.04 -42.33
C PRO B 127 -65.55 6.30 -42.03
N SER B 128 -65.67 5.08 -42.56
CA SER B 128 -66.79 4.19 -42.21
C SER B 128 -66.28 3.18 -41.21
N VAL B 129 -67.04 2.92 -40.15
CA VAL B 129 -66.62 1.87 -39.23
C VAL B 129 -67.61 0.71 -39.18
N GLN B 130 -67.07 -0.51 -39.26
CA GLN B 130 -67.88 -1.70 -39.05
C GLN B 130 -67.30 -2.56 -37.93
N CYS B 131 -68.09 -2.81 -36.90
CA CYS B 131 -67.63 -3.66 -35.81
C CYS B 131 -68.32 -5.03 -35.79
N ARG B 132 -67.52 -6.09 -35.73
CA ARG B 132 -68.02 -7.46 -35.70
C ARG B 132 -67.81 -8.07 -34.30
N SER B 133 -68.87 -8.61 -33.75
CA SER B 133 -68.87 -9.15 -32.39
C SER B 133 -68.23 -10.53 -32.36
N PRO B 134 -67.96 -11.07 -31.16
CA PRO B 134 -67.48 -12.46 -31.05
C PRO B 134 -68.40 -13.45 -31.76
N ARG B 135 -69.71 -13.25 -31.61
CA ARG B 135 -70.71 -14.16 -32.17
C ARG B 135 -70.86 -14.02 -33.68
N GLY B 136 -70.81 -12.78 -34.15
CA GLY B 136 -71.02 -12.50 -35.57
C GLY B 136 -71.95 -11.32 -35.74
N LYS B 137 -72.39 -10.75 -34.62
CA LYS B 137 -73.25 -9.57 -34.62
C LYS B 137 -72.51 -8.37 -35.22
N ASN B 138 -73.20 -7.56 -36.00
CA ASN B 138 -72.60 -6.36 -36.56
C ASN B 138 -73.14 -5.07 -35.95
N ILE B 139 -72.28 -4.07 -35.87
CA ILE B 139 -72.71 -2.73 -35.55
C ILE B 139 -72.02 -1.78 -36.54
N GLN B 140 -72.77 -0.83 -37.09
CA GLN B 140 -72.22 0.10 -38.06
C GLN B 140 -72.16 1.51 -37.45
N GLY B 141 -71.02 2.18 -37.61
CA GLY B 141 -70.90 3.53 -37.09
C GLY B 141 -70.15 4.48 -38.01
N GLY B 142 -70.76 5.60 -38.36
CA GLY B 142 -70.04 6.61 -39.10
C GLY B 142 -68.93 7.26 -38.32
N LYS B 143 -69.22 7.64 -37.08
CA LYS B 143 -68.22 8.23 -36.20
C LYS B 143 -68.15 7.61 -34.80
N THR B 144 -69.17 6.83 -34.45
CA THR B 144 -69.28 6.28 -33.10
C THR B 144 -70.01 4.95 -33.14
N LEU B 145 -69.84 4.12 -32.11
CA LEU B 145 -70.42 2.80 -32.14
C LEU B 145 -71.02 2.45 -30.81
N SER B 146 -72.22 1.88 -30.88
CA SER B 146 -72.95 1.51 -29.68
C SER B 146 -73.62 0.14 -29.79
N VAL B 147 -73.68 -0.57 -28.67
CA VAL B 147 -74.50 -1.77 -28.57
C VAL B 147 -75.72 -1.41 -27.72
N SER B 148 -76.90 -1.63 -28.28
CA SER B 148 -78.13 -1.17 -27.65
C SER B 148 -78.36 -1.82 -26.29
N GLN B 149 -78.12 -3.12 -26.23
CA GLN B 149 -78.23 -3.86 -24.98
C GLN B 149 -77.02 -4.77 -25.02
N LEU B 150 -76.44 -5.06 -23.87
CA LEU B 150 -75.27 -5.94 -23.85
C LEU B 150 -75.68 -7.26 -23.22
N GLU B 151 -75.30 -8.35 -23.87
CA GLU B 151 -75.68 -9.68 -23.41
C GLU B 151 -74.36 -10.42 -23.24
N LEU B 152 -74.40 -11.59 -22.61
CA LEU B 152 -73.17 -12.34 -22.31
C LEU B 152 -72.49 -12.91 -23.55
N GLN B 153 -73.21 -12.94 -24.68
CA GLN B 153 -72.67 -13.45 -25.93
C GLN B 153 -71.68 -12.46 -26.57
N ASP B 154 -71.89 -11.17 -26.33
CA ASP B 154 -71.10 -10.11 -26.96
C ASP B 154 -69.70 -9.98 -26.36
N SER B 155 -69.51 -10.54 -25.17
CA SER B 155 -68.22 -10.49 -24.49
C SER B 155 -67.16 -11.25 -25.29
N GLY B 156 -65.92 -10.76 -25.26
CA GLY B 156 -64.84 -11.36 -26.02
C GLY B 156 -64.08 -10.34 -26.86
N THR B 157 -63.51 -10.79 -27.98
CA THR B 157 -62.70 -9.89 -28.82
C THR B 157 -63.44 -9.39 -30.08
N TRP B 158 -63.64 -8.08 -30.14
CA TRP B 158 -64.36 -7.45 -31.25
C TRP B 158 -63.41 -7.04 -32.36
N THR B 159 -63.87 -7.23 -33.60
CA THR B 159 -63.06 -6.91 -34.76
C THR B 159 -63.66 -5.76 -35.58
N CYS B 160 -63.03 -4.59 -35.49
CA CYS B 160 -63.50 -3.39 -36.16
C CYS B 160 -62.66 -3.03 -37.39
N THR B 161 -63.34 -2.75 -38.48
CA THR B 161 -62.69 -2.34 -39.70
C THR B 161 -63.08 -0.91 -40.05
N VAL B 162 -62.07 -0.06 -40.14
CA VAL B 162 -62.26 1.32 -40.55
C VAL B 162 -61.89 1.42 -42.03
N LEU B 163 -62.89 1.77 -42.84
CA LEU B 163 -62.69 1.96 -44.26
C LEU B 163 -62.54 3.44 -44.56
N GLN B 164 -61.64 3.74 -45.50
CA GLN B 164 -61.35 5.11 -45.91
C GLN B 164 -60.63 5.04 -47.25
N ASN B 165 -61.10 5.79 -48.24
CA ASN B 165 -60.57 5.74 -49.61
C ASN B 165 -60.38 4.33 -50.20
N GLN B 166 -61.42 3.52 -50.08
CA GLN B 166 -61.41 2.12 -50.55
C GLN B 166 -60.26 1.27 -49.99
N LYS B 167 -59.57 1.78 -48.97
CA LYS B 167 -58.58 1.01 -48.20
C LYS B 167 -59.06 0.82 -46.74
N LYS B 168 -58.61 -0.26 -46.10
CA LYS B 168 -59.15 -0.63 -44.78
C LYS B 168 -58.07 -0.67 -43.69
N VAL B 169 -58.51 -0.75 -42.42
CA VAL B 169 -57.58 -0.94 -41.29
C VAL B 169 -58.32 -1.57 -40.09
N GLU B 170 -57.63 -2.38 -39.29
CA GLU B 170 -58.33 -3.18 -38.27
C GLU B 170 -57.92 -2.94 -36.81
N PHE B 171 -58.90 -2.64 -35.98
CA PHE B 171 -58.69 -2.54 -34.53
C PHE B 171 -59.37 -3.72 -33.88
N LYS B 172 -58.66 -4.43 -33.00
CA LYS B 172 -59.29 -5.48 -32.23
C LYS B 172 -59.41 -5.00 -30.80
N ILE B 173 -60.56 -5.18 -30.16
CA ILE B 173 -60.68 -4.78 -28.75
C ILE B 173 -61.27 -5.87 -27.85
N ASP B 174 -60.58 -6.15 -26.75
CA ASP B 174 -61.02 -7.15 -25.77
C ASP B 174 -61.98 -6.54 -24.76
N ILE B 175 -63.21 -7.03 -24.76
CA ILE B 175 -64.22 -6.55 -23.82
C ILE B 175 -64.79 -7.69 -22.97
N VAL B 176 -65.34 -7.31 -21.82
CA VAL B 176 -65.94 -8.28 -20.91
C VAL B 176 -67.45 -8.12 -20.88
N TYR C 2 5.51 10.41 9.38
CA TYR C 2 5.63 11.70 10.05
C TYR C 2 7.03 11.88 10.65
N VAL C 3 7.46 13.13 10.76
CA VAL C 3 8.73 13.46 11.39
C VAL C 3 9.95 12.76 10.79
N SER C 4 10.02 12.70 9.46
CA SER C 4 11.20 12.18 8.80
C SER C 4 12.37 13.12 9.10
N PRO C 5 13.60 12.50 9.39
CA PRO C 5 14.65 13.43 9.79
C PRO C 5 15.69 13.74 8.72
N LEU C 6 15.98 15.00 8.48
CA LEU C 6 17.11 15.45 7.68
C LEU C 6 18.20 16.29 8.33
N SER C 7 19.46 15.99 8.04
CA SER C 7 20.60 16.68 8.65
C SER C 7 21.49 17.34 7.61
N VAL C 8 21.90 18.58 7.87
CA VAL C 8 22.72 19.33 6.92
C VAL C 8 23.97 19.94 7.56
N ALA C 9 24.97 20.21 6.73
CA ALA C 9 26.16 20.91 7.18
C ALA C 9 25.92 22.42 7.23
N LEU C 10 26.25 23.00 8.37
CA LEU C 10 26.13 24.43 8.61
C LEU C 10 26.79 25.17 7.47
N GLY C 11 26.05 26.06 6.83
CA GLY C 11 26.57 26.81 5.70
C GLY C 11 26.23 26.18 4.36
N GLU C 12 26.00 24.87 4.34
CA GLU C 12 25.72 24.16 3.10
C GLU C 12 24.25 24.34 2.72
N THR C 13 23.80 23.68 1.66
CA THR C 13 22.41 23.80 1.23
C THR C 13 21.57 22.59 1.62
N ALA C 14 20.31 22.82 1.99
CA ALA C 14 19.37 21.75 2.33
C ALA C 14 18.29 21.73 1.28
N ARG C 15 17.88 20.53 0.89
CA ARG C 15 16.82 20.37 -0.10
C ARG C 15 15.75 19.42 0.42
N ILE C 16 14.63 19.96 0.86
CA ILE C 16 13.54 19.14 1.38
C ILE C 16 12.50 18.96 0.30
N SER C 17 12.24 17.73 -0.10
CA SER C 17 11.26 17.47 -1.17
C SER C 17 9.91 17.14 -0.57
N CYS C 18 8.86 17.71 -1.16
CA CYS C 18 7.52 17.54 -0.63
C CYS C 18 7.08 16.10 -0.70
N GLY C 19 6.72 15.52 0.44
CA GLY C 19 6.47 14.10 0.54
C GLY C 19 5.29 13.53 -0.25
N ARG C 20 4.52 14.38 -0.91
CA ARG C 20 3.39 13.90 -1.70
C ARG C 20 3.50 14.40 -3.14
N GLN C 21 3.50 13.48 -4.10
CA GLN C 21 3.53 13.85 -5.52
C GLN C 21 2.29 14.68 -5.90
N ALA C 22 2.40 15.46 -6.97
CA ALA C 22 1.30 16.31 -7.37
C ALA C 22 0.60 15.85 -8.63
N LEU C 23 -0.69 15.57 -8.51
CA LEU C 23 -1.50 15.16 -9.67
C LEU C 23 -2.11 16.30 -10.49
N GLY C 24 -1.33 16.87 -11.41
CA GLY C 24 -1.80 18.04 -12.14
C GLY C 24 -1.34 19.33 -11.47
N SER C 25 -1.91 20.45 -11.90
CA SER C 25 -1.45 21.76 -11.46
C SER C 25 -1.58 21.94 -9.96
N ARG C 26 -0.58 22.56 -9.34
CA ARG C 26 -0.49 22.61 -7.89
C ARG C 26 -0.28 23.99 -7.31
N ALA C 27 -0.55 24.10 -6.01
CA ALA C 27 -0.20 25.28 -5.22
C ALA C 27 0.36 24.80 -3.90
N VAL C 28 1.68 24.83 -3.76
CA VAL C 28 2.33 24.27 -2.56
C VAL C 28 2.74 25.30 -1.52
N GLN C 29 2.33 25.07 -0.28
CA GLN C 29 2.75 25.93 0.81
C GLN C 29 3.77 25.21 1.66
N TRP C 30 4.77 25.96 2.09
CA TRP C 30 5.81 25.47 2.98
C TRP C 30 5.74 26.26 4.28
N TYR C 31 5.51 25.56 5.39
CA TYR C 31 5.52 26.20 6.71
C TYR C 31 6.71 25.70 7.50
N GLN C 32 7.36 26.61 8.23
CA GLN C 32 8.42 26.25 9.16
C GLN C 32 7.85 26.29 10.56
N HIS C 33 8.15 25.29 11.37
CA HIS C 33 7.62 25.26 12.73
C HIS C 33 8.64 24.88 13.80
N LYS C 34 8.91 25.82 14.72
CA LYS C 34 9.79 25.57 15.86
C LYS C 34 9.14 25.32 17.24
N PRO C 35 8.80 24.04 17.51
CA PRO C 35 7.91 23.56 18.58
C PRO C 35 7.99 24.47 19.83
N GLY C 36 6.82 24.81 20.37
CA GLY C 36 6.70 25.81 21.41
C GLY C 36 6.25 27.12 20.82
N GLN C 37 6.88 27.46 19.69
CA GLN C 37 6.53 28.62 18.87
C GLN C 37 5.36 28.36 17.91
N ALA C 38 4.88 29.41 17.28
CA ALA C 38 3.87 29.25 16.24
C ALA C 38 4.56 28.97 14.92
N PRO C 39 3.89 28.21 14.03
CA PRO C 39 4.46 27.97 12.71
C PRO C 39 4.62 29.27 11.96
N ILE C 40 5.43 29.25 10.91
CA ILE C 40 5.64 30.42 10.06
C ILE C 40 5.51 30.04 8.59
N LEU C 41 4.72 30.81 7.85
CA LEU C 41 4.59 30.59 6.42
C LEU C 41 5.88 30.97 5.70
N LEU C 42 6.60 29.98 5.19
CA LEU C 42 7.83 30.24 4.43
C LEU C 42 7.52 30.57 2.99
N ILE C 43 6.74 29.68 2.35
CA ILE C 43 6.43 29.82 0.93
C ILE C 43 4.94 29.63 0.67
N TYR C 44 4.32 30.57 -0.06
CA TYR C 44 2.95 30.35 -0.56
C TYR C 44 2.94 30.47 -2.08
N ASN C 45 1.76 30.37 -2.69
CA ASN C 45 1.66 30.06 -4.12
C ASN C 45 2.62 28.90 -4.32
N ASN C 46 3.50 28.94 -5.31
CA ASN C 46 4.46 27.85 -5.31
C ASN C 46 5.84 28.24 -4.88
N GLN C 47 6.18 29.48 -5.16
CA GLN C 47 7.54 29.96 -5.02
C GLN C 47 7.51 31.39 -4.53
N ASP C 48 6.31 31.90 -4.25
CA ASP C 48 6.15 33.23 -3.71
C ASP C 48 6.53 33.28 -2.24
N ARG C 49 7.09 34.40 -1.82
CA ARG C 49 7.51 34.58 -0.44
C ARG C 49 6.79 35.73 0.27
N PRO C 50 6.37 35.50 1.52
CA PRO C 50 5.81 36.58 2.35
C PRO C 50 6.94 37.52 2.77
N SER C 51 6.63 38.75 3.17
CA SER C 51 7.68 39.65 3.62
C SER C 51 8.29 39.12 4.90
N GLY C 52 9.57 39.39 5.09
CA GLY C 52 10.25 38.91 6.28
C GLY C 52 10.91 37.57 6.06
N ILE C 53 10.54 36.90 4.98
CA ILE C 53 11.17 35.63 4.65
C ILE C 53 12.30 35.87 3.65
N PRO C 54 13.51 35.41 4.01
CA PRO C 54 14.75 35.61 3.26
C PRO C 54 14.64 35.04 1.86
N GLU C 55 15.46 35.55 0.94
CA GLU C 55 15.50 35.02 -0.41
C GLU C 55 16.24 33.70 -0.43
N ARG C 56 16.81 33.30 0.71
CA ARG C 56 17.55 32.05 0.77
C ARG C 56 16.64 30.82 0.88
N PHE C 57 15.38 31.05 1.26
CA PHE C 57 14.36 30.03 1.20
C PHE C 57 13.74 30.12 -0.17
N SER C 58 13.53 28.99 -0.82
CA SER C 58 13.02 29.01 -2.18
C SER C 58 12.25 27.75 -2.51
N GLY C 59 11.07 27.94 -3.10
CA GLY C 59 10.26 26.82 -3.57
C GLY C 59 10.54 26.56 -5.04
N THR C 60 9.90 25.53 -5.58
CA THR C 60 10.06 25.23 -7.00
C THR C 60 8.76 25.49 -7.77
N PRO C 61 8.81 26.46 -8.69
CA PRO C 61 7.65 26.90 -9.49
C PRO C 61 7.02 25.75 -10.27
N ASP C 62 5.71 25.83 -10.46
CA ASP C 62 4.98 24.81 -11.16
C ASP C 62 4.86 25.21 -12.63
N ILE C 63 5.99 25.23 -13.36
CA ILE C 63 5.99 25.68 -14.76
C ILE C 63 5.89 24.51 -15.75
N ASN C 64 6.68 23.48 -15.52
CA ASN C 64 6.66 22.32 -16.41
C ASN C 64 6.05 21.10 -15.73
N PHE C 65 5.72 20.09 -16.53
CA PHE C 65 5.03 18.91 -16.03
C PHE C 65 5.96 18.03 -15.19
N GLY C 66 5.43 17.43 -14.14
CA GLY C 66 6.17 16.45 -13.38
C GLY C 66 7.34 16.92 -12.52
N THR C 67 7.57 18.23 -12.47
CA THR C 67 8.62 18.77 -11.61
C THR C 67 8.27 18.54 -10.15
N THR C 68 9.24 18.04 -9.39
CA THR C 68 9.05 17.74 -7.97
C THR C 68 9.07 19.00 -7.10
N ALA C 69 8.09 19.11 -6.21
CA ALA C 69 8.04 20.23 -5.29
C ALA C 69 9.13 20.08 -4.25
N THR C 70 9.98 21.08 -4.15
CA THR C 70 11.07 21.05 -3.19
C THR C 70 11.40 22.42 -2.62
N LEU C 71 11.41 22.50 -1.30
CA LEU C 71 11.92 23.66 -0.59
C LEU C 71 13.40 23.56 -0.58
N THR C 72 14.06 24.68 -0.85
CA THR C 72 15.51 24.74 -0.74
C THR C 72 15.95 25.83 0.22
N ILE C 73 16.77 25.45 1.18
CA ILE C 73 17.38 26.42 2.05
C ILE C 73 18.87 26.51 1.75
N SER C 74 19.25 27.54 1.01
CA SER C 74 20.66 27.76 0.68
C SER C 74 21.34 28.52 1.82
N GLY C 75 22.52 28.07 2.19
CA GLY C 75 23.24 28.60 3.34
C GLY C 75 22.46 28.48 4.63
N VAL C 76 22.22 27.26 5.09
CA VAL C 76 21.45 27.09 6.32
C VAL C 76 22.18 27.73 7.49
N GLU C 77 21.39 28.26 8.42
CA GLU C 77 21.93 28.82 9.65
C GLU C 77 21.42 27.96 10.80
N VAL C 78 21.92 28.22 12.00
CA VAL C 78 21.58 27.38 13.14
C VAL C 78 20.14 27.53 13.56
N GLY C 79 19.49 28.59 13.09
CA GLY C 79 18.13 28.89 13.47
C GLY C 79 17.16 28.38 12.43
N ASP C 80 17.64 27.43 11.64
CA ASP C 80 16.85 26.82 10.60
C ASP C 80 16.42 25.43 11.04
N GLU C 81 16.94 24.99 12.18
CA GLU C 81 16.49 23.75 12.77
C GLU C 81 15.03 23.91 13.16
N ALA C 82 14.19 23.05 12.62
CA ALA C 82 12.74 23.08 12.82
C ALA C 82 12.09 21.91 12.08
N ASP C 83 10.79 21.75 12.26
CA ASP C 83 10.01 20.87 11.40
C ASP C 83 9.54 21.66 10.20
N TYR C 84 9.62 21.07 9.03
CA TYR C 84 9.19 21.71 7.79
C TYR C 84 8.01 20.94 7.18
N TYR C 85 6.89 21.64 7.00
CA TYR C 85 5.73 21.04 6.41
C TYR C 85 5.50 21.58 5.02
N CYS C 86 5.02 20.69 4.17
CA CYS C 86 4.69 21.01 2.79
C CYS C 86 3.23 20.68 2.64
N HIS C 87 2.44 21.72 2.42
CA HIS C 87 1.00 21.59 2.33
C HIS C 87 0.63 21.55 0.85
N MET C 88 0.45 20.34 0.32
CA MET C 88 0.22 20.16 -1.11
C MET C 88 -1.22 20.44 -1.50
N TRP C 89 -1.40 21.09 -2.63
CA TRP C 89 -2.73 21.30 -3.18
C TRP C 89 -2.59 21.12 -4.67
N ASP C 90 -3.31 20.17 -5.26
CA ASP C 90 -3.29 20.04 -6.71
C ASP C 90 -4.71 20.10 -7.25
N SER C 91 -4.89 19.93 -8.56
CA SER C 91 -6.22 20.00 -9.16
C SER C 91 -6.97 18.66 -9.22
N ARG C 92 -6.27 17.58 -8.93
CA ARG C 92 -6.80 16.21 -9.07
C ARG C 92 -7.35 15.44 -7.88
N SER C 93 -7.04 15.92 -6.67
CA SER C 93 -7.35 15.18 -5.47
C SER C 93 -8.58 15.77 -4.76
N GLY C 94 -8.57 17.10 -4.59
CA GLY C 94 -9.62 17.75 -3.85
C GLY C 94 -9.05 18.61 -2.74
N PHE C 95 -9.91 18.97 -1.78
CA PHE C 95 -9.50 19.82 -0.69
C PHE C 95 -8.39 19.13 0.10
N SER C 96 -7.37 19.90 0.47
CA SER C 96 -6.26 19.34 1.23
C SER C 96 -6.50 19.69 2.67
N TRP C 97 -6.60 18.65 3.50
CA TRP C 97 -6.94 18.85 4.90
C TRP C 97 -5.76 18.50 5.76
N SER C 98 -4.71 17.96 5.13
CA SER C 98 -3.56 17.53 5.92
C SER C 98 -2.28 18.22 5.50
N PHE C 99 -1.58 18.78 6.48
CA PHE C 99 -0.26 19.36 6.28
C PHE C 99 0.72 18.27 5.87
N GLY C 100 0.54 17.08 6.45
CA GLY C 100 1.37 15.94 6.14
C GLY C 100 2.59 15.84 7.03
N GLY C 101 3.46 14.90 6.69
CA GLY C 101 4.64 14.65 7.49
C GLY C 101 5.56 15.85 7.47
N ALA C 102 6.26 16.05 8.58
CA ALA C 102 7.15 17.19 8.71
C ALA C 102 8.59 16.73 8.71
N THR C 103 9.43 17.36 7.90
CA THR C 103 10.84 17.07 7.87
C THR C 103 11.52 17.84 8.99
N ARG C 104 12.28 17.14 9.83
CA ARG C 104 12.95 17.78 10.95
C ARG C 104 14.41 18.03 10.65
N LEU C 105 14.74 19.30 10.46
CA LEU C 105 16.09 19.73 10.12
C LEU C 105 17.02 19.86 11.34
N THR C 106 18.15 19.16 11.28
CA THR C 106 19.19 19.24 12.30
C THR C 106 20.40 19.89 11.68
N VAL C 107 20.91 20.98 12.25
CA VAL C 107 22.10 21.62 11.67
C VAL C 107 23.41 21.13 12.29
N LEU C 108 24.18 20.43 11.48
CA LEU C 108 25.51 20.00 11.82
C LEU C 108 26.59 20.94 11.36
N SER C 109 27.68 21.02 12.12
CA SER C 109 27.54 20.83 13.56
C SER C 109 28.14 22.25 13.88
N GLN C 110 27.51 22.84 14.90
CA GLN C 110 27.64 24.24 15.18
C GLN C 110 29.00 24.33 15.89
N PRO C 111 29.42 25.56 16.23
CA PRO C 111 30.69 25.69 16.98
C PRO C 111 30.47 25.41 18.46
N LYS C 112 31.48 24.83 19.10
CA LYS C 112 31.41 24.51 20.54
C LYS C 112 31.15 25.75 21.41
N ALA C 113 30.49 25.54 22.55
CA ALA C 113 30.25 26.65 23.49
C ALA C 113 30.19 26.18 24.93
N ALA C 114 31.06 26.76 25.75
CA ALA C 114 31.18 26.40 27.17
C ALA C 114 30.05 27.03 27.99
N PRO C 115 29.57 26.29 29.00
CA PRO C 115 28.39 26.73 29.74
C PRO C 115 28.65 27.97 30.60
N SER C 116 27.59 28.72 30.86
CA SER C 116 27.68 29.94 31.65
C SER C 116 26.88 29.78 32.95
N VAL C 117 27.60 29.59 34.05
CA VAL C 117 27.02 29.16 35.31
C VAL C 117 26.75 30.25 36.35
N THR C 118 25.55 30.24 36.91
CA THR C 118 25.17 31.12 38.00
C THR C 118 24.54 30.29 39.13
N LEU C 119 24.88 30.61 40.37
CA LEU C 119 24.38 29.87 41.52
C LEU C 119 23.71 30.81 42.51
N PHE C 120 22.68 30.33 43.21
CA PHE C 120 21.88 31.23 44.03
C PHE C 120 21.53 30.63 45.39
N PRO C 121 21.89 31.32 46.48
CA PRO C 121 21.60 30.85 47.84
C PRO C 121 20.12 31.01 48.15
N PRO C 122 19.57 30.14 49.00
CA PRO C 122 18.17 30.18 49.42
C PRO C 122 17.77 31.58 49.84
N SER C 123 16.75 32.13 49.22
CA SER C 123 16.38 33.52 49.49
C SER C 123 15.76 33.70 50.88
N SER C 124 15.62 34.96 51.29
CA SER C 124 15.12 35.35 52.60
C SER C 124 13.71 34.82 52.93
N GLU C 125 12.71 35.27 52.16
CA GLU C 125 11.33 34.83 52.32
C GLU C 125 11.25 33.32 52.35
N GLU C 126 11.89 32.70 51.36
CA GLU C 126 11.94 31.26 51.23
C GLU C 126 12.44 30.61 52.52
N LEU C 127 13.64 31.01 52.93
CA LEU C 127 14.27 30.49 54.14
C LEU C 127 13.36 30.62 55.35
N GLN C 128 12.70 31.77 55.43
CA GLN C 128 11.72 32.01 56.47
C GLN C 128 10.59 30.97 56.46
N ALA C 129 10.12 30.61 55.28
CA ALA C 129 9.00 29.69 55.19
C ALA C 129 9.41 28.20 55.25
N ASN C 130 10.46 27.90 56.00
CA ASN C 130 10.80 26.51 56.34
C ASN C 130 11.22 25.65 55.13
N LYS C 131 11.57 26.32 54.03
CA LYS C 131 11.96 25.63 52.81
C LYS C 131 13.17 26.29 52.13
N ALA C 132 14.22 25.51 51.88
CA ALA C 132 15.46 26.06 51.32
C ALA C 132 15.90 25.37 50.04
N THR C 133 15.85 26.09 48.92
CA THR C 133 16.22 25.54 47.61
C THR C 133 17.28 26.40 46.94
N LEU C 134 18.19 25.75 46.22
CA LEU C 134 19.30 26.43 45.53
C LEU C 134 19.13 26.33 44.01
N VAL C 135 19.55 27.37 43.29
CA VAL C 135 19.24 27.45 41.87
C VAL C 135 20.49 27.57 40.98
N CYS C 136 20.98 26.43 40.51
CA CYS C 136 22.10 26.41 39.58
C CYS C 136 21.60 26.64 38.16
N LEU C 137 22.10 27.69 37.51
CA LEU C 137 21.62 28.08 36.20
C LEU C 137 22.65 27.94 35.09
N ILE C 138 22.60 26.81 34.39
CA ILE C 138 23.50 26.55 33.27
C ILE C 138 22.92 27.23 32.01
N SER C 139 23.77 27.64 31.09
CA SER C 139 23.32 28.55 30.05
C SER C 139 24.31 28.70 28.88
N ASP C 140 23.82 29.07 27.71
CA ASP C 140 24.65 29.39 26.54
C ASP C 140 25.63 28.32 26.09
N PHE C 141 25.28 27.04 26.25
CA PHE C 141 26.19 25.98 25.82
C PHE C 141 25.75 25.25 24.55
N TYR C 142 26.72 24.63 23.89
CA TYR C 142 26.48 23.72 22.76
C TYR C 142 27.72 22.86 22.55
N PRO C 143 27.54 21.53 22.52
CA PRO C 143 26.34 20.69 22.48
C PRO C 143 25.48 20.82 23.71
N GLY C 144 24.24 20.33 23.63
CA GLY C 144 23.31 20.43 24.74
C GLY C 144 23.33 19.19 25.61
N ALA C 145 24.50 18.88 26.15
CA ALA C 145 24.66 17.76 27.07
C ALA C 145 25.60 18.17 28.19
N VAL C 146 25.00 18.44 29.36
CA VAL C 146 25.73 18.93 30.52
C VAL C 146 25.44 18.06 31.74
N THR C 147 26.49 17.59 32.42
CA THR C 147 26.30 16.80 33.65
C THR C 147 26.35 17.70 34.87
N VAL C 148 25.42 17.51 35.80
CA VAL C 148 25.36 18.37 36.97
C VAL C 148 25.39 17.58 38.28
N ALA C 149 26.38 17.89 39.11
CA ALA C 149 26.49 17.26 40.43
C ALA C 149 26.71 18.30 41.52
N TRP C 150 25.99 18.17 42.63
CA TRP C 150 26.08 19.16 43.69
C TRP C 150 27.14 18.82 44.72
N LYS C 151 28.05 19.77 44.93
CA LYS C 151 29.22 19.57 45.80
C LYS C 151 28.86 19.29 47.26
N ALA C 152 27.89 20.02 47.79
CA ALA C 152 27.47 19.80 49.18
C ALA C 152 28.64 19.89 50.15
N ASP C 153 29.45 20.93 50.00
CA ASP C 153 30.66 21.17 50.81
C ASP C 153 31.75 20.08 50.73
N SER C 154 31.90 19.55 49.51
CA SER C 154 32.93 18.56 49.18
C SER C 154 32.52 17.12 49.47
N SER C 155 31.28 16.95 49.92
CA SER C 155 30.69 15.62 50.01
C SER C 155 29.47 15.63 49.10
N PRO C 156 29.42 14.61 48.12
CA PRO C 156 28.28 14.77 47.21
C PRO C 156 26.95 14.67 47.94
N VAL C 157 26.01 15.53 47.57
CA VAL C 157 24.70 15.52 48.21
C VAL C 157 23.98 14.20 48.03
N LYS C 158 23.26 13.78 49.06
CA LYS C 158 22.59 12.47 49.07
C LYS C 158 21.16 12.52 48.52
N ALA C 159 20.50 13.68 48.60
CA ALA C 159 19.16 13.80 48.02
C ALA C 159 18.78 15.23 47.61
N GLY C 160 17.58 15.37 47.08
CA GLY C 160 17.01 16.68 46.80
C GLY C 160 17.53 17.42 45.56
N VAL C 161 17.98 16.68 44.55
CA VAL C 161 18.41 17.28 43.29
C VAL C 161 17.43 16.97 42.15
N GLU C 162 17.12 17.98 41.35
CA GLU C 162 16.24 17.83 40.18
C GLU C 162 16.78 18.69 39.05
N THR C 163 17.22 18.06 37.96
CA THR C 163 17.81 18.81 36.85
C THR C 163 16.98 18.74 35.57
N THR C 164 16.84 19.86 34.88
CA THR C 164 16.18 19.89 33.58
C THR C 164 17.09 19.24 32.53
N THR C 165 16.52 18.97 31.37
CA THR C 165 17.26 18.39 30.27
C THR C 165 17.42 19.53 29.29
N PRO C 166 18.69 19.71 28.74
CA PRO C 166 18.82 21.00 28.04
C PRO C 166 17.85 21.18 26.89
N SER C 167 17.24 22.36 26.87
CA SER C 167 16.24 22.72 25.88
C SER C 167 16.76 23.98 25.23
N LYS C 168 16.62 24.06 23.91
CA LYS C 168 17.28 25.14 23.18
C LYS C 168 16.64 26.51 23.44
N GLN C 169 17.38 27.57 23.16
CA GLN C 169 16.89 28.93 23.43
C GLN C 169 16.86 29.87 22.24
N SER C 170 16.30 31.04 22.48
CA SER C 170 16.14 32.10 21.48
C SER C 170 17.47 32.53 20.83
N ASN C 171 18.58 32.08 21.39
CA ASN C 171 19.90 32.44 20.90
C ASN C 171 20.60 31.26 20.24
N ASN C 172 19.83 30.20 20.01
CA ASN C 172 20.34 29.00 19.35
C ASN C 172 21.40 28.21 20.14
N LYS C 173 21.49 28.45 21.44
CA LYS C 173 22.36 27.65 22.29
C LYS C 173 21.55 27.10 23.46
N TYR C 174 22.06 26.07 24.09
CA TYR C 174 21.27 25.34 25.08
C TYR C 174 21.32 25.94 26.49
N ALA C 175 20.25 25.72 27.25
CA ALA C 175 20.18 26.15 28.64
C ALA C 175 19.63 25.03 29.51
N ALA C 176 20.06 24.99 30.76
CA ALA C 176 19.54 24.00 31.68
C ALA C 176 19.46 24.55 33.09
N SER C 177 18.96 23.74 34.00
CA SER C 177 18.58 24.24 35.30
C SER C 177 18.64 23.12 36.31
N SER C 178 19.36 23.33 37.39
CA SER C 178 19.38 22.34 38.46
C SER C 178 18.94 22.98 39.77
N TYR C 179 18.16 22.22 40.55
CA TYR C 179 17.62 22.70 41.82
C TYR C 179 17.96 21.73 42.93
N LEU C 180 18.88 22.13 43.82
CA LEU C 180 19.10 21.39 45.06
C LEU C 180 18.10 21.87 46.11
N SER C 181 17.47 20.95 46.82
CA SER C 181 16.45 21.36 47.78
C SER C 181 16.68 20.80 49.18
N LEU C 182 16.69 21.72 50.16
CA LEU C 182 17.12 21.41 51.51
C LEU C 182 16.15 21.99 52.54
N THR C 183 16.34 21.58 53.80
CA THR C 183 15.72 22.24 54.94
C THR C 183 16.73 23.28 55.42
N PRO C 184 16.24 24.47 55.82
CA PRO C 184 17.13 25.59 56.20
C PRO C 184 18.19 25.19 57.22
N GLU C 185 17.84 24.29 58.14
CA GLU C 185 18.80 23.75 59.10
C GLU C 185 19.97 23.11 58.36
N GLN C 186 19.64 22.23 57.41
CA GLN C 186 20.66 21.57 56.59
C GLN C 186 21.55 22.56 55.84
N TRP C 187 20.97 23.69 55.43
CA TRP C 187 21.74 24.69 54.71
C TRP C 187 22.84 25.26 55.59
N LYS C 188 22.44 25.69 56.78
CA LYS C 188 23.37 26.31 57.72
C LYS C 188 24.33 25.28 58.33
N SER C 189 23.85 24.05 58.47
CA SER C 189 24.65 22.97 59.04
C SER C 189 25.99 22.69 58.34
N HIS C 190 26.19 23.26 57.16
CA HIS C 190 27.44 23.09 56.41
C HIS C 190 27.98 24.45 56.01
N LYS C 191 29.28 24.55 55.76
CA LYS C 191 29.85 25.86 55.45
C LYS C 191 29.61 26.27 54.00
N SER C 192 29.91 25.38 53.06
CA SER C 192 29.78 25.71 51.63
C SER C 192 28.89 24.72 50.87
N TYR C 193 28.42 25.17 49.71
CA TYR C 193 27.64 24.35 48.79
C TYR C 193 28.11 24.61 47.39
N SER C 194 28.49 23.55 46.68
CA SER C 194 28.98 23.72 45.32
C SER C 194 28.21 22.85 44.33
N CYS C 195 27.80 23.46 43.23
CA CYS C 195 27.32 22.69 42.10
C CYS C 195 28.38 22.79 41.00
N GLN C 196 28.80 21.64 40.50
CA GLN C 196 29.71 21.62 39.37
C GLN C 196 28.94 21.16 38.14
N VAL C 197 29.09 21.89 37.05
CA VAL C 197 28.55 21.45 35.77
C VAL C 197 29.73 21.08 34.88
N THR C 198 29.55 20.06 34.05
CA THR C 198 30.62 19.55 33.21
C THR C 198 30.16 19.44 31.77
N HIS C 199 30.99 19.95 30.86
CA HIS C 199 30.60 20.07 29.47
C HIS C 199 31.78 19.83 28.56
N GLU C 200 31.80 18.65 27.95
CA GLU C 200 32.90 18.16 27.12
C GLU C 200 34.11 17.81 27.98
N GLY C 201 33.82 17.21 29.13
CA GLY C 201 34.83 16.78 30.07
C GLY C 201 35.49 17.94 30.79
N SER C 202 34.88 19.12 30.65
CA SER C 202 35.43 20.34 31.20
C SER C 202 34.50 20.92 32.26
N THR C 203 34.98 21.00 33.50
CA THR C 203 34.13 21.36 34.62
C THR C 203 34.20 22.85 34.97
N VAL C 204 33.07 23.43 35.35
CA VAL C 204 33.06 24.74 35.99
C VAL C 204 32.24 24.68 37.29
N GLU C 205 32.81 25.24 38.35
CA GLU C 205 32.29 25.04 39.70
C GLU C 205 31.84 26.37 40.25
N LYS C 206 30.75 26.37 41.02
CA LYS C 206 30.32 27.57 41.71
C LYS C 206 29.84 27.26 43.12
N THR C 207 30.18 28.14 44.06
CA THR C 207 29.96 27.92 45.49
C THR C 207 29.14 29.04 46.13
N VAL C 208 28.32 28.70 47.12
CA VAL C 208 27.68 29.70 47.98
C VAL C 208 27.61 29.20 49.42
N ALA C 209 27.59 30.15 50.37
CA ALA C 209 27.61 29.86 51.80
C ALA C 209 26.57 30.68 52.54
N PRO C 210 26.09 30.19 53.70
CA PRO C 210 25.10 30.97 54.47
C PRO C 210 25.68 32.27 55.02
N THR C 211 24.87 33.32 55.06
CA THR C 211 25.32 34.59 55.64
C THR C 211 24.38 35.11 56.73
N VAL D 2 -2.65 43.59 11.22
CA VAL D 2 -3.48 42.79 12.11
C VAL D 2 -2.64 41.92 13.04
N GLN D 3 -3.15 41.69 14.26
CA GLN D 3 -2.43 40.88 15.25
C GLN D 3 -3.36 40.02 16.09
N LEU D 4 -2.87 38.85 16.46
CA LEU D 4 -3.68 37.83 17.09
C LEU D 4 -3.17 37.48 18.49
N GLN D 5 -4.08 37.29 19.42
CA GLN D 5 -3.66 36.77 20.72
C GLN D 5 -4.70 35.83 21.30
N GLU D 6 -4.30 34.60 21.57
CA GLU D 6 -5.25 33.60 21.98
C GLU D 6 -5.31 33.49 23.48
N SER D 7 -6.25 32.69 23.96
CA SER D 7 -6.31 32.33 25.38
C SER D 7 -7.29 31.17 25.58
N GLY D 8 -7.14 30.47 26.71
CA GLY D 8 -7.93 29.31 27.03
C GLY D 8 -7.68 28.87 28.45
N PRO D 9 -8.41 27.85 28.91
CA PRO D 9 -8.38 27.36 30.30
C PRO D 9 -7.06 26.77 30.76
N GLY D 10 -6.23 26.27 29.84
CA GLY D 10 -5.01 25.59 30.23
C GLY D 10 -5.30 24.21 30.80
N LEU D 11 -6.44 24.06 31.47
CA LEU D 11 -6.85 22.77 32.00
C LEU D 11 -8.28 22.55 31.58
N VAL D 12 -8.60 21.30 31.29
CA VAL D 12 -9.96 20.92 30.88
C VAL D 12 -10.18 19.54 31.44
N ARG D 13 -11.33 19.32 32.06
CA ARG D 13 -11.64 18.00 32.59
C ARG D 13 -11.98 17.06 31.44
N PRO D 14 -11.57 15.78 31.55
CA PRO D 14 -11.94 14.72 30.63
C PRO D 14 -13.25 14.32 29.97
N SER D 15 -14.40 14.65 30.51
CA SER D 15 -15.59 14.60 29.65
C SER D 15 -16.05 15.95 29.09
N GLU D 16 -15.59 17.05 29.68
CA GLU D 16 -16.16 18.37 29.38
C GLU D 16 -15.91 18.88 27.96
N THR D 17 -16.30 20.12 27.73
CA THR D 17 -16.12 20.78 26.45
C THR D 17 -15.02 21.82 26.56
N LEU D 18 -14.08 21.81 25.61
CA LEU D 18 -13.03 22.80 25.60
C LEU D 18 -13.56 24.05 24.92
N SER D 19 -13.10 25.21 25.37
CA SER D 19 -13.34 26.44 24.63
C SER D 19 -12.13 27.36 24.67
N VAL D 20 -11.63 27.72 23.50
CA VAL D 20 -10.52 28.66 23.39
C VAL D 20 -10.88 29.84 22.50
N THR D 21 -10.20 30.96 22.68
CA THR D 21 -10.59 32.19 22.00
C THR D 21 -9.40 32.93 21.45
N CYS D 22 -9.69 33.89 20.59
CA CYS D 22 -8.63 34.66 19.97
C CYS D 22 -9.11 36.09 19.78
N ILE D 23 -8.26 37.04 20.11
CA ILE D 23 -8.59 38.44 20.00
C ILE D 23 -7.73 39.07 18.92
N VAL D 24 -8.39 39.62 17.90
CA VAL D 24 -7.68 40.31 16.83
C VAL D 24 -7.61 41.83 17.04
N SER D 25 -6.54 42.43 16.50
CA SER D 25 -6.20 43.80 16.74
C SER D 25 -5.77 44.44 15.43
N GLY D 26 -6.06 45.71 15.25
CA GLY D 26 -5.75 46.37 14.00
C GLY D 26 -6.95 46.32 13.08
N GLY D 27 -7.11 45.20 12.38
CA GLY D 27 -8.22 45.03 11.46
C GLY D 27 -9.48 44.51 12.13
N SER D 28 -10.61 44.59 11.40
CA SER D 28 -11.85 44.05 11.91
C SER D 28 -12.00 42.56 11.57
N ILE D 29 -12.49 41.81 12.55
CA ILE D 29 -12.64 40.37 12.42
C ILE D 29 -13.59 39.96 11.30
N SER D 30 -14.35 40.92 10.78
CA SER D 30 -15.34 40.64 9.76
C SER D 30 -14.79 40.70 8.33
N ASN D 31 -13.51 41.06 8.20
CA ASN D 31 -12.88 41.23 6.89
C ASN D 31 -11.95 40.09 6.49
N TYR D 32 -11.81 39.09 7.36
CA TYR D 32 -10.79 38.07 7.22
C TYR D 32 -11.36 36.65 7.37
N TYR D 33 -10.82 35.69 6.64
CA TYR D 33 -11.08 34.29 6.95
C TYR D 33 -10.28 33.99 8.20
N TRP D 34 -10.81 33.16 9.08
CA TRP D 34 -10.09 32.79 10.28
C TRP D 34 -10.05 31.29 10.47
N THR D 35 -8.99 30.78 11.07
CA THR D 35 -8.87 29.33 11.16
C THR D 35 -8.15 28.87 12.41
N TRP D 36 -8.57 27.71 12.92
CA TRP D 36 -7.88 27.14 14.06
C TRP D 36 -7.06 25.95 13.62
N ILE D 37 -5.91 25.76 14.27
CA ILE D 37 -4.98 24.69 13.95
C ILE D 37 -4.40 24.28 15.28
N ARG D 38 -4.40 23.00 15.61
CA ARG D 38 -3.73 22.62 16.85
C ARG D 38 -2.38 21.95 16.62
N GLN D 39 -1.77 21.45 17.69
CA GLN D 39 -0.52 20.71 17.57
C GLN D 39 -0.35 19.81 18.78
N SER D 40 -0.83 18.58 18.69
CA SER D 40 -0.82 17.67 19.82
C SER D 40 0.59 17.14 20.03
N PRO D 41 0.91 16.68 21.25
CA PRO D 41 2.29 16.24 21.43
C PRO D 41 2.56 14.96 20.66
N GLY D 42 3.68 14.91 19.94
CA GLY D 42 4.04 13.75 19.17
C GLY D 42 3.22 13.61 17.90
N LYS D 43 2.19 14.43 17.76
CA LYS D 43 1.43 14.47 16.52
C LYS D 43 1.78 15.76 15.79
N GLY D 44 1.56 15.79 14.48
CA GLY D 44 1.94 16.95 13.70
C GLY D 44 0.92 18.05 13.82
N LEU D 45 1.12 19.14 13.10
CA LEU D 45 0.12 20.17 13.02
C LEU D 45 -1.16 19.56 12.44
N GLU D 46 -2.27 19.69 13.17
CA GLU D 46 -3.59 19.27 12.71
C GLU D 46 -4.49 20.48 12.47
N TRP D 47 -5.10 20.56 11.29
CA TRP D 47 -5.95 21.67 10.90
C TRP D 47 -7.37 21.43 11.36
N ILE D 48 -7.87 22.29 12.26
CA ILE D 48 -9.17 22.07 12.92
C ILE D 48 -10.35 22.42 12.04
N GLY D 49 -10.26 23.56 11.38
CA GLY D 49 -11.32 24.05 10.54
C GLY D 49 -11.19 25.54 10.38
N TYR D 50 -12.06 26.12 9.55
CA TYR D 50 -12.00 27.54 9.28
C TYR D 50 -13.37 28.14 9.00
N ILE D 51 -13.48 29.44 9.27
CA ILE D 51 -14.72 30.19 9.10
C ILE D 51 -14.41 31.36 8.18
N SER D 52 -15.36 31.70 7.31
CA SER D 52 -15.06 32.67 6.27
C SER D 52 -15.42 34.09 6.67
N ASP D 53 -15.24 34.99 5.70
CA ASP D 53 -15.62 36.40 5.85
C ASP D 53 -17.13 36.53 5.92
N ARG D 54 -17.84 35.77 5.08
CA ARG D 54 -19.29 35.71 5.09
C ARG D 54 -19.74 34.61 6.04
N GLU D 55 -18.96 34.41 7.10
CA GLU D 55 -19.32 33.58 8.25
C GLU D 55 -19.81 32.12 8.01
N THR D 56 -19.67 31.60 6.80
CA THR D 56 -19.88 30.17 6.57
C THR D 56 -18.74 29.40 7.22
N THR D 57 -18.97 28.14 7.59
CA THR D 57 -17.89 27.38 8.21
C THR D 57 -17.56 26.08 7.49
N THR D 58 -16.39 25.53 7.80
CA THR D 58 -15.94 24.28 7.22
C THR D 58 -15.05 23.57 8.22
N TYR D 59 -15.38 22.33 8.57
CA TYR D 59 -14.62 21.63 9.59
C TYR D 59 -13.85 20.46 9.01
N ASN D 60 -12.79 20.07 9.69
CA ASN D 60 -12.04 18.89 9.29
C ASN D 60 -12.83 17.66 9.68
N PRO D 61 -13.12 16.80 8.70
CA PRO D 61 -13.72 15.48 8.87
C PRO D 61 -13.16 14.70 10.07
N SER D 62 -11.90 14.91 10.39
CA SER D 62 -11.24 14.14 11.44
C SER D 62 -11.83 14.39 12.82
N LEU D 63 -12.27 15.61 13.08
CA LEU D 63 -12.74 15.95 14.42
C LEU D 63 -14.17 15.47 14.67
N ASN D 64 -14.72 14.73 13.72
CA ASN D 64 -16.07 14.14 13.84
C ASN D 64 -17.15 15.14 14.21
N SER D 65 -16.98 16.38 13.75
CA SER D 65 -17.94 17.42 13.98
C SER D 65 -18.15 17.60 15.48
N ARG D 66 -17.05 17.74 16.20
CA ARG D 66 -17.07 18.09 17.60
C ARG D 66 -16.70 19.56 17.73
N ALA D 67 -16.61 20.23 16.59
CA ALA D 67 -15.99 21.55 16.55
C ALA D 67 -16.94 22.67 16.16
N VAL D 68 -16.95 23.75 16.93
CA VAL D 68 -17.71 24.93 16.55
C VAL D 68 -16.80 26.14 16.50
N ILE D 69 -16.64 26.71 15.32
CA ILE D 69 -15.87 27.94 15.21
C ILE D 69 -16.88 29.06 14.99
N SER D 70 -16.71 30.16 15.71
CA SER D 70 -17.66 31.25 15.66
C SER D 70 -16.97 32.61 15.67
N ARG D 71 -17.70 33.62 15.23
CA ARG D 71 -17.20 34.98 15.19
C ARG D 71 -18.08 35.92 16.00
N ASP D 72 -17.52 36.51 17.04
CA ASP D 72 -18.22 37.55 17.80
C ASP D 72 -17.69 38.91 17.38
N THR D 73 -18.42 39.56 16.47
CA THR D 73 -17.99 40.80 15.84
C THR D 73 -17.72 41.92 16.85
N SER D 74 -18.63 42.09 17.81
CA SER D 74 -18.54 43.16 18.81
C SER D 74 -17.31 43.04 19.71
N LYS D 75 -17.22 41.94 20.45
CA LYS D 75 -16.04 41.66 21.26
C LYS D 75 -14.79 41.54 20.37
N ASN D 76 -15.04 41.39 19.07
CA ASN D 76 -14.03 41.16 18.03
C ASN D 76 -13.17 39.93 18.29
N GLN D 77 -13.82 38.78 18.37
CA GLN D 77 -13.11 37.58 18.78
C GLN D 77 -13.55 36.33 18.03
N LEU D 78 -12.64 35.37 18.01
CA LEU D 78 -12.90 34.08 17.44
C LEU D 78 -12.94 33.22 18.67
N SER D 79 -13.79 32.21 18.63
CA SER D 79 -13.72 31.15 19.63
C SER D 79 -13.84 29.82 18.96
N LEU D 80 -13.25 28.78 19.55
CA LEU D 80 -13.41 27.45 19.02
C LEU D 80 -13.83 26.60 20.22
N GLN D 81 -14.91 25.86 20.05
CA GLN D 81 -15.28 24.90 21.09
C GLN D 81 -15.11 23.49 20.55
N LEU D 82 -14.75 22.59 21.45
CA LEU D 82 -14.51 21.20 21.13
C LEU D 82 -15.23 20.29 22.11
N ARG D 83 -16.26 19.61 21.62
CA ARG D 83 -17.14 18.78 22.43
C ARG D 83 -16.44 17.51 22.93
N SER D 84 -16.92 16.97 24.03
CA SER D 84 -16.61 15.60 24.44
C SER D 84 -15.14 15.29 24.47
N VAL D 85 -14.31 16.25 24.90
CA VAL D 85 -12.86 16.12 24.77
C VAL D 85 -12.23 14.89 25.45
N THR D 86 -11.00 14.59 25.06
CA THR D 86 -10.32 13.40 25.54
C THR D 86 -8.82 13.69 25.68
N THR D 87 -8.05 12.72 26.16
CA THR D 87 -6.62 12.97 26.38
C THR D 87 -5.87 13.28 25.07
N ALA D 88 -6.44 12.89 23.94
CA ALA D 88 -5.83 13.17 22.66
C ALA D 88 -6.13 14.60 22.17
N ASP D 89 -6.73 15.41 23.04
CA ASP D 89 -7.14 16.77 22.67
C ASP D 89 -6.25 17.78 23.35
N THR D 90 -5.28 17.25 24.09
CA THR D 90 -4.29 18.05 24.77
C THR D 90 -3.30 18.58 23.76
N ALA D 91 -3.26 19.89 23.57
CA ALA D 91 -2.41 20.47 22.53
C ALA D 91 -2.32 21.97 22.61
N ILE D 92 -1.51 22.56 21.74
CA ILE D 92 -1.40 24.01 21.69
C ILE D 92 -2.26 24.59 20.58
N TYR D 93 -3.35 25.25 20.93
CA TYR D 93 -4.30 25.70 19.92
C TYR D 93 -3.93 27.07 19.36
N PHE D 94 -3.83 27.14 18.04
CA PHE D 94 -3.47 28.38 17.33
C PHE D 94 -4.64 28.86 16.50
N CYS D 95 -4.89 30.15 16.52
CA CYS D 95 -5.79 30.70 15.53
C CYS D 95 -4.90 31.46 14.58
N ALA D 96 -5.40 31.70 13.38
CA ALA D 96 -4.59 32.28 12.33
C ALA D 96 -5.45 32.82 11.20
N THR D 97 -4.95 33.85 10.55
CA THR D 97 -5.55 34.34 9.33
C THR D 97 -5.48 33.23 8.29
N ALA D 98 -6.55 33.07 7.51
CA ALA D 98 -6.51 32.18 6.34
C ALA D 98 -6.77 33.01 5.11
N ARG D 99 -5.99 32.77 4.07
CA ARG D 99 -6.14 33.53 2.85
C ARG D 99 -6.42 32.58 1.72
N ARG D 100 -7.45 32.88 0.94
CA ARG D 100 -7.92 32.00 -0.10
C ARG D 100 -7.34 32.43 -1.43
N GLY D 101 -6.36 31.68 -1.93
CA GLY D 101 -5.80 31.93 -3.24
C GLY D 101 -6.55 31.07 -4.23
N GLN D 102 -6.49 31.41 -5.50
CA GLN D 102 -7.03 30.52 -6.51
C GLN D 102 -5.97 30.17 -7.55
N ARG D 103 -5.77 28.87 -7.75
CA ARG D 103 -4.76 28.35 -8.66
C ARG D 103 -5.41 28.03 -9.99
N ILE D 104 -5.35 28.98 -10.92
CA ILE D 104 -6.07 28.84 -12.18
C ILE D 104 -5.22 28.14 -13.20
N TYR D 105 -5.67 27.00 -13.71
CA TYR D 105 -4.87 26.29 -14.69
C TYR D 105 -5.48 26.28 -16.09
N GLY D 106 -6.77 26.57 -16.18
CA GLY D 106 -7.45 26.52 -17.47
C GLY D 106 -8.48 27.59 -17.67
N VAL D 107 -9.48 27.32 -18.50
CA VAL D 107 -10.52 28.30 -18.81
C VAL D 107 -11.44 28.44 -17.63
N VAL D 108 -11.53 29.66 -17.09
CA VAL D 108 -12.27 29.89 -15.85
C VAL D 108 -13.77 29.59 -15.97
N SER D 109 -14.36 29.92 -17.11
CA SER D 109 -15.76 29.56 -17.37
C SER D 109 -16.00 28.05 -17.22
N PHE D 110 -15.05 27.24 -17.67
CA PHE D 110 -15.20 25.80 -17.53
C PHE D 110 -14.85 25.31 -16.13
N GLY D 111 -14.64 26.25 -15.22
CA GLY D 111 -14.32 25.91 -13.84
C GLY D 111 -12.97 25.22 -13.74
N GLU D 112 -12.07 25.57 -14.63
CA GLU D 112 -10.76 24.94 -14.70
C GLU D 112 -9.76 25.57 -13.72
N PHE D 113 -10.08 25.53 -12.43
CA PHE D 113 -9.24 26.12 -11.38
C PHE D 113 -9.59 25.56 -10.01
N PHE D 114 -8.82 25.89 -8.97
CA PHE D 114 -9.16 25.44 -7.63
C PHE D 114 -8.74 26.42 -6.52
N TYR D 115 -9.42 26.40 -5.39
CA TYR D 115 -9.09 27.32 -4.30
C TYR D 115 -8.18 26.65 -3.29
N TYR D 116 -7.17 27.38 -2.82
CA TYR D 116 -6.36 26.88 -1.73
C TYR D 116 -6.33 27.92 -0.63
N TYR D 117 -5.75 27.57 0.50
CA TYR D 117 -5.72 28.46 1.67
C TYR D 117 -4.35 28.45 2.33
N TYR D 118 -3.83 29.64 2.63
CA TYR D 118 -2.59 29.70 3.36
C TYR D 118 -2.68 30.55 4.60
N MET D 119 -1.84 30.26 5.57
CA MET D 119 -1.91 30.96 6.84
C MET D 119 -0.68 31.83 7.03
N ASP D 120 -0.79 33.13 6.73
CA ASP D 120 0.31 34.04 7.03
C ASP D 120 0.34 34.43 8.51
N VAL D 121 -0.66 35.15 8.97
CA VAL D 121 -0.66 35.61 10.36
C VAL D 121 -1.08 34.56 11.37
N TRP D 122 -0.27 34.36 12.40
CA TRP D 122 -0.63 33.39 13.44
C TRP D 122 -0.75 34.02 14.85
N GLY D 123 -1.36 33.27 15.75
CA GLY D 123 -1.38 33.58 17.17
C GLY D 123 -0.13 33.08 17.86
N LYS D 124 0.13 33.59 19.05
CA LYS D 124 1.19 33.04 19.89
C LYS D 124 0.79 31.61 20.23
N GLY D 125 -0.51 31.42 20.43
CA GLY D 125 -1.08 30.11 20.71
C GLY D 125 -1.25 29.85 22.18
N THR D 126 -2.20 29.00 22.51
CA THR D 126 -2.50 28.69 23.90
C THR D 126 -2.46 27.20 24.15
N ALA D 127 -1.76 26.80 25.22
CA ALA D 127 -1.63 25.40 25.55
C ALA D 127 -2.81 24.94 26.38
N VAL D 128 -3.39 23.81 26.02
CA VAL D 128 -4.49 23.23 26.79
C VAL D 128 -4.16 21.78 27.13
N THR D 129 -4.44 21.39 28.36
CA THR D 129 -4.29 20.00 28.79
C THR D 129 -5.61 19.40 29.28
N VAL D 130 -6.03 18.29 28.69
CA VAL D 130 -7.13 17.55 29.27
C VAL D 130 -6.64 16.86 30.55
N SER D 131 -7.30 17.17 31.66
CA SER D 131 -6.91 16.61 32.97
C SER D 131 -8.00 16.73 34.03
N SER D 132 -7.96 15.80 34.98
CA SER D 132 -8.86 15.86 36.12
C SER D 132 -8.18 16.64 37.23
N ALA D 133 -6.90 16.96 37.02
CA ALA D 133 -6.03 17.56 38.03
C ALA D 133 -6.33 18.97 38.53
N SER D 134 -6.18 19.11 39.84
CA SER D 134 -6.20 20.39 40.54
C SER D 134 -5.25 21.46 39.96
N THR D 135 -5.80 22.61 39.54
CA THR D 135 -5.00 23.75 39.08
C THR D 135 -4.34 24.48 40.27
N LYS D 136 -3.20 25.15 40.04
CA LYS D 136 -2.42 25.72 41.14
C LYS D 136 -1.49 26.89 40.76
N GLY D 137 -1.52 27.96 41.56
CA GLY D 137 -0.66 29.12 41.32
C GLY D 137 0.70 29.09 41.99
N PRO D 138 1.64 29.90 41.49
CA PRO D 138 3.03 29.88 41.98
C PRO D 138 3.29 30.91 43.08
N SER D 139 4.20 30.57 43.98
CA SER D 139 4.70 31.53 44.96
C SER D 139 6.12 31.91 44.60
N VAL D 140 6.33 33.13 44.15
CA VAL D 140 7.65 33.56 43.70
C VAL D 140 8.44 34.25 44.82
N PHE D 141 9.72 33.89 44.95
CA PHE D 141 10.61 34.58 45.87
C PHE D 141 11.73 35.23 45.05
N PRO D 142 12.42 36.24 45.59
CA PRO D 142 13.42 36.92 44.78
C PRO D 142 14.85 36.36 44.91
N LEU D 143 15.64 36.52 43.85
CA LEU D 143 17.02 36.04 43.84
C LEU D 143 18.00 37.22 43.78
N ALA D 144 18.50 37.62 44.96
CA ALA D 144 19.29 38.85 45.12
C ALA D 144 20.71 38.76 44.58
N PRO D 145 21.17 39.83 43.91
CA PRO D 145 22.52 39.95 43.36
C PRO D 145 23.65 39.83 44.39
N SER D 146 24.79 39.33 43.92
CA SER D 146 25.97 39.12 44.75
C SER D 146 26.94 40.31 44.80
N SER D 147 27.60 40.49 45.95
CA SER D 147 28.59 41.56 46.13
C SER D 147 29.75 41.08 47.01
N SER D 151 31.52 39.25 35.41
CA SER D 151 31.91 40.07 36.54
C SER D 151 31.53 41.53 36.34
N GLY D 152 32.26 42.42 37.01
CA GLY D 152 32.04 43.86 36.89
C GLY D 152 32.14 44.36 35.46
N GLY D 153 31.29 45.31 35.11
CA GLY D 153 30.39 45.92 36.08
C GLY D 153 29.00 45.31 36.15
N THR D 154 28.81 44.15 35.55
CA THR D 154 27.50 43.50 35.54
C THR D 154 27.31 42.56 36.73
N ALA D 155 26.07 42.42 37.18
CA ALA D 155 25.72 41.44 38.21
C ALA D 155 24.31 40.91 37.95
N ALA D 156 24.06 39.66 38.32
CA ALA D 156 22.83 38.97 37.89
C ALA D 156 21.83 38.65 39.01
N LEU D 157 20.59 39.03 38.78
CA LEU D 157 19.53 38.87 39.77
C LEU D 157 18.31 38.26 39.11
N GLY D 158 17.37 37.75 39.91
CA GLY D 158 16.18 37.14 39.34
C GLY D 158 15.05 36.71 40.26
N CYS D 159 14.07 36.00 39.68
CA CYS D 159 12.93 35.45 40.42
C CYS D 159 12.97 33.93 40.43
N LEU D 160 12.38 33.34 41.46
CA LEU D 160 12.18 31.90 41.49
C LEU D 160 10.70 31.58 41.70
N VAL D 161 10.03 31.16 40.63
CA VAL D 161 8.63 30.75 40.70
C VAL D 161 8.53 29.24 40.91
N LYS D 162 8.04 28.82 42.08
CA LYS D 162 8.09 27.41 42.45
C LYS D 162 6.69 26.84 42.66
N ASP D 163 6.47 25.62 42.18
CA ASP D 163 5.23 24.83 42.39
C ASP D 163 3.93 25.37 41.78
N TYR D 164 3.95 25.57 40.46
CA TYR D 164 2.79 26.02 39.71
C TYR D 164 2.41 25.02 38.62
N PHE D 165 1.13 24.65 38.58
CA PHE D 165 0.62 23.76 37.55
C PHE D 165 -0.64 24.38 36.94
N PRO D 166 -0.86 24.34 35.54
CA PRO D 166 0.21 23.77 34.73
C PRO D 166 1.01 24.85 34.01
N GLU D 167 2.03 24.45 33.26
CA GLU D 167 2.80 25.40 32.47
C GLU D 167 1.87 26.04 31.46
N PRO D 168 2.09 27.30 31.11
CA PRO D 168 3.33 28.02 31.39
C PRO D 168 3.12 29.21 32.31
N VAL D 169 4.24 29.70 32.85
CA VAL D 169 4.27 30.93 33.60
C VAL D 169 4.99 31.93 32.71
N THR D 170 4.58 33.20 32.75
CA THR D 170 5.28 34.24 32.02
C THR D 170 5.98 35.19 32.98
N VAL D 171 7.24 35.52 32.68
CA VAL D 171 7.98 36.48 33.47
C VAL D 171 8.38 37.67 32.63
N SER D 172 8.06 38.85 33.14
CA SER D 172 8.50 40.12 32.57
C SER D 172 9.38 40.83 33.61
N TRP D 173 10.06 41.89 33.17
CA TRP D 173 10.89 42.66 34.09
C TRP D 173 10.59 44.14 34.00
N ASN D 174 10.35 44.76 35.16
CA ASN D 174 9.97 46.17 35.24
C ASN D 174 8.85 46.47 34.25
N SER D 175 7.69 45.87 34.50
CA SER D 175 6.67 45.72 33.47
C SER D 175 7.36 45.14 32.23
N GLY D 176 7.39 45.90 31.14
CA GLY D 176 8.04 45.43 29.93
C GLY D 176 9.31 46.19 29.62
N ALA D 177 9.76 47.01 30.57
CA ALA D 177 10.93 47.87 30.36
C ALA D 177 12.18 47.10 30.00
N LEU D 178 12.60 46.21 30.90
CA LEU D 178 13.82 45.43 30.71
C LEU D 178 13.61 44.29 29.73
N THR D 179 14.06 44.50 28.50
CA THR D 179 13.95 43.48 27.48
C THR D 179 15.28 42.73 27.31
N SER D 180 16.39 43.42 27.56
CA SER D 180 17.70 42.88 27.21
C SER D 180 18.77 43.20 28.25
N GLY D 181 19.37 42.16 28.84
CA GLY D 181 19.05 40.78 28.53
C GLY D 181 18.36 40.02 29.66
N VAL D 182 17.06 39.79 29.49
CA VAL D 182 16.35 38.84 30.34
C VAL D 182 16.38 37.43 29.75
N HIS D 183 16.79 36.45 30.56
CA HIS D 183 16.80 35.07 30.11
C HIS D 183 16.02 34.13 31.02
N THR D 184 14.70 34.01 30.77
CA THR D 184 13.83 33.09 31.49
C THR D 184 14.19 31.63 31.16
N PHE D 185 13.98 30.72 32.11
CA PHE D 185 14.40 29.35 31.93
C PHE D 185 13.27 28.34 31.72
N PRO D 186 13.56 27.26 30.97
CA PRO D 186 12.73 26.06 30.89
C PRO D 186 12.41 25.56 32.28
N ALA D 187 11.13 25.30 32.53
CA ALA D 187 10.68 24.88 33.86
C ALA D 187 11.09 23.45 34.17
N VAL D 188 11.05 23.11 35.46
CA VAL D 188 11.45 21.80 35.90
C VAL D 188 10.26 21.12 36.57
N LEU D 189 10.15 19.81 36.39
CA LEU D 189 9.01 19.07 36.88
C LEU D 189 9.42 18.20 38.05
N GLN D 190 8.82 18.46 39.21
CA GLN D 190 9.22 17.80 40.44
C GLN D 190 8.49 16.49 40.65
N SER D 191 8.97 15.67 41.59
CA SER D 191 8.34 14.37 41.84
C SER D 191 6.90 14.56 42.30
N SER D 192 6.60 15.77 42.76
CA SER D 192 5.24 16.17 43.16
C SER D 192 4.32 16.45 41.97
N GLY D 193 4.93 16.63 40.80
CA GLY D 193 4.17 16.92 39.61
C GLY D 193 3.71 18.35 39.61
N LEU D 194 4.63 19.28 39.82
CA LEU D 194 4.36 20.70 39.69
C LEU D 194 5.59 21.39 39.14
N TYR D 195 5.37 22.42 38.34
CA TYR D 195 6.47 23.05 37.63
C TYR D 195 7.04 24.22 38.43
N SER D 196 8.33 24.47 38.25
CA SER D 196 9.02 25.51 38.98
C SER D 196 10.12 26.08 38.11
N LEU D 197 9.94 27.28 37.57
CA LEU D 197 10.99 27.87 36.75
C LEU D 197 11.70 29.03 37.44
N SER D 198 12.69 29.59 36.75
CA SER D 198 13.42 30.75 37.25
C SER D 198 13.73 31.73 36.11
N SER D 199 14.04 32.97 36.45
CA SER D 199 14.25 34.00 35.43
C SER D 199 15.32 35.02 35.84
N VAL D 200 16.47 34.98 35.18
CA VAL D 200 17.54 35.93 35.49
C VAL D 200 17.72 37.02 34.45
N VAL D 201 18.47 38.05 34.83
CA VAL D 201 18.81 39.16 33.95
C VAL D 201 20.17 39.74 34.36
N THR D 202 21.12 39.77 33.43
CA THR D 202 22.37 40.47 33.66
C THR D 202 22.18 41.98 33.43
N VAL D 203 22.85 42.78 34.27
CA VAL D 203 22.62 44.21 34.32
C VAL D 203 23.72 44.86 35.18
N PRO D 204 24.09 46.12 34.89
CA PRO D 204 25.16 46.83 35.60
C PRO D 204 25.10 46.87 37.14
N SER D 205 26.24 46.63 37.80
CA SER D 205 26.31 46.70 39.26
C SER D 205 26.36 48.15 39.74
N SER D 206 26.72 49.04 38.81
CA SER D 206 26.66 50.48 39.06
C SER D 206 25.22 51.00 39.01
N SER D 207 24.29 50.09 38.70
CA SER D 207 22.88 50.40 38.67
C SER D 207 22.17 49.83 39.89
N LEU D 208 22.92 49.10 40.71
CA LEU D 208 22.34 48.51 41.92
C LEU D 208 22.01 49.61 42.93
N GLY D 209 20.99 49.34 43.75
CA GLY D 209 20.58 50.28 44.78
C GLY D 209 19.69 51.40 44.28
N THR D 210 20.16 52.14 43.29
CA THR D 210 19.40 53.25 42.72
C THR D 210 18.25 52.77 41.86
N GLN D 211 18.56 52.00 40.81
CA GLN D 211 17.56 51.50 39.87
C GLN D 211 16.86 50.24 40.39
N THR D 212 15.55 50.34 40.59
CA THR D 212 14.78 49.27 41.22
C THR D 212 14.24 48.25 40.22
N TYR D 213 14.57 46.98 40.45
CA TYR D 213 14.18 45.89 39.55
C TYR D 213 13.03 45.05 40.12
N ILE D 214 11.90 45.04 39.39
CA ILE D 214 10.78 44.16 39.71
C ILE D 214 10.43 43.20 38.56
N CYS D 215 10.12 41.96 38.91
CA CYS D 215 9.70 40.96 37.93
C CYS D 215 8.19 40.76 38.00
N ASN D 216 7.57 40.49 36.85
CA ASN D 216 6.12 40.30 36.80
C ASN D 216 5.77 38.89 36.35
N VAL D 217 5.20 38.11 37.26
CA VAL D 217 4.87 36.72 36.96
C VAL D 217 3.39 36.51 36.66
N ASN D 218 3.12 36.10 35.44
CA ASN D 218 1.76 35.89 34.96
C ASN D 218 1.50 34.39 34.79
N HIS D 219 0.56 33.85 35.55
CA HIS D 219 0.17 32.45 35.39
C HIS D 219 -1.31 32.30 35.05
N LYS D 220 -1.65 32.62 33.81
CA LYS D 220 -3.03 32.62 33.33
C LYS D 220 -3.94 31.45 33.76
N PRO D 221 -3.40 30.22 33.91
CA PRO D 221 -4.35 29.19 34.35
C PRO D 221 -4.81 29.28 35.81
N SER D 222 -4.53 30.39 36.49
CA SER D 222 -4.68 30.44 37.96
C SER D 222 -5.78 31.31 38.63
N ASN D 223 -6.07 32.53 38.14
CA ASN D 223 -5.25 33.27 37.20
C ASN D 223 -4.43 34.22 38.02
N THR D 224 -3.29 33.74 38.55
CA THR D 224 -2.50 34.54 39.46
C THR D 224 -1.58 35.51 38.75
N LYS D 225 -1.59 36.75 39.23
CA LYS D 225 -0.63 37.75 38.82
C LYS D 225 0.20 38.04 40.06
N VAL D 226 1.46 38.39 39.86
CA VAL D 226 2.35 38.70 40.98
C VAL D 226 3.64 39.43 40.56
N ASP D 227 3.88 40.56 41.21
CA ASP D 227 5.14 41.27 41.06
C ASP D 227 5.96 41.08 42.34
N LYS D 228 7.27 40.90 42.18
CA LYS D 228 8.19 40.99 43.31
C LYS D 228 9.37 41.87 42.96
N LYS D 229 10.12 42.25 43.99
CA LYS D 229 11.23 43.18 43.83
C LYS D 229 12.54 42.51 44.18
N VAL D 230 13.62 42.97 43.57
CA VAL D 230 14.93 42.41 43.84
C VAL D 230 15.88 43.50 44.36
N GLU D 231 16.35 43.31 45.59
CA GLU D 231 17.28 44.22 46.24
C GLU D 231 18.47 43.42 46.77
N PRO D 232 19.65 44.05 46.85
CA PRO D 232 20.89 43.47 47.39
C PRO D 232 20.80 43.02 48.85
N LYS E 2 62.39 -38.37 -16.56
CA LYS E 2 63.60 -37.66 -16.94
C LYS E 2 63.27 -36.23 -17.34
N LYS E 3 61.97 -35.94 -17.45
CA LYS E 3 61.52 -34.57 -17.70
C LYS E 3 61.60 -33.74 -16.42
N VAL E 4 62.25 -32.58 -16.51
CA VAL E 4 62.39 -31.69 -15.35
C VAL E 4 61.83 -30.29 -15.63
N VAL E 5 60.98 -29.82 -14.73
CA VAL E 5 60.27 -28.56 -14.91
C VAL E 5 60.50 -27.59 -13.75
N LEU E 6 60.84 -26.35 -14.09
CA LEU E 6 61.15 -25.33 -13.09
C LEU E 6 60.01 -24.33 -12.87
N GLY E 7 59.77 -23.95 -11.63
CA GLY E 7 58.67 -23.06 -11.33
C GLY E 7 58.93 -22.13 -10.16
N LYS E 8 58.68 -20.84 -10.36
CA LYS E 8 58.89 -19.83 -9.32
C LYS E 8 57.91 -20.05 -8.18
N LYS E 9 58.38 -19.85 -6.96
CA LYS E 9 57.52 -19.88 -5.78
C LYS E 9 56.36 -18.92 -5.98
N GLY E 10 55.22 -19.22 -5.39
CA GLY E 10 54.05 -18.34 -5.47
C GLY E 10 53.27 -18.46 -6.75
N ASP E 11 53.93 -18.91 -7.82
CA ASP E 11 53.32 -18.98 -9.14
C ASP E 11 52.36 -20.13 -9.40
N THR E 12 52.10 -20.37 -10.68
CA THR E 12 51.24 -21.45 -11.15
C THR E 12 51.94 -22.23 -12.24
N VAL E 13 51.92 -23.56 -12.14
CA VAL E 13 52.59 -24.41 -13.11
C VAL E 13 51.64 -25.44 -13.74
N GLU E 14 51.87 -25.76 -15.01
CA GLU E 14 51.09 -26.76 -15.72
C GLU E 14 51.97 -27.91 -16.21
N LEU E 15 51.86 -29.05 -15.54
CA LEU E 15 52.57 -30.25 -15.94
C LEU E 15 51.70 -31.02 -16.92
N THR E 16 52.22 -31.35 -18.09
CA THR E 16 51.40 -31.93 -19.15
C THR E 16 51.55 -33.44 -19.35
N CYS E 17 50.41 -34.13 -19.39
CA CYS E 17 50.35 -35.56 -19.67
C CYS E 17 49.44 -35.86 -20.86
N THR E 18 49.91 -36.67 -21.81
CA THR E 18 49.15 -36.94 -23.03
C THR E 18 48.90 -38.39 -23.40
N ALA E 19 47.76 -38.66 -24.04
CA ALA E 19 47.43 -39.99 -24.50
C ALA E 19 47.60 -40.01 -26.02
N SER E 20 47.90 -41.17 -26.58
CA SER E 20 48.15 -41.31 -28.02
C SER E 20 46.93 -40.86 -28.85
N GLN E 21 45.81 -41.54 -28.66
CA GLN E 21 44.54 -41.15 -29.29
C GLN E 21 44.09 -39.83 -28.69
N LYS E 22 43.21 -39.14 -29.40
CA LYS E 22 42.72 -37.83 -28.94
C LYS E 22 41.29 -37.90 -28.40
N LYS E 23 41.10 -38.60 -27.29
CA LYS E 23 39.82 -38.59 -26.61
C LYS E 23 39.98 -38.69 -25.09
N SER E 24 38.98 -38.23 -24.35
CA SER E 24 38.99 -38.33 -22.89
C SER E 24 38.89 -39.79 -22.46
N ILE E 25 39.79 -40.18 -21.55
CA ILE E 25 39.74 -41.48 -20.89
C ILE E 25 40.23 -41.28 -19.48
N GLN E 26 40.20 -42.33 -18.67
CA GLN E 26 40.69 -42.21 -17.29
C GLN E 26 42.18 -41.96 -17.16
N PHE E 27 42.51 -40.91 -16.42
CA PHE E 27 43.90 -40.58 -16.11
C PHE E 27 44.05 -40.37 -14.59
N HIS E 28 45.31 -40.32 -14.15
CA HIS E 28 45.59 -40.03 -12.75
C HIS E 28 46.95 -39.40 -12.52
N TRP E 29 47.00 -38.47 -11.56
CA TRP E 29 48.22 -37.81 -11.09
C TRP E 29 48.48 -38.19 -9.65
N LYS E 30 49.61 -38.86 -9.44
CA LYS E 30 50.09 -39.19 -8.10
C LYS E 30 51.47 -38.60 -7.95
N ASN E 31 51.97 -38.53 -6.71
CA ASN E 31 53.34 -38.05 -6.48
C ASN E 31 54.31 -39.19 -6.21
N SER E 32 55.45 -38.86 -5.60
CA SER E 32 56.49 -39.86 -5.30
C SER E 32 56.03 -40.89 -4.27
N ASN E 33 55.31 -40.44 -3.26
CA ASN E 33 54.85 -41.30 -2.18
C ASN E 33 53.56 -42.03 -2.53
N GLN E 34 53.22 -42.04 -3.82
CA GLN E 34 52.04 -42.72 -4.34
C GLN E 34 50.71 -42.18 -3.83
N ILE E 35 50.72 -40.91 -3.42
CA ILE E 35 49.50 -40.25 -2.95
C ILE E 35 48.70 -39.75 -4.15
N LYS E 36 47.38 -39.92 -4.10
CA LYS E 36 46.56 -39.43 -5.19
C LYS E 36 46.43 -37.91 -5.12
N ILE E 37 47.01 -37.24 -6.12
CA ILE E 37 46.85 -35.80 -6.24
C ILE E 37 45.50 -35.54 -6.87
N LEU E 38 45.34 -35.99 -8.11
CA LEU E 38 44.19 -35.56 -8.91
C LEU E 38 43.87 -36.55 -10.03
N GLY E 39 42.61 -36.57 -10.50
CA GLY E 39 42.27 -37.43 -11.62
C GLY E 39 40.85 -37.22 -12.10
N ASN E 40 40.26 -38.25 -12.71
CA ASN E 40 38.88 -38.15 -13.16
C ASN E 40 38.08 -39.44 -13.00
N GLN E 41 36.77 -39.32 -13.02
CA GLN E 41 35.89 -40.48 -13.03
C GLN E 41 34.86 -40.27 -14.10
N GLY E 42 35.22 -40.57 -15.34
CA GLY E 42 34.33 -40.30 -16.45
C GLY E 42 34.51 -38.87 -16.85
N SER E 43 33.45 -38.08 -16.73
CA SER E 43 33.50 -36.66 -17.11
C SER E 43 33.75 -35.76 -15.91
N PHE E 44 33.84 -36.37 -14.74
CA PHE E 44 33.95 -35.63 -13.50
C PHE E 44 35.39 -35.53 -13.03
N LEU E 45 35.69 -34.56 -12.19
CA LEU E 45 37.04 -34.38 -11.68
C LEU E 45 37.13 -34.94 -10.26
N THR E 46 38.28 -35.54 -9.95
CA THR E 46 38.51 -36.04 -8.60
C THR E 46 39.77 -35.47 -8.00
N LYS E 47 39.70 -35.23 -6.70
CA LYS E 47 40.82 -34.69 -5.97
C LYS E 47 41.20 -35.65 -4.85
N GLY E 48 42.39 -36.21 -4.93
CA GLY E 48 42.88 -37.09 -3.89
C GLY E 48 43.28 -36.29 -2.67
N PRO E 49 43.63 -36.99 -1.56
CA PRO E 49 43.95 -36.32 -0.31
C PRO E 49 45.42 -35.94 -0.19
N SER E 50 46.02 -35.43 -1.27
CA SER E 50 47.38 -34.93 -1.20
C SER E 50 47.35 -33.53 -0.63
N LYS E 51 48.54 -32.98 -0.39
CA LYS E 51 48.69 -31.65 0.18
C LYS E 51 48.28 -30.59 -0.83
N LEU E 52 48.36 -30.93 -2.11
CA LEU E 52 48.13 -29.97 -3.19
C LEU E 52 46.65 -29.77 -3.52
N ASN E 53 45.77 -30.38 -2.72
CA ASN E 53 44.37 -30.47 -3.09
C ASN E 53 43.70 -29.12 -3.27
N ASP E 54 43.94 -28.20 -2.35
CA ASP E 54 43.38 -26.86 -2.49
C ASP E 54 43.92 -26.15 -3.72
N ARG E 55 45.21 -26.31 -3.96
CA ARG E 55 45.89 -25.62 -5.05
C ARG E 55 45.99 -26.43 -6.35
N ALA E 56 45.43 -27.63 -6.37
CA ALA E 56 45.58 -28.50 -7.54
C ALA E 56 44.31 -28.61 -8.37
N ASP E 57 44.45 -28.34 -9.67
CA ASP E 57 43.33 -28.40 -10.61
C ASP E 57 43.80 -28.64 -12.03
N SER E 58 42.87 -29.01 -12.90
CA SER E 58 43.19 -29.32 -14.29
C SER E 58 42.21 -28.59 -15.18
N ARG E 59 42.53 -28.48 -16.47
CA ARG E 59 41.61 -27.84 -17.41
C ARG E 59 40.82 -28.88 -18.21
N ARG E 60 39.59 -29.14 -17.78
CA ARG E 60 38.85 -30.28 -18.33
C ARG E 60 38.44 -30.07 -19.77
N SER E 61 38.41 -28.82 -20.20
CA SER E 61 38.09 -28.50 -21.57
C SER E 61 39.05 -29.16 -22.57
N LEU E 62 40.23 -29.56 -22.06
CA LEU E 62 41.23 -30.21 -22.89
C LEU E 62 41.13 -31.73 -22.89
N TRP E 63 40.47 -32.29 -21.87
CA TRP E 63 40.37 -33.74 -21.73
C TRP E 63 40.01 -34.46 -23.04
N ASP E 64 39.17 -33.83 -23.86
CA ASP E 64 38.65 -34.51 -25.05
C ASP E 64 39.64 -34.60 -26.20
N GLN E 65 40.85 -34.12 -26.00
CA GLN E 65 41.89 -34.28 -27.02
C GLN E 65 43.08 -35.03 -26.43
N GLY E 66 42.84 -35.69 -25.30
CA GLY E 66 43.85 -36.51 -24.67
C GLY E 66 44.84 -35.73 -23.83
N ASN E 67 44.52 -34.48 -23.50
CA ASN E 67 45.40 -33.70 -22.64
C ASN E 67 44.82 -33.54 -21.23
N PHE E 68 45.61 -33.95 -20.24
CA PHE E 68 45.16 -33.95 -18.85
C PHE E 68 46.22 -33.36 -17.95
N PRO E 69 46.30 -32.02 -17.93
CA PRO E 69 47.35 -31.33 -17.18
C PRO E 69 47.10 -31.37 -15.69
N LEU E 70 48.19 -31.24 -14.93
CA LEU E 70 48.10 -30.91 -13.52
C LEU E 70 48.44 -29.44 -13.42
N ILE E 71 47.52 -28.67 -12.81
CA ILE E 71 47.73 -27.23 -12.64
C ILE E 71 47.85 -26.91 -11.16
N ILE E 72 49.02 -26.45 -10.75
CA ILE E 72 49.26 -26.14 -9.34
C ILE E 72 49.45 -24.65 -9.12
N LYS E 73 48.62 -24.07 -8.26
CA LYS E 73 48.65 -22.63 -8.00
C LYS E 73 49.24 -22.31 -6.63
N ASN E 74 49.73 -21.07 -6.50
CA ASN E 74 50.39 -20.58 -5.27
C ASN E 74 51.53 -21.49 -4.82
N LEU E 75 52.37 -21.86 -5.78
CA LEU E 75 53.45 -22.82 -5.56
C LEU E 75 54.28 -22.58 -4.31
N LYS E 76 54.42 -23.63 -3.50
CA LYS E 76 55.33 -23.61 -2.36
C LYS E 76 56.59 -24.37 -2.73
N ILE E 77 57.59 -24.39 -1.86
CA ILE E 77 58.82 -25.12 -2.18
C ILE E 77 58.64 -26.62 -1.90
N GLU E 78 57.80 -26.93 -0.92
CA GLU E 78 57.44 -28.31 -0.62
C GLU E 78 56.92 -29.02 -1.87
N ASP E 79 56.24 -28.27 -2.73
CA ASP E 79 55.68 -28.79 -3.97
C ASP E 79 56.75 -29.32 -4.92
N SER E 80 58.02 -29.23 -4.53
CA SER E 80 59.08 -29.83 -5.31
C SER E 80 59.00 -31.32 -5.12
N ASP E 81 58.98 -32.05 -6.22
CA ASP E 81 58.73 -33.48 -6.17
C ASP E 81 58.82 -34.06 -7.58
N THR E 82 58.77 -35.39 -7.68
CA THR E 82 58.61 -36.03 -8.98
C THR E 82 57.19 -36.57 -9.09
N TYR E 83 56.45 -36.02 -10.05
CA TYR E 83 55.04 -36.35 -10.23
C TYR E 83 54.82 -37.35 -11.36
N ILE E 84 53.87 -38.26 -11.17
CA ILE E 84 53.58 -39.27 -12.17
C ILE E 84 52.15 -39.18 -12.70
N CYS E 85 52.03 -39.43 -14.00
CA CYS E 85 50.77 -39.39 -14.73
C CYS E 85 50.48 -40.74 -15.40
N GLU E 86 49.51 -41.46 -14.84
CA GLU E 86 48.99 -42.72 -15.37
C GLU E 86 47.90 -42.49 -16.41
N VAL E 87 48.13 -42.95 -17.63
CA VAL E 87 47.10 -42.92 -18.68
C VAL E 87 47.33 -44.02 -19.71
N GLU E 88 46.30 -44.79 -20.01
CA GLU E 88 46.39 -45.87 -20.99
C GLU E 88 47.36 -46.96 -20.51
N ASP E 89 47.39 -47.19 -19.20
CA ASP E 89 48.40 -48.06 -18.59
C ASP E 89 49.81 -47.68 -19.05
N GLN E 90 50.16 -46.42 -18.79
CA GLN E 90 51.48 -45.90 -19.07
C GLN E 90 51.86 -45.03 -17.88
N LYS E 91 53.13 -44.69 -17.79
CA LYS E 91 53.61 -43.87 -16.68
C LYS E 91 54.50 -42.73 -17.18
N GLU E 92 54.05 -41.49 -17.00
CA GLU E 92 54.92 -40.35 -17.30
C GLU E 92 55.46 -39.74 -16.01
N GLU E 93 56.77 -39.50 -15.98
CA GLU E 93 57.39 -38.83 -14.84
C GLU E 93 57.77 -37.41 -15.21
N VAL E 94 57.47 -36.49 -14.31
CA VAL E 94 57.81 -35.08 -14.49
C VAL E 94 58.41 -34.60 -13.18
N GLN E 95 59.68 -34.21 -13.20
CA GLN E 95 60.31 -33.74 -11.97
C GLN E 95 60.22 -32.21 -11.83
N LEU E 96 59.58 -31.75 -10.77
CA LEU E 96 59.35 -30.33 -10.58
C LEU E 96 60.18 -29.76 -9.45
N LEU E 97 60.84 -28.63 -9.72
CA LEU E 97 61.60 -27.91 -8.69
C LEU E 97 61.09 -26.49 -8.52
N VAL E 98 60.86 -26.12 -7.27
CA VAL E 98 60.35 -24.78 -6.95
C VAL E 98 61.44 -23.92 -6.28
N PHE E 99 61.80 -22.82 -6.92
CA PHE E 99 62.75 -21.88 -6.35
C PHE E 99 62.08 -20.55 -6.03
N GLY E 100 62.51 -19.93 -4.93
CA GLY E 100 62.12 -18.57 -4.58
C GLY E 100 63.35 -17.68 -4.52
N LEU E 101 63.19 -16.38 -4.75
CA LEU E 101 64.35 -15.48 -4.75
C LEU E 101 63.99 -14.14 -4.15
N THR E 102 64.15 -14.05 -2.83
CA THR E 102 63.70 -12.85 -2.13
C THR E 102 64.88 -12.02 -1.60
N ALA E 103 64.72 -10.71 -1.73
CA ALA E 103 65.67 -9.71 -1.26
C ALA E 103 65.50 -9.38 0.21
N ASN E 104 66.43 -8.60 0.75
CA ASN E 104 66.36 -8.13 2.13
C ASN E 104 65.20 -7.16 2.23
N SER E 105 64.73 -6.89 3.44
CA SER E 105 63.40 -6.32 3.63
C SER E 105 63.22 -5.07 2.79
N ASP E 106 62.08 -5.02 2.13
CA ASP E 106 61.81 -4.04 1.07
C ASP E 106 61.64 -2.60 1.53
N THR E 107 62.03 -1.70 0.64
CA THR E 107 61.89 -0.25 0.83
C THR E 107 63.07 0.36 1.57
N HIS E 108 64.25 -0.22 1.40
CA HIS E 108 65.45 0.26 2.08
C HIS E 108 66.20 1.31 1.27
N LEU E 109 66.44 2.44 1.91
CA LEU E 109 67.13 3.57 1.28
C LEU E 109 68.32 4.04 2.11
N LEU E 110 69.51 3.63 1.69
CA LEU E 110 70.75 4.13 2.27
C LEU E 110 71.88 3.75 1.34
N GLN E 111 72.73 4.72 1.01
CA GLN E 111 73.85 4.49 0.14
C GLN E 111 74.91 3.68 0.85
N GLY E 112 75.64 2.87 0.10
CA GLY E 112 76.75 2.10 0.65
C GLY E 112 76.33 0.86 1.41
N GLN E 113 75.03 0.70 1.63
CA GLN E 113 74.48 -0.50 2.25
C GLN E 113 74.80 -1.70 1.37
N SER E 114 74.58 -2.89 1.90
CA SER E 114 74.71 -4.08 1.08
C SER E 114 73.33 -4.68 0.81
N LEU E 115 73.04 -4.95 -0.46
CA LEU E 115 71.82 -5.66 -0.81
C LEU E 115 72.11 -7.15 -0.76
N THR E 116 71.26 -7.92 -0.11
CA THR E 116 71.49 -9.35 0.02
C THR E 116 70.28 -10.17 -0.43
N LEU E 117 70.28 -10.62 -1.68
CA LEU E 117 69.18 -11.43 -2.18
C LEU E 117 69.48 -12.93 -2.13
N THR E 118 68.50 -13.70 -1.68
CA THR E 118 68.69 -15.12 -1.37
C THR E 118 67.76 -16.03 -2.17
N LEU E 119 68.27 -17.22 -2.49
CA LEU E 119 67.57 -18.19 -3.33
C LEU E 119 67.14 -19.44 -2.57
N GLU E 120 65.89 -19.44 -2.15
CA GLU E 120 65.28 -20.53 -1.41
C GLU E 120 65.02 -21.72 -2.34
N SER E 121 65.70 -22.83 -2.09
CA SER E 121 65.60 -23.99 -2.96
C SER E 121 65.32 -25.26 -2.17
N PRO E 122 64.78 -26.29 -2.84
CA PRO E 122 64.41 -27.54 -2.17
C PRO E 122 65.57 -28.53 -2.10
N PRO E 123 65.50 -29.49 -1.15
CA PRO E 123 66.51 -30.55 -0.99
C PRO E 123 66.81 -31.24 -2.31
N GLY E 124 68.09 -31.35 -2.67
CA GLY E 124 68.49 -32.06 -3.87
C GLY E 124 68.68 -31.18 -5.09
N SER E 125 68.40 -29.88 -4.91
CA SER E 125 68.58 -28.93 -5.99
C SER E 125 70.02 -28.41 -6.11
N SER E 126 70.47 -28.25 -7.36
CA SER E 126 71.86 -27.85 -7.65
C SER E 126 72.00 -26.43 -8.25
N PRO E 127 71.48 -25.41 -7.53
CA PRO E 127 71.23 -24.12 -8.17
C PRO E 127 72.44 -23.20 -8.35
N SER E 128 72.56 -22.62 -9.54
CA SER E 128 73.57 -21.59 -9.80
C SER E 128 72.87 -20.28 -10.13
N VAL E 129 73.15 -19.22 -9.37
CA VAL E 129 72.43 -17.96 -9.60
C VAL E 129 73.24 -16.94 -10.41
N GLN E 130 72.55 -16.19 -11.27
CA GLN E 130 73.18 -15.09 -11.99
C GLN E 130 72.32 -13.84 -12.08
N CYS E 131 72.78 -12.74 -11.48
CA CYS E 131 72.00 -11.51 -11.55
C CYS E 131 72.48 -10.50 -12.60
N ARG E 132 71.50 -9.86 -13.23
CA ARG E 132 71.78 -8.73 -14.12
C ARG E 132 71.19 -7.44 -13.55
N SER E 133 72.07 -6.46 -13.36
CA SER E 133 71.69 -5.17 -12.78
C SER E 133 71.00 -4.27 -13.81
N PRO E 134 70.25 -3.26 -13.33
CA PRO E 134 69.68 -2.24 -14.22
C PRO E 134 70.74 -1.63 -15.13
N ARG E 135 71.92 -1.39 -14.57
CA ARG E 135 73.06 -0.85 -15.33
C ARG E 135 73.54 -1.84 -16.40
N GLY E 136 73.52 -3.13 -16.07
CA GLY E 136 73.93 -4.16 -17.00
C GLY E 136 75.08 -5.01 -16.50
N LYS E 137 75.48 -4.78 -15.25
CA LYS E 137 76.59 -5.52 -14.63
C LYS E 137 76.17 -6.95 -14.32
N ASN E 138 77.08 -7.91 -14.51
CA ASN E 138 76.77 -9.34 -14.33
C ASN E 138 77.38 -9.96 -13.08
N ILE E 139 76.54 -10.54 -12.23
CA ILE E 139 77.02 -11.17 -11.01
C ILE E 139 76.75 -12.67 -11.02
N GLN E 140 77.72 -13.47 -10.61
CA GLN E 140 77.57 -14.92 -10.47
C GLN E 140 77.44 -15.25 -8.98
N GLY E 141 76.87 -16.41 -8.64
CA GLY E 141 76.86 -16.82 -7.25
C GLY E 141 76.22 -18.15 -6.89
N GLY E 142 76.48 -18.57 -5.65
CA GLY E 142 75.88 -19.78 -5.09
C GLY E 142 74.47 -19.53 -4.57
N LYS E 143 74.15 -20.12 -3.42
CA LYS E 143 72.79 -20.06 -2.87
C LYS E 143 72.33 -18.63 -2.57
N THR E 144 73.26 -17.69 -2.59
CA THR E 144 72.97 -16.32 -2.20
C THR E 144 73.86 -15.31 -2.94
N LEU E 145 73.36 -14.10 -3.14
CA LEU E 145 74.14 -13.03 -3.76
C LEU E 145 74.01 -11.71 -3.02
N SER E 146 75.05 -10.89 -3.08
CA SER E 146 75.04 -9.59 -2.41
C SER E 146 75.85 -8.51 -3.11
N VAL E 147 75.26 -7.32 -3.23
CA VAL E 147 75.98 -6.18 -3.79
C VAL E 147 76.42 -5.16 -2.73
N SER E 148 77.66 -4.70 -2.89
CA SER E 148 78.38 -3.94 -1.88
C SER E 148 78.07 -2.44 -1.88
N GLN E 149 78.43 -1.76 -2.97
CA GLN E 149 78.21 -0.31 -3.08
C GLN E 149 76.79 0.01 -3.51
N LEU E 150 75.92 0.23 -2.53
CA LEU E 150 74.56 0.60 -2.85
C LEU E 150 74.66 1.93 -3.57
N GLU E 151 73.96 2.05 -4.67
CA GLU E 151 74.01 3.25 -5.48
C GLU E 151 72.63 3.55 -6.00
N LEU E 152 72.39 4.81 -6.32
CA LEU E 152 71.11 5.20 -6.89
C LEU E 152 70.94 4.48 -8.21
N GLN E 153 72.03 4.34 -8.96
CA GLN E 153 71.92 3.81 -10.32
C GLN E 153 71.49 2.35 -10.27
N ASP E 154 71.64 1.75 -9.09
CA ASP E 154 71.24 0.36 -8.87
C ASP E 154 69.73 0.25 -8.73
N SER E 155 69.09 1.31 -8.25
CA SER E 155 67.64 1.35 -8.09
C SER E 155 66.94 1.12 -9.42
N GLY E 156 66.13 0.06 -9.49
CA GLY E 156 65.48 -0.29 -10.72
C GLY E 156 65.01 -1.74 -10.73
N THR E 157 65.10 -2.39 -11.88
CA THR E 157 64.65 -3.78 -12.01
C THR E 157 65.81 -4.74 -12.29
N TRP E 158 65.99 -5.71 -11.39
CA TRP E 158 67.06 -6.68 -11.50
C TRP E 158 66.55 -7.98 -12.12
N THR E 159 67.41 -8.64 -12.90
CA THR E 159 67.03 -9.85 -13.60
C THR E 159 67.92 -11.04 -13.22
N CYS E 160 67.45 -11.81 -12.24
CA CYS E 160 68.17 -12.98 -11.76
C CYS E 160 67.75 -14.24 -12.50
N THR E 161 68.71 -14.94 -13.06
CA THR E 161 68.46 -16.18 -13.75
C THR E 161 68.97 -17.36 -12.91
N VAL E 162 68.07 -18.27 -12.57
CA VAL E 162 68.43 -19.48 -11.82
C VAL E 162 68.68 -20.63 -12.78
N LEU E 163 69.80 -21.32 -12.58
CA LEU E 163 70.14 -22.49 -13.36
C LEU E 163 70.07 -23.77 -12.54
N GLN E 164 69.40 -24.76 -13.11
CA GLN E 164 69.31 -26.11 -12.57
C GLN E 164 69.04 -27.08 -13.71
N ASN E 165 69.81 -28.17 -13.77
CA ASN E 165 69.60 -29.23 -14.76
C ASN E 165 69.60 -28.73 -16.20
N GLN E 166 70.51 -27.80 -16.52
CA GLN E 166 70.58 -27.19 -17.84
C GLN E 166 69.25 -26.57 -18.26
N LYS E 167 68.45 -26.18 -17.26
CA LYS E 167 67.18 -25.50 -17.47
C LYS E 167 67.27 -24.18 -16.73
N LYS E 168 66.61 -23.15 -17.28
CA LYS E 168 66.65 -21.82 -16.69
C LYS E 168 65.29 -21.43 -16.11
N VAL E 169 65.30 -20.56 -15.10
CA VAL E 169 64.06 -19.92 -14.68
C VAL E 169 64.38 -18.46 -14.34
N GLU E 170 63.48 -17.55 -14.67
CA GLU E 170 63.77 -16.13 -14.49
C GLU E 170 62.99 -15.47 -13.35
N PHE E 171 63.69 -14.61 -12.62
CA PHE E 171 63.11 -13.82 -11.55
C PHE E 171 63.41 -12.37 -11.83
N LYS E 172 62.41 -11.50 -11.75
CA LYS E 172 62.66 -10.07 -11.86
C LYS E 172 62.22 -9.42 -10.57
N ILE E 173 63.11 -8.64 -9.94
CA ILE E 173 62.76 -7.99 -8.68
C ILE E 173 63.00 -6.48 -8.72
N ASP E 174 62.00 -5.74 -8.26
CA ASP E 174 62.08 -4.28 -8.17
C ASP E 174 62.80 -3.89 -6.90
N ILE E 175 63.76 -2.98 -7.02
CA ILE E 175 64.49 -2.51 -5.85
C ILE E 175 64.75 -0.98 -5.81
N VAL E 176 64.64 -0.42 -4.61
CA VAL E 176 64.77 1.01 -4.36
C VAL E 176 66.20 1.38 -3.95
N TYR F 2 -9.14 -0.75 13.45
CA TYR F 2 -9.55 -2.12 13.74
C TYR F 2 -11.03 -2.17 14.09
N VAL F 3 -11.43 -3.20 14.83
CA VAL F 3 -12.80 -3.34 15.31
C VAL F 3 -13.89 -3.19 14.25
N SER F 4 -13.67 -3.77 13.08
CA SER F 4 -14.72 -3.82 12.06
C SER F 4 -15.94 -4.54 12.61
N PRO F 5 -17.13 -4.11 12.21
CA PRO F 5 -18.36 -4.66 12.76
C PRO F 5 -18.86 -5.86 12.02
N LEU F 6 -19.68 -6.64 12.72
CA LEU F 6 -20.30 -7.82 12.16
C LEU F 6 -21.48 -8.16 13.02
N SER F 7 -22.67 -8.22 12.45
CA SER F 7 -23.83 -8.58 13.24
C SER F 7 -24.47 -9.86 12.71
N VAL F 8 -24.81 -10.76 13.62
CA VAL F 8 -25.48 -11.98 13.23
C VAL F 8 -26.79 -12.12 14.01
N ALA F 9 -27.82 -12.69 13.38
CA ALA F 9 -29.10 -12.86 14.04
C ALA F 9 -29.01 -13.93 15.13
N LEU F 10 -29.92 -13.84 16.09
CA LEU F 10 -29.83 -14.66 17.29
C LEU F 10 -30.16 -16.10 16.96
N GLY F 11 -29.45 -17.02 17.61
CA GLY F 11 -29.70 -18.43 17.41
C GLY F 11 -29.11 -19.03 16.14
N GLU F 12 -28.60 -18.20 15.23
CA GLU F 12 -27.95 -18.75 14.05
C GLU F 12 -26.43 -18.57 14.06
N THR F 13 -25.78 -18.95 12.96
CA THR F 13 -24.33 -19.06 12.92
C THR F 13 -23.62 -17.78 12.47
N ALA F 14 -22.56 -17.41 13.20
CA ALA F 14 -21.70 -16.31 12.81
C ALA F 14 -20.35 -16.87 12.34
N ARG F 15 -19.78 -16.28 11.29
CA ARG F 15 -18.55 -16.77 10.66
C ARG F 15 -17.49 -15.66 10.52
N ILE F 16 -16.50 -15.66 11.41
CA ILE F 16 -15.50 -14.59 11.48
C ILE F 16 -14.13 -15.06 11.00
N SER F 17 -13.48 -14.26 10.14
CA SER F 17 -12.26 -14.73 9.47
C SER F 17 -11.07 -13.85 9.79
N CYS F 18 -9.93 -14.49 9.99
CA CYS F 18 -8.69 -13.86 10.45
C CYS F 18 -8.37 -12.45 9.94
N GLY F 19 -8.60 -12.16 8.68
CA GLY F 19 -8.19 -10.87 8.16
C GLY F 19 -6.68 -10.69 8.07
N ARG F 20 -5.93 -11.69 8.52
CA ARG F 20 -4.52 -11.85 8.21
C ARG F 20 -4.33 -13.28 7.73
N GLN F 21 -4.17 -13.48 6.43
CA GLN F 21 -3.97 -14.83 5.91
C GLN F 21 -2.54 -15.34 6.16
N ALA F 22 -2.40 -16.66 6.28
CA ALA F 22 -1.15 -17.25 6.73
C ALA F 22 -0.23 -17.73 5.61
N LEU F 23 1.02 -17.31 5.66
CA LEU F 23 2.02 -17.72 4.68
C LEU F 23 2.67 -19.02 5.14
N GLY F 24 2.06 -20.16 4.87
CA GLY F 24 2.64 -21.40 5.37
C GLY F 24 1.95 -21.87 6.62
N SER F 25 2.45 -22.95 7.21
CA SER F 25 1.68 -23.63 8.26
C SER F 25 1.47 -22.76 9.49
N ARG F 26 0.25 -22.76 9.99
CA ARG F 26 -0.18 -21.78 10.96
C ARG F 26 -0.63 -22.41 12.26
N ALA F 27 -0.33 -21.75 13.37
CA ALA F 27 -0.99 -22.04 14.63
C ALA F 27 -1.83 -20.81 14.97
N VAL F 28 -3.15 -20.96 14.96
CA VAL F 28 -4.04 -19.82 15.17
C VAL F 28 -4.65 -19.82 16.58
N GLN F 29 -4.81 -18.65 17.17
CA GLN F 29 -5.58 -18.54 18.41
C GLN F 29 -6.71 -17.55 18.25
N TRP F 30 -7.92 -17.94 18.65
CA TRP F 30 -9.01 -16.99 18.70
C TRP F 30 -9.30 -16.63 20.16
N TYR F 31 -9.27 -15.34 20.44
CA TYR F 31 -9.58 -14.81 21.77
C TYR F 31 -10.89 -14.04 21.77
N GLN F 32 -11.65 -14.15 22.85
CA GLN F 32 -12.83 -13.31 23.05
C GLN F 32 -12.55 -12.22 24.07
N HIS F 33 -13.15 -11.05 23.87
CA HIS F 33 -12.93 -9.94 24.80
C HIS F 33 -14.12 -8.99 24.89
N LYS F 34 -14.66 -8.85 26.10
CA LYS F 34 -15.65 -7.82 26.39
C LYS F 34 -14.96 -6.68 27.14
N PRO F 35 -14.73 -5.54 26.45
CA PRO F 35 -13.97 -4.43 27.08
C PRO F 35 -14.53 -4.09 28.46
N GLY F 36 -13.67 -4.20 29.47
CA GLY F 36 -14.09 -4.08 30.85
C GLY F 36 -13.53 -5.23 31.66
N GLN F 37 -13.62 -6.43 31.09
CA GLN F 37 -13.10 -7.63 31.75
C GLN F 37 -12.01 -8.35 30.92
N ALA F 38 -11.54 -9.48 31.43
CA ALA F 38 -10.44 -10.20 30.82
C ALA F 38 -10.81 -10.96 29.54
N PRO F 39 -9.85 -11.07 28.61
CA PRO F 39 -9.92 -11.95 27.44
C PRO F 39 -10.10 -13.42 27.80
N ILE F 40 -10.94 -14.09 27.02
CA ILE F 40 -11.09 -15.53 27.11
C ILE F 40 -10.42 -16.13 25.89
N LEU F 41 -9.65 -17.18 26.08
CA LEU F 41 -9.08 -17.91 24.95
C LEU F 41 -10.09 -18.92 24.41
N LEU F 42 -10.74 -18.58 23.29
CA LEU F 42 -11.74 -19.47 22.69
C LEU F 42 -11.11 -20.68 22.04
N ILE F 43 -10.08 -20.45 21.23
CA ILE F 43 -9.51 -21.51 20.41
C ILE F 43 -8.00 -21.37 20.33
N TYR F 44 -7.28 -22.47 20.44
CA TYR F 44 -5.83 -22.43 20.37
C TYR F 44 -5.30 -23.56 19.50
N ASN F 45 -4.11 -23.39 18.94
CA ASN F 45 -3.57 -24.40 18.07
C ASN F 45 -4.56 -24.68 16.95
N ASN F 46 -5.08 -23.62 16.33
CA ASN F 46 -6.13 -23.82 15.35
C ASN F 46 -7.39 -24.34 16.05
N GLN F 47 -7.81 -25.55 15.72
CA GLN F 47 -9.05 -26.10 16.24
C GLN F 47 -9.17 -26.26 17.76
N ASP F 48 -8.10 -26.66 18.44
CA ASP F 48 -8.20 -27.13 19.83
C ASP F 48 -8.92 -26.13 20.76
N ARG F 49 -9.65 -26.66 21.73
CA ARG F 49 -10.51 -25.89 22.61
C ARG F 49 -10.13 -26.09 24.07
N PRO F 50 -9.97 -25.00 24.83
CA PRO F 50 -9.71 -25.15 26.26
C PRO F 50 -10.97 -25.49 27.05
N SER F 51 -10.80 -25.95 28.29
CA SER F 51 -11.95 -26.31 29.12
C SER F 51 -12.83 -25.11 29.41
N GLY F 52 -14.09 -25.20 29.02
CA GLY F 52 -15.03 -24.11 29.24
C GLY F 52 -15.74 -23.64 27.99
N ILE F 53 -14.98 -23.52 26.91
CA ILE F 53 -15.53 -23.09 25.65
C ILE F 53 -16.44 -24.20 25.14
N PRO F 54 -17.67 -23.86 24.75
CA PRO F 54 -18.64 -24.87 24.29
C PRO F 54 -18.25 -25.50 22.95
N GLU F 55 -19.10 -26.40 22.46
CA GLU F 55 -18.89 -27.00 21.16
C GLU F 55 -19.39 -26.04 20.07
N ARG F 56 -20.05 -24.98 20.49
CA ARG F 56 -20.61 -24.00 19.56
C ARG F 56 -19.51 -23.20 18.86
N PHE F 57 -18.35 -23.15 19.51
CA PHE F 57 -17.18 -22.49 18.96
C PHE F 57 -16.27 -23.49 18.26
N SER F 58 -15.75 -23.10 17.11
CA SER F 58 -14.79 -23.95 16.41
C SER F 58 -13.91 -23.13 15.49
N GLY F 59 -12.68 -23.58 15.30
CA GLY F 59 -11.78 -22.98 14.34
C GLY F 59 -11.54 -23.94 13.19
N THR F 60 -11.20 -23.42 12.02
CA THR F 60 -10.85 -24.29 10.89
C THR F 60 -9.43 -24.79 11.08
N PRO F 61 -9.20 -26.09 10.83
CA PRO F 61 -7.86 -26.61 11.07
C PRO F 61 -6.95 -26.21 9.93
N ASP F 62 -5.76 -26.79 9.91
CA ASP F 62 -4.77 -26.43 8.92
C ASP F 62 -4.30 -27.67 8.17
N ILE F 63 -5.25 -28.48 7.75
CA ILE F 63 -4.95 -29.76 7.13
C ILE F 63 -4.60 -29.59 5.66
N ASN F 64 -5.45 -28.86 4.94
CA ASN F 64 -5.23 -28.62 3.52
C ASN F 64 -4.67 -27.23 3.27
N PHE F 65 -3.80 -27.12 2.27
CA PHE F 65 -3.10 -25.86 2.00
C PHE F 65 -4.00 -24.72 1.51
N GLY F 66 -3.75 -23.53 2.05
CA GLY F 66 -4.41 -22.31 1.58
C GLY F 66 -5.81 -22.11 2.11
N THR F 67 -6.19 -22.88 3.13
CA THR F 67 -7.50 -22.75 3.75
C THR F 67 -7.57 -21.52 4.66
N THR F 68 -8.66 -20.77 4.56
CA THR F 68 -8.87 -19.58 5.38
C THR F 68 -9.04 -19.93 6.87
N ALA F 69 -8.42 -19.15 7.74
CA ALA F 69 -8.59 -19.30 9.17
C ALA F 69 -9.88 -18.62 9.63
N THR F 70 -10.86 -19.41 10.06
CA THR F 70 -12.18 -18.87 10.37
C THR F 70 -12.87 -19.43 11.60
N LEU F 71 -13.04 -18.58 12.61
CA LEU F 71 -13.81 -18.90 13.81
C LEU F 71 -15.29 -18.90 13.52
N THR F 72 -15.90 -20.07 13.73
CA THR F 72 -17.34 -20.24 13.57
C THR F 72 -18.02 -20.39 14.91
N ILE F 73 -19.09 -19.63 15.10
CA ILE F 73 -19.96 -19.74 16.27
C ILE F 73 -21.34 -20.14 15.79
N SER F 74 -21.90 -21.18 16.41
CA SER F 74 -23.17 -21.73 15.97
C SER F 74 -24.24 -21.52 17.04
N GLY F 75 -25.46 -21.23 16.61
CA GLY F 75 -26.52 -20.96 17.55
C GLY F 75 -26.12 -19.85 18.50
N VAL F 76 -25.68 -18.73 17.93
CA VAL F 76 -25.12 -17.66 18.73
C VAL F 76 -26.10 -17.17 19.79
N GLU F 77 -25.55 -16.95 20.97
CA GLU F 77 -26.28 -16.53 22.18
C GLU F 77 -26.07 -15.03 22.42
N VAL F 78 -26.91 -14.43 23.25
CA VAL F 78 -26.90 -12.97 23.40
C VAL F 78 -25.66 -12.48 24.13
N GLY F 79 -25.02 -13.40 24.85
CA GLY F 79 -23.84 -13.07 25.61
C GLY F 79 -22.58 -13.37 24.81
N ASP F 80 -22.74 -13.38 23.49
CA ASP F 80 -21.62 -13.62 22.60
C ASP F 80 -21.20 -12.34 21.93
N GLU F 81 -22.00 -11.30 22.09
CA GLU F 81 -21.57 -9.95 21.73
C GLU F 81 -20.24 -9.66 22.40
N ALA F 82 -19.22 -9.39 21.60
CA ALA F 82 -17.85 -9.22 22.09
C ALA F 82 -16.92 -8.88 20.93
N ASP F 83 -15.67 -8.54 21.25
CA ASP F 83 -14.64 -8.39 20.24
C ASP F 83 -13.91 -9.72 20.11
N TYR F 84 -13.69 -10.18 18.88
CA TYR F 84 -12.92 -11.41 18.67
C TYR F 84 -11.59 -11.13 17.98
N TYR F 85 -10.53 -11.63 18.59
CA TYR F 85 -9.19 -11.43 18.08
C TYR F 85 -8.65 -12.71 17.45
N CYS F 86 -8.16 -12.58 16.22
CA CYS F 86 -7.43 -13.68 15.63
C CYS F 86 -5.96 -13.39 15.80
N HIS F 87 -5.30 -14.22 16.60
CA HIS F 87 -3.86 -14.20 16.81
C HIS F 87 -3.17 -15.20 15.87
N MET F 88 -2.59 -14.66 14.81
CA MET F 88 -2.03 -15.42 13.72
C MET F 88 -0.55 -15.66 13.94
N TRP F 89 -0.19 -16.92 14.12
CA TRP F 89 1.21 -17.30 14.00
C TRP F 89 1.26 -18.28 12.85
N ASP F 90 2.08 -18.00 11.85
CA ASP F 90 2.36 -19.00 10.81
C ASP F 90 3.83 -19.32 10.90
N SER F 91 4.42 -19.82 9.83
CA SER F 91 5.80 -20.28 9.90
C SER F 91 6.77 -19.41 9.14
N ARG F 92 6.30 -18.27 8.63
CA ARG F 92 7.14 -17.43 7.79
C ARG F 92 7.00 -15.95 8.08
N SER F 93 6.29 -15.61 9.14
CA SER F 93 6.01 -14.22 9.41
C SER F 93 6.66 -13.76 10.70
N GLY F 94 7.56 -14.59 11.24
CA GLY F 94 8.24 -14.25 12.46
C GLY F 94 7.34 -14.24 13.67
N PHE F 95 7.82 -13.64 14.75
CA PHE F 95 7.12 -13.65 16.04
C PHE F 95 5.89 -12.75 15.99
N SER F 96 4.79 -13.22 16.54
CA SER F 96 3.51 -12.55 16.33
C SER F 96 3.13 -11.62 17.48
N TRP F 97 3.64 -10.39 17.42
CA TRP F 97 3.47 -9.47 18.55
C TRP F 97 2.09 -8.86 18.64
N SER F 98 1.28 -9.05 17.61
CA SER F 98 0.01 -8.36 17.55
C SER F 98 -1.16 -9.32 17.46
N PHE F 99 -2.21 -9.03 18.23
CA PHE F 99 -3.46 -9.77 18.13
C PHE F 99 -4.30 -9.28 16.94
N GLY F 100 -3.70 -8.40 16.14
CA GLY F 100 -4.39 -7.82 15.00
C GLY F 100 -5.61 -7.02 15.41
N GLY F 101 -6.45 -6.70 14.43
CA GLY F 101 -7.70 -6.02 14.72
C GLY F 101 -8.69 -6.99 15.32
N ALA F 102 -9.87 -6.48 15.66
CA ALA F 102 -10.88 -7.30 16.31
C ALA F 102 -12.22 -7.20 15.60
N THR F 103 -13.01 -8.28 15.64
CA THR F 103 -14.35 -8.23 15.06
C THR F 103 -15.38 -7.98 16.16
N ARG F 104 -16.18 -6.93 16.01
CA ARG F 104 -17.14 -6.55 17.05
C ARG F 104 -18.53 -7.12 16.78
N LEU F 105 -18.79 -8.30 17.34
CA LEU F 105 -20.03 -9.02 17.09
C LEU F 105 -21.24 -8.37 17.78
N THR F 106 -22.29 -8.10 17.01
CA THR F 106 -23.54 -7.55 17.56
C THR F 106 -24.72 -8.53 17.39
N VAL F 107 -25.05 -9.26 18.44
CA VAL F 107 -26.17 -10.21 18.37
C VAL F 107 -27.51 -9.49 18.16
N LEU F 108 -28.32 -10.04 17.26
CA LEU F 108 -29.59 -9.44 16.85
C LEU F 108 -30.81 -10.36 16.98
N SER F 109 -31.92 -9.86 17.50
CA SER F 109 -31.97 -8.66 18.31
C SER F 109 -32.79 -9.26 19.47
N GLN F 110 -32.28 -9.03 20.68
CA GLN F 110 -32.74 -9.71 21.89
C GLN F 110 -34.22 -9.46 22.17
N PRO F 111 -34.83 -10.26 23.06
CA PRO F 111 -36.22 -9.96 23.41
C PRO F 111 -36.24 -8.65 24.16
N LYS F 112 -37.22 -7.79 23.88
CA LYS F 112 -37.37 -6.55 24.63
C LYS F 112 -37.54 -6.85 26.12
N ALA F 113 -37.19 -5.89 26.97
CA ALA F 113 -37.42 -6.01 28.40
C ALA F 113 -37.65 -4.62 28.96
N ALA F 114 -38.71 -4.48 29.76
CA ALA F 114 -39.11 -3.20 30.35
C ALA F 114 -38.29 -2.90 31.61
N PRO F 115 -38.02 -1.61 31.86
CA PRO F 115 -37.06 -1.20 32.89
C PRO F 115 -37.56 -1.29 34.33
N SER F 116 -36.92 -2.09 35.17
CA SER F 116 -37.30 -2.21 36.58
C SER F 116 -36.65 -1.10 37.45
N VAL F 117 -37.47 -0.11 37.84
CA VAL F 117 -36.98 1.10 38.50
C VAL F 117 -37.13 1.09 40.03
N THR F 118 -36.15 1.70 40.71
CA THR F 118 -36.17 1.86 42.15
C THR F 118 -35.59 3.23 42.57
N LEU F 119 -36.36 3.99 43.34
CA LEU F 119 -35.97 5.36 43.71
C LEU F 119 -35.86 5.56 45.22
N PHE F 120 -34.68 5.97 45.68
CA PHE F 120 -34.44 6.24 47.09
C PHE F 120 -34.55 7.73 47.40
N PRO F 121 -34.90 8.06 48.66
CA PRO F 121 -34.92 9.44 49.14
C PRO F 121 -33.60 9.76 49.86
N PRO F 122 -33.26 11.06 49.98
CA PRO F 122 -32.00 11.52 50.59
C PRO F 122 -31.87 11.05 52.02
N SER F 123 -30.82 10.28 52.32
CA SER F 123 -30.67 9.71 53.66
C SER F 123 -30.43 10.76 54.74
N SER F 124 -30.58 10.34 55.99
CA SER F 124 -30.47 11.22 57.13
C SER F 124 -29.04 11.71 57.35
N GLU F 125 -28.08 10.79 57.37
CA GLU F 125 -26.68 11.16 57.59
C GLU F 125 -26.22 12.17 56.55
N GLU F 126 -26.63 11.94 55.30
CA GLU F 126 -26.29 12.83 54.19
C GLU F 126 -26.86 14.21 54.41
N LEU F 127 -28.10 14.27 54.89
CA LEU F 127 -28.78 15.53 55.14
C LEU F 127 -28.09 16.28 56.27
N GLN F 128 -27.46 15.53 57.17
CA GLN F 128 -26.76 16.12 58.32
C GLN F 128 -25.52 16.90 57.89
N ALA F 129 -24.76 16.34 56.95
CA ALA F 129 -23.59 17.02 56.40
C ALA F 129 -24.00 18.05 55.35
N ASN F 130 -25.28 18.41 55.35
CA ASN F 130 -25.83 19.46 54.48
C ASN F 130 -25.77 19.15 52.99
N LYS F 131 -26.13 17.91 52.61
CA LYS F 131 -26.18 17.51 51.21
C LYS F 131 -27.41 16.66 50.97
N ALA F 132 -28.02 16.77 49.80
CA ALA F 132 -29.22 15.99 49.49
C ALA F 132 -29.22 15.48 48.06
N THR F 133 -29.14 14.17 47.91
CA THR F 133 -29.21 13.57 46.59
C THR F 133 -30.26 12.47 46.52
N LEU F 134 -31.17 12.61 45.55
CA LEU F 134 -32.16 11.59 45.26
C LEU F 134 -31.54 10.65 44.24
N VAL F 135 -31.83 9.36 44.35
CA VAL F 135 -31.20 8.36 43.50
C VAL F 135 -32.22 7.55 42.74
N CYS F 136 -32.17 7.62 41.42
CA CYS F 136 -33.05 6.81 40.60
C CYS F 136 -32.26 5.70 39.94
N LEU F 137 -32.64 4.45 40.20
CA LEU F 137 -31.94 3.31 39.63
C LEU F 137 -32.79 2.53 38.66
N ILE F 138 -32.41 2.55 37.39
CA ILE F 138 -33.10 1.80 36.36
C ILE F 138 -32.32 0.51 36.08
N SER F 139 -33.01 -0.60 35.82
CA SER F 139 -32.30 -1.84 35.47
C SER F 139 -33.14 -2.85 34.67
N ASP F 140 -32.47 -3.91 34.21
CA ASP F 140 -33.10 -4.99 33.44
C ASP F 140 -33.89 -4.52 32.20
N PHE F 141 -33.27 -3.74 31.33
CA PHE F 141 -33.92 -3.29 30.12
C PHE F 141 -33.07 -3.48 28.87
N TYR F 142 -33.74 -3.73 27.75
CA TYR F 142 -33.10 -3.79 26.45
C TYR F 142 -34.12 -3.33 25.43
N PRO F 143 -33.72 -2.46 24.49
CA PRO F 143 -32.39 -1.88 24.25
C PRO F 143 -31.88 -0.94 25.35
N GLY F 144 -30.63 -0.50 25.24
CA GLY F 144 -30.04 0.43 26.18
C GLY F 144 -30.31 1.88 25.82
N ALA F 145 -31.54 2.16 25.43
CA ALA F 145 -31.96 3.54 25.20
C ALA F 145 -33.04 3.86 26.22
N VAL F 146 -32.78 4.88 27.04
CA VAL F 146 -33.71 5.23 28.09
C VAL F 146 -33.66 6.74 28.37
N THR F 147 -34.83 7.34 28.53
CA THR F 147 -34.91 8.75 28.87
C THR F 147 -35.29 8.89 30.34
N VAL F 148 -34.87 9.99 30.96
CA VAL F 148 -35.14 10.21 32.37
C VAL F 148 -35.49 11.67 32.61
N ALA F 149 -36.59 11.91 33.32
CA ALA F 149 -37.06 13.27 33.61
C ALA F 149 -37.46 13.41 35.07
N TRP F 150 -36.98 14.46 35.71
CA TRP F 150 -37.31 14.72 37.11
C TRP F 150 -38.31 15.86 37.25
N LYS F 151 -39.20 15.74 38.21
CA LYS F 151 -40.20 16.76 38.45
C LYS F 151 -40.25 17.14 39.92
N ALA F 152 -40.39 18.43 40.18
CA ALA F 152 -40.67 18.90 41.52
C ALA F 152 -42.14 19.25 41.48
N ASP F 153 -42.94 18.55 42.28
CA ASP F 153 -44.38 18.73 42.19
C ASP F 153 -44.78 18.41 40.76
N SER F 154 -45.51 19.32 40.11
CA SER F 154 -45.93 19.15 38.73
C SER F 154 -44.98 19.82 37.73
N SER F 155 -43.90 20.40 38.22
CA SER F 155 -43.00 21.20 37.39
C SER F 155 -41.64 20.54 37.15
N PRO F 156 -41.19 20.53 35.90
CA PRO F 156 -39.93 19.88 35.54
C PRO F 156 -38.80 20.54 36.29
N VAL F 157 -37.92 19.74 36.89
CA VAL F 157 -36.76 20.23 37.62
C VAL F 157 -35.99 21.33 36.88
N LYS F 158 -35.51 22.33 37.61
CA LYS F 158 -34.82 23.45 37.00
C LYS F 158 -33.34 23.13 36.76
N ALA F 159 -32.74 22.35 37.66
CA ALA F 159 -31.34 21.96 37.51
C ALA F 159 -30.92 20.79 38.41
N GLY F 160 -29.65 20.42 38.31
CA GLY F 160 -29.07 19.45 39.22
C GLY F 160 -29.13 18.01 38.79
N VAL F 161 -29.69 17.75 37.61
CA VAL F 161 -29.77 16.37 37.12
C VAL F 161 -28.45 15.87 36.55
N GLU F 162 -28.06 14.66 36.94
CA GLU F 162 -26.92 14.01 36.32
C GLU F 162 -27.18 12.51 36.09
N THR F 163 -27.98 12.24 35.06
CA THR F 163 -28.29 10.91 34.58
C THR F 163 -27.11 10.22 33.92
N THR F 164 -26.92 8.94 34.23
CA THR F 164 -25.89 8.15 33.56
C THR F 164 -26.17 7.78 32.11
N THR F 165 -25.32 6.90 31.59
CA THR F 165 -25.39 6.50 30.20
C THR F 165 -25.49 4.97 30.20
N PRO F 166 -26.63 4.45 29.71
CA PRO F 166 -27.04 3.04 29.70
C PRO F 166 -25.90 2.06 29.49
N SER F 167 -25.73 1.12 30.42
CA SER F 167 -24.64 0.19 30.38
C SER F 167 -25.00 -1.28 30.54
N LYS F 168 -24.69 -2.07 29.52
CA LYS F 168 -24.92 -3.52 29.52
C LYS F 168 -24.41 -4.12 30.84
N GLN F 169 -25.29 -4.85 31.53
CA GLN F 169 -24.96 -5.50 32.79
C GLN F 169 -24.56 -6.96 32.55
N SER F 170 -24.37 -7.70 33.64
CA SER F 170 -23.93 -9.09 33.56
C SER F 170 -25.08 -10.00 33.12
N ASN F 171 -26.31 -9.57 33.38
CA ASN F 171 -27.48 -10.33 32.96
C ASN F 171 -27.82 -10.05 31.50
N ASN F 172 -26.90 -9.42 30.80
CA ASN F 172 -27.04 -9.07 29.39
C ASN F 172 -28.18 -8.11 29.06
N LYS F 173 -28.72 -7.45 30.07
CA LYS F 173 -29.64 -6.33 29.86
C LYS F 173 -29.00 -5.09 30.46
N TYR F 174 -29.63 -3.94 30.24
CA TYR F 174 -28.98 -2.67 30.57
C TYR F 174 -29.23 -2.15 31.98
N ALA F 175 -28.52 -1.08 32.33
CA ALA F 175 -28.63 -0.46 33.64
C ALA F 175 -28.13 0.98 33.61
N ALA F 176 -28.97 1.91 34.06
CA ALA F 176 -28.59 3.30 34.21
C ALA F 176 -28.98 3.79 35.59
N SER F 177 -28.16 4.67 36.15
CA SER F 177 -28.52 5.38 37.37
C SER F 177 -28.94 6.79 36.96
N SER F 178 -29.44 7.57 37.91
CA SER F 178 -29.76 8.96 37.63
C SER F 178 -29.85 9.72 38.95
N TYR F 179 -29.17 10.86 39.02
CA TYR F 179 -29.05 11.58 40.28
C TYR F 179 -29.60 13.01 40.20
N LEU F 180 -30.44 13.37 41.16
CA LEU F 180 -30.90 14.74 41.33
C LEU F 180 -30.27 15.34 42.59
N SER F 181 -29.51 16.41 42.41
CA SER F 181 -28.82 17.05 43.53
C SER F 181 -29.59 18.27 44.03
N LEU F 182 -29.88 18.29 45.32
CA LEU F 182 -30.66 19.38 45.91
C LEU F 182 -30.04 19.79 47.24
N THR F 183 -30.38 20.99 47.70
CA THR F 183 -30.06 21.37 49.07
C THR F 183 -31.13 20.75 49.95
N PRO F 184 -30.84 20.59 51.26
CA PRO F 184 -31.87 20.12 52.19
C PRO F 184 -33.12 20.98 52.10
N GLU F 185 -32.91 22.26 51.82
CA GLU F 185 -33.99 23.21 51.65
C GLU F 185 -34.90 22.83 50.48
N GLN F 186 -34.33 22.48 49.33
CA GLN F 186 -35.13 22.10 48.15
C GLN F 186 -35.98 20.89 48.50
N TRP F 187 -35.37 20.00 49.29
CA TRP F 187 -35.98 18.76 49.72
C TRP F 187 -37.21 19.05 50.59
N LYS F 188 -37.04 19.95 51.54
CA LYS F 188 -38.15 20.43 52.35
C LYS F 188 -39.18 21.14 51.48
N SER F 189 -38.70 22.14 50.74
CA SER F 189 -39.56 23.15 50.10
C SER F 189 -40.65 22.65 49.14
N HIS F 190 -40.66 21.35 48.84
CA HIS F 190 -41.64 20.81 47.90
C HIS F 190 -42.38 19.57 48.39
N LYS F 191 -43.58 19.37 47.87
CA LYS F 191 -44.43 18.26 48.25
C LYS F 191 -43.82 16.91 47.88
N SER F 192 -43.75 16.64 46.57
CA SER F 192 -43.26 15.36 46.05
C SER F 192 -41.98 15.51 45.25
N TYR F 193 -41.42 14.37 44.84
CA TYR F 193 -40.34 14.34 43.85
C TYR F 193 -40.43 13.10 42.98
N SER F 194 -40.71 13.30 41.70
CA SER F 194 -40.88 12.17 40.78
C SER F 194 -39.69 11.92 39.83
N CYS F 195 -39.41 10.64 39.60
CA CYS F 195 -38.36 10.20 38.70
C CYS F 195 -38.95 9.33 37.62
N GLN F 196 -39.17 9.92 36.45
CA GLN F 196 -39.78 9.22 35.33
C GLN F 196 -38.76 8.65 34.34
N VAL F 197 -38.96 7.40 33.93
CA VAL F 197 -38.11 6.80 32.90
C VAL F 197 -38.91 6.24 31.71
N THR F 198 -38.64 6.77 30.52
CA THR F 198 -39.31 6.29 29.32
C THR F 198 -38.41 5.28 28.61
N HIS F 199 -39.04 4.25 28.03
CA HIS F 199 -38.31 3.18 27.34
C HIS F 199 -39.22 2.58 26.29
N GLU F 200 -39.01 2.98 25.04
CA GLU F 200 -39.83 2.53 23.93
C GLU F 200 -41.27 2.97 24.12
N GLY F 201 -41.44 4.24 24.45
CA GLY F 201 -42.77 4.83 24.61
C GLY F 201 -43.41 4.58 25.96
N SER F 202 -43.02 3.49 26.61
CA SER F 202 -43.59 3.07 27.88
C SER F 202 -42.91 3.77 29.05
N THR F 203 -43.69 4.47 29.86
CA THR F 203 -43.14 5.22 30.98
C THR F 203 -43.45 4.56 32.33
N VAL F 204 -42.45 4.49 33.20
CA VAL F 204 -42.71 4.13 34.60
C VAL F 204 -42.51 5.37 35.45
N GLU F 205 -42.95 5.31 36.71
CA GLU F 205 -42.78 6.43 37.62
C GLU F 205 -42.64 6.00 39.06
N LYS F 206 -41.78 6.70 39.78
CA LYS F 206 -41.63 6.51 41.21
C LYS F 206 -41.51 7.88 41.82
N THR F 207 -42.09 8.06 43.00
CA THR F 207 -42.06 9.34 43.68
C THR F 207 -41.56 9.13 45.10
N VAL F 208 -41.00 10.20 45.67
CA VAL F 208 -40.69 10.22 47.08
C VAL F 208 -41.23 11.49 47.71
N ALA F 209 -41.44 11.43 49.03
CA ALA F 209 -41.85 12.59 49.81
C ALA F 209 -40.92 12.72 51.00
N PRO F 210 -40.64 13.96 51.40
CA PRO F 210 -39.85 14.25 52.61
C PRO F 210 -40.53 13.71 53.86
N THR F 211 -39.75 13.34 54.87
CA THR F 211 -40.29 12.84 56.13
C THR F 211 -39.37 13.13 57.31
N VAL G 2 -4.73 -22.99 38.96
CA VAL G 2 -3.90 -21.79 39.09
C VAL G 2 -4.65 -20.52 38.70
N GLN G 3 -4.68 -19.54 39.61
CA GLN G 3 -5.42 -18.31 39.37
C GLN G 3 -4.65 -17.05 39.83
N LEU G 4 -5.03 -15.90 39.26
CA LEU G 4 -4.25 -14.67 39.41
C LEU G 4 -5.05 -13.45 39.87
N GLN G 5 -4.39 -12.55 40.59
CA GLN G 5 -5.01 -11.26 40.95
C GLN G 5 -4.02 -10.10 40.88
N GLU G 6 -4.37 -9.08 40.09
CA GLU G 6 -3.48 -7.94 39.87
C GLU G 6 -3.67 -6.83 40.90
N SER G 7 -2.74 -5.87 40.88
CA SER G 7 -2.85 -4.66 41.68
C SER G 7 -1.99 -3.56 41.05
N GLY G 8 -2.46 -2.32 41.17
CA GLY G 8 -1.71 -1.18 40.67
C GLY G 8 -1.98 0.10 41.44
N PRO G 9 -1.19 1.14 41.18
CA PRO G 9 -1.32 2.40 41.92
C PRO G 9 -2.58 3.19 41.56
N GLY G 10 -3.47 2.61 40.76
CA GLY G 10 -4.65 3.32 40.31
C GLY G 10 -4.32 4.49 39.39
N LEU G 11 -3.41 5.36 39.81
CA LEU G 11 -2.98 6.51 39.03
C LEU G 11 -1.45 6.61 38.97
N VAL G 12 -0.96 7.28 37.94
CA VAL G 12 0.45 7.57 37.80
C VAL G 12 0.64 9.00 37.32
N ARG G 13 1.70 9.65 37.78
CA ARG G 13 2.03 10.98 37.28
C ARG G 13 2.55 10.84 35.86
N PRO G 14 2.36 11.96 35.02
CA PRO G 14 2.68 11.68 33.60
C PRO G 14 4.12 11.27 33.34
N SER G 15 5.09 11.92 33.98
CA SER G 15 6.50 11.60 33.71
C SER G 15 7.05 10.50 34.60
N GLU G 16 6.26 10.06 35.56
CA GLU G 16 6.69 9.06 36.54
C GLU G 16 6.71 7.65 35.97
N THR G 17 7.35 6.73 36.69
CA THR G 17 7.45 5.34 36.25
C THR G 17 6.33 4.50 36.87
N LEU G 18 5.49 3.93 36.01
CA LEU G 18 4.39 3.07 36.44
C LEU G 18 4.91 1.71 36.90
N SER G 19 4.24 1.12 37.88
CA SER G 19 4.56 -0.23 38.29
C SER G 19 3.28 -0.95 38.73
N VAL G 20 3.09 -2.17 38.22
CA VAL G 20 1.96 -2.99 38.65
C VAL G 20 2.42 -4.40 38.94
N THR G 21 1.60 -5.14 39.67
CA THR G 21 1.99 -6.47 40.11
C THR G 21 0.86 -7.47 40.00
N CYS G 22 1.23 -8.76 39.99
CA CYS G 22 0.27 -9.84 39.90
C CYS G 22 0.61 -10.96 40.88
N ILE G 23 -0.40 -11.43 41.59
CA ILE G 23 -0.21 -12.47 42.60
C ILE G 23 -0.82 -13.79 42.14
N VAL G 24 0.00 -14.85 42.14
CA VAL G 24 -0.40 -16.17 41.67
C VAL G 24 -0.76 -17.12 42.82
N SER G 25 -1.84 -17.88 42.64
CA SER G 25 -2.39 -18.73 43.71
C SER G 25 -2.19 -20.24 43.51
N GLY G 26 -2.27 -20.69 42.26
CA GLY G 26 -2.19 -22.10 41.95
C GLY G 26 -0.85 -22.75 42.28
N GLY G 27 0.24 -22.01 42.07
CA GLY G 27 1.56 -22.47 42.47
C GLY G 27 2.35 -23.31 41.48
N SER G 28 3.61 -22.92 41.28
CA SER G 28 4.14 -21.70 41.85
C SER G 28 4.47 -20.75 40.71
N ILE G 29 5.22 -19.69 41.02
CA ILE G 29 5.59 -18.71 40.02
C ILE G 29 6.73 -19.20 39.12
N SER G 30 7.56 -20.10 39.64
CA SER G 30 8.75 -20.51 38.91
C SER G 30 8.48 -21.71 37.99
N ASN G 31 7.25 -22.19 37.99
CA ASN G 31 6.86 -23.30 37.14
C ASN G 31 6.57 -22.89 35.71
N TYR G 32 6.03 -21.68 35.55
CA TYR G 32 5.34 -21.30 34.33
C TYR G 32 5.96 -20.12 33.55
N TYR G 33 5.43 -19.85 32.36
CA TYR G 33 5.71 -18.61 31.63
C TYR G 33 4.64 -17.59 32.04
N TRP G 34 5.01 -16.31 32.06
CA TRP G 34 4.07 -15.27 32.46
C TRP G 34 4.11 -14.07 31.51
N THR G 35 2.97 -13.48 31.22
CA THR G 35 2.98 -12.34 30.31
C THR G 35 2.11 -11.18 30.76
N TRP G 36 2.37 -10.01 30.18
CA TRP G 36 1.56 -8.83 30.46
C TRP G 36 0.86 -8.34 29.21
N ILE G 37 -0.42 -8.02 29.32
CA ILE G 37 -1.20 -7.55 28.19
C ILE G 37 -2.10 -6.41 28.63
N ARG G 38 -1.91 -5.23 28.07
CA ARG G 38 -2.76 -4.10 28.43
C ARG G 38 -3.84 -3.83 27.40
N GLN G 39 -4.79 -2.99 27.75
CA GLN G 39 -5.85 -2.60 26.84
C GLN G 39 -6.11 -1.12 27.01
N SER G 40 -5.67 -0.35 26.03
CA SER G 40 -5.85 1.10 26.08
C SER G 40 -7.16 1.45 25.44
N PRO G 41 -7.98 2.25 26.14
CA PRO G 41 -9.28 2.71 25.65
C PRO G 41 -9.17 3.22 24.22
N GLY G 42 -10.02 2.71 23.34
CA GLY G 42 -9.99 3.10 21.95
C GLY G 42 -8.79 2.57 21.18
N LYS G 43 -8.10 1.60 21.78
CA LYS G 43 -7.06 0.88 21.06
C LYS G 43 -7.18 -0.61 21.37
N GLY G 44 -6.51 -1.44 20.57
CA GLY G 44 -6.67 -2.89 20.66
C GLY G 44 -6.15 -3.51 21.94
N LEU G 45 -5.93 -4.82 21.92
CA LEU G 45 -5.16 -5.44 22.97
C LEU G 45 -3.71 -5.28 22.55
N GLU G 46 -2.87 -4.82 23.48
CA GLU G 46 -1.45 -4.72 23.23
C GLU G 46 -0.70 -5.73 24.06
N TRP G 47 0.10 -6.55 23.39
CA TRP G 47 0.91 -7.54 24.08
C TRP G 47 2.20 -6.82 24.49
N ILE G 48 2.46 -6.78 25.81
CA ILE G 48 3.55 -5.99 26.39
C ILE G 48 4.89 -6.72 26.39
N GLY G 49 4.89 -7.93 26.92
CA GLY G 49 6.10 -8.72 26.99
C GLY G 49 5.84 -9.99 27.75
N TYR G 50 6.80 -10.90 27.71
CA TYR G 50 6.67 -12.14 28.47
C TYR G 50 7.98 -12.57 29.10
N ILE G 51 7.87 -13.49 30.04
CA ILE G 51 9.02 -14.01 30.76
C ILE G 51 8.86 -15.51 30.94
N SER G 52 9.96 -16.23 30.75
CA SER G 52 9.94 -17.69 30.75
C SER G 52 9.92 -18.25 32.16
N ASP G 53 10.04 -19.57 32.25
CA ASP G 53 10.21 -20.23 33.53
C ASP G 53 11.68 -20.26 33.90
N ARG G 54 12.49 -19.56 33.09
CA ARG G 54 13.93 -19.49 33.29
C ARG G 54 14.37 -18.04 33.50
N GLU G 55 13.39 -17.17 33.75
CA GLU G 55 13.63 -15.75 34.05
C GLU G 55 14.29 -14.94 32.92
N THR G 56 14.21 -15.44 31.69
CA THR G 56 14.64 -14.69 30.51
C THR G 56 13.41 -13.99 29.94
N THR G 57 13.58 -12.76 29.48
CA THR G 57 12.41 -11.97 29.07
C THR G 57 12.47 -11.41 27.64
N THR G 58 11.30 -11.37 26.99
CA THR G 58 11.20 -10.77 25.67
C THR G 58 10.15 -9.65 25.68
N TYR G 59 10.54 -8.48 25.19
CA TYR G 59 9.64 -7.34 25.26
C TYR G 59 9.22 -6.92 23.86
N ASN G 60 7.95 -6.53 23.73
CA ASN G 60 7.41 -6.06 22.46
C ASN G 60 8.06 -4.75 22.07
N PRO G 61 8.74 -4.73 20.91
CA PRO G 61 9.50 -3.59 20.37
C PRO G 61 8.72 -2.29 20.35
N SER G 62 7.39 -2.37 20.31
CA SER G 62 6.54 -1.20 20.25
C SER G 62 6.56 -0.38 21.53
N LEU G 63 7.29 -0.87 22.53
CA LEU G 63 7.42 -0.17 23.81
C LEU G 63 8.73 0.61 23.92
N ASN G 64 9.65 0.35 22.98
CA ASN G 64 10.95 1.04 22.91
C ASN G 64 11.80 0.82 24.15
N SER G 65 11.69 -0.37 24.71
CA SER G 65 12.48 -0.75 25.87
C SER G 65 12.22 0.23 27.00
N ARG G 66 10.95 0.41 27.32
CA ARG G 66 10.52 1.23 28.44
C ARG G 66 10.00 0.37 29.58
N ALA G 67 9.99 -0.95 29.37
CA ALA G 67 9.35 -1.84 30.31
C ALA G 67 10.25 -2.99 30.76
N VAL G 68 10.07 -3.40 32.00
CA VAL G 68 10.80 -4.54 32.56
C VAL G 68 9.82 -5.52 33.22
N ILE G 69 10.03 -6.81 33.01
CA ILE G 69 9.21 -7.83 33.65
C ILE G 69 10.13 -8.64 34.57
N SER G 70 9.70 -8.81 35.81
CA SER G 70 10.50 -9.50 36.82
C SER G 70 9.63 -10.44 37.62
N ARG G 71 10.24 -11.48 38.17
CA ARG G 71 9.53 -12.47 38.97
C ARG G 71 10.16 -12.60 40.35
N ASP G 72 9.34 -12.60 41.40
CA ASP G 72 9.86 -12.82 42.74
C ASP G 72 9.10 -14.04 43.27
N THR G 73 9.83 -15.10 43.57
CA THR G 73 9.20 -16.28 44.17
C THR G 73 8.83 -16.37 45.69
N SER G 74 9.54 -15.51 46.44
CA SER G 74 9.27 -15.36 47.86
C SER G 74 7.87 -14.76 47.87
N LYS G 75 7.71 -13.70 47.10
CA LYS G 75 6.42 -13.05 46.91
C LYS G 75 5.41 -13.94 46.21
N ASN G 76 5.91 -14.72 45.25
CA ASN G 76 5.04 -15.44 44.32
C ASN G 76 4.22 -14.46 43.50
N GLN G 77 4.85 -13.35 43.14
CA GLN G 77 4.20 -12.29 42.38
C GLN G 77 4.97 -11.88 41.14
N LEU G 78 4.25 -11.37 40.15
CA LEU G 78 4.85 -10.91 38.90
C LEU G 78 4.69 -9.41 38.75
N SER G 79 5.79 -8.72 38.43
CA SER G 79 5.79 -7.26 38.38
C SER G 79 6.07 -6.61 37.03
N LEU G 80 5.23 -5.67 36.63
CA LEU G 80 5.48 -4.85 35.45
C LEU G 80 5.86 -3.39 35.68
N GLN G 81 6.96 -2.95 35.11
CA GLN G 81 7.43 -1.58 35.28
C GLN G 81 7.60 -0.82 33.95
N LEU G 82 7.07 0.41 33.92
CA LEU G 82 7.13 1.26 32.73
C LEU G 82 7.60 2.70 33.03
N ARG G 83 8.88 2.84 32.51
CA ARG G 83 9.45 4.16 32.76
C ARG G 83 8.87 5.22 31.83
N SER G 84 9.13 6.48 32.17
CA SER G 84 8.58 7.65 31.47
C SER G 84 7.20 7.43 30.89
N VAL G 85 6.18 7.29 31.73
CA VAL G 85 4.85 7.00 31.21
C VAL G 85 4.23 8.22 30.50
N THR G 86 3.06 8.03 29.92
CA THR G 86 2.37 9.08 29.18
C THR G 86 0.90 8.67 29.01
N THR G 87 0.03 9.60 28.62
CA THR G 87 -1.39 9.32 28.65
C THR G 87 -1.78 8.13 27.76
N ALA G 88 -0.90 7.81 26.82
CA ALA G 88 -1.09 6.63 25.98
C ALA G 88 -0.80 5.33 26.72
N ASP G 89 -0.40 5.45 27.98
CA ASP G 89 -0.10 4.29 28.81
C ASP G 89 -1.25 4.03 29.78
N THR G 90 -2.25 4.90 29.72
CA THR G 90 -3.49 4.72 30.49
C THR G 90 -4.23 3.53 29.89
N ALA G 91 -4.34 2.45 30.66
CA ALA G 91 -4.88 1.21 30.11
C ALA G 91 -5.24 0.25 31.22
N ILE G 92 -6.00 -0.79 30.90
CA ILE G 92 -6.20 -1.83 31.89
C ILE G 92 -5.07 -2.84 31.73
N TYR G 93 -4.35 -3.14 32.80
CA TYR G 93 -3.22 -4.07 32.68
C TYR G 93 -3.63 -5.45 33.15
N PHE G 94 -3.52 -6.44 32.27
CA PHE G 94 -3.81 -7.83 32.60
C PHE G 94 -2.51 -8.57 32.70
N CYS G 95 -2.42 -9.52 33.60
CA CYS G 95 -1.32 -10.45 33.56
C CYS G 95 -1.94 -11.81 33.26
N ALA G 96 -1.18 -12.66 32.57
CA ALA G 96 -1.73 -13.95 32.17
C ALA G 96 -0.70 -15.05 32.11
N THR G 97 -1.22 -16.27 32.14
CA THR G 97 -0.44 -17.48 31.96
C THR G 97 -0.25 -17.71 30.48
N ALA G 98 1.00 -17.61 30.02
CA ALA G 98 1.31 -17.95 28.64
C ALA G 98 1.81 -19.38 28.64
N ARG G 99 1.29 -20.19 27.73
CA ARG G 99 1.69 -21.59 27.65
C ARG G 99 2.20 -21.86 26.24
N ARG G 100 3.39 -22.42 26.14
CA ARG G 100 4.11 -22.46 24.87
C ARG G 100 4.03 -23.76 24.06
N GLY G 101 3.27 -23.72 22.98
CA GLY G 101 3.23 -24.82 22.03
C GLY G 101 4.25 -24.64 20.92
N GLN G 102 4.57 -25.77 20.27
CA GLN G 102 5.51 -25.75 19.17
C GLN G 102 4.94 -26.25 17.83
N ARG G 103 4.91 -25.38 16.84
CA ARG G 103 4.24 -25.75 15.59
C ARG G 103 5.16 -26.56 14.69
N ILE G 104 5.09 -27.89 14.76
CA ILE G 104 5.97 -28.64 13.87
C ILE G 104 5.37 -28.78 12.49
N TYR G 105 6.18 -28.55 11.46
CA TYR G 105 5.69 -28.70 10.10
C TYR G 105 6.62 -29.55 9.22
N GLY G 106 7.57 -30.22 9.85
CA GLY G 106 8.44 -31.13 9.12
C GLY G 106 9.50 -31.82 9.97
N VAL G 107 10.68 -32.00 9.41
CA VAL G 107 11.78 -32.56 10.15
C VAL G 107 12.16 -31.62 11.28
N VAL G 108 11.85 -31.99 12.51
CA VAL G 108 12.20 -31.14 13.64
C VAL G 108 13.72 -31.08 13.77
N SER G 109 14.38 -32.11 13.25
CA SER G 109 15.82 -32.22 13.28
C SER G 109 16.53 -31.08 12.53
N PHE G 110 15.80 -30.39 11.66
CA PHE G 110 16.41 -29.45 10.72
C PHE G 110 16.65 -27.96 11.10
N GLY G 111 15.70 -27.28 11.75
CA GLY G 111 14.43 -27.80 12.20
C GLY G 111 13.29 -26.94 11.71
N GLU G 112 12.21 -27.60 11.30
CA GLU G 112 11.11 -26.96 10.60
C GLU G 112 10.25 -26.12 11.53
N PHE G 113 9.53 -26.77 12.46
CA PHE G 113 8.78 -26.13 13.57
C PHE G 113 9.00 -24.63 13.95
N PHE G 114 7.93 -23.95 14.37
CA PHE G 114 8.07 -22.65 15.03
C PHE G 114 7.33 -22.66 16.36
N TYR G 115 7.68 -21.75 17.28
CA TYR G 115 6.99 -21.64 18.59
C TYR G 115 5.85 -20.63 18.60
N TYR G 116 4.88 -20.84 19.48
CA TYR G 116 3.77 -19.88 19.62
C TYR G 116 3.28 -19.84 21.06
N TYR G 117 2.42 -18.86 21.36
CA TYR G 117 1.94 -18.69 22.72
C TYR G 117 0.44 -18.44 22.82
N TYR G 118 -0.23 -19.25 23.62
CA TYR G 118 -1.61 -18.99 23.96
C TYR G 118 -1.72 -18.65 25.47
N MET G 119 -2.64 -17.75 25.78
CA MET G 119 -2.85 -17.32 27.16
C MET G 119 -4.23 -17.75 27.65
N ASP G 120 -4.27 -18.77 28.50
CA ASP G 120 -5.50 -19.47 28.85
C ASP G 120 -6.06 -19.07 30.21
N VAL G 121 -5.17 -18.57 31.05
CA VAL G 121 -5.52 -18.17 32.41
C VAL G 121 -5.28 -16.68 32.55
N TRP G 122 -6.34 -15.93 32.76
CA TRP G 122 -6.21 -14.49 32.85
C TRP G 122 -6.55 -13.97 34.26
N GLY G 123 -5.84 -12.92 34.64
CA GLY G 123 -6.15 -12.14 35.83
C GLY G 123 -7.33 -11.25 35.58
N LYS G 124 -7.95 -10.76 36.63
CA LYS G 124 -9.08 -9.85 36.51
C LYS G 124 -8.65 -8.56 35.81
N GLY G 125 -7.45 -8.10 36.13
CA GLY G 125 -6.87 -6.91 35.51
C GLY G 125 -7.04 -5.64 36.33
N THR G 126 -6.15 -4.68 36.11
CA THR G 126 -6.16 -3.44 36.87
C THR G 126 -6.14 -2.19 36.02
N ALA G 127 -7.00 -1.23 36.35
CA ALA G 127 -7.04 0.07 35.69
C ALA G 127 -5.96 1.02 36.20
N VAL G 128 -5.23 1.63 35.28
CA VAL G 128 -4.13 2.54 35.62
C VAL G 128 -4.26 3.80 34.80
N THR G 129 -4.75 4.88 35.41
CA THR G 129 -4.87 6.13 34.67
C THR G 129 -3.70 7.08 34.89
N VAL G 130 -3.16 7.65 33.81
CA VAL G 130 -2.06 8.60 33.95
C VAL G 130 -2.62 10.00 34.06
N SER G 131 -2.95 10.38 35.28
CA SER G 131 -3.44 11.73 35.56
C SER G 131 -2.47 12.48 36.44
N SER G 132 -2.42 13.78 36.24
CA SER G 132 -1.60 14.64 37.09
C SER G 132 -2.38 14.91 38.38
N ALA G 133 -3.59 14.38 38.45
CA ALA G 133 -4.47 14.55 39.61
C ALA G 133 -4.08 13.73 40.83
N SER G 134 -5.03 13.67 41.78
CA SER G 134 -4.81 13.13 43.12
C SER G 134 -6.00 12.28 43.57
N THR G 135 -5.74 11.12 44.16
CA THR G 135 -6.82 10.20 44.52
C THR G 135 -7.67 10.77 45.64
N LYS G 136 -8.98 10.69 45.47
CA LYS G 136 -9.93 11.10 46.50
C LYS G 136 -10.76 9.90 46.94
N GLY G 137 -10.81 9.66 48.25
CA GLY G 137 -11.57 8.55 48.79
C GLY G 137 -13.06 8.78 48.69
N PRO G 138 -13.85 7.70 48.78
CA PRO G 138 -15.31 7.80 48.68
C PRO G 138 -15.91 8.53 49.87
N SER G 139 -17.24 8.50 49.96
CA SER G 139 -17.95 9.09 51.09
C SER G 139 -19.32 8.44 51.18
N VAL G 140 -19.39 7.28 51.81
CA VAL G 140 -20.59 6.45 51.73
C VAL G 140 -21.71 6.84 52.69
N PHE G 141 -22.93 6.77 52.18
CA PHE G 141 -24.12 7.09 52.92
C PHE G 141 -25.11 5.96 52.69
N PRO G 142 -25.77 5.49 53.77
CA PRO G 142 -26.71 4.37 53.64
C PRO G 142 -27.98 4.82 52.95
N LEU G 143 -28.48 4.02 52.03
CA LEU G 143 -29.72 4.35 51.35
C LEU G 143 -30.91 3.64 52.03
N ALA G 144 -31.78 4.44 52.63
CA ALA G 144 -32.85 3.95 53.48
C ALA G 144 -33.91 3.12 52.73
N PRO G 145 -34.14 1.88 53.19
CA PRO G 145 -35.14 0.98 52.59
C PRO G 145 -36.57 1.32 52.99
N SER G 146 -37.55 0.80 52.24
CA SER G 146 -38.97 1.05 52.50
C SER G 146 -39.84 -0.05 51.89
N GLY G 153 -44.11 -8.02 48.42
CA GLY G 153 -43.28 -9.10 47.90
C GLY G 153 -41.84 -9.04 48.37
N THR G 154 -41.08 -8.09 47.83
CA THR G 154 -39.68 -7.89 48.19
C THR G 154 -39.34 -6.42 48.45
N ALA G 155 -38.19 -6.17 49.08
CA ALA G 155 -37.79 -4.82 49.48
C ALA G 155 -36.45 -4.34 48.90
N ALA G 156 -36.27 -3.03 48.87
CA ALA G 156 -35.06 -2.43 48.30
C ALA G 156 -34.19 -1.71 49.32
N LEU G 157 -32.99 -2.25 49.55
CA LEU G 157 -32.05 -1.71 50.51
C LEU G 157 -30.77 -1.29 49.77
N GLY G 158 -30.22 -0.12 50.10
CA GLY G 158 -29.12 0.42 49.32
C GLY G 158 -27.95 1.07 50.04
N CYS G 159 -26.96 1.49 49.27
CA CYS G 159 -25.73 2.07 49.79
C CYS G 159 -25.05 3.00 48.77
N LEU G 160 -25.19 4.30 48.98
CA LEU G 160 -24.63 5.31 48.06
C LEU G 160 -23.17 5.61 48.38
N VAL G 161 -22.35 5.76 47.34
CA VAL G 161 -20.93 6.07 47.49
C VAL G 161 -20.59 7.38 46.79
N LYS G 162 -20.70 8.49 47.50
CA LYS G 162 -20.60 9.81 46.86
C LYS G 162 -19.16 10.29 46.71
N ASP G 163 -18.91 10.99 45.60
CA ASP G 163 -17.66 11.71 45.33
C ASP G 163 -16.34 10.96 45.53
N TYR G 164 -16.00 10.07 44.61
CA TYR G 164 -14.69 9.41 44.63
C TYR G 164 -13.92 9.55 43.31
N PHE G 165 -12.66 9.14 43.34
CA PHE G 165 -11.76 9.28 42.22
C PHE G 165 -10.40 8.64 42.52
N PRO G 166 -9.86 7.86 41.58
CA PRO G 166 -10.46 7.47 40.30
C PRO G 166 -11.04 6.07 40.40
N GLU G 167 -11.91 5.67 39.47
CA GLU G 167 -12.47 4.33 39.44
C GLU G 167 -11.43 3.21 39.55
N PRO G 168 -11.85 1.99 39.88
CA PRO G 168 -13.18 1.48 40.22
C PRO G 168 -13.40 1.47 41.73
N VAL G 169 -14.50 0.85 42.17
CA VAL G 169 -14.80 0.72 43.58
C VAL G 169 -15.35 -0.68 43.89
N THR G 170 -14.96 -1.25 45.02
CA THR G 170 -15.44 -2.56 45.47
C THR G 170 -16.56 -2.39 46.47
N VAL G 171 -17.75 -2.90 46.15
CA VAL G 171 -18.82 -2.90 47.12
C VAL G 171 -19.33 -4.31 47.37
N SER G 172 -19.14 -4.79 48.60
CA SER G 172 -19.71 -6.06 49.01
C SER G 172 -20.75 -5.82 50.10
N TRP G 173 -21.59 -6.81 50.35
CA TRP G 173 -22.63 -6.70 51.38
C TRP G 173 -22.46 -7.79 52.44
N ASN G 174 -22.46 -7.38 53.71
CA ASN G 174 -22.30 -8.31 54.85
C ASN G 174 -20.97 -9.07 54.77
N SER G 175 -19.92 -8.38 54.36
CA SER G 175 -18.65 -9.03 54.05
C SER G 175 -18.84 -10.02 52.89
N GLY G 176 -18.39 -11.25 53.06
CA GLY G 176 -18.42 -12.23 51.98
C GLY G 176 -19.82 -12.51 51.48
N ALA G 177 -20.78 -12.58 52.39
CA ALA G 177 -22.18 -12.77 52.06
C ALA G 177 -22.99 -11.75 52.83
N LEU G 178 -24.19 -11.42 52.36
CA LEU G 178 -24.83 -12.07 51.22
C LEU G 178 -24.26 -11.69 49.85
N THR G 179 -24.45 -12.59 48.90
CA THR G 179 -24.07 -12.40 47.50
C THR G 179 -25.28 -12.09 46.60
N SER G 180 -26.24 -13.00 46.53
CA SER G 180 -27.45 -12.79 45.75
C SER G 180 -28.52 -12.18 46.64
N GLY G 181 -29.26 -11.19 46.15
CA GLY G 181 -29.06 -10.66 44.81
C GLY G 181 -28.75 -9.18 44.83
N VAL G 182 -27.50 -8.86 44.51
CA VAL G 182 -27.03 -7.48 44.52
C VAL G 182 -26.84 -6.94 43.10
N HIS G 183 -26.88 -5.62 42.97
CA HIS G 183 -26.59 -4.94 41.71
C HIS G 183 -25.75 -3.71 41.99
N THR G 184 -24.44 -3.86 41.98
CA THR G 184 -23.57 -2.69 42.09
C THR G 184 -23.58 -2.00 40.73
N PHE G 185 -23.90 -0.72 40.73
CA PHE G 185 -24.19 0.04 39.50
C PHE G 185 -22.97 0.75 38.88
N PRO G 186 -23.06 1.09 37.58
CA PRO G 186 -22.06 1.93 36.92
C PRO G 186 -21.96 3.30 37.57
N ALA G 187 -20.78 3.90 37.57
CA ALA G 187 -20.59 5.19 38.23
C ALA G 187 -21.04 6.36 37.38
N VAL G 188 -20.87 7.57 37.89
CA VAL G 188 -21.27 8.79 37.20
C VAL G 188 -20.17 9.80 37.33
N LEU G 189 -19.70 10.33 36.20
CA LEU G 189 -18.75 11.41 36.26
C LEU G 189 -19.54 12.69 36.56
N GLN G 190 -19.20 13.34 37.68
CA GLN G 190 -19.85 14.59 38.04
C GLN G 190 -19.26 15.75 37.24
N SER G 191 -19.98 16.86 37.20
CA SER G 191 -19.48 18.07 36.56
C SER G 191 -18.17 18.46 37.23
N SER G 192 -18.05 18.07 38.50
CA SER G 192 -16.86 18.33 39.32
C SER G 192 -15.68 17.42 38.98
N GLY G 193 -15.95 16.31 38.29
CA GLY G 193 -14.90 15.41 37.88
C GLY G 193 -14.71 14.22 38.80
N LEU G 194 -15.65 14.02 39.71
CA LEU G 194 -15.55 12.90 40.64
C LEU G 194 -16.70 11.92 40.38
N TYR G 195 -16.43 10.65 40.63
CA TYR G 195 -17.42 9.62 40.35
C TYR G 195 -18.27 9.33 41.57
N SER G 196 -19.41 8.70 41.35
CA SER G 196 -20.35 8.37 42.42
C SER G 196 -21.23 7.23 41.94
N LEU G 197 -21.16 6.08 42.60
CA LEU G 197 -22.04 4.97 42.23
C LEU G 197 -22.98 4.62 43.37
N SER G 198 -23.94 3.76 43.07
CA SER G 198 -24.89 3.27 44.08
C SER G 198 -24.92 1.76 44.04
N SER G 199 -25.09 1.13 45.19
CA SER G 199 -25.19 -0.32 45.27
C SER G 199 -26.55 -0.71 45.87
N VAL G 200 -27.17 -1.76 45.33
CA VAL G 200 -28.41 -2.26 45.91
C VAL G 200 -28.39 -3.75 46.18
N VAL G 201 -29.46 -4.22 46.80
CA VAL G 201 -29.65 -5.63 47.11
C VAL G 201 -31.12 -5.83 47.43
N THR G 202 -31.72 -6.89 46.89
CA THR G 202 -33.08 -7.21 47.27
C THR G 202 -33.09 -8.16 48.46
N VAL G 203 -33.89 -7.81 49.47
CA VAL G 203 -34.03 -8.59 50.68
C VAL G 203 -35.52 -8.83 50.93
N PRO G 204 -35.88 -10.08 51.30
CA PRO G 204 -37.26 -10.44 51.68
C PRO G 204 -37.90 -9.44 52.63
N SER G 205 -39.18 -9.13 52.40
CA SER G 205 -39.93 -8.12 53.16
C SER G 205 -39.68 -8.18 54.67
N SER G 206 -39.89 -9.36 55.24
CA SER G 206 -39.66 -9.56 56.67
C SER G 206 -38.44 -10.46 56.86
N SER G 207 -37.50 -10.04 57.71
CA SER G 207 -37.60 -8.78 58.44
C SER G 207 -36.29 -8.01 58.34
N LEU G 208 -36.40 -6.67 58.38
CA LEU G 208 -35.25 -5.78 58.30
C LEU G 208 -34.75 -5.38 59.69
N GLY G 209 -35.59 -5.55 60.70
CA GLY G 209 -35.16 -5.36 62.07
C GLY G 209 -34.26 -6.51 62.45
N THR G 210 -34.72 -7.72 62.13
CA THR G 210 -34.03 -8.96 62.47
C THR G 210 -32.56 -9.03 62.00
N GLN G 211 -32.35 -8.95 60.69
CA GLN G 211 -31.03 -9.12 60.11
C GLN G 211 -30.25 -7.80 60.03
N THR G 212 -28.98 -7.83 60.39
CA THR G 212 -28.09 -6.68 60.27
C THR G 212 -27.47 -6.59 58.87
N TYR G 213 -27.59 -5.42 58.23
CA TYR G 213 -27.20 -5.26 56.83
C TYR G 213 -26.12 -4.21 56.58
N ILE G 214 -24.93 -4.66 56.23
CA ILE G 214 -23.80 -3.76 55.99
C ILE G 214 -23.14 -3.95 54.63
N CYS G 215 -23.01 -2.84 53.88
CA CYS G 215 -22.20 -2.82 52.67
C CYS G 215 -20.83 -2.29 53.03
N ASN G 216 -19.83 -2.63 52.24
CA ASN G 216 -18.46 -2.23 52.56
C ASN G 216 -17.68 -1.76 51.34
N VAL G 217 -17.65 -0.44 51.16
CA VAL G 217 -16.98 0.16 50.02
C VAL G 217 -15.47 0.14 50.15
N ASN G 218 -14.81 -0.49 49.18
CA ASN G 218 -13.36 -0.41 49.09
C ASN G 218 -12.92 0.50 47.95
N HIS G 219 -11.90 1.30 48.20
CA HIS G 219 -11.35 2.17 47.17
C HIS G 219 -9.84 2.09 47.19
N LYS G 220 -9.30 1.05 46.59
CA LYS G 220 -7.87 0.79 46.58
C LYS G 220 -6.92 1.96 46.21
N PRO G 221 -7.35 2.89 45.33
CA PRO G 221 -6.41 3.99 45.06
C PRO G 221 -6.18 4.95 46.24
N SER G 222 -6.97 4.83 47.31
CA SER G 222 -6.97 5.81 48.40
C SER G 222 -6.01 5.61 49.60
N ASN G 223 -5.96 4.44 50.24
CA ASN G 223 -6.76 3.25 49.91
C ASN G 223 -7.92 3.13 50.89
N THR G 224 -8.46 4.29 51.26
CA THR G 224 -9.60 4.39 52.15
C THR G 224 -10.67 3.31 51.94
N LYS G 225 -10.83 2.49 52.96
CA LYS G 225 -11.81 1.42 53.00
C LYS G 225 -12.82 1.75 54.09
N VAL G 226 -14.12 1.59 53.82
CA VAL G 226 -15.15 1.81 54.84
C VAL G 226 -16.28 0.78 54.83
N ASP G 227 -17.08 0.79 55.88
CA ASP G 227 -18.27 -0.07 56.02
C ASP G 227 -19.45 0.80 56.47
N LYS G 228 -20.67 0.29 56.35
CA LYS G 228 -21.85 1.06 56.75
C LYS G 228 -23.12 0.21 56.87
N LYS G 229 -23.78 0.28 58.02
CA LYS G 229 -25.02 -0.49 58.28
C LYS G 229 -26.27 0.22 57.77
N VAL G 230 -27.16 -0.53 57.14
CA VAL G 230 -28.36 0.04 56.52
C VAL G 230 -29.65 -0.45 57.19
N GLU G 231 -30.30 0.45 57.93
CA GLU G 231 -31.51 0.11 58.68
C GLU G 231 -32.66 1.09 58.41
N PRO G 232 -33.91 0.60 58.44
CA PRO G 232 -35.07 1.46 58.22
C PRO G 232 -35.41 2.32 59.44
N LYS H 2 -42.60 59.40 12.98
CA LYS H 2 -42.69 60.49 12.01
C LYS H 2 -41.35 60.71 11.27
N LYS H 3 -40.27 60.20 11.88
CA LYS H 3 -38.91 60.38 11.35
C LYS H 3 -38.71 59.85 9.92
N VAL H 4 -37.89 60.57 9.15
CA VAL H 4 -37.63 60.26 7.75
C VAL H 4 -36.13 60.10 7.49
N VAL H 5 -35.73 58.95 6.97
CA VAL H 5 -34.31 58.66 6.73
C VAL H 5 -33.93 58.75 5.26
N LEU H 6 -32.75 59.29 4.98
CA LEU H 6 -32.23 59.37 3.62
C LEU H 6 -31.08 58.39 3.40
N GLY H 7 -31.11 57.70 2.26
CA GLY H 7 -30.10 56.71 1.95
C GLY H 7 -29.51 56.82 0.56
N LYS H 8 -28.22 56.48 0.44
CA LYS H 8 -27.56 56.48 -0.85
C LYS H 8 -27.79 55.16 -1.57
N LYS H 9 -27.80 55.22 -2.90
CA LYS H 9 -27.95 54.04 -3.73
C LYS H 9 -26.74 53.14 -3.59
N GLY H 10 -26.96 51.90 -3.15
CA GLY H 10 -25.88 50.94 -2.95
C GLY H 10 -25.52 50.77 -1.49
N ASP H 11 -25.74 51.81 -0.70
CA ASP H 11 -25.41 51.77 0.71
C ASP H 11 -26.32 50.87 1.53
N THR H 12 -26.06 50.86 2.83
CA THR H 12 -26.79 49.97 3.73
C THR H 12 -27.41 50.75 4.87
N VAL H 13 -28.72 50.67 5.01
CA VAL H 13 -29.39 51.47 6.01
C VAL H 13 -30.00 50.60 7.12
N GLU H 14 -29.76 51.02 8.36
CA GLU H 14 -30.33 50.34 9.50
C GLU H 14 -31.48 51.17 10.07
N LEU H 15 -32.71 50.72 9.83
CA LEU H 15 -33.89 51.40 10.35
C LEU H 15 -34.12 51.02 11.80
N THR H 16 -34.23 52.02 12.68
CA THR H 16 -34.32 51.79 14.11
C THR H 16 -35.73 51.50 14.59
N CYS H 17 -35.83 50.62 15.59
CA CYS H 17 -37.10 50.27 16.23
C CYS H 17 -36.83 49.76 17.64
N THR H 18 -37.49 50.34 18.65
CA THR H 18 -37.20 49.99 20.03
C THR H 18 -38.47 49.62 20.79
N ALA H 19 -38.34 48.76 21.80
CA ALA H 19 -39.48 48.38 22.62
C ALA H 19 -39.36 48.98 24.02
N SER H 20 -40.50 49.07 24.71
CA SER H 20 -40.52 49.55 26.09
C SER H 20 -39.59 48.69 26.95
N GLN H 21 -39.96 47.43 27.13
CA GLN H 21 -39.13 46.47 27.87
C GLN H 21 -37.81 46.25 27.15
N LYS H 22 -36.82 45.73 27.87
CA LYS H 22 -35.54 45.39 27.26
C LYS H 22 -35.31 43.88 27.27
N LYS H 23 -36.31 43.13 26.80
CA LYS H 23 -36.17 41.69 26.57
C LYS H 23 -36.62 41.37 25.14
N SER H 24 -36.58 40.10 24.74
CA SER H 24 -36.95 39.72 23.38
C SER H 24 -38.46 39.45 23.25
N ILE H 25 -39.07 40.02 22.21
CA ILE H 25 -40.49 39.87 21.94
C ILE H 25 -40.85 39.98 20.46
N GLN H 26 -42.06 39.56 20.13
CA GLN H 26 -42.56 39.60 18.76
C GLN H 26 -42.44 40.96 18.12
N PHE H 27 -41.96 40.99 16.88
CA PHE H 27 -42.01 42.20 16.07
C PHE H 27 -42.21 41.83 14.61
N HIS H 28 -42.45 42.84 13.77
CA HIS H 28 -42.75 42.64 12.35
C HIS H 28 -42.71 43.93 11.57
N TRP H 29 -41.76 44.03 10.65
CA TRP H 29 -41.72 45.17 9.73
C TRP H 29 -42.59 44.91 8.52
N LYS H 30 -43.40 45.91 8.17
CA LYS H 30 -44.10 45.90 6.89
C LYS H 30 -43.77 47.19 6.17
N ASN H 31 -44.15 47.24 4.89
CA ASN H 31 -44.11 48.45 4.08
C ASN H 31 -45.43 49.19 4.17
N SER H 32 -45.53 50.29 3.43
CA SER H 32 -46.77 51.05 3.36
C SER H 32 -47.87 50.17 2.78
N ASN H 33 -47.49 49.33 1.82
CA ASN H 33 -48.42 48.46 1.13
C ASN H 33 -48.98 47.35 2.01
N GLN H 34 -48.37 47.16 3.17
CA GLN H 34 -48.77 46.13 4.14
C GLN H 34 -48.13 44.77 3.84
N ILE H 35 -47.20 44.76 2.90
CA ILE H 35 -46.42 43.56 2.61
C ILE H 35 -45.44 43.30 3.74
N LYS H 36 -45.31 42.05 4.13
CA LYS H 36 -44.37 41.68 5.19
C LYS H 36 -42.95 41.77 4.66
N ILE H 37 -42.09 42.49 5.38
CA ILE H 37 -40.69 42.56 5.00
C ILE H 37 -39.93 41.50 5.77
N LEU H 38 -40.10 41.54 7.09
CA LEU H 38 -39.25 40.83 8.02
C LEU H 38 -40.01 40.62 9.33
N GLY H 39 -39.44 39.86 10.25
CA GLY H 39 -40.07 39.64 11.54
C GLY H 39 -39.44 38.50 12.32
N ASN H 40 -40.14 38.03 13.33
CA ASN H 40 -39.61 36.96 14.14
C ASN H 40 -40.69 36.05 14.71
N GLN H 41 -40.24 34.99 15.35
CA GLN H 41 -41.11 33.97 15.90
C GLN H 41 -40.32 33.37 17.03
N GLY H 42 -40.55 33.87 18.23
CA GLY H 42 -39.74 33.45 19.36
C GLY H 42 -38.30 33.86 19.10
N SER H 43 -37.44 32.88 18.91
CA SER H 43 -36.03 33.17 18.72
C SER H 43 -35.63 33.09 17.27
N PHE H 44 -36.60 32.79 16.40
CA PHE H 44 -36.29 32.57 14.99
C PHE H 44 -36.62 33.79 14.13
N LEU H 45 -35.84 33.98 13.08
CA LEU H 45 -36.02 35.14 12.20
C LEU H 45 -36.85 34.73 11.00
N THR H 46 -37.78 35.58 10.58
CA THR H 46 -38.59 35.28 9.40
C THR H 46 -38.50 36.39 8.39
N LYS H 47 -38.24 36.03 7.15
CA LYS H 47 -38.28 37.01 6.08
C LYS H 47 -39.58 36.85 5.34
N GLY H 48 -40.37 37.91 5.31
CA GLY H 48 -41.64 37.90 4.59
C GLY H 48 -41.43 38.04 3.10
N PRO H 49 -42.46 37.73 2.30
CA PRO H 49 -42.32 37.79 0.84
C PRO H 49 -42.27 39.21 0.27
N SER H 50 -41.42 40.06 0.83
CA SER H 50 -41.19 41.39 0.25
C SER H 50 -40.25 41.26 -0.94
N LYS H 51 -40.08 42.36 -1.67
CA LYS H 51 -39.13 42.44 -2.78
C LYS H 51 -37.76 42.46 -2.10
N LEU H 52 -37.71 43.07 -0.91
CA LEU H 52 -36.47 43.21 -0.15
C LEU H 52 -35.65 42.01 0.63
N ASN H 53 -36.39 40.92 0.51
CA ASN H 53 -36.12 39.70 1.26
C ASN H 53 -34.67 39.21 1.39
N ASP H 54 -33.98 39.02 0.28
CA ASP H 54 -32.58 38.63 0.32
C ASP H 54 -31.73 39.72 0.97
N ARG H 55 -32.08 40.97 0.66
CA ARG H 55 -31.31 42.15 1.01
C ARG H 55 -31.71 42.66 2.39
N ALA H 56 -32.75 42.07 2.95
CA ALA H 56 -33.24 42.43 4.27
C ALA H 56 -32.69 41.50 5.32
N ASP H 57 -32.43 42.03 6.50
CA ASP H 57 -32.02 41.23 7.65
C ASP H 57 -32.09 42.08 8.92
N SER H 58 -31.69 41.49 10.04
CA SER H 58 -31.67 42.20 11.31
C SER H 58 -30.36 41.93 12.07
N ARG H 59 -30.38 42.17 13.37
CA ARG H 59 -29.24 41.87 14.23
C ARG H 59 -29.69 41.09 15.47
N ARG H 60 -29.63 39.77 15.42
CA ARG H 60 -30.11 38.95 16.53
C ARG H 60 -29.54 39.32 17.95
N SER H 61 -28.27 39.71 17.93
CA SER H 61 -27.59 40.22 19.12
C SER H 61 -28.06 41.52 19.77
N LEU H 62 -29.17 42.04 19.29
CA LEU H 62 -29.82 43.22 19.85
C LEU H 62 -31.22 42.87 20.34
N TRP H 63 -31.74 41.73 19.89
CA TRP H 63 -33.11 41.35 20.19
C TRP H 63 -33.38 41.22 21.69
N ASP H 64 -32.39 40.75 22.43
CA ASP H 64 -32.53 40.58 23.88
C ASP H 64 -32.70 41.92 24.57
N GLN H 65 -32.19 42.98 23.96
CA GLN H 65 -32.28 44.31 24.54
C GLN H 65 -33.26 45.21 23.77
N GLY H 66 -34.45 44.69 23.51
CA GLY H 66 -35.52 45.43 22.85
C GLY H 66 -35.12 46.25 21.65
N ASN H 67 -34.23 45.73 20.81
CA ASN H 67 -33.79 46.45 19.61
C ASN H 67 -33.89 45.58 18.36
N PHE H 68 -34.82 45.93 17.46
CA PHE H 68 -35.14 45.07 16.33
C PHE H 68 -35.01 45.79 14.98
N PRO H 69 -33.77 46.07 14.57
CA PRO H 69 -33.53 46.86 13.35
C PRO H 69 -33.91 46.14 12.06
N LEU H 70 -34.26 46.94 11.06
CA LEU H 70 -34.44 46.42 9.71
C LEU H 70 -33.25 46.89 8.88
N ILE H 71 -32.34 45.98 8.57
CA ILE H 71 -31.17 46.34 7.77
C ILE H 71 -31.42 46.07 6.28
N ILE H 72 -31.34 47.12 5.47
CA ILE H 72 -31.51 46.95 4.03
C ILE H 72 -30.20 47.26 3.35
N LYS H 73 -29.63 46.25 2.70
CA LYS H 73 -28.31 46.39 2.10
C LYS H 73 -28.42 46.60 0.61
N ASN H 74 -27.40 47.25 0.05
CA ASN H 74 -27.34 47.57 -1.38
C ASN H 74 -28.64 48.19 -1.85
N LEU H 75 -28.91 49.40 -1.38
CA LEU H 75 -30.18 50.08 -1.64
C LEU H 75 -30.49 50.28 -3.12
N LYS H 76 -31.77 50.11 -3.45
CA LYS H 76 -32.30 50.51 -4.74
C LYS H 76 -33.24 51.69 -4.53
N ILE H 77 -33.55 52.41 -5.60
CA ILE H 77 -34.47 53.53 -5.47
C ILE H 77 -35.87 53.01 -5.14
N GLU H 78 -36.22 51.85 -5.70
CA GLU H 78 -37.49 51.20 -5.43
C GLU H 78 -37.69 50.89 -3.96
N ASP H 79 -36.60 50.93 -3.19
CA ASP H 79 -36.67 50.63 -1.77
C ASP H 79 -37.31 51.77 -0.99
N SER H 80 -37.38 52.93 -1.63
CA SER H 80 -38.03 54.08 -1.03
C SER H 80 -39.51 53.76 -0.80
N ASP H 81 -39.90 53.76 0.47
CA ASP H 81 -41.26 53.43 0.85
C ASP H 81 -41.46 53.80 2.32
N THR H 82 -42.64 53.54 2.84
CA THR H 82 -42.93 53.79 4.24
C THR H 82 -43.02 52.47 5.01
N TYR H 83 -42.12 52.27 5.96
CA TYR H 83 -42.00 51.03 6.70
C TYR H 83 -42.50 51.21 8.12
N ILE H 84 -43.15 50.18 8.65
CA ILE H 84 -43.77 50.25 9.96
C ILE H 84 -43.25 49.12 10.86
N CYS H 85 -43.07 49.38 12.16
CA CYS H 85 -42.54 48.37 13.06
C CYS H 85 -43.49 47.99 14.19
N GLU H 86 -44.11 46.82 14.07
CA GLU H 86 -45.17 46.38 14.99
C GLU H 86 -44.67 45.66 16.25
N VAL H 87 -44.37 46.41 17.31
CA VAL H 87 -43.98 45.78 18.58
C VAL H 87 -44.68 46.40 19.79
N GLU H 88 -45.21 45.54 20.66
CA GLU H 88 -45.98 45.97 21.84
C GLU H 88 -47.18 46.83 21.45
N ASP H 89 -47.95 46.33 20.49
CA ASP H 89 -49.15 46.99 19.97
C ASP H 89 -48.89 48.45 19.62
N GLN H 90 -47.71 48.70 19.06
CA GLN H 90 -47.33 50.03 18.67
C GLN H 90 -46.87 49.97 17.22
N LYS H 91 -47.14 51.03 16.47
CA LYS H 91 -46.76 51.06 15.07
C LYS H 91 -45.92 52.28 14.79
N GLU H 92 -44.60 52.15 14.87
CA GLU H 92 -43.76 53.28 14.52
C GLU H 92 -43.51 53.34 13.01
N GLU H 93 -43.57 54.55 12.45
CA GLU H 93 -43.41 54.72 11.00
C GLU H 93 -42.07 55.34 10.61
N VAL H 94 -41.58 54.97 9.44
CA VAL H 94 -40.37 55.53 8.87
C VAL H 94 -40.57 55.73 7.37
N GLN H 95 -40.19 56.89 6.86
CA GLN H 95 -40.16 57.12 5.42
C GLN H 95 -38.70 57.15 4.96
N LEU H 96 -38.33 56.19 4.12
CA LEU H 96 -36.97 56.10 3.60
C LEU H 96 -36.91 56.58 2.15
N LEU H 97 -35.99 57.47 1.85
CA LEU H 97 -35.82 57.96 0.48
C LEU H 97 -34.41 57.68 -0.03
N VAL H 98 -34.32 57.10 -1.22
CA VAL H 98 -33.04 56.65 -1.74
C VAL H 98 -32.61 57.44 -2.97
N PHE H 99 -31.43 58.06 -2.91
CA PHE H 99 -30.94 58.87 -4.04
C PHE H 99 -29.64 58.36 -4.65
N GLY H 100 -29.49 58.58 -5.95
CA GLY H 100 -28.24 58.30 -6.64
C GLY H 100 -27.78 59.53 -7.39
N LEU H 101 -26.49 59.69 -7.62
CA LEU H 101 -26.00 60.85 -8.35
C LEU H 101 -25.01 60.48 -9.44
N THR H 102 -25.46 60.57 -10.69
CA THR H 102 -24.68 60.11 -11.82
C THR H 102 -24.02 61.28 -12.56
N ALA H 103 -22.86 61.01 -13.17
CA ALA H 103 -22.21 61.95 -14.07
C ALA H 103 -22.22 61.41 -15.50
N ASN H 104 -22.70 62.22 -16.44
CA ASN H 104 -22.99 61.78 -17.81
C ASN H 104 -21.84 61.30 -18.70
N SER H 105 -20.81 62.13 -18.85
CA SER H 105 -19.69 61.78 -19.70
C SER H 105 -18.89 60.60 -19.15
N ASP H 106 -18.63 60.63 -17.85
CA ASP H 106 -17.82 59.62 -17.21
C ASP H 106 -16.39 59.87 -17.63
N THR H 107 -15.48 58.99 -17.25
CA THR H 107 -14.13 59.00 -17.80
C THR H 107 -13.48 60.38 -17.68
N HIS H 108 -12.93 60.88 -18.78
CA HIS H 108 -12.31 62.19 -18.82
C HIS H 108 -13.11 63.12 -19.70
N LEU H 109 -13.43 64.30 -19.19
CA LEU H 109 -14.23 65.28 -19.93
C LEU H 109 -13.44 66.55 -20.27
N LEU H 110 -13.32 66.82 -21.57
CA LEU H 110 -12.51 67.92 -22.07
C LEU H 110 -13.04 69.31 -21.69
N GLN H 111 -12.11 70.21 -21.39
CA GLN H 111 -12.43 71.56 -20.94
C GLN H 111 -13.24 72.35 -21.97
N GLY H 112 -14.02 73.29 -21.48
CA GLY H 112 -14.92 74.06 -22.32
C GLY H 112 -16.30 73.44 -22.25
N GLN H 113 -16.35 72.13 -22.50
CA GLN H 113 -17.58 71.36 -22.46
C GLN H 113 -18.27 71.46 -21.10
N SER H 114 -19.49 70.95 -21.02
CA SER H 114 -20.30 71.09 -19.82
C SER H 114 -20.56 69.76 -19.12
N LEU H 115 -20.26 69.73 -17.82
CA LEU H 115 -20.61 68.59 -17.00
C LEU H 115 -22.07 68.76 -16.65
N THR H 116 -22.79 67.65 -16.52
CA THR H 116 -24.17 67.67 -16.09
C THR H 116 -24.44 66.42 -15.25
N LEU H 117 -24.67 66.63 -13.96
CA LEU H 117 -24.89 65.50 -13.06
C LEU H 117 -26.38 65.34 -12.73
N THR H 118 -26.90 64.13 -12.98
CA THR H 118 -28.31 63.85 -12.85
C THR H 118 -28.61 63.09 -11.55
N LEU H 119 -29.71 63.45 -10.89
CA LEU H 119 -30.13 62.78 -9.66
C LEU H 119 -31.18 61.70 -9.94
N GLU H 120 -30.92 60.50 -9.45
CA GLU H 120 -31.89 59.42 -9.52
C GLU H 120 -32.69 59.42 -8.20
N SER H 121 -34.00 59.60 -8.34
CA SER H 121 -34.87 59.88 -7.20
C SER H 121 -36.14 59.01 -7.25
N PRO H 122 -36.79 58.82 -6.08
CA PRO H 122 -38.07 58.11 -5.99
C PRO H 122 -39.26 58.99 -6.36
N PRO H 123 -40.32 58.40 -6.96
CA PRO H 123 -41.52 59.14 -7.37
C PRO H 123 -42.13 59.94 -6.23
N GLY H 124 -42.26 61.25 -6.41
CA GLY H 124 -42.92 62.09 -5.43
C GLY H 124 -42.03 63.02 -4.60
N SER H 125 -40.76 62.68 -4.47
CA SER H 125 -39.84 63.50 -3.70
C SER H 125 -39.51 64.78 -4.44
N SER H 126 -39.30 65.87 -3.69
CA SER H 126 -38.89 67.14 -4.28
C SER H 126 -37.56 67.58 -3.69
N PRO H 127 -36.47 66.92 -4.11
CA PRO H 127 -35.13 67.11 -3.52
C PRO H 127 -34.40 68.33 -4.06
N SER H 128 -33.73 69.04 -3.17
CA SER H 128 -32.98 70.23 -3.57
C SER H 128 -31.48 70.00 -3.37
N VAL H 129 -30.73 70.04 -4.46
CA VAL H 129 -29.31 69.67 -4.45
C VAL H 129 -28.38 70.89 -4.51
N GLN H 130 -27.23 70.79 -3.84
CA GLN H 130 -26.18 71.82 -3.92
C GLN H 130 -24.80 71.18 -3.97
N CYS H 131 -24.20 71.20 -5.15
CA CYS H 131 -22.88 70.61 -5.36
C CYS H 131 -21.80 71.68 -5.34
N ARG H 132 -20.73 71.46 -4.60
CA ARG H 132 -19.58 72.38 -4.66
C ARG H 132 -18.37 71.80 -5.41
N SER H 133 -17.80 72.62 -6.31
CA SER H 133 -16.66 72.21 -7.15
C SER H 133 -15.37 72.09 -6.34
N PRO H 134 -14.35 71.42 -6.91
CA PRO H 134 -13.02 71.35 -6.30
C PRO H 134 -12.45 72.74 -6.02
N ARG H 135 -12.79 73.69 -6.86
CA ARG H 135 -12.40 75.08 -6.65
C ARG H 135 -12.97 75.59 -5.31
N GLY H 136 -14.28 75.44 -5.13
CA GLY H 136 -14.95 75.87 -3.92
C GLY H 136 -16.33 76.44 -4.22
N LYS H 137 -16.51 76.86 -5.47
CA LYS H 137 -17.79 77.40 -5.97
C LYS H 137 -18.91 76.38 -5.80
N ASN H 138 -20.14 76.86 -5.59
CA ASN H 138 -21.28 75.96 -5.41
C ASN H 138 -22.45 76.27 -6.35
N ILE H 139 -23.14 75.22 -6.79
CA ILE H 139 -24.26 75.35 -7.73
C ILE H 139 -25.44 74.49 -7.24
N GLN H 140 -26.65 75.02 -7.35
CA GLN H 140 -27.84 74.32 -6.86
C GLN H 140 -28.86 73.96 -7.94
N GLY H 141 -29.74 73.01 -7.64
CA GLY H 141 -30.75 72.55 -8.58
C GLY H 141 -31.42 71.24 -8.21
N GLY H 142 -32.49 70.90 -8.93
CA GLY H 142 -33.24 69.69 -8.64
C GLY H 142 -34.31 69.44 -9.70
N LYS H 143 -34.32 68.23 -10.25
CA LYS H 143 -33.36 67.21 -9.86
C LYS H 143 -32.30 67.05 -10.92
N THR H 144 -31.64 68.15 -11.26
CA THR H 144 -30.63 68.13 -12.30
C THR H 144 -29.73 69.36 -12.22
N LEU H 145 -28.44 69.15 -12.46
CA LEU H 145 -27.46 70.23 -12.41
C LEU H 145 -26.73 70.34 -13.74
N SER H 146 -25.89 71.37 -13.86
CA SER H 146 -25.04 71.58 -15.02
C SER H 146 -24.03 72.70 -14.73
N VAL H 147 -22.87 72.62 -15.36
CA VAL H 147 -21.84 73.64 -15.22
C VAL H 147 -21.44 74.21 -16.59
N SER H 148 -21.49 75.53 -16.71
CA SER H 148 -21.14 76.19 -17.97
C SER H 148 -19.68 76.04 -18.40
N GLN H 149 -18.75 76.18 -17.47
CA GLN H 149 -17.32 76.19 -17.81
C GLN H 149 -16.65 75.25 -16.82
N LEU H 150 -15.88 74.31 -17.35
CA LEU H 150 -15.02 73.48 -16.48
C LEU H 150 -13.63 74.04 -15.95
N GLU H 151 -13.26 75.10 -16.67
CA GLU H 151 -12.10 75.93 -16.32
C GLU H 151 -10.85 75.11 -15.92
N LEU H 152 -10.81 73.84 -16.33
CA LEU H 152 -9.66 72.97 -16.06
C LEU H 152 -9.39 72.75 -14.56
N GLN H 153 -9.06 73.80 -13.83
CA GLN H 153 -8.75 73.68 -12.40
C GLN H 153 -9.97 73.32 -11.55
N ASP H 154 -11.15 73.40 -12.14
CA ASP H 154 -12.38 72.97 -11.48
C ASP H 154 -12.54 71.46 -11.60
N SER H 155 -11.68 70.84 -12.41
CA SER H 155 -11.68 69.40 -12.59
C SER H 155 -11.05 68.69 -11.40
N GLY H 156 -11.81 67.81 -10.76
CA GLY H 156 -11.33 67.11 -9.59
C GLY H 156 -12.42 66.41 -8.81
N THR H 157 -12.42 66.58 -7.49
CA THR H 157 -13.40 65.94 -6.64
C THR H 157 -14.52 66.90 -6.22
N TRP H 158 -15.67 66.74 -6.84
CA TRP H 158 -16.85 67.53 -6.52
C TRP H 158 -17.56 66.96 -5.30
N THR H 159 -18.30 67.83 -4.62
CA THR H 159 -18.94 67.49 -3.36
C THR H 159 -20.40 67.93 -3.34
N CYS H 160 -21.30 67.04 -3.78
CA CYS H 160 -22.70 67.37 -3.96
C CYS H 160 -23.60 66.89 -2.82
N THR H 161 -24.30 67.85 -2.21
CA THR H 161 -25.17 67.54 -1.08
C THR H 161 -26.65 67.57 -1.49
N VAL H 162 -27.35 66.46 -1.30
CA VAL H 162 -28.78 66.41 -1.61
C VAL H 162 -29.63 66.65 -0.35
N LEU H 163 -30.61 67.55 -0.47
CA LEU H 163 -31.43 67.95 0.68
C LEU H 163 -32.90 67.54 0.54
N GLN H 164 -33.43 66.96 1.62
CA GLN H 164 -34.82 66.54 1.70
C GLN H 164 -35.25 66.32 3.17
N ASN H 165 -36.37 66.94 3.56
CA ASN H 165 -36.95 66.78 4.90
C ASN H 165 -36.04 67.06 6.10
N GLN H 166 -35.27 68.15 6.03
CA GLN H 166 -34.35 68.57 7.09
C GLN H 166 -33.17 67.60 7.22
N LYS H 167 -32.98 66.76 6.20
CA LYS H 167 -31.87 65.83 6.17
C LYS H 167 -31.03 66.05 4.90
N LYS H 168 -29.72 65.88 5.03
CA LYS H 168 -28.83 66.01 3.90
C LYS H 168 -28.01 64.73 3.72
N VAL H 169 -27.79 64.35 2.47
CA VAL H 169 -26.91 63.22 2.20
C VAL H 169 -25.80 63.59 1.20
N GLU H 170 -24.61 63.05 1.43
CA GLU H 170 -23.43 63.50 0.71
C GLU H 170 -22.99 62.55 -0.39
N PHE H 171 -22.82 63.11 -1.59
CA PHE H 171 -22.22 62.38 -2.70
C PHE H 171 -20.90 63.03 -3.08
N LYS H 172 -19.88 62.22 -3.36
CA LYS H 172 -18.60 62.73 -3.82
C LYS H 172 -18.40 62.24 -5.25
N ILE H 173 -18.06 63.13 -6.18
CA ILE H 173 -17.96 62.70 -7.58
C ILE H 173 -16.69 63.19 -8.28
N ASP H 174 -15.95 62.27 -8.90
CA ASP H 174 -14.69 62.62 -9.55
C ASP H 174 -14.78 62.85 -11.06
N ILE H 175 -14.46 64.06 -11.48
CA ILE H 175 -14.47 64.43 -12.89
C ILE H 175 -13.07 64.90 -13.31
N VAL H 176 -12.68 64.57 -14.54
CA VAL H 176 -11.36 64.92 -15.04
C VAL H 176 -11.42 65.80 -16.30
N VAL H 177 -10.55 66.81 -16.36
CA VAL H 177 -10.46 67.67 -17.56
C VAL H 177 -9.01 67.87 -18.00
N TYR I 2 -4.86 -13.35 -8.19
CA TYR I 2 -4.52 -14.26 -9.28
C TYR I 2 -3.04 -14.64 -9.24
N VAL I 3 -2.78 -15.90 -8.93
CA VAL I 3 -3.83 -16.87 -8.63
C VAL I 3 -3.64 -17.52 -7.26
N SER I 4 -4.73 -17.72 -6.54
CA SER I 4 -4.64 -18.24 -5.18
C SER I 4 -4.90 -19.73 -5.07
N PRO I 5 -3.88 -20.50 -4.65
CA PRO I 5 -3.97 -21.94 -4.51
C PRO I 5 -4.91 -22.36 -3.39
N LEU I 6 -5.61 -23.47 -3.60
CA LEU I 6 -6.48 -24.06 -2.59
C LEU I 6 -6.60 -25.55 -2.80
N SER I 7 -6.40 -26.32 -1.73
CA SER I 7 -6.55 -27.77 -1.79
C SER I 7 -7.69 -28.25 -0.89
N VAL I 8 -8.47 -29.20 -1.39
CA VAL I 8 -9.58 -29.77 -0.63
C VAL I 8 -9.59 -31.28 -0.79
N ALA I 9 -9.64 -31.99 0.34
CA ALA I 9 -9.76 -33.44 0.30
C ALA I 9 -11.07 -33.77 -0.40
N LEU I 10 -11.03 -34.75 -1.30
CA LEU I 10 -12.21 -35.11 -2.07
C LEU I 10 -13.38 -35.48 -1.17
N GLY I 11 -14.55 -34.90 -1.46
CA GLY I 11 -15.76 -35.25 -0.75
C GLY I 11 -16.11 -34.32 0.40
N GLU I 12 -15.14 -33.54 0.88
CA GLU I 12 -15.40 -32.61 1.97
C GLU I 12 -15.76 -31.22 1.43
N THR I 13 -15.78 -30.22 2.30
CA THR I 13 -16.21 -28.88 1.90
C THR I 13 -15.04 -27.96 1.54
N ALA I 14 -15.26 -27.16 0.49
CA ALA I 14 -14.34 -26.10 0.09
C ALA I 14 -15.02 -24.79 0.42
N ARG I 15 -14.31 -23.90 1.11
CA ARG I 15 -14.87 -22.59 1.42
C ARG I 15 -14.00 -21.45 0.89
N ILE I 16 -14.45 -20.84 -0.19
CA ILE I 16 -13.69 -19.80 -0.88
C ILE I 16 -14.25 -18.40 -0.61
N SER I 17 -13.38 -17.47 -0.26
CA SER I 17 -13.83 -16.14 0.15
C SER I 17 -13.35 -15.06 -0.79
N CYS I 18 -14.21 -14.07 -1.04
CA CYS I 18 -13.89 -12.97 -1.94
C CYS I 18 -12.56 -12.33 -1.60
N GLY I 19 -11.94 -11.71 -2.59
CA GLY I 19 -10.62 -11.15 -2.41
C GLY I 19 -10.68 -9.72 -1.93
N ARG I 20 -11.90 -9.21 -1.83
CA ARG I 20 -12.13 -7.83 -1.41
C ARG I 20 -13.39 -7.77 -0.56
N GLN I 21 -13.41 -6.86 0.41
CA GLN I 21 -14.57 -6.69 1.26
C GLN I 21 -15.68 -6.03 0.48
N ALA I 22 -16.91 -6.17 0.96
CA ALA I 22 -17.98 -5.30 0.47
C ALA I 22 -17.93 -4.03 1.28
N LEU I 23 -18.03 -2.89 0.61
CA LEU I 23 -18.14 -1.65 1.35
C LEU I 23 -19.57 -1.53 1.91
N GLY I 24 -20.54 -1.28 1.05
CA GLY I 24 -21.94 -1.29 1.45
C GLY I 24 -22.72 -2.55 1.07
N SER I 25 -23.95 -2.34 0.62
CA SER I 25 -24.80 -3.44 0.20
C SER I 25 -24.20 -4.01 -1.06
N ARG I 26 -24.28 -5.33 -1.24
CA ARG I 26 -23.54 -5.98 -2.32
C ARG I 26 -24.33 -6.91 -3.21
N ALA I 27 -23.85 -7.06 -4.44
CA ALA I 27 -24.30 -8.10 -5.34
C ALA I 27 -23.08 -8.92 -5.77
N VAL I 28 -22.98 -10.14 -5.28
CA VAL I 28 -21.85 -11.00 -5.62
C VAL I 28 -22.20 -12.04 -6.69
N GLN I 29 -21.28 -12.29 -7.61
CA GLN I 29 -21.44 -13.36 -8.60
C GLN I 29 -20.22 -14.25 -8.61
N TRP I 30 -20.40 -15.56 -8.42
CA TRP I 30 -19.29 -16.48 -8.59
C TRP I 30 -19.37 -17.17 -9.93
N TYR I 31 -18.24 -17.18 -10.64
CA TYR I 31 -18.08 -17.88 -11.90
C TYR I 31 -17.08 -19.00 -11.74
N GLN I 32 -17.45 -20.21 -12.12
CA GLN I 32 -16.46 -21.28 -12.24
C GLN I 32 -15.79 -21.12 -13.59
N HIS I 33 -14.55 -21.59 -13.70
CA HIS I 33 -13.85 -21.52 -14.98
C HIS I 33 -12.70 -22.51 -15.08
N LYS I 34 -12.83 -23.46 -16.01
CA LYS I 34 -11.77 -24.40 -16.30
C LYS I 34 -11.04 -23.96 -17.55
N PRO I 35 -9.82 -23.40 -17.39
CA PRO I 35 -8.99 -22.90 -18.50
C PRO I 35 -8.99 -23.89 -19.65
N GLY I 36 -9.42 -23.42 -20.82
CA GLY I 36 -9.70 -24.30 -21.94
C GLY I 36 -11.17 -24.19 -22.29
N GLN I 37 -12.03 -24.48 -21.31
CA GLN I 37 -13.48 -24.32 -21.48
C GLN I 37 -13.91 -22.86 -21.36
N ALA I 38 -15.21 -22.64 -21.33
CA ALA I 38 -15.77 -21.31 -21.09
C ALA I 38 -16.26 -21.25 -19.65
N PRO I 39 -16.24 -20.03 -19.06
CA PRO I 39 -16.71 -19.83 -17.68
C PRO I 39 -18.18 -20.17 -17.53
N ILE I 40 -18.54 -20.57 -16.31
CA ILE I 40 -19.88 -20.97 -15.98
C ILE I 40 -20.35 -20.13 -14.81
N LEU I 41 -21.52 -19.52 -14.94
CA LEU I 41 -22.06 -18.74 -13.83
C LEU I 41 -22.55 -19.65 -12.71
N LEU I 42 -21.80 -19.71 -11.61
CA LEU I 42 -22.19 -20.51 -10.45
C LEU I 42 -23.28 -19.87 -9.60
N ILE I 43 -23.04 -18.66 -9.14
CA ILE I 43 -24.03 -18.00 -8.28
C ILE I 43 -24.17 -16.55 -8.70
N TYR I 44 -25.39 -16.04 -8.72
CA TYR I 44 -25.54 -14.62 -9.01
C TYR I 44 -26.44 -14.02 -7.95
N ASN I 45 -26.41 -12.69 -7.83
CA ASN I 45 -27.15 -11.98 -6.78
C ASN I 45 -26.99 -12.62 -5.41
N ASN I 46 -25.75 -12.70 -4.97
CA ASN I 46 -25.36 -13.27 -3.69
C ASN I 46 -25.62 -14.77 -3.46
N GLN I 47 -26.84 -15.24 -3.71
CA GLN I 47 -27.16 -16.63 -3.39
C GLN I 47 -27.99 -17.31 -4.47
N ASP I 48 -28.61 -16.51 -5.33
CA ASP I 48 -29.42 -17.05 -6.42
C ASP I 48 -28.59 -17.91 -7.36
N ARG I 49 -29.00 -19.16 -7.45
CA ARG I 49 -28.26 -20.19 -8.14
C ARG I 49 -28.98 -20.47 -9.45
N PRO I 50 -28.37 -20.12 -10.60
CA PRO I 50 -29.04 -20.23 -11.90
C PRO I 50 -29.30 -21.68 -12.28
N SER I 51 -30.31 -21.90 -13.12
CA SER I 51 -30.78 -23.24 -13.47
C SER I 51 -29.68 -24.25 -13.79
N GLY I 52 -29.82 -25.44 -13.24
CA GLY I 52 -28.89 -26.50 -13.56
C GLY I 52 -27.54 -26.41 -12.86
N ILE I 53 -27.49 -25.69 -11.75
CA ILE I 53 -26.30 -25.70 -10.91
C ILE I 53 -26.63 -26.41 -9.61
N PRO I 54 -25.78 -27.38 -9.22
CA PRO I 54 -26.08 -28.21 -8.06
C PRO I 54 -26.27 -27.42 -6.77
N GLU I 55 -27.07 -28.01 -5.88
CA GLU I 55 -27.32 -27.51 -4.53
C GLU I 55 -26.06 -27.41 -3.68
N ARG I 56 -24.99 -28.10 -4.09
CA ARG I 56 -23.73 -28.12 -3.35
C ARG I 56 -23.10 -26.73 -3.28
N PHE I 57 -23.23 -25.96 -4.36
CA PHE I 57 -22.74 -24.59 -4.39
C PHE I 57 -23.72 -23.64 -3.73
N SER I 58 -23.17 -22.70 -2.97
CA SER I 58 -23.99 -21.77 -2.21
C SER I 58 -23.18 -20.54 -1.80
N GLY I 59 -23.74 -19.36 -2.05
CA GLY I 59 -23.13 -18.13 -1.61
C GLY I 59 -23.42 -17.88 -0.14
N THR I 60 -22.99 -16.71 0.35
CA THR I 60 -23.42 -16.21 1.65
C THR I 60 -24.19 -14.93 1.37
N PRO I 61 -25.45 -14.89 1.82
CA PRO I 61 -26.39 -13.83 1.43
C PRO I 61 -26.16 -12.53 2.20
N ASP I 62 -26.62 -11.42 1.63
CA ASP I 62 -26.37 -10.10 2.21
C ASP I 62 -27.51 -9.62 3.11
N ILE I 63 -27.73 -10.31 4.23
CA ILE I 63 -28.81 -9.97 5.13
C ILE I 63 -28.36 -9.00 6.23
N ASN I 64 -27.20 -9.28 6.81
CA ASN I 64 -26.67 -8.46 7.89
C ASN I 64 -25.42 -7.69 7.49
N PHE I 65 -24.70 -7.13 8.46
CA PHE I 65 -23.67 -6.14 8.13
C PHE I 65 -22.24 -6.61 7.86
N GLY I 66 -21.65 -7.37 8.77
CA GLY I 66 -20.25 -7.73 8.58
C GLY I 66 -20.02 -8.86 7.60
N THR I 67 -21.04 -9.69 7.44
CA THR I 67 -20.93 -10.99 6.78
C THR I 67 -20.02 -11.06 5.56
N THR I 68 -18.99 -11.89 5.68
CA THR I 68 -18.05 -12.24 4.62
C THR I 68 -18.75 -12.88 3.43
N ALA I 69 -18.34 -12.53 2.21
CA ALA I 69 -18.88 -13.18 1.02
C ALA I 69 -18.13 -14.46 0.68
N THR I 70 -18.78 -15.61 0.86
CA THR I 70 -18.12 -16.91 0.70
C THR I 70 -18.88 -17.95 -0.10
N LEU I 71 -18.28 -18.42 -1.19
CA LEU I 71 -18.80 -19.57 -1.93
C LEU I 71 -18.44 -20.86 -1.20
N THR I 72 -19.44 -21.71 -1.03
CA THR I 72 -19.28 -22.95 -0.29
C THR I 72 -19.63 -24.16 -1.17
N ILE I 73 -18.61 -24.96 -1.46
CA ILE I 73 -18.75 -26.16 -2.27
C ILE I 73 -18.68 -27.36 -1.35
N SER I 74 -19.84 -27.81 -0.87
CA SER I 74 -19.90 -28.93 0.06
C SER I 74 -20.03 -30.26 -0.69
N GLY I 75 -19.25 -31.25 -0.25
CA GLY I 75 -19.13 -32.51 -0.96
C GLY I 75 -18.46 -32.35 -2.32
N VAL I 76 -17.18 -31.97 -2.31
CA VAL I 76 -16.49 -31.66 -3.55
C VAL I 76 -16.27 -32.91 -4.37
N GLU I 77 -16.20 -32.71 -5.68
CA GLU I 77 -16.04 -33.78 -6.65
C GLU I 77 -14.86 -33.40 -7.52
N VAL I 78 -14.12 -34.39 -7.99
CA VAL I 78 -12.91 -34.12 -8.77
C VAL I 78 -13.16 -33.18 -9.95
N GLY I 79 -14.41 -33.04 -10.36
CA GLY I 79 -14.75 -32.14 -11.43
C GLY I 79 -14.97 -30.71 -10.94
N ASP I 80 -14.72 -30.48 -9.66
CA ASP I 80 -14.82 -29.13 -9.11
C ASP I 80 -13.46 -28.47 -9.10
N GLU I 81 -12.46 -29.20 -9.59
CA GLU I 81 -11.14 -28.67 -9.81
C GLU I 81 -11.30 -27.59 -10.88
N ALA I 82 -11.03 -26.34 -10.52
CA ALA I 82 -11.24 -25.22 -11.43
C ALA I 82 -10.67 -23.90 -10.87
N ASP I 83 -10.60 -22.87 -11.71
CA ASP I 83 -10.39 -21.50 -11.25
C ASP I 83 -11.74 -20.93 -10.85
N TYR I 84 -11.86 -20.46 -9.62
CA TYR I 84 -13.11 -19.81 -9.21
C TYR I 84 -12.95 -18.30 -9.14
N TYR I 85 -13.91 -17.58 -9.71
CA TYR I 85 -13.90 -16.12 -9.68
C TYR I 85 -15.05 -15.58 -8.85
N CYS I 86 -14.80 -14.49 -8.13
CA CYS I 86 -15.87 -13.77 -7.45
C CYS I 86 -15.93 -12.31 -7.88
N HIS I 87 -16.90 -12.02 -8.74
CA HIS I 87 -17.13 -10.71 -9.28
C HIS I 87 -17.98 -9.89 -8.32
N MET I 88 -17.39 -8.82 -7.78
CA MET I 88 -17.96 -8.13 -6.64
C MET I 88 -18.52 -6.74 -6.86
N TRP I 89 -19.81 -6.54 -6.58
CA TRP I 89 -20.43 -5.24 -6.80
C TRP I 89 -20.96 -4.65 -5.51
N ASP I 90 -20.80 -3.35 -5.31
CA ASP I 90 -21.47 -2.69 -4.18
C ASP I 90 -21.81 -1.22 -4.45
N SER I 91 -22.59 -0.63 -3.55
CA SER I 91 -23.04 0.75 -3.70
C SER I 91 -21.87 1.73 -3.71
N ARG I 92 -20.90 1.49 -2.85
CA ARG I 92 -19.82 2.45 -2.63
C ARG I 92 -18.67 2.36 -3.63
N SER I 93 -18.76 1.44 -4.58
CA SER I 93 -17.58 1.13 -5.38
C SER I 93 -17.69 1.47 -6.86
N GLY I 94 -18.90 1.73 -7.33
CA GLY I 94 -19.10 2.03 -8.74
C GLY I 94 -18.90 0.79 -9.57
N PHE I 95 -18.93 0.95 -10.89
CA PHE I 95 -18.86 -0.20 -11.81
C PHE I 95 -17.67 -1.08 -11.51
N SER I 96 -17.85 -2.37 -11.74
CA SER I 96 -16.93 -3.38 -11.28
C SER I 96 -16.33 -4.15 -12.44
N TRP I 97 -15.36 -3.55 -13.14
CA TRP I 97 -14.82 -4.13 -14.36
C TRP I 97 -13.92 -5.34 -14.14
N SER I 98 -13.60 -5.65 -12.88
CA SER I 98 -12.70 -6.77 -12.66
C SER I 98 -13.36 -7.97 -11.99
N PHE I 99 -13.06 -9.17 -12.50
CA PHE I 99 -13.60 -10.40 -11.93
C PHE I 99 -12.76 -10.88 -10.77
N GLY I 100 -11.71 -10.12 -10.46
CA GLY I 100 -10.85 -10.47 -9.35
C GLY I 100 -9.80 -11.49 -9.71
N GLY I 101 -9.04 -11.92 -8.70
CA GLY I 101 -8.09 -12.99 -8.90
C GLY I 101 -8.90 -14.26 -8.82
N ALA I 102 -8.31 -15.37 -9.20
CA ALA I 102 -9.04 -16.63 -9.14
C ALA I 102 -8.49 -17.47 -8.01
N THR I 103 -9.36 -18.33 -7.45
CA THR I 103 -8.90 -19.34 -6.51
C THR I 103 -8.82 -20.65 -7.25
N ARG I 104 -7.62 -21.18 -7.38
CA ARG I 104 -7.43 -22.41 -8.12
C ARG I 104 -7.60 -23.61 -7.20
N LEU I 105 -8.77 -24.23 -7.32
CA LEU I 105 -9.15 -25.38 -6.48
C LEU I 105 -8.51 -26.66 -6.99
N THR I 106 -7.90 -27.42 -6.09
CA THR I 106 -7.24 -28.66 -6.43
C THR I 106 -7.80 -29.77 -5.57
N VAL I 107 -8.31 -30.82 -6.19
CA VAL I 107 -9.01 -31.85 -5.43
C VAL I 107 -8.13 -33.03 -5.12
N LEU I 108 -7.92 -33.25 -3.81
CA LEU I 108 -7.00 -34.25 -3.32
C LEU I 108 -7.62 -35.62 -3.18
N SER I 109 -6.76 -36.64 -3.15
CA SER I 109 -7.15 -38.01 -2.87
C SER I 109 -8.11 -38.58 -3.93
N GLN I 110 -7.63 -38.62 -5.17
CA GLN I 110 -8.39 -39.20 -6.27
C GLN I 110 -7.89 -40.61 -6.53
N PRO I 111 -8.72 -41.47 -7.15
CA PRO I 111 -8.32 -42.86 -7.30
C PRO I 111 -7.25 -43.01 -8.39
N LYS I 112 -6.32 -43.94 -8.20
CA LYS I 112 -5.31 -44.25 -9.22
C LYS I 112 -6.00 -44.75 -10.50
N ALA I 113 -5.31 -44.65 -11.63
CA ALA I 113 -5.85 -45.17 -12.87
C ALA I 113 -4.71 -45.58 -13.79
N ALA I 114 -4.73 -46.83 -14.27
CA ALA I 114 -3.70 -47.26 -15.19
C ALA I 114 -3.89 -46.65 -16.57
N PRO I 115 -2.79 -46.27 -17.22
CA PRO I 115 -2.85 -45.77 -18.59
C PRO I 115 -3.28 -46.86 -19.55
N SER I 116 -4.11 -46.50 -20.53
CA SER I 116 -4.49 -47.40 -21.61
C SER I 116 -3.71 -47.01 -22.85
N VAL I 117 -2.68 -47.79 -23.17
CA VAL I 117 -1.80 -47.43 -24.27
C VAL I 117 -2.22 -48.07 -25.61
N THR I 118 -1.98 -47.34 -26.70
CA THR I 118 -2.38 -47.76 -28.03
C THR I 118 -1.39 -47.22 -29.03
N LEU I 119 -0.43 -48.04 -29.42
CA LEU I 119 0.58 -47.67 -30.39
C LEU I 119 0.06 -47.92 -31.81
N PHE I 120 0.50 -47.12 -32.78
CA PHE I 120 0.14 -47.32 -34.19
C PHE I 120 1.39 -47.27 -35.05
N PRO I 121 1.49 -48.15 -36.05
CA PRO I 121 2.57 -48.12 -37.05
C PRO I 121 2.36 -46.96 -38.00
N PRO I 122 3.39 -46.56 -38.75
CA PRO I 122 3.21 -45.52 -39.75
C PRO I 122 2.14 -45.93 -40.77
N SER I 123 1.47 -44.95 -41.36
CA SER I 123 0.47 -45.26 -42.38
C SER I 123 1.18 -45.48 -43.71
N SER I 124 0.39 -45.78 -44.73
CA SER I 124 0.90 -46.06 -46.06
C SER I 124 1.09 -44.76 -46.85
N GLU I 125 0.04 -43.92 -46.85
CA GLU I 125 0.06 -42.59 -47.48
C GLU I 125 1.33 -41.87 -47.05
N GLU I 126 1.51 -41.86 -45.73
CA GLU I 126 2.65 -41.23 -45.08
C GLU I 126 3.98 -41.75 -45.58
N LEU I 127 4.16 -43.07 -45.47
CA LEU I 127 5.40 -43.72 -45.90
C LEU I 127 5.71 -43.49 -47.39
N GLN I 128 4.64 -43.29 -48.17
CA GLN I 128 4.76 -43.02 -49.61
C GLN I 128 5.16 -41.54 -49.77
N ALA I 129 4.75 -40.72 -48.80
CA ALA I 129 5.13 -39.31 -48.81
C ALA I 129 6.58 -39.12 -48.34
N ASN I 130 7.25 -40.24 -48.06
CA ASN I 130 8.64 -40.26 -47.62
C ASN I 130 8.84 -39.66 -46.23
N LYS I 131 7.96 -40.03 -45.30
CA LYS I 131 7.98 -39.55 -43.92
C LYS I 131 7.28 -40.57 -43.03
N ALA I 132 8.01 -41.16 -42.08
CA ALA I 132 7.39 -42.11 -41.16
C ALA I 132 7.35 -41.57 -39.73
N THR I 133 6.21 -41.78 -39.06
CA THR I 133 6.00 -41.31 -37.69
C THR I 133 5.15 -42.30 -36.92
N LEU I 134 5.66 -42.78 -35.79
CA LEU I 134 4.93 -43.72 -34.96
C LEU I 134 4.13 -42.96 -33.90
N VAL I 135 3.04 -43.56 -33.44
CA VAL I 135 2.10 -42.85 -32.58
C VAL I 135 1.71 -43.70 -31.37
N CYS I 136 2.21 -43.31 -30.20
CA CYS I 136 1.83 -43.97 -28.96
C CYS I 136 0.82 -43.11 -28.20
N LEU I 137 -0.39 -43.61 -28.01
CA LEU I 137 -1.44 -42.85 -27.34
C LEU I 137 -1.77 -43.39 -25.95
N ILE I 138 -1.65 -42.53 -24.95
CA ILE I 138 -1.81 -42.91 -23.54
C ILE I 138 -3.07 -42.27 -22.94
N SER I 139 -3.90 -43.08 -22.26
CA SER I 139 -5.24 -42.61 -21.86
C SER I 139 -5.68 -43.01 -20.46
N ASP I 140 -6.67 -42.27 -19.94
CA ASP I 140 -7.35 -42.61 -18.68
C ASP I 140 -6.44 -42.94 -17.50
N PHE I 141 -5.54 -42.02 -17.15
CA PHE I 141 -4.66 -42.24 -16.01
C PHE I 141 -4.64 -41.11 -14.98
N TYR I 142 -4.37 -41.50 -13.74
CA TYR I 142 -4.17 -40.57 -12.63
C TYR I 142 -3.12 -41.18 -11.72
N PRO I 143 -2.11 -40.40 -11.30
CA PRO I 143 -1.91 -38.98 -11.53
C PRO I 143 -1.35 -38.73 -12.90
N GLY I 144 -1.39 -37.49 -13.38
CA GLY I 144 -0.86 -37.16 -14.68
C GLY I 144 0.66 -37.17 -14.72
N ALA I 145 1.26 -38.32 -14.50
CA ALA I 145 2.71 -38.40 -14.46
C ALA I 145 3.22 -39.69 -15.07
N VAL I 146 3.31 -39.69 -16.40
CA VAL I 146 3.80 -40.81 -17.17
C VAL I 146 5.23 -40.57 -17.71
N THR I 147 6.05 -41.62 -17.70
CA THR I 147 7.33 -41.63 -18.39
C THR I 147 7.23 -42.49 -19.65
N VAL I 148 7.78 -42.01 -20.76
CA VAL I 148 7.66 -42.74 -22.03
C VAL I 148 9.01 -43.03 -22.68
N ALA I 149 9.25 -44.30 -23.00
CA ALA I 149 10.48 -44.74 -23.64
C ALA I 149 10.22 -45.43 -25.00
N TRP I 150 11.06 -45.15 -25.99
CA TRP I 150 10.99 -45.82 -27.28
C TRP I 150 12.18 -46.72 -27.47
N LYS I 151 11.97 -47.86 -28.12
CA LYS I 151 13.08 -48.75 -28.47
C LYS I 151 13.08 -49.16 -29.94
N ALA I 152 14.25 -49.10 -30.56
CA ALA I 152 14.44 -49.72 -31.85
C ALA I 152 15.04 -51.07 -31.52
N ASP I 153 14.28 -52.13 -31.80
CA ASP I 153 14.69 -53.46 -31.40
C ASP I 153 14.92 -53.48 -29.88
N SER I 154 16.02 -54.08 -29.44
CA SER I 154 16.40 -54.08 -28.03
C SER I 154 16.75 -52.72 -27.45
N SER I 155 17.46 -51.92 -28.24
CA SER I 155 18.10 -50.69 -27.80
C SER I 155 17.15 -49.49 -27.79
N PRO I 156 17.32 -48.59 -26.82
CA PRO I 156 16.58 -47.32 -26.76
C PRO I 156 16.90 -46.45 -27.96
N VAL I 157 15.84 -45.93 -28.58
CA VAL I 157 15.90 -45.02 -29.73
C VAL I 157 16.92 -43.88 -29.58
N LYS I 158 17.56 -43.53 -30.69
CA LYS I 158 18.69 -42.61 -30.65
C LYS I 158 18.31 -41.13 -30.73
N ALA I 159 17.15 -40.84 -31.30
CA ALA I 159 16.67 -39.47 -31.51
C ALA I 159 15.25 -39.44 -32.08
N GLY I 160 14.68 -38.25 -32.22
CA GLY I 160 13.41 -38.09 -32.90
C GLY I 160 12.13 -38.28 -32.10
N VAL I 161 12.21 -38.23 -30.77
CA VAL I 161 11.01 -38.34 -29.94
C VAL I 161 10.47 -36.95 -29.61
N GLU I 162 9.15 -36.85 -29.47
CA GLU I 162 8.48 -35.62 -29.05
C GLU I 162 7.23 -35.92 -28.24
N THR I 163 7.39 -36.27 -26.98
CA THR I 163 6.26 -36.57 -26.11
C THR I 163 5.55 -35.31 -25.64
N THR I 164 4.22 -35.36 -25.54
CA THR I 164 3.46 -34.26 -24.96
C THR I 164 3.44 -34.29 -23.45
N THR I 165 2.59 -33.46 -22.88
CA THR I 165 2.62 -33.19 -21.46
C THR I 165 1.24 -33.26 -20.85
N PRO I 166 0.98 -34.31 -20.05
CA PRO I 166 -0.33 -34.80 -19.58
C PRO I 166 -1.33 -33.68 -19.27
N SER I 167 -2.59 -33.87 -19.63
CA SER I 167 -3.61 -32.88 -19.34
C SER I 167 -4.96 -33.55 -19.18
N LYS I 168 -5.76 -33.09 -18.23
CA LYS I 168 -7.06 -33.69 -17.98
C LYS I 168 -7.92 -33.79 -19.24
N GLN I 169 -8.61 -34.91 -19.36
CA GLN I 169 -9.58 -35.07 -20.42
C GLN I 169 -10.96 -34.98 -19.79
N SER I 170 -11.99 -34.99 -20.61
CA SER I 170 -13.37 -34.99 -20.13
C SER I 170 -13.57 -36.11 -19.11
N ASN I 171 -12.96 -37.27 -19.36
CA ASN I 171 -13.08 -38.43 -18.48
C ASN I 171 -12.53 -38.18 -17.08
N ASN I 172 -11.87 -37.04 -16.92
CA ASN I 172 -11.26 -36.57 -15.66
C ASN I 172 -9.97 -37.28 -15.23
N LYS I 173 -9.43 -38.11 -16.12
CA LYS I 173 -8.11 -38.67 -15.94
C LYS I 173 -7.24 -38.02 -17.00
N TYR I 174 -5.92 -38.20 -16.93
CA TYR I 174 -5.01 -37.48 -17.82
C TYR I 174 -4.76 -38.21 -19.15
N ALA I 175 -4.06 -37.56 -20.08
CA ALA I 175 -3.83 -38.14 -21.41
C ALA I 175 -2.57 -37.62 -22.08
N ALA I 176 -1.75 -38.54 -22.56
CA ALA I 176 -0.55 -38.12 -23.28
C ALA I 176 -0.36 -38.81 -24.64
N SER I 177 0.38 -38.12 -25.51
CA SER I 177 0.71 -38.64 -26.83
C SER I 177 2.20 -38.63 -26.91
N SER I 178 2.77 -39.61 -27.58
CA SER I 178 4.21 -39.66 -27.82
C SER I 178 4.45 -39.98 -29.28
N TYR I 179 5.06 -39.05 -30.01
CA TYR I 179 5.27 -39.26 -31.42
C TYR I 179 6.73 -39.56 -31.73
N LEU I 180 7.03 -40.82 -32.07
CA LEU I 180 8.35 -41.19 -32.59
C LEU I 180 8.40 -40.97 -34.10
N SER I 181 9.40 -40.23 -34.57
CA SER I 181 9.42 -39.87 -35.98
C SER I 181 10.77 -40.10 -36.64
N LEU I 182 10.78 -40.95 -37.66
CA LEU I 182 12.03 -41.34 -38.32
C LEU I 182 11.88 -41.33 -39.83
N THR I 183 12.95 -41.68 -40.54
CA THR I 183 12.90 -41.83 -42.00
C THR I 183 12.36 -43.23 -42.35
N PRO I 184 11.64 -43.36 -43.48
CA PRO I 184 10.83 -44.56 -43.70
C PRO I 184 11.66 -45.83 -43.80
N GLU I 185 12.92 -45.70 -44.21
CA GLU I 185 13.79 -46.87 -44.30
C GLU I 185 14.16 -47.36 -42.90
N GLN I 186 14.44 -46.42 -42.01
CA GLN I 186 14.78 -46.73 -40.61
C GLN I 186 13.67 -47.55 -39.96
N TRP I 187 12.44 -47.25 -40.37
CA TRP I 187 11.26 -47.97 -39.91
C TRP I 187 11.37 -49.44 -40.29
N LYS I 188 11.81 -49.68 -41.52
CA LYS I 188 11.95 -51.01 -42.08
C LYS I 188 13.25 -51.76 -41.73
N SER I 189 14.36 -51.03 -41.64
CA SER I 189 15.67 -51.62 -41.36
C SER I 189 15.85 -52.09 -39.90
N HIS I 190 14.73 -52.27 -39.22
CA HIS I 190 14.73 -52.70 -37.81
C HIS I 190 13.63 -53.73 -37.73
N LYS I 191 13.81 -54.72 -36.87
CA LYS I 191 12.82 -55.80 -36.75
C LYS I 191 11.53 -55.27 -36.14
N SER I 192 11.63 -54.63 -34.97
CA SER I 192 10.47 -54.04 -34.29
C SER I 192 10.68 -52.60 -33.81
N TYR I 193 9.68 -52.11 -33.08
CA TYR I 193 9.75 -50.81 -32.41
C TYR I 193 8.80 -50.83 -31.21
N SER I 194 9.34 -50.57 -30.03
CA SER I 194 8.49 -50.53 -28.84
C SER I 194 8.24 -49.12 -28.30
N CYS I 195 7.01 -48.92 -27.84
CA CYS I 195 6.66 -47.72 -27.12
C CYS I 195 6.24 -48.15 -25.73
N GLN I 196 7.10 -47.96 -24.74
CA GLN I 196 6.79 -48.45 -23.40
C GLN I 196 6.64 -47.35 -22.35
N VAL I 197 5.48 -47.35 -21.68
CA VAL I 197 5.09 -46.27 -20.79
C VAL I 197 5.01 -46.69 -19.33
N THR I 198 5.67 -45.92 -18.47
CA THR I 198 5.68 -46.19 -17.05
C THR I 198 4.76 -45.22 -16.36
N HIS I 199 4.05 -45.67 -15.34
CA HIS I 199 3.13 -44.83 -14.60
C HIS I 199 2.89 -45.33 -13.19
N GLU I 200 3.60 -44.71 -12.25
CA GLU I 200 3.58 -45.10 -10.85
C GLU I 200 4.23 -46.47 -10.62
N GLY I 201 5.45 -46.60 -11.15
CA GLY I 201 6.26 -47.81 -11.00
C GLY I 201 5.73 -49.01 -11.75
N SER I 202 4.81 -48.77 -12.68
CA SER I 202 4.15 -49.84 -13.41
C SER I 202 4.18 -49.54 -14.91
N THR I 203 4.92 -50.36 -15.64
CA THR I 203 5.10 -50.19 -17.08
C THR I 203 4.08 -50.98 -17.91
N VAL I 204 3.55 -50.35 -18.96
CA VAL I 204 2.78 -51.07 -19.96
C VAL I 204 3.56 -50.96 -21.26
N GLU I 205 3.48 -51.97 -22.11
CA GLU I 205 4.30 -51.97 -23.30
C GLU I 205 3.49 -52.27 -24.55
N LYS I 206 3.99 -51.76 -25.68
CA LYS I 206 3.40 -52.00 -26.97
C LYS I 206 4.52 -52.05 -27.99
N THR I 207 4.35 -52.90 -28.99
CA THR I 207 5.33 -53.03 -30.05
C THR I 207 4.62 -53.08 -31.40
N VAL I 208 5.24 -52.48 -32.40
CA VAL I 208 4.80 -52.65 -33.78
C VAL I 208 5.99 -53.06 -34.60
N ALA I 209 5.76 -53.94 -35.58
CA ALA I 209 6.80 -54.31 -36.53
C ALA I 209 6.29 -53.90 -37.91
N PRO I 210 7.21 -53.62 -38.84
CA PRO I 210 6.77 -53.33 -40.21
C PRO I 210 6.24 -54.60 -40.88
N THR I 211 5.21 -54.47 -41.71
CA THR I 211 4.65 -55.59 -42.45
C THR I 211 3.89 -55.11 -43.69
N VAL J 2 -31.14 -20.22 -25.52
CA VAL J 2 -30.37 -19.47 -26.51
C VAL J 2 -28.91 -19.93 -26.53
N GLN J 3 -28.32 -19.96 -27.73
CA GLN J 3 -27.00 -20.52 -27.92
C GLN J 3 -26.06 -19.50 -28.53
N LEU J 4 -24.77 -19.61 -28.21
CA LEU J 4 -23.76 -18.68 -28.71
C LEU J 4 -22.59 -19.38 -29.41
N GLN J 5 -22.18 -18.84 -30.55
CA GLN J 5 -21.08 -19.39 -31.34
C GLN J 5 -20.11 -18.31 -31.82
N GLU J 6 -18.87 -18.38 -31.35
CA GLU J 6 -17.87 -17.40 -31.74
C GLU J 6 -17.10 -17.83 -32.97
N SER J 7 -16.38 -16.88 -33.56
CA SER J 7 -15.52 -17.18 -34.71
C SER J 7 -14.61 -16.01 -35.01
N GLY J 8 -13.31 -16.30 -35.10
CA GLY J 8 -12.33 -15.29 -35.44
C GLY J 8 -11.33 -15.82 -36.44
N PRO J 9 -10.34 -15.00 -36.77
CA PRO J 9 -9.17 -15.42 -37.54
C PRO J 9 -8.29 -16.25 -36.64
N GLY J 10 -7.58 -17.22 -37.18
CA GLY J 10 -6.66 -17.97 -36.34
C GLY J 10 -5.59 -17.05 -35.81
N LEU J 11 -5.09 -16.19 -36.68
CA LEU J 11 -3.96 -15.32 -36.37
C LEU J 11 -4.20 -13.88 -36.77
N VAL J 12 -3.57 -12.96 -36.04
CA VAL J 12 -3.57 -11.55 -36.39
C VAL J 12 -2.15 -11.04 -36.40
N ARG J 13 -1.77 -10.36 -37.48
CA ARG J 13 -0.47 -9.72 -37.53
C ARG J 13 -0.47 -8.48 -36.65
N PRO J 14 0.63 -8.24 -35.95
CA PRO J 14 0.86 -7.18 -34.98
C PRO J 14 0.23 -5.79 -35.20
N SER J 15 0.63 -5.01 -36.19
CA SER J 15 0.04 -3.68 -36.25
C SER J 15 -1.47 -3.69 -36.56
N GLU J 16 -1.97 -4.85 -36.99
CA GLU J 16 -3.30 -4.97 -37.57
C GLU J 16 -4.42 -4.87 -36.53
N THR J 17 -5.66 -5.09 -37.00
CA THR J 17 -6.85 -4.88 -36.18
C THR J 17 -7.67 -6.15 -36.01
N LEU J 18 -7.66 -6.72 -34.81
CA LEU J 18 -8.42 -7.94 -34.54
C LEU J 18 -9.91 -7.68 -34.75
N SER J 19 -10.63 -8.74 -35.12
CA SER J 19 -12.07 -8.69 -35.31
C SER J 19 -12.65 -10.08 -35.12
N VAL J 20 -13.52 -10.24 -34.14
CA VAL J 20 -14.18 -11.52 -33.95
C VAL J 20 -15.71 -11.36 -33.92
N THR J 21 -16.43 -12.43 -34.24
CA THR J 21 -17.88 -12.34 -34.28
C THR J 21 -18.50 -13.42 -33.44
N CYS J 22 -19.79 -13.24 -33.15
CA CYS J 22 -20.57 -14.24 -32.47
C CYS J 22 -21.93 -14.30 -33.13
N ILE J 23 -22.41 -15.51 -33.40
CA ILE J 23 -23.64 -15.68 -34.17
C ILE J 23 -24.65 -16.45 -33.35
N VAL J 24 -25.77 -15.82 -33.05
CA VAL J 24 -26.68 -16.36 -32.04
C VAL J 24 -27.93 -17.06 -32.57
N SER J 25 -28.21 -18.22 -31.98
CA SER J 25 -29.42 -18.99 -32.26
C SER J 25 -30.61 -18.26 -31.63
N GLY J 26 -31.81 -18.74 -31.94
CA GLY J 26 -33.02 -18.13 -31.41
C GLY J 26 -32.97 -17.94 -29.91
N GLY J 27 -33.50 -16.80 -29.45
CA GLY J 27 -34.20 -15.88 -30.31
C GLY J 27 -33.37 -14.73 -30.89
N SER J 28 -33.80 -13.52 -30.62
CA SER J 28 -33.27 -12.34 -31.30
C SER J 28 -32.13 -11.67 -30.55
N ILE J 29 -31.20 -11.10 -31.31
CA ILE J 29 -30.06 -10.44 -30.74
C ILE J 29 -30.44 -9.07 -30.21
N SER J 30 -31.62 -8.58 -30.57
CA SER J 30 -32.05 -7.25 -30.14
C SER J 30 -32.61 -7.29 -28.73
N ASN J 31 -32.96 -8.47 -28.25
CA ASN J 31 -33.68 -8.63 -26.98
C ASN J 31 -32.78 -8.69 -25.75
N TYR J 32 -31.47 -8.51 -25.92
CA TYR J 32 -30.54 -8.79 -24.84
C TYR J 32 -29.41 -7.77 -24.68
N TYR J 33 -28.72 -7.84 -23.55
CA TYR J 33 -27.42 -7.21 -23.39
C TYR J 33 -26.35 -8.25 -23.79
N TRP J 34 -25.38 -7.81 -24.60
CA TRP J 34 -24.33 -8.69 -25.14
C TRP J 34 -22.94 -8.21 -24.76
N THR J 35 -22.10 -9.12 -24.27
CA THR J 35 -20.80 -8.73 -23.78
C THR J 35 -19.65 -9.58 -24.33
N TRP J 36 -18.44 -9.06 -24.20
CA TRP J 36 -17.24 -9.85 -24.52
C TRP J 36 -16.29 -9.99 -23.34
N ILE J 37 -15.90 -11.22 -23.04
CA ILE J 37 -14.89 -11.50 -22.03
C ILE J 37 -13.69 -12.12 -22.73
N ARG J 38 -12.47 -11.88 -22.29
CA ARG J 38 -11.37 -12.63 -22.88
C ARG J 38 -10.45 -13.22 -21.84
N GLN J 39 -9.79 -14.32 -22.17
CA GLN J 39 -8.81 -14.90 -21.27
C GLN J 39 -7.44 -14.99 -21.90
N SER J 40 -6.48 -14.24 -21.36
CA SER J 40 -5.11 -14.26 -21.88
C SER J 40 -4.25 -15.26 -21.12
N PRO J 41 -3.09 -15.65 -21.70
CA PRO J 41 -2.23 -16.61 -21.00
C PRO J 41 -1.66 -15.99 -19.74
N GLY J 42 -1.85 -16.64 -18.59
CA GLY J 42 -1.28 -16.17 -17.34
C GLY J 42 -1.89 -14.89 -16.80
N LYS J 43 -2.94 -14.41 -17.47
CA LYS J 43 -3.76 -13.33 -16.93
C LYS J 43 -5.15 -13.89 -16.63
N GLY J 44 -5.94 -13.17 -15.85
CA GLY J 44 -7.27 -13.66 -15.49
C GLY J 44 -8.30 -13.42 -16.58
N LEU J 45 -9.56 -13.71 -16.29
CA LEU J 45 -10.62 -13.30 -17.19
C LEU J 45 -10.61 -11.77 -17.31
N GLU J 46 -10.62 -11.26 -18.53
CA GLU J 46 -10.74 -9.81 -18.73
C GLU J 46 -12.08 -9.45 -19.38
N TRP J 47 -12.73 -8.40 -18.86
CA TRP J 47 -14.00 -7.93 -19.40
C TRP J 47 -13.71 -6.78 -20.39
N ILE J 48 -14.09 -6.94 -21.65
CA ILE J 48 -13.77 -5.92 -22.65
C ILE J 48 -14.83 -4.83 -22.67
N GLY J 49 -16.08 -5.23 -22.60
CA GLY J 49 -17.20 -4.30 -22.67
C GLY J 49 -18.51 -4.97 -23.06
N TYR J 50 -19.56 -4.16 -23.13
CA TYR J 50 -20.87 -4.65 -23.55
C TYR J 50 -21.66 -3.67 -24.40
N ILE J 51 -22.78 -4.18 -24.90
CA ILE J 51 -23.70 -3.42 -25.71
C ILE J 51 -25.09 -3.78 -25.23
N SER J 52 -25.93 -2.77 -25.03
CA SER J 52 -27.28 -2.99 -24.54
C SER J 52 -28.27 -3.15 -25.70
N ASP J 53 -29.50 -3.52 -25.39
CA ASP J 53 -30.55 -3.57 -26.41
C ASP J 53 -30.81 -2.21 -27.07
N ARG J 54 -30.36 -1.14 -26.43
CA ARG J 54 -30.49 0.20 -27.00
C ARG J 54 -29.31 0.48 -27.92
N GLU J 55 -28.47 -0.53 -28.10
CA GLU J 55 -27.25 -0.42 -28.89
C GLU J 55 -26.23 0.58 -28.37
N THR J 56 -26.39 0.99 -27.10
CA THR J 56 -25.40 1.86 -26.48
C THR J 56 -24.25 1.02 -25.94
N THR J 57 -23.04 1.37 -26.35
CA THR J 57 -21.86 0.57 -26.05
C THR J 57 -21.13 1.13 -24.84
N THR J 58 -20.57 0.24 -24.03
CA THR J 58 -19.84 0.65 -22.83
C THR J 58 -18.63 -0.23 -22.59
N TYR J 59 -17.45 0.40 -22.61
CA TYR J 59 -16.19 -0.33 -22.65
C TYR J 59 -15.36 -0.20 -21.38
N ASN J 60 -14.64 -1.27 -21.07
CA ASN J 60 -13.66 -1.21 -20.00
C ASN J 60 -12.66 -0.15 -20.39
N PRO J 61 -12.35 0.76 -19.46
CA PRO J 61 -11.41 1.84 -19.78
C PRO J 61 -9.99 1.33 -19.85
N SER J 62 -9.76 0.12 -19.39
CA SER J 62 -8.42 -0.45 -19.47
C SER J 62 -8.08 -0.83 -20.91
N LEU J 63 -9.08 -1.00 -21.76
CA LEU J 63 -8.82 -1.32 -23.15
C LEU J 63 -8.30 -0.08 -23.90
N ASN J 64 -8.32 1.05 -23.20
CA ASN J 64 -7.76 2.31 -23.71
C ASN J 64 -8.37 2.79 -25.03
N SER J 65 -9.67 2.56 -25.19
CA SER J 65 -10.40 2.99 -26.37
C SER J 65 -9.79 2.39 -27.59
N ARG J 66 -9.84 1.07 -27.68
CA ARG J 66 -9.27 0.36 -28.80
C ARG J 66 -10.34 -0.52 -29.40
N ALA J 67 -11.32 -0.84 -28.57
CA ALA J 67 -12.38 -1.77 -28.94
C ALA J 67 -13.60 -1.07 -29.53
N VAL J 68 -14.26 -1.74 -30.46
CA VAL J 68 -15.53 -1.31 -30.99
C VAL J 68 -16.45 -2.51 -30.94
N ILE J 69 -17.55 -2.37 -30.22
CA ILE J 69 -18.56 -3.44 -30.18
C ILE J 69 -19.80 -3.03 -30.96
N SER J 70 -20.24 -3.89 -31.87
CA SER J 70 -21.46 -3.60 -32.61
C SER J 70 -22.34 -4.82 -32.75
N ARG J 71 -23.55 -4.61 -33.28
CA ARG J 71 -24.45 -5.71 -33.61
C ARG J 71 -25.11 -5.48 -34.96
N ASP J 72 -25.36 -6.57 -35.67
CA ASP J 72 -25.99 -6.55 -36.98
C ASP J 72 -27.20 -7.48 -36.90
N THR J 73 -28.37 -6.89 -36.84
CA THR J 73 -29.63 -7.61 -36.63
C THR J 73 -29.93 -8.50 -37.83
N SER J 74 -29.46 -8.05 -39.00
CA SER J 74 -29.62 -8.80 -40.23
C SER J 74 -29.03 -10.21 -40.13
N LYS J 75 -27.70 -10.28 -40.06
CA LYS J 75 -27.01 -11.56 -39.88
C LYS J 75 -27.30 -12.14 -38.49
N ASN J 76 -27.88 -11.31 -37.62
CA ASN J 76 -28.13 -11.65 -36.21
C ASN J 76 -26.84 -11.94 -35.44
N GLN J 77 -25.86 -11.06 -35.60
CA GLN J 77 -24.53 -11.30 -35.04
C GLN J 77 -23.93 -10.13 -34.29
N LEU J 78 -22.90 -10.42 -33.51
CA LEU J 78 -22.25 -9.49 -32.62
C LEU J 78 -20.78 -9.36 -33.02
N SER J 79 -20.26 -8.13 -33.04
CA SER J 79 -18.89 -7.94 -33.50
C SER J 79 -18.00 -7.19 -32.54
N LEU J 80 -16.83 -7.75 -32.28
CA LEU J 80 -15.79 -7.06 -31.52
C LEU J 80 -14.65 -6.71 -32.47
N GLN J 81 -14.11 -5.51 -32.31
CA GLN J 81 -12.90 -5.10 -33.02
C GLN J 81 -11.89 -4.51 -32.04
N LEU J 82 -10.64 -4.95 -32.18
CA LEU J 82 -9.53 -4.36 -31.46
C LEU J 82 -8.54 -3.82 -32.47
N ARG J 83 -8.17 -2.47 -32.06
CA ARG J 83 -7.23 -1.83 -32.97
C ARG J 83 -5.80 -1.97 -32.46
N SER J 84 -4.83 -1.94 -33.36
CA SER J 84 -3.42 -1.90 -32.98
C SER J 84 -3.06 -2.98 -31.98
N VAL J 85 -3.25 -4.24 -32.36
CA VAL J 85 -3.00 -5.35 -31.46
C VAL J 85 -1.51 -5.61 -31.19
N THR J 86 -1.24 -6.28 -30.08
CA THR J 86 0.10 -6.66 -29.69
C THR J 86 -0.01 -8.08 -29.20
N THR J 87 1.07 -8.63 -28.65
CA THR J 87 0.94 -9.96 -28.08
C THR J 87 0.20 -9.92 -26.73
N ALA J 88 -0.19 -8.73 -26.31
CA ALA J 88 -1.03 -8.62 -25.14
C ALA J 88 -2.44 -9.09 -25.47
N ASP J 89 -2.75 -9.16 -26.76
CA ASP J 89 -4.11 -9.42 -27.20
C ASP J 89 -4.36 -10.88 -27.59
N THR J 90 -3.28 -11.67 -27.60
CA THR J 90 -3.38 -13.10 -27.79
C THR J 90 -4.20 -13.67 -26.65
N ALA J 91 -5.43 -14.08 -26.95
CA ALA J 91 -6.25 -14.67 -25.91
C ALA J 91 -7.33 -15.61 -26.46
N ILE J 92 -8.25 -15.98 -25.57
CA ILE J 92 -9.45 -16.65 -25.99
C ILE J 92 -10.63 -15.70 -25.78
N TYR J 93 -11.30 -15.35 -26.87
CA TYR J 93 -12.39 -14.39 -26.83
C TYR J 93 -13.74 -15.08 -26.75
N PHE J 94 -14.58 -14.64 -25.80
CA PHE J 94 -15.90 -15.21 -25.55
C PHE J 94 -16.91 -14.10 -25.70
N CYS J 95 -18.06 -14.40 -26.30
CA CYS J 95 -19.18 -13.46 -26.21
C CYS J 95 -20.26 -14.15 -25.41
N ALA J 96 -20.99 -13.38 -24.62
CA ALA J 96 -22.00 -13.97 -23.75
C ALA J 96 -23.14 -12.99 -23.44
N THR J 97 -24.24 -13.52 -22.91
CA THR J 97 -25.38 -12.67 -22.58
C THR J 97 -25.14 -12.03 -21.24
N ALA J 98 -25.65 -10.81 -21.09
CA ALA J 98 -25.42 -10.03 -19.88
C ALA J 98 -26.73 -9.61 -19.25
N ARG J 99 -27.15 -10.30 -18.21
CA ARG J 99 -28.37 -9.91 -17.51
C ARG J 99 -28.07 -8.77 -16.53
N ARG J 100 -28.94 -7.77 -16.52
CA ARG J 100 -28.75 -6.58 -15.69
C ARG J 100 -29.65 -6.57 -14.46
N GLY J 101 -29.11 -6.98 -13.33
CA GLY J 101 -29.78 -6.84 -12.05
C GLY J 101 -29.76 -5.43 -11.48
N GLN J 102 -30.67 -5.20 -10.54
CA GLN J 102 -30.80 -3.90 -9.89
C GLN J 102 -30.85 -4.12 -8.39
N ARG J 103 -29.69 -4.01 -7.74
CA ARG J 103 -29.61 -4.16 -6.30
C ARG J 103 -30.19 -2.94 -5.60
N ILE J 104 -31.25 -3.15 -4.81
CA ILE J 104 -31.90 -2.06 -4.10
C ILE J 104 -31.55 -2.15 -2.62
N TYR J 105 -31.06 -1.05 -2.04
CA TYR J 105 -30.71 -1.03 -0.63
C TYR J 105 -31.53 -0.01 0.17
N GLY J 106 -31.96 1.05 -0.48
CA GLY J 106 -32.79 2.05 0.16
C GLY J 106 -33.97 2.48 -0.69
N VAL J 107 -34.25 3.77 -0.68
CA VAL J 107 -35.41 4.28 -1.38
C VAL J 107 -35.07 4.57 -2.84
N VAL J 108 -35.73 3.85 -3.73
CA VAL J 108 -35.42 3.91 -5.16
C VAL J 108 -35.58 5.31 -5.70
N SER J 109 -36.51 6.06 -5.09
CA SER J 109 -36.78 7.42 -5.53
C SER J 109 -35.57 8.33 -5.32
N PHE J 110 -34.72 7.95 -4.37
CA PHE J 110 -33.50 8.70 -4.07
C PHE J 110 -32.29 8.12 -4.78
N GLY J 111 -32.52 7.07 -5.55
CA GLY J 111 -31.45 6.46 -6.31
C GLY J 111 -30.59 5.60 -5.40
N GLU J 112 -31.16 5.15 -4.30
CA GLU J 112 -30.42 4.34 -3.34
C GLU J 112 -30.35 2.89 -3.81
N PHE J 113 -29.79 2.70 -5.01
CA PHE J 113 -29.71 1.40 -5.65
C PHE J 113 -28.60 1.44 -6.70
N PHE J 114 -28.03 0.28 -7.03
CA PHE J 114 -27.04 0.20 -8.11
C PHE J 114 -27.29 -0.95 -9.07
N TYR J 115 -26.88 -0.80 -10.31
CA TYR J 115 -27.02 -1.89 -11.27
C TYR J 115 -25.83 -2.85 -11.25
N TYR J 116 -26.04 -4.06 -11.75
CA TYR J 116 -24.94 -5.02 -11.90
C TYR J 116 -25.24 -6.01 -13.02
N TYR J 117 -24.22 -6.68 -13.53
CA TYR J 117 -24.42 -7.58 -14.66
C TYR J 117 -23.83 -8.95 -14.41
N TYR J 118 -24.61 -9.98 -14.72
CA TYR J 118 -24.12 -11.35 -14.66
C TYR J 118 -24.20 -12.04 -16.01
N MET J 119 -23.17 -12.83 -16.31
CA MET J 119 -23.10 -13.56 -17.58
C MET J 119 -23.41 -15.03 -17.39
N ASP J 120 -24.62 -15.43 -17.80
CA ASP J 120 -25.11 -16.78 -17.55
C ASP J 120 -24.94 -17.69 -18.74
N VAL J 121 -25.31 -17.20 -19.92
CA VAL J 121 -25.18 -17.94 -21.17
C VAL J 121 -23.91 -17.55 -21.92
N TRP J 122 -22.98 -18.48 -22.04
CA TRP J 122 -21.68 -18.18 -22.60
C TRP J 122 -21.47 -18.82 -23.95
N GLY J 123 -20.68 -18.17 -24.80
CA GLY J 123 -20.24 -18.79 -26.02
C GLY J 123 -19.30 -19.93 -25.69
N LYS J 124 -18.76 -20.58 -26.71
CA LYS J 124 -17.86 -21.69 -26.45
C LYS J 124 -16.43 -21.14 -26.34
N GLY J 125 -16.17 -20.06 -27.06
CA GLY J 125 -14.87 -19.43 -27.06
C GLY J 125 -14.28 -19.39 -28.46
N THR J 126 -13.25 -18.57 -28.65
CA THR J 126 -12.50 -18.57 -29.90
C THR J 126 -11.09 -18.03 -29.68
N ALA J 127 -10.10 -18.81 -30.07
CA ALA J 127 -8.71 -18.43 -29.88
C ALA J 127 -8.23 -17.42 -30.91
N VAL J 128 -7.44 -16.45 -30.45
CA VAL J 128 -6.69 -15.59 -31.36
C VAL J 128 -5.26 -15.48 -30.88
N THR J 129 -4.33 -15.52 -31.82
CA THR J 129 -2.93 -15.40 -31.53
C THR J 129 -2.37 -14.31 -32.38
N VAL J 130 -1.72 -13.34 -31.77
CA VAL J 130 -1.04 -12.36 -32.58
C VAL J 130 0.33 -12.90 -32.95
N SER J 131 0.49 -13.31 -34.21
CA SER J 131 1.78 -13.75 -34.71
C SER J 131 2.05 -13.18 -36.08
N SER J 132 3.31 -12.82 -36.32
CA SER J 132 3.72 -12.39 -37.65
C SER J 132 3.94 -13.64 -38.52
N ALA J 133 3.57 -14.79 -37.96
CA ALA J 133 3.54 -16.06 -38.69
C ALA J 133 2.32 -16.15 -39.60
N SER J 134 2.10 -17.35 -40.11
CA SER J 134 1.20 -17.59 -41.22
C SER J 134 0.50 -18.91 -40.99
N THR J 135 -0.80 -18.96 -41.32
CA THR J 135 -1.57 -20.18 -41.04
C THR J 135 -1.22 -21.31 -42.00
N LYS J 136 -1.18 -22.52 -41.47
CA LYS J 136 -0.75 -23.67 -42.23
C LYS J 136 -1.74 -24.79 -42.01
N GLY J 137 -2.16 -25.43 -43.09
CA GLY J 137 -3.17 -26.48 -43.02
C GLY J 137 -2.62 -27.86 -42.73
N PRO J 138 -3.38 -28.64 -41.95
CA PRO J 138 -3.02 -30.00 -41.57
C PRO J 138 -2.90 -30.94 -42.77
N SER J 139 -2.22 -32.05 -42.55
CA SER J 139 -2.06 -33.10 -43.55
C SER J 139 -2.56 -34.38 -42.93
N VAL J 140 -3.85 -34.64 -43.09
CA VAL J 140 -4.44 -35.84 -42.49
C VAL J 140 -3.86 -37.13 -43.07
N PHE J 141 -3.63 -38.11 -42.20
CA PHE J 141 -3.21 -39.46 -42.59
C PHE J 141 -4.06 -40.45 -41.79
N PRO J 142 -4.17 -41.69 -42.30
CA PRO J 142 -5.11 -42.60 -41.63
C PRO J 142 -4.40 -43.55 -40.67
N LEU J 143 -5.03 -43.80 -39.53
CA LEU J 143 -4.49 -44.74 -38.56
C LEU J 143 -5.31 -46.05 -38.58
N ALA J 144 -4.89 -46.98 -39.43
CA ALA J 144 -5.61 -48.23 -39.64
C ALA J 144 -5.38 -49.25 -38.53
N PRO J 145 -6.46 -49.96 -38.12
CA PRO J 145 -6.52 -50.95 -37.04
C PRO J 145 -5.92 -52.32 -37.41
N SER J 146 -5.74 -53.17 -36.41
CA SER J 146 -5.19 -54.53 -36.62
C SER J 146 -5.37 -55.43 -35.40
N GLY J 152 -8.55 -56.71 -28.88
CA GLY J 152 -9.76 -57.53 -28.90
C GLY J 152 -10.57 -57.42 -27.62
N GLY J 153 -11.90 -57.60 -27.72
CA GLY J 153 -12.54 -57.86 -29.00
C GLY J 153 -13.01 -56.60 -29.71
N THR J 154 -12.47 -55.46 -29.30
CA THR J 154 -12.75 -54.18 -29.97
C THR J 154 -11.57 -53.69 -30.81
N ALA J 155 -11.80 -52.66 -31.62
CA ALA J 155 -10.75 -52.17 -32.51
C ALA J 155 -10.40 -50.70 -32.29
N ALA J 156 -9.11 -50.41 -32.31
CA ALA J 156 -8.63 -49.05 -32.14
C ALA J 156 -8.40 -48.42 -33.50
N LEU J 157 -9.30 -47.51 -33.88
CA LEU J 157 -9.25 -46.93 -35.21
C LEU J 157 -9.01 -45.41 -35.15
N GLY J 158 -8.03 -44.93 -35.91
CA GLY J 158 -7.64 -43.54 -35.76
C GLY J 158 -7.33 -42.68 -36.98
N CYS J 159 -6.74 -41.52 -36.72
CA CYS J 159 -6.54 -40.49 -37.71
C CYS J 159 -5.43 -39.56 -37.24
N LEU J 160 -4.36 -39.44 -38.01
CA LEU J 160 -3.23 -38.62 -37.59
C LEU J 160 -3.21 -37.28 -38.31
N VAL J 161 -3.46 -36.21 -37.57
CA VAL J 161 -3.50 -34.85 -38.12
C VAL J 161 -2.16 -34.13 -38.01
N LYS J 162 -1.47 -33.92 -39.12
CA LYS J 162 -0.07 -33.47 -39.08
C LYS J 162 0.21 -32.01 -39.44
N ASP J 163 1.22 -31.46 -38.77
CA ASP J 163 1.79 -30.13 -39.02
C ASP J 163 0.82 -29.00 -39.37
N TYR J 164 -0.06 -28.66 -38.43
CA TYR J 164 -0.93 -27.50 -38.61
C TYR J 164 -0.54 -26.36 -37.68
N PHE J 165 -0.99 -25.16 -38.02
CA PHE J 165 -0.75 -23.99 -37.18
C PHE J 165 -1.69 -22.89 -37.60
N PRO J 166 -2.28 -22.18 -36.63
CA PRO J 166 -2.14 -22.38 -35.20
C PRO J 166 -3.21 -23.33 -34.71
N GLU J 167 -3.15 -23.76 -33.45
CA GLU J 167 -4.22 -24.57 -32.87
C GLU J 167 -5.54 -23.77 -32.91
N PRO J 168 -6.69 -24.45 -32.83
CA PRO J 168 -6.97 -25.85 -32.68
C PRO J 168 -7.48 -26.49 -33.97
N VAL J 169 -7.69 -27.79 -33.86
CA VAL J 169 -8.27 -28.59 -34.92
C VAL J 169 -9.46 -29.32 -34.34
N THR J 170 -10.58 -29.27 -35.03
CA THR J 170 -11.73 -30.08 -34.68
C THR J 170 -11.66 -31.39 -35.46
N VAL J 171 -12.02 -32.50 -34.81
CA VAL J 171 -12.09 -33.80 -35.49
C VAL J 171 -13.39 -34.54 -35.16
N SER J 172 -14.09 -34.98 -36.20
CA SER J 172 -15.38 -35.64 -36.06
C SER J 172 -15.48 -36.87 -36.96
N TRP J 173 -16.03 -37.96 -36.43
CA TRP J 173 -16.13 -39.20 -37.19
C TRP J 173 -17.50 -39.43 -37.82
N ASN J 174 -17.49 -39.68 -39.14
CA ASN J 174 -18.72 -39.87 -39.93
C ASN J 174 -19.62 -38.64 -39.83
N SER J 175 -19.03 -37.47 -39.95
CA SER J 175 -19.72 -36.23 -39.62
C SER J 175 -20.31 -36.33 -38.21
N GLY J 176 -21.52 -35.84 -38.01
CA GLY J 176 -22.11 -35.91 -36.69
C GLY J 176 -22.28 -37.31 -36.10
N ALA J 177 -22.33 -38.30 -36.98
CA ALA J 177 -22.75 -39.67 -36.62
C ALA J 177 -22.03 -40.30 -35.43
N LEU J 178 -20.71 -40.43 -35.50
CA LEU J 178 -19.97 -41.11 -34.45
C LEU J 178 -19.71 -40.23 -33.23
N THR J 179 -20.67 -40.20 -32.31
CA THR J 179 -20.55 -39.44 -31.07
C THR J 179 -19.51 -39.96 -30.10
N SER J 180 -19.48 -41.28 -29.95
CA SER J 180 -18.57 -41.95 -29.03
C SER J 180 -18.09 -43.21 -29.72
N GLY J 181 -16.93 -43.71 -29.32
CA GLY J 181 -16.23 -43.30 -28.11
C GLY J 181 -14.99 -42.48 -28.42
N VAL J 182 -15.05 -41.72 -29.50
CA VAL J 182 -13.88 -41.04 -30.05
C VAL J 182 -13.22 -40.09 -29.06
N HIS J 183 -11.90 -40.09 -29.09
CA HIS J 183 -11.06 -39.30 -28.19
C HIS J 183 -10.03 -38.57 -29.01
N THR J 184 -10.24 -37.27 -29.22
CA THR J 184 -9.22 -36.48 -29.89
C THR J 184 -8.22 -36.08 -28.82
N PHE J 185 -6.95 -36.36 -29.07
CA PHE J 185 -5.90 -36.15 -28.07
C PHE J 185 -5.37 -34.72 -28.10
N PRO J 186 -4.78 -34.27 -26.98
CA PRO J 186 -4.10 -32.98 -26.95
C PRO J 186 -2.98 -33.00 -27.97
N ALA J 187 -2.75 -31.87 -28.63
CA ALA J 187 -1.77 -31.80 -29.70
C ALA J 187 -0.34 -31.79 -29.18
N VAL J 188 0.63 -31.90 -30.06
CA VAL J 188 2.02 -31.78 -29.65
C VAL J 188 2.65 -30.67 -30.46
N LEU J 189 3.45 -29.84 -29.80
CA LEU J 189 4.12 -28.77 -30.51
C LEU J 189 5.45 -29.32 -30.95
N GLN J 190 5.62 -29.48 -32.24
CA GLN J 190 6.86 -29.99 -32.79
C GLN J 190 7.93 -28.90 -32.70
N SER J 191 9.19 -29.29 -32.82
CA SER J 191 10.28 -28.33 -32.79
C SER J 191 10.24 -27.40 -34.00
N SER J 192 9.50 -27.79 -35.03
CA SER J 192 9.36 -27.00 -36.25
C SER J 192 8.43 -25.82 -36.01
N GLY J 193 7.74 -25.88 -34.87
CA GLY J 193 6.81 -24.84 -34.51
C GLY J 193 5.43 -25.09 -35.09
N LEU J 194 5.08 -26.36 -35.29
CA LEU J 194 3.79 -26.74 -35.83
C LEU J 194 3.15 -27.84 -35.01
N TYR J 195 1.84 -27.73 -34.76
CA TYR J 195 1.15 -28.69 -33.92
C TYR J 195 0.80 -29.94 -34.73
N SER J 196 0.41 -31.03 -34.06
CA SER J 196 0.05 -32.27 -34.74
C SER J 196 -0.62 -33.26 -33.82
N LEU J 197 -1.94 -33.28 -33.76
CA LEU J 197 -2.65 -34.24 -32.90
C LEU J 197 -3.04 -35.58 -33.56
N SER J 198 -3.72 -36.41 -32.79
CA SER J 198 -4.30 -37.64 -33.30
C SER J 198 -5.69 -37.78 -32.69
N SER J 199 -6.60 -38.39 -33.44
CA SER J 199 -7.87 -38.82 -32.87
C SER J 199 -8.07 -40.31 -33.10
N VAL J 200 -8.72 -40.97 -32.15
CA VAL J 200 -8.98 -42.40 -32.23
C VAL J 200 -10.37 -42.70 -31.73
N VAL J 201 -10.89 -43.85 -32.15
CA VAL J 201 -12.25 -44.22 -31.75
C VAL J 201 -12.34 -45.72 -31.42
N THR J 202 -13.13 -46.01 -30.38
CA THR J 202 -13.37 -47.36 -29.91
C THR J 202 -14.57 -47.99 -30.63
N VAL J 203 -14.26 -49.06 -31.37
CA VAL J 203 -15.17 -49.69 -32.32
C VAL J 203 -15.20 -51.21 -32.12
N PRO J 204 -16.39 -51.82 -32.22
CA PRO J 204 -16.57 -53.28 -32.24
C PRO J 204 -15.89 -53.87 -33.47
N SER J 205 -14.99 -54.84 -33.28
CA SER J 205 -14.16 -55.37 -34.36
C SER J 205 -15.02 -55.97 -35.47
N SER J 206 -16.22 -56.38 -35.10
CA SER J 206 -17.20 -56.93 -36.03
C SER J 206 -17.66 -55.90 -37.06
N SER J 207 -17.65 -54.63 -36.65
CA SER J 207 -18.14 -53.54 -37.49
C SER J 207 -17.21 -53.22 -38.66
N LEU J 208 -15.96 -53.66 -38.58
CA LEU J 208 -14.98 -53.39 -39.62
C LEU J 208 -15.41 -54.05 -40.92
N GLY J 209 -15.13 -53.39 -42.04
CA GLY J 209 -15.57 -53.89 -43.33
C GLY J 209 -17.05 -53.62 -43.52
N THR J 210 -17.84 -54.08 -42.55
CA THR J 210 -19.29 -53.90 -42.60
C THR J 210 -19.65 -52.41 -42.59
N GLN J 211 -18.94 -51.64 -41.77
CA GLN J 211 -19.19 -50.21 -41.67
C GLN J 211 -18.06 -49.31 -42.17
N THR J 212 -18.41 -48.14 -42.72
CA THR J 212 -17.40 -47.18 -43.14
C THR J 212 -17.11 -46.18 -42.04
N TYR J 213 -15.85 -45.75 -41.97
CA TYR J 213 -15.35 -44.82 -40.97
C TYR J 213 -14.55 -43.69 -41.62
N ILE J 214 -15.10 -42.49 -41.58
CA ILE J 214 -14.41 -41.28 -42.06
C ILE J 214 -14.26 -40.24 -40.94
N CYS J 215 -13.05 -39.71 -40.78
CA CYS J 215 -12.80 -38.67 -39.79
C CYS J 215 -12.79 -37.31 -40.46
N ASN J 216 -13.66 -36.43 -39.98
CA ASN J 216 -13.77 -35.08 -40.52
C ASN J 216 -12.84 -34.13 -39.78
N VAL J 217 -11.92 -33.52 -40.50
CA VAL J 217 -10.93 -32.68 -39.86
C VAL J 217 -11.08 -31.26 -40.37
N ASN J 218 -11.37 -30.34 -39.46
CA ASN J 218 -11.50 -28.94 -39.82
C ASN J 218 -10.46 -28.10 -39.08
N HIS J 219 -9.71 -27.32 -39.84
CA HIS J 219 -8.79 -26.36 -39.25
C HIS J 219 -9.18 -24.95 -39.67
N LYS J 220 -10.15 -24.38 -38.95
CA LYS J 220 -10.73 -23.08 -39.30
C LYS J 220 -9.75 -21.95 -39.69
N PRO J 221 -8.69 -21.70 -38.89
CA PRO J 221 -7.81 -20.59 -39.26
C PRO J 221 -7.09 -20.56 -40.61
N SER J 222 -7.17 -21.66 -41.37
CA SER J 222 -6.47 -21.80 -42.63
C SER J 222 -7.09 -21.48 -44.04
N ASN J 223 -8.36 -21.85 -44.29
CA ASN J 223 -9.13 -22.77 -43.50
C ASN J 223 -9.06 -24.05 -44.32
N THR J 224 -9.26 -25.19 -43.67
CA THR J 224 -9.03 -26.46 -44.32
C THR J 224 -9.94 -27.53 -43.73
N LYS J 225 -11.01 -27.84 -44.47
CA LYS J 225 -11.82 -29.01 -44.17
C LYS J 225 -11.27 -30.16 -44.99
N VAL J 226 -11.19 -31.34 -44.37
CA VAL J 226 -10.63 -32.54 -44.99
C VAL J 226 -11.21 -33.76 -44.27
N ASP J 227 -11.76 -34.70 -45.04
CA ASP J 227 -12.20 -35.99 -44.49
C ASP J 227 -11.23 -37.05 -45.00
N LYS J 228 -10.90 -38.02 -44.16
CA LYS J 228 -10.12 -39.16 -44.63
C LYS J 228 -10.89 -40.43 -44.33
N LYS J 229 -10.71 -41.43 -45.18
CA LYS J 229 -11.36 -42.71 -44.95
C LYS J 229 -10.41 -43.59 -44.18
N VAL J 230 -10.89 -44.18 -43.09
CA VAL J 230 -10.03 -45.07 -42.32
C VAL J 230 -10.56 -46.50 -42.38
N GLU J 231 -9.68 -47.39 -42.82
CA GLU J 231 -10.03 -48.79 -43.07
C GLU J 231 -8.76 -49.62 -43.11
N PRO J 232 -8.88 -50.92 -42.80
CA PRO J 232 -7.74 -51.85 -42.88
C PRO J 232 -7.14 -51.96 -44.29
N VAL K 4 26.59 -31.76 57.86
CA VAL K 4 26.86 -32.62 56.72
C VAL K 4 25.55 -33.07 56.06
N VAL K 5 25.47 -32.91 54.73
CA VAL K 5 24.23 -33.15 53.99
C VAL K 5 24.41 -34.10 52.80
N LEU K 6 23.29 -34.64 52.33
CA LEU K 6 23.29 -35.49 51.15
C LEU K 6 22.13 -35.13 50.21
N GLY K 7 22.23 -35.55 48.95
CA GLY K 7 21.21 -35.25 47.96
C GLY K 7 21.06 -36.34 46.91
N LYS K 8 19.87 -36.39 46.32
CA LYS K 8 19.56 -37.37 45.27
C LYS K 8 20.21 -37.00 43.93
N LYS K 9 20.61 -38.02 43.18
CA LYS K 9 21.16 -37.81 41.85
C LYS K 9 20.14 -37.17 40.92
N GLY K 10 20.57 -36.14 40.20
CA GLY K 10 19.72 -35.45 39.25
C GLY K 10 18.90 -34.37 39.94
N ASP K 11 18.90 -34.38 41.26
CA ASP K 11 18.11 -33.43 42.02
C ASP K 11 18.86 -32.12 42.18
N THR K 12 18.33 -31.26 43.04
CA THR K 12 18.91 -29.95 43.29
C THR K 12 19.05 -29.70 44.78
N VAL K 13 20.29 -29.52 45.21
CA VAL K 13 20.60 -29.40 46.63
C VAL K 13 21.05 -27.97 46.98
N GLU K 14 20.82 -27.57 48.23
CA GLU K 14 21.16 -26.23 48.70
C GLU K 14 22.05 -26.31 49.94
N LEU K 15 23.32 -25.98 49.80
CA LEU K 15 24.26 -26.05 50.91
C LEU K 15 24.34 -24.69 51.58
N THR K 16 24.12 -24.66 52.90
CA THR K 16 23.91 -23.41 53.60
C THR K 16 25.18 -22.74 54.12
N CYS K 17 25.07 -21.43 54.37
CA CYS K 17 26.18 -20.64 54.87
C CYS K 17 25.68 -19.31 55.45
N THR K 18 26.04 -19.04 56.70
CA THR K 18 25.62 -17.82 57.39
C THR K 18 26.82 -17.05 57.90
N ALA K 19 26.65 -15.74 58.10
CA ALA K 19 27.68 -14.90 58.70
C ALA K 19 27.07 -14.31 59.95
N SER K 20 27.93 -13.93 60.90
CA SER K 20 27.49 -13.31 62.15
C SER K 20 26.69 -12.04 61.93
N GLN K 21 27.24 -11.17 61.08
CA GLN K 21 26.57 -9.95 60.68
C GLN K 21 25.42 -10.35 59.74
N LYS K 22 24.38 -9.51 59.66
CA LYS K 22 23.29 -9.73 58.74
C LYS K 22 23.33 -8.73 57.59
N LYS K 23 24.52 -8.53 57.05
CA LYS K 23 24.72 -7.75 55.83
C LYS K 23 25.54 -8.58 54.83
N SER K 24 25.68 -8.08 53.62
CA SER K 24 26.43 -8.79 52.59
C SER K 24 27.87 -8.27 52.51
N ILE K 25 28.82 -9.18 52.67
CA ILE K 25 30.23 -8.91 52.44
C ILE K 25 30.79 -10.11 51.66
N GLN K 26 32.00 -10.01 51.13
CA GLN K 26 32.57 -11.07 50.29
C GLN K 26 32.56 -12.45 50.94
N PHE K 27 32.02 -13.43 50.21
CA PHE K 27 32.03 -14.83 50.65
C PHE K 27 32.70 -15.70 49.58
N HIS K 28 33.08 -16.92 49.94
CA HIS K 28 33.59 -17.84 48.92
C HIS K 28 33.51 -19.35 49.17
N TRP K 29 32.87 -20.03 48.23
CA TRP K 29 32.74 -21.48 48.24
C TRP K 29 33.81 -22.13 47.38
N LYS K 30 34.64 -22.95 48.03
CA LYS K 30 35.60 -23.80 47.32
C LYS K 30 35.30 -25.24 47.65
N ASN K 31 36.13 -26.15 47.13
CA ASN K 31 36.03 -27.57 47.46
C ASN K 31 37.25 -28.09 48.22
N SER K 32 37.40 -29.41 48.26
CA SER K 32 38.54 -30.05 48.90
C SER K 32 39.87 -29.62 48.27
N ASN K 33 39.96 -29.72 46.95
CA ASN K 33 41.21 -29.39 46.24
C ASN K 33 41.51 -27.90 46.14
N GLN K 34 40.67 -27.09 46.77
CA GLN K 34 40.82 -25.63 46.80
C GLN K 34 40.51 -24.94 45.47
N ILE K 35 39.84 -25.66 44.56
CA ILE K 35 39.36 -25.06 43.33
C ILE K 35 38.12 -24.23 43.63
N LYS K 36 38.11 -22.98 43.17
CA LYS K 36 37.02 -22.06 43.48
C LYS K 36 35.70 -22.51 42.86
N ILE K 37 34.67 -22.68 43.70
CA ILE K 37 33.36 -23.01 43.16
C ILE K 37 32.61 -21.74 42.80
N LEU K 38 32.31 -20.92 43.81
CA LEU K 38 31.37 -19.82 43.62
C LEU K 38 31.58 -18.71 44.64
N GLY K 39 31.37 -17.46 44.25
CA GLY K 39 31.55 -16.37 45.19
C GLY K 39 30.92 -15.05 44.77
N ASN K 40 31.47 -13.95 45.26
CA ASN K 40 30.96 -12.64 44.88
C ASN K 40 31.98 -11.51 44.92
N GLN K 41 31.65 -10.41 44.26
CA GLN K 41 32.44 -9.20 44.30
C GLN K 41 31.47 -8.03 44.39
N GLY K 42 31.23 -7.56 45.59
CA GLY K 42 30.26 -6.51 45.80
C GLY K 42 28.88 -7.10 45.65
N SER K 43 28.13 -6.63 44.66
CA SER K 43 26.77 -7.11 44.45
C SER K 43 26.74 -8.26 43.45
N PHE K 44 27.83 -8.42 42.70
CA PHE K 44 27.89 -9.37 41.59
C PHE K 44 28.20 -10.80 42.00
N LEU K 45 27.71 -11.75 41.21
CA LEU K 45 28.02 -13.15 41.42
C LEU K 45 29.23 -13.55 40.59
N THR K 46 30.07 -14.42 41.14
CA THR K 46 31.20 -14.93 40.39
C THR K 46 31.19 -16.45 40.39
N LYS K 47 31.55 -17.04 39.26
CA LYS K 47 31.58 -18.49 39.15
C LYS K 47 32.99 -18.97 38.86
N GLY K 48 33.61 -19.59 39.87
CA GLY K 48 34.97 -20.09 39.75
C GLY K 48 35.10 -21.25 38.79
N PRO K 49 36.34 -21.55 38.37
CA PRO K 49 36.61 -22.60 37.39
C PRO K 49 36.56 -23.99 38.00
N SER K 50 35.43 -24.35 38.58
CA SER K 50 35.22 -25.72 39.05
C SER K 50 34.41 -26.46 38.01
N LYS K 51 34.22 -27.75 38.22
CA LYS K 51 33.42 -28.55 37.29
C LYS K 51 31.92 -28.33 37.49
N LEU K 52 31.55 -27.74 38.63
CA LEU K 52 30.15 -27.49 38.92
C LEU K 52 29.66 -26.23 38.21
N ASN K 53 30.55 -25.60 37.44
CA ASN K 53 30.37 -24.23 36.97
C ASN K 53 28.99 -23.87 36.41
N ASP K 54 28.54 -24.59 35.39
CA ASP K 54 27.26 -24.29 34.75
C ASP K 54 26.07 -24.80 35.54
N ARG K 55 26.33 -25.40 36.71
CA ARG K 55 25.28 -25.92 37.56
C ARG K 55 25.27 -25.24 38.93
N ALA K 56 26.44 -24.76 39.34
CA ALA K 56 26.57 -24.07 40.63
C ALA K 56 26.00 -22.66 40.53
N ASP K 57 25.30 -22.25 41.59
CA ASP K 57 24.69 -20.93 41.62
C ASP K 57 24.38 -20.52 43.06
N SER K 58 23.80 -19.34 43.23
CA SER K 58 23.32 -18.91 44.55
C SER K 58 21.99 -18.18 44.38
N ARG K 59 21.31 -17.89 45.47
CA ARG K 59 20.17 -16.98 45.41
C ARG K 59 20.46 -15.69 46.17
N ARG K 60 20.95 -14.70 45.42
CA ARG K 60 21.50 -13.45 45.96
C ARG K 60 20.44 -12.70 46.77
N SER K 61 19.18 -13.08 46.58
CA SER K 61 18.09 -12.40 47.29
C SER K 61 18.31 -12.43 48.80
N LEU K 62 18.88 -13.54 49.26
CA LEU K 62 19.24 -13.72 50.67
C LEU K 62 20.47 -12.98 51.19
N TRP K 63 21.38 -12.60 50.30
CA TRP K 63 22.67 -12.00 50.68
C TRP K 63 22.56 -10.79 51.60
N ASP K 64 21.45 -10.05 51.49
CA ASP K 64 21.28 -8.84 52.29
C ASP K 64 21.05 -9.13 53.77
N GLN K 65 20.73 -10.37 54.10
CA GLN K 65 20.54 -10.78 55.48
C GLN K 65 21.58 -11.84 55.89
N GLY K 66 22.75 -11.78 55.27
CA GLY K 66 23.85 -12.66 55.63
C GLY K 66 23.61 -14.13 55.37
N ASN K 67 23.00 -14.44 54.23
CA ASN K 67 22.83 -15.82 53.79
C ASN K 67 23.38 -16.04 52.39
N PHE K 68 24.44 -16.84 52.29
CA PHE K 68 25.15 -17.04 51.03
C PHE K 68 25.22 -18.50 50.59
N PRO K 69 24.08 -19.08 50.19
CA PRO K 69 24.07 -20.52 49.90
C PRO K 69 24.77 -20.91 48.59
N LEU K 70 25.14 -22.17 48.52
CA LEU K 70 25.57 -22.79 47.27
C LEU K 70 24.45 -23.68 46.78
N ILE K 71 24.02 -23.46 45.55
CA ILE K 71 22.93 -24.24 44.99
C ILE K 71 23.44 -25.06 43.83
N ILE K 72 23.29 -26.38 43.92
CA ILE K 72 23.70 -27.23 42.82
C ILE K 72 22.49 -27.92 42.19
N LYS K 73 22.30 -27.67 40.91
CA LYS K 73 21.25 -28.34 40.14
C LYS K 73 21.84 -29.52 39.38
N ASN K 74 20.97 -30.47 38.99
CA ASN K 74 21.38 -31.63 38.20
C ASN K 74 22.59 -32.38 38.78
N LEU K 75 22.41 -32.93 39.97
CA LEU K 75 23.50 -33.56 40.70
C LEU K 75 24.09 -34.82 40.04
N LYS K 76 25.40 -34.81 39.87
CA LYS K 76 26.13 -36.00 39.46
C LYS K 76 26.73 -36.63 40.71
N ILE K 77 26.95 -37.94 40.72
CA ILE K 77 27.51 -38.60 41.91
C ILE K 77 28.92 -38.07 42.21
N GLU K 78 29.67 -37.72 41.16
CA GLU K 78 31.01 -37.15 41.32
C GLU K 78 31.01 -35.82 42.06
N ASP K 79 29.83 -35.22 42.22
CA ASP K 79 29.69 -33.97 42.97
C ASP K 79 29.86 -34.18 44.47
N SER K 80 29.90 -35.44 44.90
CA SER K 80 30.18 -35.77 46.29
C SER K 80 31.58 -35.34 46.65
N ASP K 81 31.68 -34.39 47.57
CA ASP K 81 32.96 -33.82 47.94
C ASP K 81 32.78 -33.01 49.22
N THR K 82 33.85 -32.40 49.72
CA THR K 82 33.73 -31.54 50.88
C THR K 82 33.91 -30.07 50.51
N TYR K 83 32.84 -29.30 50.70
CA TYR K 83 32.81 -27.89 50.29
C TYR K 83 33.02 -26.94 51.48
N ILE K 84 33.70 -25.83 51.25
CA ILE K 84 33.99 -24.88 52.32
C ILE K 84 33.56 -23.46 51.97
N CYS K 85 32.91 -22.80 52.93
CA CYS K 85 32.39 -21.45 52.69
C CYS K 85 33.05 -20.42 53.61
N GLU K 86 34.03 -19.70 53.08
CA GLU K 86 34.74 -18.68 53.85
C GLU K 86 34.09 -17.30 53.78
N VAL K 87 33.58 -16.85 54.91
CA VAL K 87 33.01 -15.51 55.05
C VAL K 87 33.32 -14.94 56.43
N GLU K 88 33.76 -13.68 56.48
CA GLU K 88 34.17 -13.04 57.74
C GLU K 88 35.32 -13.77 58.43
N ASP K 89 36.24 -14.30 57.62
CA ASP K 89 37.34 -15.13 58.11
C ASP K 89 36.83 -16.25 59.01
N GLN K 90 35.90 -17.04 58.49
CA GLN K 90 35.38 -18.19 59.20
C GLN K 90 35.36 -19.35 58.22
N LYS K 91 35.65 -20.56 58.68
CA LYS K 91 35.74 -21.71 57.78
C LYS K 91 34.72 -22.82 58.06
N GLU K 92 33.45 -22.53 57.81
CA GLU K 92 32.42 -23.55 57.91
C GLU K 92 32.61 -24.54 56.75
N GLU K 93 32.59 -25.83 57.07
CA GLU K 93 32.64 -26.90 56.07
C GLU K 93 31.31 -27.66 56.00
N VAL K 94 31.04 -28.26 54.85
CA VAL K 94 29.86 -29.10 54.65
C VAL K 94 30.22 -30.24 53.71
N GLN K 95 29.86 -31.46 54.05
CA GLN K 95 30.14 -32.57 53.16
C GLN K 95 28.90 -33.03 52.43
N LEU K 96 28.98 -33.09 51.10
CA LEU K 96 27.86 -33.51 50.27
C LEU K 96 28.07 -34.90 49.71
N LEU K 97 27.10 -35.76 49.91
CA LEU K 97 27.11 -37.10 49.33
C LEU K 97 25.92 -37.25 48.41
N VAL K 98 26.17 -37.69 47.18
CA VAL K 98 25.12 -37.82 46.19
C VAL K 98 24.77 -39.29 45.99
N PHE K 99 23.48 -39.61 46.08
CA PHE K 99 23.02 -40.98 45.88
C PHE K 99 21.91 -41.11 44.84
N GLY K 100 22.07 -42.04 43.90
CA GLY K 100 21.00 -42.36 42.96
C GLY K 100 20.65 -43.84 42.95
N LEU K 101 19.38 -44.15 43.19
CA LEU K 101 18.91 -45.54 43.21
C LEU K 101 18.99 -46.30 41.89
N THR K 102 18.58 -45.65 40.80
CA THR K 102 18.55 -46.29 39.49
C THR K 102 17.39 -47.26 39.35
N ALA K 103 17.40 -48.07 38.29
CA ALA K 103 16.34 -49.06 38.05
C ALA K 103 16.80 -50.25 37.20
N ASN K 104 16.28 -51.43 37.50
CA ASN K 104 16.54 -52.62 36.70
C ASN K 104 15.37 -53.62 36.72
N SER K 105 15.22 -54.40 35.66
CA SER K 105 16.01 -54.25 34.43
C SER K 105 15.34 -53.26 33.49
N ASP K 106 14.02 -53.13 33.62
CA ASP K 106 13.25 -52.21 32.81
C ASP K 106 12.31 -51.38 33.67
N THR K 107 11.37 -50.71 33.02
CA THR K 107 10.37 -49.92 33.70
C THR K 107 9.13 -50.78 33.95
N HIS K 108 8.74 -51.53 32.93
CA HIS K 108 7.56 -52.38 33.00
C HIS K 108 7.93 -53.86 33.20
N LEU K 109 7.46 -54.42 34.30
CA LEU K 109 7.75 -55.82 34.65
C LEU K 109 6.49 -56.67 34.51
N LEU K 110 6.65 -57.86 33.95
CA LEU K 110 5.57 -58.84 33.90
C LEU K 110 5.43 -59.48 35.28
N GLN K 111 4.22 -59.92 35.62
CA GLN K 111 3.99 -60.61 36.88
C GLN K 111 4.85 -61.86 37.01
N GLY K 112 5.41 -62.07 38.20
CA GLY K 112 6.22 -63.24 38.48
C GLY K 112 7.70 -63.07 38.21
N GLN K 113 8.05 -62.01 37.48
CA GLN K 113 9.44 -61.71 37.17
C GLN K 113 10.13 -61.21 38.44
N SER K 114 11.40 -60.82 38.31
CA SER K 114 12.19 -60.47 39.48
C SER K 114 12.59 -59.01 39.45
N LEU K 115 12.52 -58.35 40.60
CA LEU K 115 12.90 -56.93 40.69
C LEU K 115 14.26 -56.74 41.34
N THR K 116 15.17 -56.10 40.60
CA THR K 116 16.53 -55.92 41.06
C THR K 116 16.91 -54.44 41.09
N LEU K 117 17.11 -53.90 42.29
CA LEU K 117 17.40 -52.49 42.48
C LEU K 117 18.87 -52.26 42.86
N THR K 118 19.58 -51.44 42.09
CA THR K 118 21.02 -51.20 42.31
C THR K 118 21.34 -49.75 42.70
N LEU K 119 21.84 -49.55 43.91
CA LEU K 119 22.12 -48.19 44.38
C LEU K 119 23.53 -47.69 44.02
N GLU K 120 23.62 -46.54 43.35
CA GLU K 120 24.90 -45.89 43.09
C GLU K 120 25.32 -45.00 44.27
N SER K 121 26.56 -45.13 44.71
CA SER K 121 27.05 -44.37 45.85
C SER K 121 28.54 -44.03 45.70
N PRO K 122 28.99 -42.90 46.28
CA PRO K 122 30.38 -42.46 46.12
C PRO K 122 31.38 -43.35 46.88
N PRO K 123 32.65 -43.32 46.47
CA PRO K 123 33.72 -44.03 47.19
C PRO K 123 33.84 -43.58 48.64
N GLY K 124 33.61 -44.50 49.58
CA GLY K 124 33.78 -44.23 50.99
C GLY K 124 32.51 -44.33 51.83
N SER K 125 31.36 -44.23 51.18
CA SER K 125 30.08 -44.19 51.89
C SER K 125 29.58 -45.56 52.32
N SER K 126 28.92 -45.62 53.47
CA SER K 126 28.34 -46.86 53.98
C SER K 126 26.82 -46.74 54.10
N PRO K 127 26.10 -46.98 52.99
CA PRO K 127 24.65 -46.78 52.91
C PRO K 127 23.84 -48.02 53.28
N SER K 128 22.73 -47.80 53.98
CA SER K 128 21.83 -48.88 54.35
C SER K 128 20.41 -48.54 53.90
N VAL K 129 19.91 -49.26 52.90
CA VAL K 129 18.65 -48.87 52.28
C VAL K 129 17.45 -49.71 52.76
N GLN K 130 16.30 -49.04 52.92
CA GLN K 130 15.07 -49.69 53.35
C GLN K 130 13.90 -49.35 52.41
N CYS K 131 13.51 -50.28 51.55
CA CYS K 131 12.46 -50.01 50.57
C CYS K 131 11.07 -50.46 50.99
N ARG K 132 10.11 -49.55 51.01
CA ARG K 132 8.76 -49.93 51.42
C ARG K 132 7.81 -50.03 50.23
N SER K 133 7.16 -51.17 50.09
CA SER K 133 6.18 -51.38 49.04
C SER K 133 4.99 -50.48 49.30
N PRO K 134 4.32 -50.00 48.16
CA PRO K 134 3.23 -49.07 48.51
C PRO K 134 2.15 -49.76 49.34
N ARG K 135 1.75 -50.96 48.94
CA ARG K 135 0.77 -51.71 49.71
C ARG K 135 1.24 -52.17 51.09
N GLY K 136 2.45 -52.73 51.15
CA GLY K 136 2.98 -53.22 52.41
C GLY K 136 4.46 -53.56 52.48
N LYS K 137 4.99 -53.65 53.70
CA LYS K 137 6.27 -54.28 53.97
C LYS K 137 7.53 -53.43 53.74
N ASN K 138 8.68 -54.04 54.00
CA ASN K 138 9.98 -53.41 53.77
C ASN K 138 11.00 -54.43 53.26
N ILE K 139 12.03 -53.94 52.57
CA ILE K 139 13.11 -54.78 52.08
C ILE K 139 14.47 -54.14 52.38
N GLN K 140 15.39 -54.93 52.89
CA GLN K 140 16.67 -54.39 53.33
C GLN K 140 17.81 -54.87 52.44
N GLY K 141 18.56 -53.90 51.93
CA GLY K 141 19.74 -54.20 51.13
C GLY K 141 20.87 -53.23 51.47
N GLY K 142 22.10 -53.71 51.31
CA GLY K 142 23.25 -52.85 51.47
C GLY K 142 23.88 -52.70 50.09
N LYS K 143 24.05 -51.45 49.66
CA LYS K 143 24.54 -51.19 48.31
C LYS K 143 23.43 -51.51 47.31
N THR K 144 22.90 -52.73 47.39
CA THR K 144 21.84 -53.15 46.48
C THR K 144 20.68 -53.83 47.21
N LEU K 145 19.49 -53.70 46.63
CA LEU K 145 18.28 -54.39 47.12
C LEU K 145 17.67 -55.21 46.00
N SER K 146 16.81 -56.14 46.35
CA SER K 146 16.18 -56.98 45.35
C SER K 146 15.00 -57.75 45.94
N VAL K 147 13.86 -57.73 45.25
CA VAL K 147 12.75 -58.61 45.58
C VAL K 147 12.60 -59.69 44.52
N SER K 148 12.78 -60.94 44.98
CA SER K 148 12.81 -62.11 44.12
C SER K 148 11.54 -62.26 43.30
N GLN K 149 10.40 -62.28 43.98
CA GLN K 149 9.15 -62.56 43.30
C GLN K 149 8.24 -61.32 43.24
N LEU K 150 7.98 -60.87 42.00
CA LEU K 150 7.20 -59.66 41.77
C LEU K 150 5.78 -60.00 41.32
N GLU K 151 4.83 -59.80 42.23
CA GLU K 151 3.43 -60.12 42.00
C GLU K 151 2.59 -58.85 41.82
N LEU K 152 1.41 -59.01 41.22
CA LEU K 152 0.66 -57.91 40.61
C LEU K 152 0.27 -56.77 41.56
N GLN K 153 -0.06 -57.12 42.80
CA GLN K 153 -0.51 -56.11 43.76
C GLN K 153 0.57 -55.05 44.06
N ASP K 154 1.83 -55.43 43.87
CA ASP K 154 2.95 -54.55 44.23
C ASP K 154 3.06 -53.35 43.31
N SER K 155 2.52 -53.48 42.09
CA SER K 155 2.65 -52.46 41.05
C SER K 155 2.17 -51.08 41.51
N GLY K 156 3.12 -50.16 41.62
CA GLY K 156 2.80 -48.82 42.10
C GLY K 156 4.02 -47.98 42.46
N THR K 157 3.88 -47.18 43.51
CA THR K 157 4.89 -46.20 43.88
C THR K 157 5.63 -46.59 45.16
N TRP K 158 6.83 -47.12 45.02
CA TRP K 158 7.61 -47.56 46.16
C TRP K 158 8.36 -46.42 46.81
N THR K 159 8.32 -46.37 48.13
CA THR K 159 9.06 -45.36 48.87
C THR K 159 10.29 -45.96 49.54
N CYS K 160 11.45 -45.67 48.99
CA CYS K 160 12.71 -46.24 49.48
C CYS K 160 13.54 -45.21 50.26
N THR K 161 13.95 -45.58 51.47
CA THR K 161 14.66 -44.64 52.34
C THR K 161 16.10 -45.08 52.58
N VAL K 162 17.04 -44.23 52.17
CA VAL K 162 18.46 -44.54 52.31
C VAL K 162 19.05 -43.91 53.57
N LEU K 163 19.80 -44.73 54.33
CA LEU K 163 20.41 -44.31 55.59
C LEU K 163 21.92 -44.15 55.48
N GLN K 164 22.42 -43.03 56.00
CA GLN K 164 23.84 -42.74 55.99
C GLN K 164 24.15 -41.59 56.95
N ASN K 165 25.05 -41.84 57.89
CA ASN K 165 25.46 -40.83 58.86
C ASN K 165 24.32 -40.06 59.52
N GLN K 166 23.44 -40.81 60.18
CA GLN K 166 22.29 -40.24 60.90
C GLN K 166 21.41 -39.32 60.05
N LYS K 167 21.52 -39.47 58.72
CA LYS K 167 20.65 -38.74 57.81
C LYS K 167 20.02 -39.71 56.80
N LYS K 168 18.76 -39.46 56.45
CA LYS K 168 18.06 -40.28 55.47
C LYS K 168 17.73 -39.49 54.20
N VAL K 169 17.50 -40.19 53.10
CA VAL K 169 16.98 -39.55 51.89
C VAL K 169 15.95 -40.45 51.21
N GLU K 170 14.92 -39.85 50.62
CA GLU K 170 13.84 -40.64 50.07
C GLU K 170 13.74 -40.63 48.54
N PHE K 171 13.74 -41.83 47.97
CA PHE K 171 13.56 -42.01 46.53
C PHE K 171 12.21 -42.67 46.28
N LYS K 172 11.46 -42.14 45.33
CA LYS K 172 10.19 -42.74 44.96
C LYS K 172 10.32 -43.42 43.59
N ILE K 173 9.98 -44.70 43.51
CA ILE K 173 10.11 -45.42 42.25
C ILE K 173 8.77 -45.93 41.70
N ASP K 174 8.56 -45.71 40.40
CA ASP K 174 7.34 -46.14 39.74
C ASP K 174 7.52 -47.48 39.04
N ILE K 175 6.81 -48.51 39.51
CA ILE K 175 6.99 -49.86 38.96
C ILE K 175 5.68 -50.51 38.51
N VAL K 176 5.77 -51.27 37.41
CA VAL K 176 4.65 -52.02 36.85
C VAL K 176 4.77 -53.51 37.20
N TYR L 2 5.55 2.45 -15.43
CA TYR L 2 6.91 2.53 -14.90
C TYR L 2 7.61 3.82 -15.35
N VAL L 3 6.98 4.55 -16.27
CA VAL L 3 7.58 5.77 -16.76
C VAL L 3 6.91 7.01 -16.19
N SER L 4 7.68 7.79 -15.42
CA SER L 4 7.22 9.09 -14.94
C SER L 4 7.79 10.20 -15.79
N PRO L 5 6.90 11.04 -16.34
CA PRO L 5 7.25 12.10 -17.28
C PRO L 5 7.72 13.36 -16.58
N LEU L 6 8.86 13.86 -17.04
CA LEU L 6 9.35 15.14 -16.59
C LEU L 6 9.54 15.99 -17.83
N SER L 7 9.23 17.28 -17.73
CA SER L 7 9.54 18.16 -18.84
C SER L 7 10.46 19.24 -18.36
N VAL L 8 11.43 19.62 -19.18
CA VAL L 8 12.33 20.68 -18.79
C VAL L 8 12.61 21.60 -19.97
N ALA L 9 12.60 22.90 -19.71
CA ALA L 9 12.86 23.85 -20.77
C ALA L 9 14.32 23.75 -21.16
N LEU L 10 14.63 24.12 -22.39
CA LEU L 10 15.95 23.91 -22.94
C LEU L 10 16.92 24.95 -22.40
N GLY L 11 18.09 24.47 -21.96
CA GLY L 11 19.05 25.35 -21.32
C GLY L 11 18.82 25.48 -19.83
N GLU L 12 17.63 25.09 -19.38
CA GLU L 12 17.30 25.09 -17.97
C GLU L 12 17.88 23.86 -17.27
N THR L 13 17.40 23.57 -16.06
CA THR L 13 17.97 22.49 -15.28
C THR L 13 16.96 21.40 -14.91
N ALA L 14 17.37 20.14 -15.10
CA ALA L 14 16.57 18.99 -14.70
C ALA L 14 17.06 18.43 -13.35
N ARG L 15 16.10 18.00 -12.53
CA ARG L 15 16.38 17.42 -11.21
C ARG L 15 15.46 16.24 -11.01
N ILE L 16 15.99 15.04 -11.17
CA ILE L 16 15.22 13.82 -11.12
C ILE L 16 15.55 13.09 -9.83
N SER L 17 14.54 12.66 -9.08
CA SER L 17 14.82 12.04 -7.79
C SER L 17 14.54 10.56 -7.78
N CYS L 18 15.31 9.83 -6.98
CA CYS L 18 15.13 8.39 -6.87
C CYS L 18 13.77 8.07 -6.26
N GLY L 19 13.00 7.25 -6.97
CA GLY L 19 11.67 6.89 -6.51
C GLY L 19 11.75 6.07 -5.24
N ARG L 20 12.87 5.41 -5.06
CA ARG L 20 13.15 4.67 -3.84
C ARG L 20 14.08 5.50 -2.96
N GLN L 21 13.68 5.72 -1.71
CA GLN L 21 14.53 6.42 -0.75
C GLN L 21 15.25 5.43 0.15
N ALA L 22 16.56 5.60 0.28
CA ALA L 22 17.40 4.62 0.99
C ALA L 22 17.18 4.57 2.48
N LEU L 23 17.21 3.36 3.03
CA LEU L 23 17.17 3.13 4.47
C LEU L 23 18.43 3.58 5.20
N GLY L 24 19.57 3.33 4.56
CA GLY L 24 20.87 3.44 5.17
C GLY L 24 21.85 4.04 4.18
N SER L 25 23.13 4.12 4.55
CA SER L 25 24.11 4.74 3.67
C SER L 25 24.05 4.03 2.33
N ARG L 26 24.11 4.81 1.26
CA ARG L 26 23.72 4.34 -0.06
C ARG L 26 24.73 4.45 -1.18
N ALA L 27 24.67 3.48 -2.08
CA ALA L 27 25.45 3.48 -3.31
C ALA L 27 24.48 3.60 -4.49
N VAL L 28 24.36 4.80 -5.03
CA VAL L 28 23.38 5.05 -6.08
C VAL L 28 23.99 5.26 -7.46
N GLN L 29 23.52 4.47 -8.42
CA GLN L 29 23.92 4.60 -9.80
C GLN L 29 22.83 5.32 -10.57
N TRP L 30 23.19 6.12 -11.55
CA TRP L 30 22.21 6.68 -12.47
C TRP L 30 22.62 6.28 -13.87
N TYR L 31 21.69 5.66 -14.61
CA TYR L 31 21.91 5.32 -16.01
C TYR L 31 20.99 6.11 -16.93
N GLN L 32 21.54 6.64 -18.01
CA GLN L 32 20.76 7.25 -19.08
C GLN L 32 20.50 6.20 -20.14
N HIS L 33 19.25 6.07 -20.59
CA HIS L 33 18.89 5.09 -21.60
C HIS L 33 17.94 5.68 -22.63
N LYS L 34 18.49 6.04 -23.78
CA LYS L 34 17.68 6.37 -24.95
C LYS L 34 17.09 5.06 -25.44
N PRO L 35 15.81 5.13 -26.01
CA PRO L 35 15.24 3.81 -26.34
C PRO L 35 16.01 3.00 -27.38
N GLY L 36 16.53 3.66 -28.40
CA GLY L 36 17.25 3.00 -29.47
C GLY L 36 18.52 2.27 -29.08
N GLN L 37 19.29 2.84 -28.16
CA GLN L 37 20.66 2.43 -27.91
C GLN L 37 20.96 2.05 -26.45
N ALA L 38 22.03 1.30 -26.27
CA ALA L 38 22.42 0.73 -24.98
C ALA L 38 22.47 1.81 -23.89
N PRO L 39 22.15 1.41 -22.64
CA PRO L 39 22.25 2.31 -21.48
C PRO L 39 23.67 2.85 -21.31
N ILE L 40 23.77 3.93 -20.54
CA ILE L 40 25.02 4.62 -20.28
C ILE L 40 25.07 4.95 -18.81
N LEU L 41 26.16 4.61 -18.13
CA LEU L 41 26.29 4.95 -16.73
C LEU L 41 26.66 6.43 -16.62
N LEU L 42 25.76 7.22 -16.04
CA LEU L 42 26.05 8.64 -15.76
C LEU L 42 26.77 8.80 -14.44
N ILE L 43 26.16 8.25 -13.39
CA ILE L 43 26.60 8.48 -12.03
C ILE L 43 26.78 7.12 -11.36
N TYR L 44 27.92 6.92 -10.71
CA TYR L 44 28.14 5.71 -9.93
C TYR L 44 28.69 6.09 -8.57
N ASN L 45 28.39 5.27 -7.57
CA ASN L 45 28.82 5.59 -6.22
C ASN L 45 28.38 6.99 -5.84
N ASN L 46 27.12 7.30 -6.08
CA ASN L 46 26.64 8.64 -5.80
C ASN L 46 27.30 9.67 -6.73
N GLN L 47 28.06 10.61 -6.16
CA GLN L 47 28.61 11.72 -6.93
C GLN L 47 29.54 11.32 -8.09
N ASP L 48 30.39 10.33 -7.88
CA ASP L 48 31.43 9.99 -8.87
C ASP L 48 30.92 9.78 -10.29
N ARG L 49 31.69 10.28 -11.25
CA ARG L 49 31.35 10.27 -12.67
C ARG L 49 32.39 9.56 -13.51
N PRO L 50 31.98 8.67 -14.40
CA PRO L 50 32.91 7.96 -15.27
C PRO L 50 33.34 8.87 -16.41
N SER L 51 34.45 8.54 -17.07
CA SER L 51 35.02 9.44 -18.07
C SER L 51 34.08 9.61 -19.26
N GLY L 52 34.17 10.77 -19.91
CA GLY L 52 33.31 11.08 -21.04
C GLY L 52 31.88 11.42 -20.63
N ILE L 53 31.66 11.61 -19.34
CA ILE L 53 30.36 12.09 -18.87
C ILE L 53 30.53 13.52 -18.41
N PRO L 54 29.79 14.44 -19.04
CA PRO L 54 30.00 15.87 -18.83
C PRO L 54 29.81 16.26 -17.38
N GLU L 55 30.49 17.32 -16.99
CA GLU L 55 30.46 17.79 -15.62
C GLU L 55 29.06 18.20 -15.17
N ARG L 56 28.18 18.49 -16.13
CA ARG L 56 26.85 19.02 -15.78
C ARG L 56 25.96 17.96 -15.14
N PHE L 57 26.18 16.69 -15.48
CA PHE L 57 25.48 15.61 -14.81
C PHE L 57 26.04 15.47 -13.41
N SER L 58 25.18 15.49 -12.39
CA SER L 58 25.66 15.39 -11.00
C SER L 58 24.67 14.81 -10.00
N GLY L 59 25.11 13.79 -9.27
CA GLY L 59 24.24 13.15 -8.28
C GLY L 59 24.53 13.72 -6.92
N THR L 60 23.68 13.45 -5.93
CA THR L 60 23.94 13.97 -4.59
C THR L 60 24.73 12.99 -3.73
N PRO L 61 25.78 13.49 -3.08
CA PRO L 61 26.60 12.66 -2.20
C PRO L 61 25.87 12.31 -0.92
N ASP L 62 26.07 11.08 -0.47
CA ASP L 62 25.54 10.57 0.77
C ASP L 62 26.54 10.95 1.85
N ILE L 63 26.32 12.09 2.50
CA ILE L 63 27.29 12.67 3.45
C ILE L 63 26.70 12.87 4.84
N ASN L 64 25.45 13.33 4.86
CA ASN L 64 24.72 13.59 6.09
C ASN L 64 23.44 12.79 6.01
N PHE L 65 22.90 12.44 7.17
CA PHE L 65 21.75 11.53 7.29
C PHE L 65 20.55 11.98 6.48
N GLY L 66 19.89 11.02 5.83
CA GLY L 66 18.60 11.24 5.20
C GLY L 66 18.43 12.22 4.05
N THR L 67 19.48 12.51 3.31
CA THR L 67 19.36 13.39 2.16
C THR L 67 18.71 12.62 1.01
N THR L 68 18.27 13.34 0.00
CA THR L 68 17.57 12.71 -1.12
C THR L 68 18.51 12.44 -2.29
N ALA L 69 18.50 11.20 -2.77
CA ALA L 69 19.28 10.81 -3.94
C ALA L 69 18.72 11.48 -5.19
N THR L 70 19.49 12.34 -5.83
CA THR L 70 18.97 13.09 -6.98
C THR L 70 19.97 13.39 -8.10
N LEU L 71 19.60 12.99 -9.32
CA LEU L 71 20.37 13.35 -10.50
C LEU L 71 20.03 14.75 -10.97
N THR L 72 21.05 15.51 -11.35
CA THR L 72 20.88 16.89 -11.77
C THR L 72 21.51 17.11 -13.16
N ILE L 73 20.71 17.28 -14.20
CA ILE L 73 21.29 17.66 -15.48
C ILE L 73 21.20 19.18 -15.59
N SER L 74 22.34 19.84 -15.39
CA SER L 74 22.43 21.29 -15.24
C SER L 74 22.00 22.11 -16.45
N GLY L 75 22.41 21.68 -17.63
CA GLY L 75 22.12 22.42 -18.84
C GLY L 75 21.50 21.50 -19.86
N VAL L 76 20.20 21.24 -19.72
CA VAL L 76 19.58 20.23 -20.53
C VAL L 76 19.71 20.61 -21.99
N GLU L 77 20.02 19.62 -22.82
CA GLU L 77 20.32 19.81 -24.22
C GLU L 77 19.40 18.93 -25.04
N VAL L 78 19.19 19.34 -26.27
CA VAL L 78 18.24 18.66 -27.14
C VAL L 78 18.35 17.16 -27.01
N GLY L 79 19.58 16.67 -26.91
CA GLY L 79 19.83 15.26 -26.86
C GLY L 79 19.97 14.74 -25.45
N ASP L 80 19.31 15.40 -24.50
CA ASP L 80 19.34 14.87 -23.15
C ASP L 80 18.05 14.17 -22.89
N GLU L 81 17.22 14.12 -23.92
CA GLU L 81 15.98 13.37 -23.85
C GLU L 81 16.35 11.91 -23.80
N ALA L 82 15.94 11.23 -22.74
CA ALA L 82 16.21 9.80 -22.58
C ALA L 82 15.37 9.33 -21.43
N ASP L 83 15.58 8.09 -21.01
CA ASP L 83 15.01 7.66 -19.75
C ASP L 83 16.10 7.65 -18.71
N TYR L 84 15.79 8.02 -17.47
CA TYR L 84 16.84 8.08 -16.47
C TYR L 84 16.51 7.13 -15.35
N TYR L 85 17.37 6.15 -15.14
CA TYR L 85 17.18 5.14 -14.10
C TYR L 85 18.05 5.43 -12.86
N CYS L 86 17.45 5.25 -11.69
CA CYS L 86 18.17 5.35 -10.44
C CYS L 86 18.31 3.99 -9.83
N HIS L 87 19.48 3.42 -9.99
CA HIS L 87 19.84 2.16 -9.40
C HIS L 87 20.26 2.31 -7.94
N MET L 88 19.32 2.10 -7.03
CA MET L 88 19.52 2.38 -5.61
C MET L 88 20.02 1.19 -4.81
N TRP L 89 21.24 1.28 -4.26
CA TRP L 89 21.71 0.26 -3.32
C TRP L 89 21.82 0.84 -1.91
N ASP L 90 21.43 0.08 -0.90
CA ASP L 90 21.66 0.57 0.45
C ASP L 90 22.04 -0.60 1.34
N SER L 91 22.29 -0.28 2.60
CA SER L 91 22.74 -1.28 3.57
C SER L 91 21.63 -2.15 4.21
N ARG L 92 20.39 -1.68 4.09
CA ARG L 92 19.30 -2.20 4.90
C ARG L 92 18.36 -3.09 4.09
N SER L 93 18.16 -2.74 2.82
CA SER L 93 17.38 -3.61 1.95
C SER L 93 18.33 -4.59 1.29
N GLY L 94 17.79 -5.47 0.44
CA GLY L 94 18.57 -6.59 -0.08
C GLY L 94 19.58 -6.29 -1.17
N PHE L 95 19.93 -7.33 -1.93
CA PHE L 95 20.63 -7.16 -3.19
C PHE L 95 19.61 -6.42 -4.03
N SER L 96 20.01 -5.33 -4.66
CA SER L 96 19.05 -4.56 -5.40
C SER L 96 18.97 -5.04 -6.85
N TRP L 97 18.08 -5.99 -7.11
CA TRP L 97 17.93 -6.57 -8.44
C TRP L 97 17.21 -5.68 -9.45
N SER L 98 16.56 -4.62 -8.98
CA SER L 98 15.77 -3.79 -9.86
C SER L 98 16.42 -2.44 -10.17
N PHE L 99 16.29 -1.98 -11.41
CA PHE L 99 16.73 -0.64 -11.76
C PHE L 99 15.68 0.38 -11.35
N GLY L 100 14.55 -0.11 -10.86
CA GLY L 100 13.47 0.77 -10.48
C GLY L 100 12.73 1.26 -11.71
N GLY L 101 11.87 2.26 -11.52
CA GLY L 101 11.10 2.77 -12.65
C GLY L 101 11.97 3.62 -13.54
N ALA L 102 11.35 4.34 -14.46
CA ALA L 102 12.11 5.24 -15.32
C ALA L 102 11.56 6.66 -15.28
N THR L 103 12.44 7.64 -15.46
CA THR L 103 11.98 9.00 -15.66
C THR L 103 12.21 9.40 -17.10
N ARG L 104 11.14 9.75 -17.81
CA ARG L 104 11.27 10.12 -19.20
C ARG L 104 11.28 11.64 -19.37
N LEU L 105 12.45 12.14 -19.77
CA LEU L 105 12.69 13.56 -19.84
C LEU L 105 12.37 14.12 -21.23
N THR L 106 11.41 15.02 -21.27
CA THR L 106 11.06 15.70 -22.50
C THR L 106 11.71 17.07 -22.49
N VAL L 107 12.44 17.42 -23.53
CA VAL L 107 13.05 18.75 -23.56
C VAL L 107 12.22 19.74 -24.39
N LEU L 108 11.79 20.82 -23.73
CA LEU L 108 11.05 21.88 -24.39
C LEU L 108 11.91 23.09 -24.67
N SER L 109 11.65 23.79 -25.75
CA SER L 109 11.11 23.13 -26.94
C SER L 109 12.21 23.63 -27.90
N GLN L 110 12.61 22.74 -28.78
CA GLN L 110 13.64 23.02 -29.75
C GLN L 110 13.05 24.04 -30.70
N PRO L 111 13.87 24.55 -31.63
CA PRO L 111 13.28 25.43 -32.64
C PRO L 111 12.72 24.59 -33.77
N LYS L 112 11.74 25.16 -34.46
CA LYS L 112 11.21 24.61 -35.71
C LYS L 112 12.33 24.25 -36.71
N ALA L 113 12.12 23.19 -37.47
CA ALA L 113 13.08 22.74 -38.48
C ALA L 113 12.32 22.15 -39.65
N ALA L 114 12.42 22.78 -40.82
CA ALA L 114 11.63 22.29 -41.95
C ALA L 114 12.24 21.06 -42.60
N PRO L 115 11.39 20.13 -43.05
CA PRO L 115 11.93 18.88 -43.57
C PRO L 115 12.55 19.06 -44.94
N SER L 116 13.67 18.39 -45.18
CA SER L 116 14.17 18.21 -46.54
C SER L 116 13.69 16.87 -47.08
N VAL L 117 13.15 16.89 -48.29
CA VAL L 117 12.56 15.70 -48.89
C VAL L 117 13.38 15.23 -50.08
N THR L 118 13.52 13.92 -50.19
CA THR L 118 14.21 13.34 -51.32
C THR L 118 13.35 12.20 -51.81
N LEU L 119 12.98 12.24 -53.09
CA LEU L 119 12.11 11.23 -53.67
C LEU L 119 12.86 10.46 -54.77
N PHE L 120 12.74 9.15 -54.77
CA PHE L 120 13.41 8.30 -55.74
C PHE L 120 12.40 7.49 -56.50
N PRO L 121 12.54 7.45 -57.84
CA PRO L 121 11.75 6.61 -58.75
C PRO L 121 12.31 5.22 -58.81
N PRO L 122 11.47 4.23 -59.16
CA PRO L 122 11.81 2.80 -59.24
C PRO L 122 13.13 2.50 -59.94
N SER L 123 13.84 1.51 -59.41
CA SER L 123 14.99 0.94 -60.09
C SER L 123 14.59 0.00 -61.25
N SER L 124 15.53 -0.25 -62.15
CA SER L 124 15.29 -1.10 -63.30
C SER L 124 15.16 -2.56 -62.88
N GLU L 125 16.01 -2.97 -61.94
CA GLU L 125 15.97 -4.31 -61.35
C GLU L 125 14.58 -4.68 -60.89
N GLU L 126 14.05 -3.82 -60.03
CA GLU L 126 12.75 -3.97 -59.41
C GLU L 126 11.70 -4.00 -60.49
N LEU L 127 11.86 -3.09 -61.46
CA LEU L 127 10.93 -2.99 -62.58
C LEU L 127 10.84 -4.29 -63.39
N GLN L 128 12.00 -4.89 -63.70
CA GLN L 128 11.96 -6.16 -64.41
C GLN L 128 11.76 -7.34 -63.45
N ALA L 129 11.53 -7.02 -62.18
CA ALA L 129 11.03 -7.99 -61.23
C ALA L 129 9.52 -7.92 -61.22
N ASN L 130 8.99 -7.06 -62.09
CA ASN L 130 7.57 -6.77 -62.19
C ASN L 130 6.99 -6.18 -60.89
N LYS L 131 7.76 -5.31 -60.25
CA LYS L 131 7.31 -4.52 -59.10
C LYS L 131 7.87 -3.14 -59.29
N ALA L 132 7.33 -2.17 -58.57
CA ALA L 132 7.79 -0.80 -58.72
C ALA L 132 7.34 0.00 -57.52
N THR L 133 8.30 0.53 -56.77
CA THR L 133 7.97 1.34 -55.62
C THR L 133 8.75 2.66 -55.58
N LEU L 134 8.04 3.73 -55.30
CA LEU L 134 8.64 5.05 -55.24
C LEU L 134 8.92 5.30 -53.77
N VAL L 135 10.05 5.94 -53.48
CA VAL L 135 10.51 6.10 -52.10
C VAL L 135 10.67 7.57 -51.74
N CYS L 136 9.97 7.98 -50.70
CA CYS L 136 10.00 9.37 -50.28
C CYS L 136 10.62 9.46 -48.88
N LEU L 137 11.79 10.06 -48.79
CA LEU L 137 12.50 10.15 -47.52
C LEU L 137 12.48 11.58 -47.00
N ILE L 138 11.99 11.73 -45.77
CA ILE L 138 11.82 13.03 -45.15
C ILE L 138 12.71 13.04 -43.93
N SER L 139 13.47 14.12 -43.76
CA SER L 139 14.42 14.19 -42.65
C SER L 139 14.72 15.59 -42.11
N ASP L 140 15.54 15.66 -41.07
CA ASP L 140 16.02 16.92 -40.50
C ASP L 140 14.92 17.91 -40.10
N PHE L 141 13.75 17.40 -39.72
CA PHE L 141 12.66 18.27 -39.27
C PHE L 141 12.36 18.13 -37.78
N TYR L 142 11.77 19.20 -37.22
CA TYR L 142 11.21 19.22 -35.87
C TYR L 142 10.09 20.26 -35.88
N PRO L 143 8.96 19.98 -35.20
CA PRO L 143 8.48 18.85 -34.39
C PRO L 143 8.34 17.58 -35.21
N GLY L 144 8.05 16.47 -34.54
CA GLY L 144 7.88 15.21 -35.22
C GLY L 144 6.55 15.04 -35.94
N ALA L 145 5.87 16.14 -36.22
CA ALA L 145 4.63 16.05 -36.97
C ALA L 145 4.96 16.19 -38.43
N VAL L 146 4.28 15.42 -39.29
CA VAL L 146 4.47 15.52 -40.72
C VAL L 146 3.33 14.82 -41.44
N THR L 147 2.98 15.30 -42.63
CA THR L 147 1.89 14.68 -43.38
C THR L 147 2.33 14.40 -44.81
N VAL L 148 2.02 13.21 -45.33
CA VAL L 148 2.50 12.83 -46.65
C VAL L 148 1.37 12.48 -47.62
N ALA L 149 1.39 13.11 -48.80
CA ALA L 149 0.36 12.89 -49.82
C ALA L 149 0.94 12.62 -51.21
N TRP L 150 0.47 11.52 -51.81
CA TRP L 150 0.94 11.08 -53.12
C TRP L 150 -0.01 11.44 -54.23
N LYS L 151 0.55 12.01 -55.31
CA LYS L 151 -0.20 12.39 -56.50
C LYS L 151 0.19 11.47 -57.64
N ALA L 152 -0.80 10.99 -58.38
CA ALA L 152 -0.56 10.42 -59.68
C ALA L 152 -0.98 11.54 -60.60
N ASP L 153 0.00 12.18 -61.23
CA ASP L 153 -0.28 13.41 -61.95
C ASP L 153 -0.78 14.37 -60.87
N SER L 154 -1.86 15.08 -61.15
CA SER L 154 -2.51 15.94 -60.15
C SER L 154 -3.39 15.31 -59.03
N SER L 155 -3.97 14.16 -59.34
CA SER L 155 -5.02 13.55 -58.54
C SER L 155 -4.33 12.75 -57.44
N PRO L 156 -4.87 12.81 -56.21
CA PRO L 156 -4.30 12.00 -55.14
C PRO L 156 -4.55 10.50 -55.38
N VAL L 157 -3.64 9.70 -54.88
CA VAL L 157 -3.54 8.29 -55.21
C VAL L 157 -4.61 7.41 -54.57
N LYS L 158 -5.09 6.39 -55.30
CA LYS L 158 -6.10 5.47 -54.78
C LYS L 158 -5.58 4.53 -53.66
N ALA L 159 -4.37 3.99 -53.83
CA ALA L 159 -3.86 3.04 -52.85
C ALA L 159 -2.32 2.94 -52.86
N GLY L 160 -1.77 2.16 -51.93
CA GLY L 160 -0.38 1.76 -51.98
C GLY L 160 0.62 2.53 -51.13
N VAL L 161 0.11 3.48 -50.34
CA VAL L 161 0.98 4.26 -49.47
C VAL L 161 1.20 3.56 -48.12
N GLU L 162 2.43 3.64 -47.64
CA GLU L 162 2.77 3.21 -46.30
C GLU L 162 3.78 4.19 -45.75
N THR L 163 3.52 4.72 -44.56
CA THR L 163 4.40 5.75 -44.03
C THR L 163 4.80 5.45 -42.62
N THR L 164 6.05 5.73 -42.30
CA THR L 164 6.58 5.49 -40.99
C THR L 164 6.14 6.59 -40.05
N THR L 165 6.20 6.30 -38.76
CA THR L 165 5.89 7.27 -37.74
C THR L 165 7.16 8.02 -37.35
N PRO L 166 7.14 9.34 -37.55
CA PRO L 166 8.33 10.18 -37.34
C PRO L 166 9.06 9.81 -36.08
N SER L 167 10.36 9.58 -36.23
CA SER L 167 11.21 9.08 -35.17
C SER L 167 12.45 9.95 -35.05
N LYS L 168 12.91 10.15 -33.81
CA LYS L 168 14.05 11.03 -33.53
C LYS L 168 15.33 10.39 -34.04
N GLN L 169 16.22 11.20 -34.61
CA GLN L 169 17.46 10.66 -35.16
C GLN L 169 18.67 11.06 -34.35
N SER L 170 19.83 10.55 -34.74
CA SER L 170 21.09 10.87 -34.09
C SER L 170 21.41 12.37 -34.11
N ASN L 171 20.79 13.11 -35.04
CA ASN L 171 21.06 14.53 -35.15
C ASN L 171 20.03 15.35 -34.39
N ASN L 172 19.16 14.65 -33.67
CA ASN L 172 18.15 15.25 -32.78
C ASN L 172 16.97 15.94 -33.42
N LYS L 173 16.81 15.72 -34.73
CA LYS L 173 15.58 16.09 -35.40
C LYS L 173 14.85 14.81 -35.79
N TYR L 174 13.77 14.91 -36.57
CA TYR L 174 12.98 13.72 -36.86
C TYR L 174 13.09 13.23 -38.30
N ALA L 175 12.80 11.95 -38.52
CA ALA L 175 12.88 11.37 -39.86
C ALA L 175 11.71 10.43 -40.15
N ALA L 176 11.22 10.46 -41.37
CA ALA L 176 10.10 9.60 -41.78
C ALA L 176 10.27 9.15 -43.23
N SER L 177 9.61 8.04 -43.58
CA SER L 177 9.68 7.54 -44.95
C SER L 177 8.28 7.24 -45.45
N SER L 178 7.99 7.60 -46.69
CA SER L 178 6.78 7.10 -47.31
C SER L 178 7.15 6.27 -48.52
N TYR L 179 6.43 5.19 -48.72
CA TYR L 179 6.66 4.29 -49.83
C TYR L 179 5.36 4.12 -50.59
N LEU L 180 5.33 4.57 -51.84
CA LEU L 180 4.21 4.26 -52.72
C LEU L 180 4.56 3.04 -53.55
N SER L 181 3.65 2.09 -53.65
CA SER L 181 3.90 0.95 -54.51
C SER L 181 2.87 0.84 -55.62
N LEU L 182 3.35 0.53 -56.82
CA LEU L 182 2.57 0.57 -58.05
C LEU L 182 2.95 -0.63 -58.89
N THR L 183 2.09 -1.05 -59.80
CA THR L 183 2.51 -1.94 -60.87
C THR L 183 3.34 -1.12 -61.87
N PRO L 184 4.24 -1.79 -62.62
CA PRO L 184 5.03 -1.11 -63.66
C PRO L 184 4.15 -0.44 -64.71
N GLU L 185 2.94 -0.97 -64.87
CA GLU L 185 1.97 -0.41 -65.77
C GLU L 185 1.46 0.92 -65.23
N GLN L 186 0.89 0.91 -64.03
CA GLN L 186 0.50 2.12 -63.31
C GLN L 186 1.59 3.19 -63.30
N TRP L 187 2.84 2.75 -63.18
CA TRP L 187 3.97 3.67 -63.10
C TRP L 187 4.27 4.32 -64.44
N LYS L 188 4.15 3.55 -65.51
CA LYS L 188 4.53 4.05 -66.83
C LYS L 188 3.47 4.92 -67.47
N SER L 189 2.22 4.71 -67.07
CA SER L 189 1.09 5.44 -67.66
C SER L 189 0.69 6.74 -66.93
N HIS L 190 1.67 7.45 -66.40
CA HIS L 190 1.39 8.74 -65.79
C HIS L 190 2.58 9.63 -66.04
N LYS L 191 2.33 10.85 -66.49
CA LYS L 191 3.40 11.78 -66.80
C LYS L 191 4.35 11.95 -65.62
N SER L 192 3.80 11.93 -64.40
CA SER L 192 4.61 12.11 -63.22
C SER L 192 3.93 11.58 -61.97
N TYR L 193 4.70 11.48 -60.89
CA TYR L 193 4.18 11.16 -59.58
C TYR L 193 4.82 12.13 -58.61
N SER L 194 4.05 12.62 -57.65
CA SER L 194 4.61 13.54 -56.69
C SER L 194 4.48 13.05 -55.27
N CYS L 195 5.53 13.28 -54.49
CA CYS L 195 5.45 13.09 -53.07
C CYS L 195 5.43 14.41 -52.32
N GLN L 196 4.31 14.69 -51.67
CA GLN L 196 4.06 16.00 -51.06
C GLN L 196 4.07 15.91 -49.56
N VAL L 197 4.86 16.74 -48.91
CA VAL L 197 4.87 16.68 -47.46
C VAL L 197 4.64 18.05 -46.81
N THR L 198 3.76 18.06 -45.82
CA THR L 198 3.48 19.27 -45.05
C THR L 198 4.08 19.14 -43.68
N HIS L 199 4.62 20.25 -43.18
CA HIS L 199 5.11 20.29 -41.83
C HIS L 199 4.90 21.69 -41.29
N GLU L 200 4.22 21.79 -40.16
CA GLU L 200 3.84 23.08 -39.58
C GLU L 200 3.17 23.96 -40.61
N GLY L 201 2.20 23.40 -41.33
CA GLY L 201 1.42 24.15 -42.29
C GLY L 201 2.15 24.31 -43.61
N SER L 202 3.46 24.56 -43.54
CA SER L 202 4.25 24.84 -44.75
C SER L 202 4.75 23.62 -45.54
N THR L 203 4.28 23.51 -46.79
CA THR L 203 4.48 22.32 -47.63
C THR L 203 5.73 22.37 -48.54
N VAL L 204 6.38 21.22 -48.71
CA VAL L 204 7.34 21.03 -49.79
C VAL L 204 6.96 19.78 -50.58
N GLU L 205 7.18 19.84 -51.90
CA GLU L 205 6.71 18.81 -52.84
C GLU L 205 7.82 18.37 -53.78
N LYS L 206 7.97 17.06 -53.98
CA LYS L 206 8.93 16.55 -54.96
C LYS L 206 8.23 15.70 -56.02
N THR L 207 8.80 15.65 -57.21
CA THR L 207 8.17 14.93 -58.33
C THR L 207 9.17 14.20 -59.23
N VAL L 208 8.93 12.91 -59.45
CA VAL L 208 9.74 12.11 -60.35
C VAL L 208 8.86 11.45 -61.40
N ALA L 209 9.46 11.07 -62.51
CA ALA L 209 8.69 10.68 -63.68
C ALA L 209 9.38 9.58 -64.46
N PRO L 210 8.59 8.76 -65.17
CA PRO L 210 9.15 7.65 -65.96
C PRO L 210 10.10 8.14 -67.05
N THR L 211 11.26 7.51 -67.16
CA THR L 211 12.31 7.93 -68.09
C THR L 211 13.01 6.72 -68.68
N GLN M 1 40.37 0.41 -25.47
CA GLN M 1 39.83 -0.22 -24.26
C GLN M 1 39.11 -1.54 -24.57
N VAL M 2 38.25 -1.97 -23.65
CA VAL M 2 37.47 -3.21 -23.81
C VAL M 2 36.15 -2.97 -24.54
N GLN M 3 35.92 -3.72 -25.61
CA GLN M 3 34.69 -3.57 -26.40
C GLN M 3 33.85 -4.84 -26.37
N LEU M 4 32.55 -4.70 -26.61
CA LEU M 4 31.65 -5.86 -26.54
C LEU M 4 30.69 -5.87 -27.72
N GLN M 5 30.44 -7.06 -28.27
CA GLN M 5 29.51 -7.21 -29.38
C GLN M 5 28.64 -8.45 -29.24
N GLU M 6 27.34 -8.23 -29.25
CA GLU M 6 26.38 -9.31 -29.08
C GLU M 6 25.99 -9.96 -30.40
N SER M 7 25.44 -11.17 -30.28
CA SER M 7 24.93 -11.90 -31.41
C SER M 7 23.73 -12.70 -30.92
N GLY M 8 22.70 -12.78 -31.74
CA GLY M 8 21.47 -13.45 -31.38
C GLY M 8 20.84 -14.20 -32.53
N PRO M 9 19.95 -15.24 -32.16
CA PRO M 9 19.30 -15.87 -33.33
C PRO M 9 18.44 -14.84 -34.06
N GLY M 10 17.77 -14.01 -33.27
CA GLY M 10 16.94 -12.94 -33.77
C GLY M 10 15.49 -13.36 -33.90
N LEU M 11 15.27 -14.67 -33.89
CA LEU M 11 13.93 -15.21 -33.74
C LEU M 11 14.01 -16.51 -32.95
N VAL M 12 13.12 -16.68 -32.00
CA VAL M 12 13.05 -17.93 -31.26
C VAL M 12 11.61 -18.41 -31.25
N ARG M 13 11.38 -19.69 -31.52
CA ARG M 13 10.03 -20.18 -31.40
C ARG M 13 9.69 -20.30 -29.93
N PRO M 14 8.40 -20.15 -29.59
CA PRO M 14 7.92 -20.38 -28.22
C PRO M 14 8.31 -21.74 -27.66
N SER M 15 8.41 -21.84 -26.34
CA SER M 15 8.78 -23.08 -25.62
C SER M 15 10.17 -23.61 -25.95
N GLU M 16 10.92 -22.86 -26.72
CA GLU M 16 12.28 -23.25 -27.01
C GLU M 16 13.26 -22.43 -26.19
N THR M 17 14.54 -22.62 -26.47
CA THR M 17 15.58 -22.03 -25.67
C THR M 17 16.33 -20.95 -26.41
N LEU M 18 16.22 -19.73 -25.92
CA LEU M 18 17.00 -18.63 -26.45
C LEU M 18 18.45 -18.87 -26.10
N SER M 19 19.34 -18.46 -26.98
CA SER M 19 20.75 -18.39 -26.67
C SER M 19 21.36 -17.15 -27.32
N VAL M 20 21.79 -16.18 -26.50
CA VAL M 20 22.55 -15.05 -27.02
C VAL M 20 24.01 -15.07 -26.58
N THR M 21 24.84 -14.26 -27.25
CA THR M 21 26.28 -14.36 -27.09
C THR M 21 26.97 -12.99 -27.12
N CYS M 22 28.00 -12.82 -26.30
CA CYS M 22 28.80 -11.60 -26.34
C CYS M 22 30.26 -11.96 -26.58
N ILE M 23 30.90 -11.30 -27.54
CA ILE M 23 32.30 -11.61 -27.87
C ILE M 23 33.18 -10.46 -27.44
N VAL M 24 34.03 -10.69 -26.45
CA VAL M 24 34.78 -9.60 -25.83
C VAL M 24 36.10 -9.28 -26.54
N SER M 25 36.36 -7.98 -26.71
CA SER M 25 37.58 -7.51 -27.34
C SER M 25 38.31 -6.60 -26.36
N GLY M 26 39.62 -6.47 -26.54
CA GLY M 26 40.38 -5.48 -25.79
C GLY M 26 40.72 -5.89 -24.36
N GLY M 27 40.53 -7.18 -24.07
CA GLY M 27 40.88 -7.70 -22.76
C GLY M 27 40.41 -9.13 -22.56
N SER M 28 40.79 -9.69 -21.42
CA SER M 28 40.43 -11.06 -21.12
C SER M 28 39.06 -11.14 -20.48
N ILE M 29 38.23 -12.04 -21.02
CA ILE M 29 36.93 -12.39 -20.47
C ILE M 29 37.04 -12.93 -19.02
N SER M 30 38.26 -13.22 -18.58
CA SER M 30 38.50 -13.87 -17.29
C SER M 30 38.74 -12.89 -16.14
N ASN M 31 39.20 -11.69 -16.48
CA ASN M 31 39.59 -10.70 -15.48
C ASN M 31 38.49 -9.69 -15.21
N TYR M 32 37.24 -10.15 -15.29
CA TYR M 32 36.08 -9.26 -15.27
C TYR M 32 34.82 -9.96 -14.82
N TYR M 33 33.91 -9.19 -14.23
CA TYR M 33 32.55 -9.64 -13.97
C TYR M 33 31.75 -9.30 -15.22
N TRP M 34 30.85 -10.21 -15.62
CA TRP M 34 30.04 -9.93 -16.80
C TRP M 34 28.55 -10.10 -16.50
N THR M 35 27.72 -9.34 -17.20
CA THR M 35 26.32 -9.27 -16.83
C THR M 35 25.41 -9.20 -18.05
N TRP M 36 24.22 -9.80 -17.95
CA TRP M 36 23.22 -9.70 -19.00
C TRP M 36 22.06 -8.84 -18.53
N ILE M 37 21.60 -7.98 -19.41
CA ILE M 37 20.53 -7.04 -19.10
C ILE M 37 19.63 -6.90 -20.31
N ARG M 38 18.37 -7.32 -20.18
CA ARG M 38 17.45 -7.23 -21.30
C ARG M 38 16.53 -6.07 -21.15
N GLN M 39 15.91 -5.68 -22.26
CA GLN M 39 15.04 -4.52 -22.31
C GLN M 39 13.82 -4.86 -23.15
N SER M 40 12.73 -5.17 -22.47
CA SER M 40 11.53 -5.62 -23.14
C SER M 40 10.71 -4.44 -23.65
N PRO M 41 9.96 -4.65 -24.75
CA PRO M 41 8.99 -3.64 -25.19
C PRO M 41 8.05 -3.33 -24.04
N GLY M 42 7.85 -2.04 -23.76
CA GLY M 42 6.86 -1.63 -22.77
C GLY M 42 7.25 -1.82 -21.32
N LYS M 43 8.31 -2.58 -21.07
CA LYS M 43 8.84 -2.68 -19.72
C LYS M 43 10.20 -1.98 -19.61
N GLY M 44 10.69 -1.78 -18.39
CA GLY M 44 11.95 -1.09 -18.19
C GLY M 44 13.16 -1.94 -18.56
N LEU M 45 14.31 -1.58 -18.02
CA LEU M 45 15.47 -2.42 -18.12
C LEU M 45 15.33 -3.50 -17.06
N GLU M 46 15.52 -4.75 -17.45
CA GLU M 46 15.50 -5.85 -16.49
C GLU M 46 16.91 -6.45 -16.40
N TRP M 47 17.34 -6.77 -15.18
CA TRP M 47 18.67 -7.30 -14.94
C TRP M 47 18.54 -8.81 -14.83
N ILE M 48 19.20 -9.55 -15.69
CA ILE M 48 19.01 -11.00 -15.77
C ILE M 48 19.89 -11.75 -14.80
N GLY M 49 21.18 -11.41 -14.80
CA GLY M 49 22.15 -12.10 -13.97
C GLY M 49 23.59 -11.71 -14.24
N TYR M 50 24.50 -12.17 -13.41
CA TYR M 50 25.90 -11.88 -13.64
C TYR M 50 26.81 -13.04 -13.25
N ILE M 51 27.95 -13.11 -13.92
CA ILE M 51 28.96 -14.12 -13.67
C ILE M 51 30.21 -13.43 -13.16
N SER M 52 30.86 -14.01 -12.16
CA SER M 52 32.03 -13.38 -11.54
C SER M 52 33.30 -13.61 -12.36
N ASP M 53 34.41 -13.03 -11.92
CA ASP M 53 35.68 -13.31 -12.58
C ASP M 53 36.17 -14.68 -12.14
N ARG M 54 35.44 -15.28 -11.20
CA ARG M 54 35.73 -16.62 -10.70
C ARG M 54 34.61 -17.59 -11.04
N GLU M 55 34.01 -17.41 -12.23
CA GLU M 55 33.07 -18.38 -12.79
C GLU M 55 31.84 -18.66 -11.93
N THR M 56 31.57 -17.80 -10.93
CA THR M 56 30.36 -17.95 -10.12
C THR M 56 29.22 -17.09 -10.65
N THR M 57 28.01 -17.64 -10.66
CA THR M 57 26.90 -17.01 -11.36
C THR M 57 25.73 -16.76 -10.45
N THR M 58 25.15 -15.57 -10.56
CA THR M 58 23.98 -15.19 -9.79
C THR M 58 22.85 -14.72 -10.70
N TYR M 59 21.62 -15.06 -10.35
CA TYR M 59 20.50 -14.83 -11.25
C TYR M 59 19.36 -14.13 -10.55
N ASN M 60 18.76 -13.16 -11.25
CA ASN M 60 17.57 -12.52 -10.73
C ASN M 60 16.44 -13.54 -10.65
N PRO M 61 15.88 -13.74 -9.44
CA PRO M 61 14.77 -14.67 -9.23
C PRO M 61 13.52 -14.41 -10.07
N SER M 62 13.42 -13.23 -10.69
CA SER M 62 12.26 -12.96 -11.53
C SER M 62 12.33 -13.82 -12.78
N LEU M 63 13.52 -14.32 -13.08
CA LEU M 63 13.71 -15.15 -14.25
C LEU M 63 13.31 -16.60 -13.98
N ASN M 64 12.93 -16.87 -12.73
CA ASN M 64 12.46 -18.20 -12.32
C ASN M 64 13.46 -19.33 -12.59
N SER M 65 14.74 -18.97 -12.61
CA SER M 65 15.84 -19.92 -12.89
C SER M 65 15.62 -20.63 -14.22
N ARG M 66 15.63 -19.83 -15.28
CA ARG M 66 15.52 -20.33 -16.64
C ARG M 66 16.79 -19.87 -17.35
N ALA M 67 17.70 -19.27 -16.60
CA ALA M 67 18.84 -18.59 -17.19
C ALA M 67 20.14 -19.32 -16.92
N VAL M 68 21.02 -19.36 -17.91
CA VAL M 68 22.35 -19.91 -17.70
C VAL M 68 23.39 -19.02 -18.32
N ILE M 69 24.23 -18.43 -17.47
CA ILE M 69 25.30 -17.59 -17.96
C ILE M 69 26.63 -18.30 -17.82
N SER M 70 27.34 -18.40 -18.92
CA SER M 70 28.60 -19.12 -18.95
C SER M 70 29.69 -18.29 -19.58
N ARG M 71 30.93 -18.70 -19.35
CA ARG M 71 32.08 -18.08 -19.97
C ARG M 71 32.88 -19.14 -20.71
N ASP M 72 33.42 -18.80 -21.88
CA ASP M 72 34.29 -19.72 -22.60
C ASP M 72 35.59 -19.03 -22.98
N THR M 73 36.51 -19.02 -22.03
CA THR M 73 37.79 -18.30 -22.11
C THR M 73 38.55 -18.54 -23.41
N SER M 74 38.42 -19.74 -23.93
CA SER M 74 38.98 -20.13 -25.23
C SER M 74 38.58 -19.17 -26.33
N LYS M 75 37.27 -19.00 -26.52
CA LYS M 75 36.77 -18.09 -27.53
C LYS M 75 36.65 -16.65 -27.00
N ASN M 76 36.92 -16.47 -25.70
CA ASN M 76 36.81 -15.18 -25.02
C ASN M 76 35.32 -14.81 -25.16
N GLN M 77 34.47 -15.80 -24.93
CA GLN M 77 33.04 -15.60 -25.05
C GLN M 77 32.11 -15.74 -23.87
N LEU M 78 31.34 -14.68 -23.63
CA LEU M 78 30.36 -14.64 -22.58
C LEU M 78 29.08 -15.11 -23.27
N SER M 79 28.19 -15.78 -22.55
CA SER M 79 26.97 -16.28 -23.18
C SER M 79 25.78 -16.46 -22.23
N LEU M 80 24.56 -16.37 -22.76
CA LEU M 80 23.35 -16.48 -21.93
C LEU M 80 22.30 -17.35 -22.61
N GLN M 81 21.80 -18.36 -21.91
CA GLN M 81 20.71 -19.15 -22.47
C GLN M 81 19.50 -19.03 -21.59
N LEU M 82 18.33 -19.33 -22.15
CA LEU M 82 17.09 -19.02 -21.48
C LEU M 82 15.98 -19.93 -21.98
N ARG M 83 15.55 -20.86 -21.15
CA ARG M 83 14.64 -21.93 -21.58
C ARG M 83 13.19 -21.51 -21.58
N SER M 84 12.38 -22.25 -22.34
CA SER M 84 10.93 -22.12 -22.40
C SER M 84 10.40 -20.74 -22.75
N VAL M 85 10.96 -20.09 -23.77
CA VAL M 85 10.58 -18.71 -24.06
C VAL M 85 9.10 -18.52 -24.41
N THR M 86 8.60 -17.36 -23.98
CA THR M 86 7.23 -16.90 -24.24
C THR M 86 7.34 -15.53 -24.89
N THR M 87 6.21 -14.92 -25.24
CA THR M 87 6.26 -13.60 -25.85
C THR M 87 6.90 -12.61 -24.89
N ALA M 88 6.80 -12.96 -23.62
CA ALA M 88 7.36 -12.18 -22.51
C ALA M 88 8.87 -12.05 -22.55
N ASP M 89 9.52 -12.89 -23.35
CA ASP M 89 10.97 -12.91 -23.44
C ASP M 89 11.53 -12.22 -24.68
N THR M 90 10.68 -11.55 -25.46
CA THR M 90 11.16 -10.70 -26.55
C THR M 90 11.75 -9.46 -25.95
N ALA M 91 12.92 -9.03 -26.41
CA ALA M 91 13.56 -7.88 -25.82
C ALA M 91 14.84 -7.61 -26.55
N ILE M 92 15.48 -6.50 -26.25
CA ILE M 92 16.87 -6.37 -26.65
C ILE M 92 17.78 -6.82 -25.52
N TYR M 93 18.58 -7.85 -25.79
CA TYR M 93 19.52 -8.39 -24.81
C TYR M 93 20.88 -7.71 -24.94
N PHE M 94 21.36 -7.19 -23.82
CA PHE M 94 22.64 -6.50 -23.76
C PHE M 94 23.58 -7.26 -22.85
N CYS M 95 24.87 -7.32 -23.18
CA CYS M 95 25.85 -7.76 -22.20
C CYS M 95 26.73 -6.59 -21.80
N ALA M 96 27.26 -6.63 -20.58
CA ALA M 96 28.06 -5.51 -20.09
C ALA M 96 29.05 -5.91 -19.02
N THR M 97 30.10 -5.10 -18.90
CA THR M 97 31.09 -5.25 -17.85
C THR M 97 30.51 -4.73 -16.56
N ALA M 98 30.49 -5.56 -15.52
CA ALA M 98 29.93 -5.14 -14.23
C ALA M 98 31.00 -4.97 -13.14
N ARG M 99 31.27 -3.72 -12.76
CA ARG M 99 32.28 -3.43 -11.73
C ARG M 99 31.70 -3.58 -10.33
N ARG M 100 32.43 -4.24 -9.43
CA ARG M 100 31.92 -4.43 -8.07
C ARG M 100 32.52 -3.42 -7.13
N GLY M 101 31.67 -2.76 -6.35
CA GLY M 101 32.14 -1.79 -5.38
C GLY M 101 31.73 -2.19 -3.97
N GLN M 102 32.50 -1.78 -2.97
CA GLN M 102 32.04 -1.96 -1.62
C GLN M 102 31.80 -0.65 -0.90
N ARG M 103 30.63 -0.64 -0.27
CA ARG M 103 30.27 0.42 0.61
C ARG M 103 30.75 0.10 1.76
N ILE M 104 31.35 1.11 2.19
CA ILE M 104 31.81 0.76 3.53
C ILE M 104 31.42 1.83 4.50
N TYR M 105 30.54 1.49 5.42
CA TYR M 105 29.99 2.50 6.34
C TYR M 105 30.39 2.30 7.81
N GLY M 106 30.98 1.14 8.13
CA GLY M 106 31.37 0.86 9.49
C GLY M 106 32.74 0.24 9.54
N VAL M 107 32.96 -0.66 10.50
CA VAL M 107 34.24 -1.36 10.57
C VAL M 107 34.11 -2.61 9.68
N VAL M 108 35.03 -2.76 8.73
CA VAL M 108 34.92 -3.83 7.73
C VAL M 108 35.04 -5.15 8.44
N SER M 109 35.79 -5.12 9.54
CA SER M 109 35.95 -6.27 10.42
C SER M 109 34.62 -6.84 10.93
N PHE M 110 33.50 -6.15 10.68
CA PHE M 110 32.26 -6.50 11.39
C PHE M 110 31.11 -7.29 10.76
N GLY M 111 30.80 -7.16 9.46
CA GLY M 111 31.41 -6.25 8.52
C GLY M 111 30.36 -5.31 8.00
N GLU M 112 30.44 -4.07 8.44
CA GLU M 112 29.44 -3.07 8.19
C GLU M 112 29.73 -2.40 6.85
N PHE M 113 29.28 -3.06 5.78
CA PHE M 113 29.50 -2.63 4.41
C PHE M 113 28.74 -3.57 3.49
N PHE M 114 28.49 -3.14 2.25
CA PHE M 114 27.87 -4.00 1.25
C PHE M 114 28.54 -3.91 -0.12
N TYR M 115 28.35 -4.92 -0.95
CA TYR M 115 28.80 -4.85 -2.32
C TYR M 115 27.69 -4.34 -3.23
N TYR M 116 28.08 -3.61 -4.27
CA TYR M 116 27.15 -3.26 -5.31
C TYR M 116 27.83 -3.40 -6.66
N TYR M 117 27.04 -3.34 -7.72
CA TYR M 117 27.62 -3.40 -9.06
C TYR M 117 27.16 -2.26 -9.93
N TYR M 118 28.07 -1.81 -10.78
CA TYR M 118 27.72 -0.87 -11.82
C TYR M 118 28.28 -1.31 -13.16
N MET M 119 27.49 -1.09 -14.21
CA MET M 119 27.87 -1.48 -15.54
C MET M 119 28.34 -0.24 -16.26
N ASP M 120 29.61 -0.26 -16.66
CA ASP M 120 30.25 0.91 -17.22
C ASP M 120 30.49 0.76 -18.72
N VAL M 121 30.65 -0.49 -19.17
CA VAL M 121 30.92 -0.78 -20.58
C VAL M 121 29.87 -1.71 -21.13
N TRP M 122 29.10 -1.26 -22.12
CA TRP M 122 28.01 -2.09 -22.66
C TRP M 122 28.24 -2.59 -24.08
N GLY M 123 27.42 -3.54 -24.48
CA GLY M 123 27.39 -3.97 -25.86
C GLY M 123 26.60 -2.97 -26.71
N LYS M 124 26.17 -3.42 -27.88
CA LYS M 124 25.27 -2.64 -28.69
C LYS M 124 23.91 -3.30 -28.48
N GLY M 125 23.94 -4.52 -27.95
CA GLY M 125 22.74 -5.29 -27.71
C GLY M 125 22.19 -5.93 -28.97
N THR M 126 21.51 -7.05 -28.80
CA THR M 126 20.93 -7.76 -29.92
C THR M 126 19.45 -8.04 -29.68
N ALA M 127 18.63 -7.83 -30.71
CA ALA M 127 17.20 -8.08 -30.59
C ALA M 127 16.89 -9.56 -30.73
N VAL M 128 15.86 -9.99 -30.03
CA VAL M 128 15.43 -11.37 -30.07
C VAL M 128 13.94 -11.36 -29.97
N THR M 129 13.24 -11.88 -30.97
CA THR M 129 11.78 -11.88 -30.94
C THR M 129 11.26 -13.30 -30.83
N VAL M 130 10.46 -13.56 -29.82
CA VAL M 130 9.90 -14.89 -29.71
C VAL M 130 8.74 -14.98 -30.70
N SER M 131 8.83 -15.94 -31.61
CA SER M 131 7.91 -15.99 -32.76
C SER M 131 7.84 -17.35 -33.45
N SER M 132 6.64 -17.69 -33.95
CA SER M 132 6.50 -18.91 -34.72
C SER M 132 6.79 -18.65 -36.19
N ALA M 133 6.91 -17.38 -36.55
CA ALA M 133 7.24 -17.02 -37.92
C ALA M 133 8.65 -17.45 -38.26
N SER M 134 9.00 -17.30 -39.53
CA SER M 134 10.32 -17.66 -40.03
C SER M 134 11.01 -16.43 -40.57
N THR M 135 12.31 -16.36 -40.31
CA THR M 135 13.16 -15.29 -40.77
C THR M 135 13.05 -15.16 -42.27
N LYS M 136 13.33 -13.97 -42.79
CA LYS M 136 13.28 -13.75 -44.22
C LYS M 136 14.31 -12.69 -44.66
N GLY M 137 15.10 -13.01 -45.68
CA GLY M 137 16.13 -12.11 -46.15
C GLY M 137 15.57 -11.01 -46.99
N PRO M 138 16.29 -9.89 -47.08
CA PRO M 138 15.84 -8.75 -47.85
C PRO M 138 16.35 -8.85 -49.26
N SER M 139 15.67 -8.19 -50.20
CA SER M 139 16.23 -8.04 -51.55
C SER M 139 16.50 -6.56 -51.82
N VAL M 140 17.74 -6.22 -52.15
CA VAL M 140 18.11 -4.82 -52.35
C VAL M 140 17.96 -4.38 -53.80
N PHE M 141 17.67 -3.10 -54.00
CA PHE M 141 17.56 -2.48 -55.31
C PHE M 141 18.18 -1.11 -55.20
N PRO M 142 18.81 -0.62 -56.27
CA PRO M 142 19.51 0.64 -56.11
C PRO M 142 18.66 1.86 -56.39
N LEU M 143 18.85 2.87 -55.56
CA LEU M 143 18.20 4.16 -55.75
C LEU M 143 19.23 5.08 -56.39
N ALA M 144 19.27 5.05 -57.72
CA ALA M 144 20.29 5.75 -58.49
C ALA M 144 20.15 7.29 -58.48
N PRO M 145 21.28 8.00 -58.41
CA PRO M 145 21.32 9.47 -58.29
C PRO M 145 21.08 10.19 -59.61
N SER M 146 20.33 11.29 -59.56
CA SER M 146 19.90 11.97 -60.77
C SER M 146 20.36 13.42 -60.83
N SER M 147 20.59 14.01 -59.66
CA SER M 147 20.97 15.42 -59.57
C SER M 147 21.47 15.79 -58.16
N GLY M 152 23.47 21.57 -55.62
CA GLY M 152 24.16 21.04 -54.46
C GLY M 152 25.54 21.64 -54.20
N GLY M 153 26.55 21.26 -54.99
CA GLY M 153 26.40 20.28 -56.06
C GLY M 153 26.63 18.86 -55.55
N THR M 154 25.69 18.39 -54.74
CA THR M 154 25.71 17.07 -54.17
C THR M 154 24.54 16.28 -54.71
N ALA M 155 24.59 14.96 -54.56
CA ALA M 155 23.53 14.10 -55.04
C ALA M 155 23.18 13.07 -53.96
N ALA M 156 22.20 12.24 -54.24
CA ALA M 156 21.78 11.25 -53.27
C ALA M 156 21.60 9.91 -53.94
N LEU M 157 22.39 8.93 -53.52
CA LEU M 157 22.24 7.56 -53.94
C LEU M 157 21.70 6.81 -52.75
N GLY M 158 21.27 5.59 -52.97
CA GLY M 158 20.87 4.77 -51.86
C GLY M 158 20.45 3.36 -52.16
N CYS M 159 20.20 2.63 -51.08
CA CYS M 159 19.68 1.28 -51.14
C CYS M 159 18.22 1.32 -50.75
N LEU M 160 17.41 0.57 -51.47
CA LEU M 160 16.11 0.18 -50.96
C LEU M 160 16.18 -1.30 -50.55
N VAL M 161 16.11 -1.53 -49.25
CA VAL M 161 16.11 -2.88 -48.71
C VAL M 161 14.67 -3.36 -48.52
N LYS M 162 14.18 -4.24 -49.38
CA LYS M 162 12.76 -4.63 -49.37
C LYS M 162 12.45 -5.95 -48.68
N ASP M 163 11.30 -6.00 -48.02
CA ASP M 163 10.65 -7.23 -47.49
C ASP M 163 11.53 -8.21 -46.71
N TYR M 164 11.85 -7.85 -45.48
CA TYR M 164 12.64 -8.71 -44.62
C TYR M 164 11.98 -8.82 -43.25
N PHE M 165 12.44 -9.76 -42.44
CA PHE M 165 11.86 -10.00 -41.12
C PHE M 165 12.69 -10.99 -40.36
N PRO M 166 12.93 -10.74 -39.06
CA PRO M 166 12.54 -9.57 -38.30
C PRO M 166 13.61 -8.53 -38.40
N GLU M 167 13.38 -7.37 -37.80
CA GLU M 167 14.40 -6.33 -37.75
C GLU M 167 15.57 -6.80 -36.88
N PRO M 168 16.73 -6.17 -37.02
CA PRO M 168 17.08 -5.03 -37.86
C PRO M 168 17.85 -5.43 -39.10
N VAL M 169 18.35 -4.41 -39.76
CA VAL M 169 19.18 -4.59 -40.93
C VAL M 169 20.24 -3.54 -40.80
N THR M 170 21.48 -3.93 -41.05
CA THR M 170 22.61 -3.01 -40.98
C THR M 170 22.85 -2.61 -42.40
N VAL M 171 23.16 -1.34 -42.64
CA VAL M 171 23.59 -0.94 -43.98
C VAL M 171 24.87 -0.16 -43.87
N SER M 172 25.85 -0.55 -44.67
CA SER M 172 27.14 0.12 -44.72
C SER M 172 27.41 0.51 -46.16
N TRP M 173 28.31 1.46 -46.37
CA TRP M 173 28.62 1.90 -47.72
C TRP M 173 30.11 1.79 -47.97
N ASN M 174 30.47 0.98 -48.96
CA ASN M 174 31.87 0.69 -49.28
C ASN M 174 32.55 0.12 -48.05
N SER M 175 31.84 -0.74 -47.33
CA SER M 175 32.26 -1.17 -46.01
C SER M 175 32.59 0.06 -45.14
N GLY M 176 33.71 0.01 -44.43
CA GLY M 176 34.10 1.10 -43.55
C GLY M 176 34.31 2.45 -44.20
N ALA M 177 34.81 2.45 -45.43
CA ALA M 177 35.44 3.63 -46.03
C ALA M 177 34.57 4.87 -46.17
N LEU M 178 33.31 4.73 -46.57
CA LEU M 178 32.44 5.89 -46.66
C LEU M 178 31.52 5.90 -45.46
N THR M 179 31.58 6.97 -44.67
CA THR M 179 30.92 6.94 -43.38
C THR M 179 30.03 8.18 -43.33
N SER M 180 30.30 9.15 -44.20
CA SER M 180 29.42 10.33 -44.24
C SER M 180 29.16 11.24 -45.49
N GLY M 181 27.94 11.79 -45.58
CA GLY M 181 26.93 11.61 -44.56
C GLY M 181 25.87 10.63 -45.01
N VAL M 182 25.97 9.39 -44.55
CA VAL M 182 24.90 8.42 -44.76
C VAL M 182 23.85 8.52 -43.66
N HIS M 183 22.59 8.37 -44.08
CA HIS M 183 21.49 8.34 -43.14
C HIS M 183 20.61 7.16 -43.55
N THR M 184 20.68 6.08 -42.77
CA THR M 184 19.81 4.93 -42.98
C THR M 184 18.52 5.18 -42.21
N PHE M 185 17.39 5.06 -42.89
CA PHE M 185 16.10 5.37 -42.29
C PHE M 185 15.51 4.20 -41.50
N PRO M 186 14.49 4.48 -40.66
CA PRO M 186 13.83 3.40 -39.92
C PRO M 186 12.86 2.67 -40.82
N ALA M 187 12.68 1.37 -40.59
CA ALA M 187 11.85 0.55 -41.46
C ALA M 187 10.40 0.95 -41.45
N VAL M 188 9.66 0.49 -42.44
CA VAL M 188 8.23 0.66 -42.44
C VAL M 188 7.64 -0.73 -42.37
N LEU M 189 6.78 -0.97 -41.40
CA LEU M 189 6.12 -2.25 -41.33
C LEU M 189 4.94 -2.23 -42.27
N GLN M 190 4.87 -3.22 -43.14
CA GLN M 190 3.87 -3.22 -44.19
C GLN M 190 2.82 -4.29 -43.99
N SER M 191 1.76 -4.22 -44.80
CA SER M 191 0.59 -5.09 -44.67
C SER M 191 0.98 -6.54 -44.46
N SER M 192 1.95 -7.00 -45.24
CA SER M 192 2.45 -8.37 -45.19
C SER M 192 3.00 -8.75 -43.82
N GLY M 193 3.65 -7.80 -43.17
CA GLY M 193 4.21 -8.05 -41.87
C GLY M 193 5.71 -7.95 -41.94
N LEU M 194 6.22 -7.75 -43.15
CA LEU M 194 7.64 -7.65 -43.37
C LEU M 194 8.05 -6.19 -43.37
N TYR M 195 9.33 -5.91 -43.25
CA TYR M 195 9.81 -4.53 -43.13
C TYR M 195 10.58 -4.15 -44.37
N SER M 196 10.59 -2.86 -44.70
CA SER M 196 11.43 -2.38 -45.79
C SER M 196 12.08 -1.12 -45.28
N LEU M 197 13.30 -0.85 -45.71
CA LEU M 197 13.92 0.42 -45.38
C LEU M 197 14.77 0.95 -46.51
N SER M 198 15.13 2.22 -46.42
CA SER M 198 16.05 2.80 -47.37
C SER M 198 17.28 3.31 -46.66
N SER M 199 18.37 3.44 -47.40
CA SER M 199 19.55 4.11 -46.89
C SER M 199 20.06 5.04 -47.96
N VAL M 200 20.50 6.23 -47.59
CA VAL M 200 21.05 7.17 -48.57
C VAL M 200 22.26 7.92 -48.06
N VAL M 201 23.12 8.32 -49.00
CA VAL M 201 24.27 9.13 -48.69
C VAL M 201 24.23 10.27 -49.67
N THR M 202 24.55 11.47 -49.20
CA THR M 202 24.79 12.55 -50.12
C THR M 202 26.26 12.48 -50.52
N VAL M 203 26.55 12.98 -51.73
CA VAL M 203 27.85 12.75 -52.37
C VAL M 203 28.18 13.86 -53.36
N PRO M 204 29.44 14.32 -53.37
CA PRO M 204 29.95 15.23 -54.39
C PRO M 204 29.54 14.76 -55.77
N SER M 205 28.69 15.51 -56.44
CA SER M 205 28.10 15.10 -57.72
C SER M 205 29.13 14.85 -58.83
N SER M 206 30.29 15.50 -58.68
CA SER M 206 31.41 15.27 -59.58
C SER M 206 31.76 13.79 -59.54
N SER M 207 32.09 13.32 -58.34
CA SER M 207 32.51 11.95 -58.08
C SER M 207 31.74 10.87 -58.83
N LEU M 208 30.48 11.14 -59.14
CA LEU M 208 29.64 10.17 -59.86
C LEU M 208 30.28 9.80 -61.19
N GLY M 209 30.24 8.50 -61.52
CA GLY M 209 30.83 8.01 -62.74
C GLY M 209 32.29 7.61 -62.66
N THR M 210 33.03 8.23 -61.74
CA THR M 210 34.45 7.93 -61.54
C THR M 210 34.72 7.13 -60.25
N GLN M 211 33.96 7.44 -59.20
CA GLN M 211 34.08 6.74 -57.92
C GLN M 211 32.92 5.77 -57.74
N THR M 212 33.20 4.60 -57.19
CA THR M 212 32.19 3.56 -57.05
C THR M 212 31.45 3.62 -55.71
N TYR M 213 30.16 3.30 -55.74
CA TYR M 213 29.32 3.32 -54.54
C TYR M 213 28.51 2.02 -54.38
N ILE M 214 28.78 1.31 -53.30
CA ILE M 214 28.11 0.05 -53.02
C ILE M 214 27.51 0.12 -51.63
N CYS M 215 26.43 -0.60 -51.41
CA CYS M 215 25.84 -0.71 -50.08
C CYS M 215 26.04 -2.11 -49.51
N ASN M 216 26.14 -2.17 -48.19
CA ASN M 216 26.42 -3.42 -47.51
C ASN M 216 25.25 -3.77 -46.60
N VAL M 217 24.23 -4.35 -47.20
CA VAL M 217 23.07 -4.78 -46.45
C VAL M 217 23.32 -6.15 -45.80
N ASN M 218 23.40 -6.15 -44.48
CA ASN M 218 23.52 -7.39 -43.73
C ASN M 218 22.27 -7.59 -42.87
N HIS M 219 21.63 -8.73 -43.05
CA HIS M 219 20.45 -9.08 -42.25
C HIS M 219 20.73 -10.30 -41.39
N LYS M 220 21.40 -10.06 -40.26
CA LYS M 220 21.89 -11.09 -39.36
C LYS M 220 20.94 -12.24 -39.01
N PRO M 221 19.62 -12.00 -38.96
CA PRO M 221 18.86 -13.21 -38.61
C PRO M 221 18.71 -14.21 -39.73
N SER M 222 19.44 -14.07 -40.84
CA SER M 222 19.02 -14.75 -42.08
C SER M 222 19.78 -15.89 -42.77
N ASN M 223 21.09 -15.88 -42.88
CA ASN M 223 21.99 -14.90 -42.31
C ASN M 223 22.54 -14.10 -43.48
N THR M 224 21.60 -13.51 -44.21
CA THR M 224 21.82 -12.83 -45.49
C THR M 224 22.71 -11.60 -45.47
N LYS M 225 23.63 -11.53 -46.43
CA LYS M 225 24.33 -10.29 -46.74
C LYS M 225 24.25 -10.05 -48.25
N VAL M 226 24.02 -8.79 -48.63
CA VAL M 226 23.86 -8.45 -50.03
C VAL M 226 24.68 -7.20 -50.27
N ASP M 227 25.53 -7.22 -51.30
CA ASP M 227 26.21 -6.03 -51.74
C ASP M 227 25.53 -5.56 -53.01
N LYS M 228 25.47 -4.26 -53.24
CA LYS M 228 24.74 -3.77 -54.40
C LYS M 228 25.30 -2.46 -54.92
N LYS M 229 25.54 -2.40 -56.23
CA LYS M 229 26.14 -1.22 -56.85
C LYS M 229 25.09 -0.15 -57.11
N VAL M 230 25.51 1.10 -57.14
CA VAL M 230 24.58 2.21 -57.33
C VAL M 230 25.09 3.19 -58.38
N GLU M 231 24.57 3.11 -59.60
CA GLU M 231 25.09 3.94 -60.67
C GLU M 231 24.01 4.71 -61.40
N PRO M 232 24.34 5.93 -61.84
CA PRO M 232 23.43 6.77 -62.63
C PRO M 232 22.98 6.10 -63.93
N ASP N 1 39.55 -66.16 -19.43
CA ASP N 1 38.18 -66.54 -19.79
C ASP N 1 37.23 -65.36 -19.61
N PHE N 2 37.34 -64.67 -18.49
CA PHE N 2 36.45 -63.56 -18.18
C PHE N 2 37.24 -62.32 -17.76
N ASN N 3 36.71 -61.15 -18.08
CA ASN N 3 37.32 -59.89 -17.66
C ASN N 3 36.31 -58.75 -17.61
N MET N 4 35.76 -58.50 -16.44
CA MET N 4 34.70 -57.52 -16.27
C MET N 4 35.22 -56.11 -16.48
N TRP N 5 36.54 -55.94 -16.41
CA TRP N 5 37.12 -54.61 -16.50
C TRP N 5 37.41 -54.18 -17.94
N LYS N 6 37.36 -55.15 -18.85
CA LYS N 6 37.60 -54.86 -20.26
C LYS N 6 36.49 -55.47 -21.12
N ASN N 7 35.37 -55.79 -20.48
CA ASN N 7 34.16 -56.21 -21.19
C ASN N 7 33.61 -55.06 -21.99
N ASN N 8 33.24 -55.32 -23.23
CA ASN N 8 32.80 -54.26 -24.11
C ASN N 8 31.30 -53.97 -24.03
N MET N 9 30.52 -54.83 -23.39
CA MET N 9 29.08 -54.61 -23.28
C MET N 9 28.89 -53.35 -22.49
N VAL N 10 29.87 -53.04 -21.66
CA VAL N 10 29.84 -51.84 -20.84
C VAL N 10 29.75 -50.57 -21.69
N GLU N 11 30.44 -50.53 -22.83
CA GLU N 11 30.39 -49.34 -23.68
C GLU N 11 29.06 -49.23 -24.42
N GLN N 12 28.54 -50.36 -24.86
CA GLN N 12 27.26 -50.36 -25.57
C GLN N 12 26.17 -49.91 -24.61
N MET N 13 26.27 -50.39 -23.37
CA MET N 13 25.34 -50.04 -22.31
C MET N 13 25.44 -48.55 -22.00
N GLN N 14 26.68 -48.08 -21.91
CA GLN N 14 26.95 -46.68 -21.65
C GLN N 14 26.28 -45.88 -22.75
N GLU N 15 26.49 -46.30 -23.99
CA GLU N 15 25.92 -45.62 -25.12
C GLU N 15 24.38 -45.65 -25.07
N ASP N 16 23.84 -46.80 -24.67
CA ASP N 16 22.39 -46.96 -24.51
C ASP N 16 21.66 -46.04 -23.55
N VAL N 17 22.18 -45.89 -22.34
CA VAL N 17 21.55 -45.00 -21.37
C VAL N 17 21.79 -43.53 -21.74
N ILE N 18 22.94 -43.26 -22.36
CA ILE N 18 23.18 -41.94 -22.92
C ILE N 18 22.02 -41.59 -23.87
N ASN N 19 21.73 -42.48 -24.80
CA ASN N 19 20.64 -42.27 -25.74
C ASN N 19 19.28 -42.22 -25.06
N LEU N 20 19.11 -43.06 -24.06
CA LEU N 20 17.84 -43.09 -23.32
C LEU N 20 17.58 -41.75 -22.66
N TRP N 21 18.64 -41.20 -22.07
CA TRP N 21 18.59 -39.93 -21.37
C TRP N 21 18.37 -38.76 -22.31
N ASP N 22 19.11 -38.77 -23.41
CA ASP N 22 19.07 -37.68 -24.36
C ASP N 22 17.68 -37.56 -25.01
N GLN N 23 16.81 -38.52 -24.69
CA GLN N 23 15.44 -38.54 -25.19
C GLN N 23 14.37 -38.38 -24.12
N SER N 24 14.59 -38.99 -22.96
CA SER N 24 13.63 -38.88 -21.84
C SER N 24 13.78 -37.57 -21.06
N LEU N 25 15.02 -37.20 -20.75
CA LEU N 25 15.32 -35.96 -20.03
C LEU N 25 16.04 -34.98 -20.94
N LYS N 26 15.33 -34.42 -21.92
CA LYS N 26 15.98 -33.50 -22.84
C LYS N 26 16.49 -32.27 -22.12
N PRO N 27 17.80 -32.03 -22.18
CA PRO N 27 18.36 -30.81 -21.58
C PRO N 27 18.24 -29.61 -22.50
N CYS N 28 17.92 -28.44 -21.95
CA CYS N 28 17.77 -27.22 -22.72
C CYS N 28 19.10 -26.85 -23.34
N VAL N 29 20.14 -26.91 -22.52
CA VAL N 29 21.47 -26.56 -22.97
C VAL N 29 22.44 -27.65 -22.59
N LYS N 30 23.27 -28.03 -23.56
CA LYS N 30 24.51 -28.76 -23.30
C LYS N 30 25.63 -27.78 -23.57
N LEU N 31 26.45 -27.55 -22.54
CA LEU N 31 27.53 -26.58 -22.61
C LEU N 31 28.87 -27.28 -22.66
N THR N 32 29.33 -27.58 -23.86
CA THR N 32 30.63 -28.20 -24.10
C THR N 32 31.54 -27.17 -24.75
N GLY N 33 32.83 -27.19 -24.41
CA GLY N 33 33.78 -26.24 -24.96
C GLY N 33 33.62 -25.94 -26.46
N GLY N 34 33.07 -26.91 -27.19
CA GLY N 34 32.87 -26.77 -28.61
C GLY N 34 31.81 -25.74 -28.98
N SER N 35 30.60 -25.93 -28.49
CA SER N 35 29.46 -25.10 -28.90
C SER N 35 28.41 -25.05 -27.80
N VAL N 36 27.21 -24.61 -28.17
CA VAL N 36 26.09 -24.56 -27.22
C VAL N 36 24.93 -25.34 -27.84
N ILE N 37 24.70 -26.56 -27.38
CA ILE N 37 23.67 -27.36 -28.06
C ILE N 37 22.34 -27.14 -27.37
N THR N 38 21.37 -26.67 -28.14
CA THR N 38 20.22 -25.99 -27.56
C THR N 38 18.91 -26.55 -28.08
N GLN N 39 18.07 -27.06 -27.19
CA GLN N 39 16.82 -27.69 -27.63
C GLN N 39 15.61 -27.44 -26.73
N ALA N 40 14.43 -27.73 -27.27
CA ALA N 40 13.16 -27.55 -26.57
C ALA N 40 13.17 -28.35 -25.30
N CYS N 41 12.51 -27.85 -24.28
CA CYS N 41 12.76 -28.33 -22.94
C CYS N 41 11.49 -28.59 -22.13
N PRO N 42 10.63 -29.45 -22.61
CA PRO N 42 9.41 -29.76 -21.86
C PRO N 42 9.79 -30.41 -20.54
N LYS N 43 9.11 -30.07 -19.46
CA LYS N 43 9.45 -30.66 -18.17
C LYS N 43 8.63 -31.92 -17.97
N VAL N 44 9.31 -33.03 -17.78
CA VAL N 44 8.66 -34.31 -17.68
C VAL N 44 9.21 -35.16 -16.54
N SER N 45 8.37 -36.06 -16.03
CA SER N 45 8.78 -37.03 -15.04
C SER N 45 9.72 -38.03 -15.68
N PHE N 46 10.73 -38.48 -14.93
CA PHE N 46 11.65 -39.49 -15.42
C PHE N 46 11.68 -40.69 -14.50
N GLU N 47 11.59 -41.88 -15.06
CA GLU N 47 11.62 -43.09 -14.27
C GLU N 47 12.20 -44.15 -15.19
N PRO N 48 13.44 -44.60 -14.90
CA PRO N 48 14.15 -45.50 -15.80
C PRO N 48 13.47 -46.87 -15.95
N ILE N 49 13.30 -47.31 -17.19
CA ILE N 49 12.79 -48.65 -17.48
C ILE N 49 13.95 -49.63 -17.60
N PRO N 50 13.69 -50.92 -17.32
CA PRO N 50 14.68 -51.98 -17.50
C PRO N 50 15.24 -52.00 -18.92
N ILE N 51 16.47 -52.47 -19.04
CA ILE N 51 17.15 -52.52 -20.31
C ILE N 51 17.89 -53.85 -20.41
N HIS N 52 17.82 -54.48 -21.58
CA HIS N 52 18.54 -55.73 -21.82
C HIS N 52 19.62 -55.52 -22.86
N TYR N 53 20.71 -56.27 -22.75
CA TYR N 53 21.69 -56.32 -23.84
C TYR N 53 21.57 -57.59 -24.68
N CYS N 54 21.19 -57.42 -25.93
CA CYS N 54 21.03 -58.54 -26.84
C CYS N 54 22.22 -58.66 -27.78
N ALA N 55 22.89 -59.81 -27.72
CA ALA N 55 23.94 -60.13 -28.67
C ALA N 55 23.33 -60.15 -30.05
N PRO N 56 24.06 -59.63 -31.05
CA PRO N 56 23.49 -59.56 -32.40
C PRO N 56 23.37 -60.95 -33.03
N ALA N 57 22.91 -60.99 -34.28
CA ALA N 57 22.97 -62.22 -35.07
C ALA N 57 24.43 -62.63 -35.16
N GLY N 58 24.67 -63.94 -35.20
CA GLY N 58 26.03 -64.45 -35.24
C GLY N 58 26.75 -64.46 -33.91
N PHE N 59 26.11 -63.92 -32.87
CA PHE N 59 26.70 -63.89 -31.54
C PHE N 59 25.75 -64.37 -30.43
N ALA N 60 26.34 -64.74 -29.30
CA ALA N 60 25.56 -64.99 -28.10
C ALA N 60 26.37 -64.53 -26.89
N ILE N 61 25.75 -64.49 -25.72
CA ILE N 61 26.45 -64.04 -24.53
C ILE N 61 26.67 -65.18 -23.55
N LEU N 62 27.90 -65.36 -23.11
CA LEU N 62 28.18 -66.30 -22.04
C LEU N 62 27.77 -65.70 -20.71
N LYS N 63 27.03 -66.49 -19.94
CA LYS N 63 26.60 -66.12 -18.60
C LYS N 63 27.29 -67.01 -17.60
N CYS N 64 28.20 -66.45 -16.81
CA CYS N 64 28.81 -67.19 -15.73
C CYS N 64 27.77 -67.52 -14.68
N ASN N 65 27.97 -68.58 -13.91
CA ASN N 65 26.98 -68.99 -12.91
C ASN N 65 27.51 -69.23 -11.50
N ASN N 66 28.83 -69.15 -11.32
CA ASN N 66 29.41 -69.30 -10.00
C ASN N 66 28.95 -68.17 -9.07
N LYS N 67 28.00 -68.50 -8.18
CA LYS N 67 27.33 -67.51 -7.31
C LYS N 67 28.23 -66.44 -6.67
N THR N 68 29.53 -66.72 -6.56
CA THR N 68 30.49 -65.70 -6.18
C THR N 68 31.56 -65.58 -7.25
N PHE N 69 31.47 -64.53 -8.06
CA PHE N 69 32.45 -64.38 -9.12
C PHE N 69 33.13 -63.02 -9.01
N ASN N 70 34.46 -63.04 -9.14
CA ASN N 70 35.27 -61.82 -9.03
C ASN N 70 35.29 -61.03 -10.34
N GLY N 71 34.85 -61.66 -11.42
CA GLY N 71 34.76 -60.99 -12.70
C GLY N 71 35.96 -61.17 -13.60
N LYS N 72 37.06 -61.66 -13.05
CA LYS N 72 38.26 -61.95 -13.84
C LYS N 72 38.70 -63.40 -13.66
N GLY N 73 39.07 -64.04 -14.76
CA GLY N 73 39.58 -65.40 -14.69
C GLY N 73 38.61 -66.48 -15.10
N GLN N 74 39.02 -67.74 -15.02
CA GLN N 74 38.18 -68.84 -15.49
C GLN N 74 36.90 -68.99 -14.68
N CYS N 75 35.81 -69.34 -15.35
CA CYS N 75 34.56 -69.64 -14.68
C CYS N 75 34.23 -71.13 -14.85
N LYS N 76 34.09 -71.83 -13.73
CA LYS N 76 33.85 -73.26 -13.75
C LYS N 76 32.51 -73.65 -14.37
N ASN N 77 31.47 -72.89 -14.04
CA ASN N 77 30.13 -73.17 -14.55
C ASN N 77 29.69 -72.05 -15.46
N VAL N 78 29.27 -72.39 -16.67
CA VAL N 78 28.93 -71.37 -17.67
C VAL N 78 27.77 -71.76 -18.58
N SER N 79 26.87 -70.82 -18.84
CA SER N 79 25.73 -71.03 -19.73
C SER N 79 25.69 -70.16 -21.01
N THR N 80 24.88 -70.48 -22.00
CA THR N 80 24.68 -69.55 -23.13
C THR N 80 23.29 -68.92 -23.28
N VAL N 81 23.22 -67.61 -23.43
CA VAL N 81 21.94 -66.91 -23.48
C VAL N 81 21.92 -65.81 -24.53
N GLN N 82 20.78 -65.65 -25.19
CA GLN N 82 20.62 -64.58 -26.18
C GLN N 82 20.69 -63.17 -25.58
N CYS N 83 20.06 -62.98 -24.42
CA CYS N 83 19.93 -61.66 -23.83
C CYS N 83 20.27 -61.61 -22.33
N THR N 84 20.79 -60.47 -21.89
CA THR N 84 21.09 -60.21 -20.48
C THR N 84 19.82 -59.96 -19.67
N HIS N 85 19.87 -60.21 -18.36
CA HIS N 85 18.73 -59.92 -17.52
C HIS N 85 18.45 -58.43 -17.64
N GLY N 86 17.20 -58.03 -17.40
CA GLY N 86 16.84 -56.62 -17.43
C GLY N 86 17.60 -55.84 -16.37
N ILE N 87 18.26 -54.77 -16.78
CA ILE N 87 19.09 -54.01 -15.85
C ILE N 87 18.45 -52.65 -15.65
N ARG N 88 18.13 -52.31 -14.41
CA ARG N 88 17.65 -50.95 -14.14
C ARG N 88 18.85 -50.02 -14.23
N PRO N 89 18.84 -49.14 -15.23
CA PRO N 89 20.01 -48.34 -15.62
C PRO N 89 20.11 -47.07 -14.80
N VAL N 90 20.14 -47.21 -13.48
CA VAL N 90 20.14 -46.06 -12.59
C VAL N 90 21.46 -45.34 -12.63
N VAL N 91 21.40 -44.05 -12.93
CA VAL N 91 22.58 -43.21 -12.92
C VAL N 91 22.73 -42.55 -11.55
N SER N 92 23.81 -42.90 -10.85
CA SER N 92 24.06 -42.47 -9.49
C SER N 92 25.55 -42.51 -9.18
N THR N 93 25.94 -41.84 -8.11
CA THR N 93 27.34 -41.86 -7.68
C THR N 93 27.41 -42.24 -6.20
N GLN N 94 28.53 -42.84 -5.81
CA GLN N 94 28.71 -43.28 -4.43
C GLN N 94 27.94 -44.55 -4.09
N LEU N 95 26.62 -44.52 -4.29
CA LEU N 95 25.78 -45.66 -3.96
C LEU N 95 25.03 -46.20 -5.17
N LEU N 96 25.03 -47.52 -5.32
CA LEU N 96 24.33 -48.14 -6.45
C LEU N 96 22.92 -48.50 -6.01
N LEU N 97 21.93 -48.02 -6.76
CA LEU N 97 20.54 -48.13 -6.34
C LEU N 97 19.67 -48.96 -7.27
N ASN N 98 18.92 -49.89 -6.69
CA ASN N 98 17.97 -50.69 -7.43
C ASN N 98 18.72 -51.78 -8.21
N GLY N 99 20.00 -51.90 -7.93
CA GLY N 99 20.84 -52.94 -8.50
C GLY N 99 20.55 -54.29 -7.90
N SER N 100 20.84 -55.34 -8.65
CA SER N 100 20.66 -56.71 -8.17
C SER N 100 21.59 -57.03 -7.00
N LEU N 101 21.05 -57.75 -6.02
CA LEU N 101 21.82 -58.16 -4.84
C LEU N 101 22.71 -59.36 -5.13
N ALA N 102 23.87 -59.44 -4.49
CA ALA N 102 24.67 -60.65 -4.55
C ALA N 102 23.89 -61.77 -3.89
N GLU N 103 24.02 -62.97 -4.44
CA GLU N 103 23.53 -64.17 -3.79
C GLU N 103 24.59 -64.60 -2.77
N GLU N 104 24.16 -65.18 -1.65
CA GLU N 104 25.11 -65.61 -0.64
C GLU N 104 25.89 -64.42 -0.05
N LYS N 105 27.21 -64.55 0.07
CA LYS N 105 28.05 -63.53 0.69
C LYS N 105 28.24 -62.26 -0.15
N VAL N 106 28.54 -61.16 0.52
CA VAL N 106 28.83 -59.89 -0.13
C VAL N 106 30.16 -59.96 -0.88
N VAL N 107 30.28 -59.21 -1.96
CA VAL N 107 31.48 -59.28 -2.82
C VAL N 107 32.15 -57.92 -3.06
N ILE N 108 33.47 -57.91 -3.19
CA ILE N 108 34.19 -56.70 -3.61
C ILE N 108 35.09 -56.93 -4.82
N ARG N 109 35.02 -56.03 -5.79
CA ARG N 109 35.76 -56.22 -7.02
C ARG N 109 36.69 -55.05 -7.30
N SER N 110 37.88 -55.35 -7.81
CA SER N 110 38.78 -54.31 -8.29
C SER N 110 39.59 -54.85 -9.46
N ASP N 111 39.89 -54.01 -10.45
CA ASP N 111 40.67 -54.47 -11.58
C ASP N 111 42.04 -54.85 -11.03
N ASN N 112 42.57 -53.98 -10.18
CA ASN N 112 43.70 -54.30 -9.32
C ASN N 112 43.39 -53.77 -7.94
N PHE N 113 43.37 -54.63 -6.93
CA PHE N 113 43.11 -54.19 -5.56
C PHE N 113 44.22 -53.29 -5.05
N THR N 114 45.43 -53.61 -5.46
CA THR N 114 46.65 -52.94 -5.01
C THR N 114 46.76 -51.52 -5.53
N ASP N 115 46.29 -51.28 -6.75
CA ASP N 115 46.25 -49.94 -7.25
C ASP N 115 45.18 -49.21 -6.49
N ASN N 116 45.50 -48.02 -6.03
CA ASN N 116 44.52 -47.19 -5.34
C ASN N 116 43.66 -46.39 -6.33
N ALA N 117 44.25 -46.03 -7.47
CA ALA N 117 43.55 -45.27 -8.51
C ALA N 117 42.41 -46.09 -9.12
N LYS N 118 42.38 -47.38 -8.81
CA LYS N 118 41.35 -48.29 -9.30
C LYS N 118 40.21 -48.38 -8.31
N THR N 119 38.98 -48.23 -8.79
CA THR N 119 37.78 -48.22 -7.94
C THR N 119 37.42 -49.63 -7.47
N ILE N 120 37.02 -49.75 -6.22
CA ILE N 120 36.44 -50.99 -5.70
C ILE N 120 34.91 -50.98 -5.76
N ILE N 121 34.35 -51.93 -6.49
CA ILE N 121 32.90 -52.08 -6.55
C ILE N 121 32.42 -53.04 -5.45
N VAL N 122 31.38 -52.64 -4.72
CA VAL N 122 30.86 -53.49 -3.69
C VAL N 122 29.45 -53.97 -4.04
N GLN N 123 29.24 -55.28 -4.03
CA GLN N 123 27.90 -55.85 -4.20
C GLN N 123 27.41 -56.43 -2.89
N LEU N 124 26.20 -56.05 -2.49
CA LEU N 124 25.69 -56.35 -1.15
C LEU N 124 24.94 -57.66 -1.06
N ASN N 125 24.97 -58.23 0.14
CA ASN N 125 24.25 -59.45 0.49
C ASN N 125 22.77 -59.12 0.61
N GLU N 126 22.46 -58.21 1.53
CA GLU N 126 21.10 -57.71 1.70
C GLU N 126 21.00 -56.22 1.43
N SER N 127 19.82 -55.78 1.00
CA SER N 127 19.66 -54.42 0.50
C SER N 127 19.27 -53.47 1.63
N VAL N 128 19.73 -52.23 1.53
CA VAL N 128 19.36 -51.23 2.54
C VAL N 128 18.50 -50.16 1.90
N LYS N 129 17.31 -49.94 2.44
CA LYS N 129 16.39 -48.94 1.89
C LYS N 129 16.87 -47.52 2.10
N ILE N 130 16.75 -46.69 1.07
CA ILE N 130 17.03 -45.26 1.19
C ILE N 130 15.82 -44.47 0.69
N ASN N 131 15.38 -43.49 1.47
CA ASN N 131 14.20 -42.71 1.10
C ASN N 131 14.51 -41.23 0.90
N CYS N 132 14.06 -40.68 -0.23
CA CYS N 132 14.37 -39.31 -0.60
C CYS N 132 13.13 -38.50 -0.99
N THR N 133 13.19 -37.19 -0.75
CA THR N 133 12.09 -36.31 -1.07
C THR N 133 12.53 -34.86 -1.11
N ARG N 134 11.96 -34.14 -2.08
CA ARG N 134 11.94 -32.69 -2.08
C ARG N 134 10.49 -32.30 -1.90
N PRO N 135 10.12 -31.95 -0.68
CA PRO N 135 8.72 -31.84 -0.28
C PRO N 135 8.04 -30.53 -0.65
N SER N 136 8.70 -29.41 -0.43
CA SER N 136 8.09 -28.12 -0.71
C SER N 136 7.81 -27.98 -2.20
N ASN N 137 6.63 -27.50 -2.54
CA ASN N 137 6.26 -27.23 -3.92
C ASN N 137 7.01 -26.00 -4.44
N ASN N 138 7.36 -26.03 -5.72
CA ASN N 138 8.10 -24.92 -6.31
C ASN N 138 7.68 -24.65 -7.75
N ILE N 144 8.49 -21.75 -0.58
CA ILE N 144 7.84 -20.55 -1.08
C ILE N 144 6.36 -20.82 -1.38
N ILE N 145 5.50 -19.95 -0.85
CA ILE N 145 4.08 -19.98 -1.19
C ILE N 145 3.42 -21.35 -1.00
N GLY N 146 3.59 -21.95 0.18
CA GLY N 146 4.29 -21.34 1.29
C GLY N 146 4.95 -22.39 2.15
N ASP N 147 5.91 -21.96 2.97
CA ASP N 147 6.68 -22.79 3.90
C ASP N 147 7.98 -23.25 3.23
N ILE N 148 9.00 -23.43 4.04
CA ILE N 148 10.29 -23.89 3.54
C ILE N 148 10.64 -25.19 4.21
N ARG N 149 11.02 -26.17 3.41
CA ARG N 149 11.27 -27.50 3.92
C ARG N 149 12.44 -28.06 3.12
N GLN N 150 13.29 -28.84 3.76
CA GLN N 150 14.50 -29.27 3.09
C GLN N 150 14.44 -30.66 2.46
N ALA N 151 14.88 -30.74 1.22
CA ALA N 151 15.10 -32.01 0.53
C ALA N 151 16.06 -32.90 1.30
N HIS N 152 15.71 -34.18 1.49
CA HIS N 152 16.56 -35.05 2.30
C HIS N 152 16.43 -36.55 2.03
N CYS N 153 17.40 -37.31 2.52
CA CYS N 153 17.36 -38.77 2.42
C CYS N 153 17.45 -39.51 3.75
N ASN N 154 16.55 -40.46 3.96
CA ASN N 154 16.49 -41.18 5.22
C ASN N 154 17.00 -42.61 5.11
N ILE N 155 17.96 -42.96 5.97
CA ILE N 155 18.53 -44.29 6.00
C ILE N 155 18.48 -44.88 7.42
N SER N 156 18.08 -46.14 7.53
CA SER N 156 18.12 -46.82 8.81
C SER N 156 19.60 -46.97 9.12
N ARG N 157 19.97 -46.58 10.33
CA ARG N 157 21.31 -46.74 10.88
C ARG N 157 21.67 -48.20 11.11
N ALA N 158 20.72 -48.95 11.66
CA ALA N 158 20.95 -50.35 12.01
C ALA N 158 21.27 -51.15 10.76
N GLN N 159 20.52 -50.87 9.70
CA GLN N 159 20.76 -51.50 8.42
C GLN N 159 22.12 -51.08 7.91
N TRP N 160 22.48 -49.82 8.11
CA TRP N 160 23.74 -49.32 7.60
C TRP N 160 24.93 -49.91 8.35
N ASN N 161 24.80 -50.01 9.67
CA ASN N 161 25.88 -50.53 10.49
C ASN N 161 26.19 -51.98 10.15
N ASN N 162 25.16 -52.79 9.94
CA ASN N 162 25.39 -54.16 9.55
C ASN N 162 26.09 -54.20 8.21
N THR N 163 25.64 -53.35 7.30
CA THR N 163 26.27 -53.31 5.98
C THR N 163 27.73 -52.91 6.08
N LEU N 164 27.99 -51.90 6.90
CA LEU N 164 29.36 -51.48 7.12
C LEU N 164 30.16 -52.65 7.68
N LYS N 165 29.56 -53.37 8.62
CA LYS N 165 30.21 -54.51 9.25
C LYS N 165 30.67 -55.53 8.21
N GLN N 166 29.74 -55.98 7.37
CA GLN N 166 30.05 -57.00 6.37
C GLN N 166 31.12 -56.50 5.38
N ILE N 167 31.00 -55.23 4.99
CA ILE N 167 31.99 -54.65 4.10
C ILE N 167 33.36 -54.62 4.78
N VAL N 168 33.35 -54.46 6.10
CA VAL N 168 34.57 -54.52 6.90
C VAL N 168 35.17 -55.93 6.90
N GLU N 169 34.32 -56.95 6.97
CA GLU N 169 34.79 -58.33 6.92
C GLU N 169 35.48 -58.65 5.62
N LYS N 170 34.89 -58.25 4.51
CA LYS N 170 35.49 -58.53 3.21
C LYS N 170 36.74 -57.67 2.93
N LEU N 171 36.68 -56.41 3.34
CA LEU N 171 37.84 -55.53 3.21
C LEU N 171 39.05 -56.03 4.00
N ARG N 172 38.83 -56.35 5.27
CA ARG N 172 39.91 -56.84 6.14
C ARG N 172 40.50 -58.09 5.56
N GLU N 173 39.63 -58.94 5.05
CA GLU N 173 40.03 -60.14 4.32
C GLU N 173 41.03 -59.77 3.22
N GLN N 174 40.67 -58.85 2.33
CA GLN N 174 41.58 -58.48 1.23
C GLN N 174 42.83 -57.67 1.64
N PHE N 175 42.84 -57.11 2.85
CA PHE N 175 43.90 -56.18 3.24
C PHE N 175 44.66 -56.49 4.53
N ASN N 176 45.05 -57.75 4.72
CA ASN N 176 45.83 -58.18 5.90
C ASN N 176 45.23 -57.80 7.24
N ASN N 177 43.90 -57.88 7.34
CA ASN N 177 43.19 -57.60 8.59
C ASN N 177 43.54 -56.26 9.26
N LYS N 178 43.96 -55.28 8.48
CA LYS N 178 44.25 -53.95 9.02
C LYS N 178 42.98 -53.27 9.52
N THR N 179 43.16 -52.20 10.30
CA THR N 179 42.01 -51.39 10.70
C THR N 179 41.59 -50.57 9.50
N ILE N 180 40.28 -50.45 9.29
CA ILE N 180 39.79 -49.71 8.15
C ILE N 180 38.91 -48.51 8.50
N VAL N 181 39.24 -47.39 7.86
CA VAL N 181 38.67 -46.09 8.14
C VAL N 181 37.71 -45.70 7.02
N PHE N 182 36.51 -45.29 7.39
CA PHE N 182 35.57 -44.79 6.39
C PHE N 182 35.46 -43.30 6.57
N THR N 183 35.80 -42.58 5.52
CA THR N 183 35.78 -41.14 5.56
C THR N 183 35.07 -40.55 4.39
N HIS N 184 34.78 -39.26 4.45
CA HIS N 184 34.16 -38.55 3.35
C HIS N 184 35.09 -38.33 2.15
N SER N 185 34.52 -37.79 1.08
CA SER N 185 35.27 -37.62 -0.16
C SER N 185 36.41 -36.64 -0.03
N SER N 186 37.52 -36.93 -0.66
CA SER N 186 38.63 -36.00 -0.63
C SER N 186 38.40 -34.85 -1.62
N GLY N 187 37.28 -34.89 -2.33
CA GLY N 187 36.88 -33.77 -3.18
C GLY N 187 36.87 -33.94 -4.70
N GLY N 188 36.39 -32.91 -5.38
CA GLY N 188 36.18 -32.94 -6.83
C GLY N 188 34.88 -32.24 -7.19
N ASP N 189 34.25 -32.69 -8.28
CA ASP N 189 32.94 -32.16 -8.66
C ASP N 189 31.84 -32.52 -7.65
N PRO N 190 30.86 -31.61 -7.48
CA PRO N 190 29.73 -31.77 -6.56
C PRO N 190 29.01 -33.08 -6.73
N GLU N 191 28.97 -33.56 -7.98
CA GLU N 191 28.27 -34.79 -8.33
C GLU N 191 28.94 -36.04 -7.79
N ILE N 192 30.23 -35.94 -7.48
CA ILE N 192 30.96 -37.10 -6.99
C ILE N 192 31.59 -36.87 -5.64
N VAL N 193 31.42 -35.67 -5.09
CA VAL N 193 31.79 -35.44 -3.71
C VAL N 193 30.56 -35.80 -2.91
N MET N 194 29.42 -35.71 -3.55
CA MET N 194 28.18 -36.03 -2.89
C MET N 194 27.50 -37.22 -3.53
N HIS N 195 26.52 -37.77 -2.84
CA HIS N 195 25.73 -38.85 -3.38
C HIS N 195 24.73 -38.22 -4.33
N SER N 196 25.04 -38.20 -5.61
CA SER N 196 24.16 -37.56 -6.56
C SER N 196 23.33 -38.61 -7.28
N PHE N 197 22.07 -38.29 -7.53
CA PHE N 197 21.19 -39.23 -8.21
C PHE N 197 19.96 -38.55 -8.74
N ASN N 198 19.10 -39.33 -9.37
CA ASN N 198 17.94 -38.73 -9.98
C ASN N 198 16.63 -39.27 -9.44
N CYS N 199 15.75 -38.38 -9.00
CA CYS N 199 14.52 -38.83 -8.38
C CYS N 199 13.31 -38.14 -8.97
N GLY N 200 12.58 -38.86 -9.81
CA GLY N 200 11.41 -38.30 -10.47
C GLY N 200 11.78 -37.17 -11.42
N GLY N 201 13.02 -37.13 -11.87
CA GLY N 201 13.44 -36.12 -12.81
C GLY N 201 14.21 -34.89 -12.39
N GLU N 202 14.13 -34.56 -11.11
CA GLU N 202 15.03 -33.48 -10.63
C GLU N 202 16.30 -34.07 -10.06
N PHE N 203 17.39 -33.34 -10.04
CA PHE N 203 18.66 -33.95 -9.66
C PHE N 203 19.05 -33.71 -8.21
N PHE N 204 18.95 -34.76 -7.40
CA PHE N 204 19.31 -34.69 -5.99
C PHE N 204 20.81 -34.64 -5.79
N TYR N 205 21.24 -33.94 -4.76
CA TYR N 205 22.65 -33.87 -4.38
C TYR N 205 22.78 -34.13 -2.89
N CYS N 206 22.58 -35.38 -2.48
CA CYS N 206 22.59 -35.74 -1.06
C CYS N 206 23.98 -35.79 -0.44
N ASN N 207 24.05 -35.60 0.88
CA ASN N 207 25.33 -35.61 1.58
C ASN N 207 25.55 -36.92 2.32
N SER N 208 26.66 -37.59 1.98
CA SER N 208 26.93 -38.95 2.45
C SER N 208 27.94 -39.04 3.59
N THR N 209 28.29 -37.92 4.19
CA THR N 209 29.34 -37.91 5.20
C THR N 209 29.00 -38.77 6.43
N GLN N 210 27.75 -38.73 6.86
CA GLN N 210 27.32 -39.57 7.98
C GLN N 210 27.40 -41.07 7.66
N LEU N 211 27.25 -41.43 6.39
CA LEU N 211 27.42 -42.83 5.98
C LEU N 211 28.88 -43.25 6.06
N PHE N 212 29.79 -42.35 5.76
CA PHE N 212 31.19 -42.72 5.78
C PHE N 212 32.00 -41.84 6.74
N ASN N 213 31.75 -42.04 8.02
CA ASN N 213 32.54 -41.45 9.10
C ASN N 213 32.77 -42.44 10.22
N SER N 214 33.53 -43.50 9.98
CA SER N 214 33.74 -44.53 10.99
C SER N 214 35.07 -45.28 10.90
N THR N 215 35.49 -45.85 12.02
CA THR N 215 36.71 -46.66 12.08
C THR N 215 36.44 -48.05 12.65
N TRP N 216 36.97 -49.08 12.00
CA TRP N 216 36.77 -50.45 12.44
C TRP N 216 38.12 -51.12 12.64
N ASN N 217 38.38 -51.60 13.86
CA ASN N 217 39.60 -52.33 14.12
C ASN N 217 39.40 -53.79 13.76
N ASP N 218 38.37 -54.38 14.35
CA ASP N 218 37.95 -55.72 13.98
C ASP N 218 36.58 -55.60 13.34
N THR N 219 35.97 -56.74 13.03
CA THR N 219 34.57 -56.78 12.66
C THR N 219 33.75 -56.37 13.88
N GLU N 220 34.36 -56.53 15.06
CA GLU N 220 33.86 -55.95 16.31
C GLU N 220 34.73 -54.74 16.63
N LYS N 221 34.45 -54.08 17.75
CA LYS N 221 35.25 -52.92 18.15
C LYS N 221 35.26 -51.81 17.09
N SER N 222 34.11 -51.16 16.90
CA SER N 222 34.01 -50.09 15.92
C SER N 222 33.97 -48.72 16.57
N SER N 223 34.32 -47.70 15.80
CA SER N 223 34.39 -46.33 16.29
C SER N 223 33.57 -45.39 15.42
N GLY N 224 32.69 -44.61 16.05
CA GLY N 224 32.01 -43.54 15.35
C GLY N 224 30.73 -43.97 14.67
N THR N 225 30.29 -45.19 14.94
CA THR N 225 29.06 -45.70 14.36
C THR N 225 27.82 -45.51 15.23
N GLU N 226 27.99 -44.97 16.43
CA GLU N 226 26.90 -44.96 17.42
C GLU N 226 25.66 -44.17 16.98
N GLY N 227 25.88 -42.97 16.44
CA GLY N 227 24.87 -42.21 15.74
C GLY N 227 23.54 -41.95 16.43
N ASN N 228 22.46 -42.16 15.66
CA ASN N 228 21.08 -41.95 16.08
C ASN N 228 20.24 -42.96 15.31
N ASP N 229 19.02 -43.24 15.75
CA ASP N 229 18.31 -44.37 15.14
C ASP N 229 18.10 -44.30 13.62
N THR N 230 17.53 -43.20 13.16
CA THR N 230 17.32 -43.03 11.72
C THR N 230 18.21 -41.92 11.18
N ILE N 231 19.09 -42.27 10.24
CA ILE N 231 20.04 -41.30 9.68
C ILE N 231 19.41 -40.43 8.61
N ILE N 232 19.51 -39.11 8.80
CA ILE N 232 19.06 -38.15 7.80
C ILE N 232 20.21 -37.45 7.11
N LEU N 233 20.16 -37.45 5.78
CA LEU N 233 21.15 -36.81 4.92
C LEU N 233 20.54 -35.58 4.24
N PRO N 234 21.13 -34.40 4.47
CA PRO N 234 20.60 -33.19 3.86
C PRO N 234 20.89 -33.19 2.38
N CYS N 235 19.94 -32.73 1.57
CA CYS N 235 20.13 -32.68 0.13
C CYS N 235 19.87 -31.30 -0.44
N ARG N 236 20.68 -30.91 -1.41
CA ARG N 236 20.37 -29.76 -2.24
C ARG N 236 19.92 -30.37 -3.54
N ILE N 237 19.32 -29.56 -4.39
CA ILE N 237 18.86 -30.03 -5.69
C ILE N 237 19.27 -29.05 -6.77
N LYS N 238 19.71 -29.54 -7.92
CA LYS N 238 20.07 -28.58 -8.97
C LYS N 238 19.34 -28.81 -10.30
N GLN N 239 19.46 -27.85 -11.20
CA GLN N 239 18.98 -27.97 -12.56
C GLN N 239 20.13 -27.67 -13.50
N ILE N 240 21.13 -26.95 -13.00
CA ILE N 240 22.32 -26.75 -13.79
C ILE N 240 23.42 -27.60 -13.21
N ILE N 241 23.78 -28.67 -13.92
CA ILE N 241 24.70 -29.65 -13.37
C ILE N 241 25.85 -29.95 -14.31
N ASN N 242 26.80 -30.75 -13.83
CA ASN N 242 27.87 -31.26 -14.69
C ASN N 242 27.42 -32.56 -15.34
N MET N 243 27.77 -32.75 -16.60
CA MET N 243 27.27 -33.90 -17.32
C MET N 243 28.10 -35.16 -17.05
N TRP N 244 27.41 -36.27 -16.88
CA TRP N 244 28.09 -37.55 -16.75
C TRP N 244 28.32 -38.07 -18.17
N GLN N 245 27.52 -37.58 -19.10
CA GLN N 245 27.50 -38.09 -20.46
C GLN N 245 28.78 -37.73 -21.23
N GLU N 246 29.22 -36.50 -21.06
CA GLU N 246 30.45 -35.99 -21.68
C GLU N 246 30.98 -34.84 -20.83
N VAL N 247 32.15 -34.32 -21.18
CA VAL N 247 32.73 -33.22 -20.41
C VAL N 247 31.97 -31.94 -20.68
N GLY N 248 31.19 -31.50 -19.71
CA GLY N 248 30.43 -30.27 -19.85
C GLY N 248 29.33 -30.05 -18.82
N LYS N 249 28.70 -28.89 -18.91
CA LYS N 249 27.61 -28.53 -18.04
C LYS N 249 26.30 -28.53 -18.81
N ALA N 250 25.21 -28.89 -18.16
CA ALA N 250 23.93 -28.89 -18.83
C ALA N 250 22.85 -28.32 -17.95
N MET N 251 21.82 -27.76 -18.56
CA MET N 251 20.70 -27.26 -17.79
C MET N 251 19.42 -28.01 -18.12
N TYR N 252 18.84 -28.67 -17.14
CA TYR N 252 17.62 -29.45 -17.37
C TYR N 252 16.43 -28.67 -16.83
N ALA N 253 15.23 -29.11 -17.17
CA ALA N 253 14.03 -28.43 -16.72
C ALA N 253 13.59 -28.92 -15.36
N PRO N 254 12.76 -28.13 -14.67
CA PRO N 254 12.03 -28.61 -13.50
C PRO N 254 11.17 -29.80 -13.83
N PRO N 255 10.73 -30.56 -12.82
CA PRO N 255 9.84 -31.69 -13.08
C PRO N 255 8.36 -31.31 -13.06
N ILE N 256 7.52 -32.22 -13.54
CA ILE N 256 6.07 -32.04 -13.44
C ILE N 256 5.72 -31.85 -11.97
N LYS N 257 4.83 -30.91 -11.70
CA LYS N 257 4.63 -30.39 -10.34
C LYS N 257 4.35 -31.45 -9.27
N GLY N 258 4.60 -31.08 -8.02
CA GLY N 258 4.33 -31.93 -6.88
C GLY N 258 5.53 -32.14 -5.98
N GLN N 259 5.27 -32.71 -4.81
CA GLN N 259 6.32 -33.24 -3.97
C GLN N 259 6.64 -34.62 -4.50
N ILE N 260 7.92 -34.94 -4.60
CA ILE N 260 8.32 -36.21 -5.18
C ILE N 260 9.02 -37.05 -4.14
N ARG N 261 8.78 -38.36 -4.16
CA ARG N 261 9.40 -39.27 -3.18
C ARG N 261 10.00 -40.50 -3.86
N CYS N 262 11.23 -40.84 -3.48
CA CYS N 262 11.93 -41.97 -4.08
C CYS N 262 12.53 -42.92 -3.05
N SER N 263 11.82 -44.00 -2.77
CA SER N 263 12.36 -45.06 -1.94
C SER N 263 13.19 -45.95 -2.85
N SER N 264 14.44 -46.19 -2.48
CA SER N 264 15.35 -46.94 -3.33
C SER N 264 16.04 -48.03 -2.54
N ASN N 265 16.49 -49.06 -3.24
CA ASN N 265 17.21 -50.14 -2.59
C ASN N 265 18.70 -49.92 -2.81
N ILE N 266 19.44 -49.72 -1.73
CA ILE N 266 20.88 -49.69 -1.84
C ILE N 266 21.26 -51.14 -2.09
N THR N 267 22.15 -51.37 -3.04
CA THR N 267 22.51 -52.76 -3.34
C THR N 267 24.00 -52.85 -3.63
N GLY N 268 24.68 -51.73 -3.46
CA GLY N 268 26.10 -51.73 -3.75
C GLY N 268 26.73 -50.40 -3.46
N LEU N 269 28.05 -50.39 -3.49
CA LEU N 269 28.77 -49.16 -3.26
C LEU N 269 29.89 -49.00 -4.27
N LEU N 270 30.43 -47.80 -4.34
CA LEU N 270 31.65 -47.54 -5.07
C LEU N 270 32.61 -46.90 -4.08
N LEU N 271 33.77 -47.53 -3.91
CA LEU N 271 34.76 -47.07 -2.94
C LEU N 271 36.11 -46.91 -3.59
N THR N 272 36.98 -46.10 -2.97
CA THR N 272 38.38 -46.02 -3.38
C THR N 272 39.20 -45.91 -2.11
N ARG N 273 40.39 -46.52 -2.08
CA ARG N 273 41.24 -46.36 -0.92
C ARG N 273 42.40 -45.43 -1.18
N ASP N 274 42.87 -44.79 -0.11
CA ASP N 274 43.92 -43.77 -0.20
C ASP N 274 45.26 -44.38 -0.57
N GLY N 275 45.63 -45.45 0.11
CA GLY N 275 46.90 -46.11 -0.12
C GLY N 275 48.09 -45.21 0.10
N GLY N 276 48.99 -45.18 -0.88
CA GLY N 276 50.20 -44.39 -0.76
C GLY N 276 51.32 -45.07 0.00
N LYS N 277 52.41 -44.35 0.21
CA LYS N 277 53.59 -44.89 0.87
C LYS N 277 53.61 -44.52 2.34
N ASN N 278 52.46 -44.05 2.83
CA ASN N 278 52.33 -43.56 4.19
C ASN N 278 52.65 -44.66 5.21
N GLU N 279 52.25 -45.89 4.89
CA GLU N 279 52.53 -47.02 5.78
C GLU N 279 51.81 -46.77 7.09
N SER N 280 50.59 -46.26 6.98
CA SER N 280 49.76 -45.95 8.14
C SER N 280 49.56 -47.20 9.02
N GLU N 281 49.29 -48.32 8.37
CA GLU N 281 48.90 -49.56 9.03
C GLU N 281 47.40 -49.49 9.21
N ILE N 282 46.81 -48.42 8.68
CA ILE N 282 45.37 -48.25 8.63
C ILE N 282 45.00 -47.98 7.17
N GLU N 283 43.93 -48.60 6.69
CA GLU N 283 43.50 -48.42 5.31
C GLU N 283 42.30 -47.51 5.24
N ILE N 284 42.40 -46.46 4.43
CA ILE N 284 41.36 -45.44 4.37
C ILE N 284 40.55 -45.55 3.08
N PHE N 285 39.23 -45.70 3.22
CA PHE N 285 38.34 -45.76 2.07
C PHE N 285 37.41 -44.54 2.04
N ARG N 286 37.15 -44.04 0.84
CA ARG N 286 36.22 -42.94 0.61
C ARG N 286 35.24 -43.38 -0.47
N PRO N 287 34.03 -42.78 -0.51
CA PRO N 287 33.08 -43.09 -1.57
C PRO N 287 33.53 -42.58 -2.93
N GLY N 288 33.27 -43.36 -3.96
CA GLY N 288 33.73 -43.03 -5.30
C GLY N 288 32.62 -43.09 -6.33
N GLY N 289 32.99 -43.27 -7.59
CA GLY N 289 32.02 -43.29 -8.66
C GLY N 289 32.08 -42.05 -9.53
N GLY N 290 31.19 -41.99 -10.52
CA GLY N 290 31.23 -40.91 -11.49
C GLY N 290 31.34 -41.42 -12.92
N ASP N 291 32.25 -42.37 -13.13
CA ASP N 291 32.33 -43.11 -14.38
C ASP N 291 31.20 -44.13 -14.36
N MET N 292 30.14 -43.89 -15.12
CA MET N 292 28.95 -44.74 -15.04
C MET N 292 29.19 -46.17 -15.55
N ARG N 293 30.28 -46.32 -16.30
CA ARG N 293 30.69 -47.63 -16.76
C ARG N 293 30.89 -48.60 -15.59
N ASP N 294 31.42 -48.11 -14.47
CA ASP N 294 31.53 -48.93 -13.24
C ASP N 294 30.15 -49.37 -12.73
N ASN N 295 29.17 -48.47 -12.84
CA ASN N 295 27.80 -48.81 -12.51
C ASN N 295 27.35 -49.99 -13.36
N TRP N 296 27.59 -49.91 -14.67
CA TRP N 296 27.16 -50.97 -15.58
C TRP N 296 27.91 -52.28 -15.33
N ARG N 297 29.19 -52.17 -14.98
CA ARG N 297 29.98 -53.33 -14.62
C ARG N 297 29.36 -54.05 -13.45
N SER N 298 28.97 -53.31 -12.41
CA SER N 298 28.34 -53.92 -11.24
C SER N 298 27.19 -54.89 -11.57
N GLU N 299 26.70 -54.82 -12.82
CA GLU N 299 25.64 -55.71 -13.32
C GLU N 299 26.16 -56.70 -14.35
N LEU N 300 26.98 -56.22 -15.27
CA LEU N 300 27.43 -57.03 -16.40
C LEU N 300 28.67 -57.85 -16.11
N TYR N 301 29.12 -57.89 -14.87
CA TYR N 301 30.39 -58.57 -14.54
C TYR N 301 30.40 -60.02 -14.98
N LYS N 302 29.21 -60.60 -15.09
CA LYS N 302 29.06 -62.03 -15.33
C LYS N 302 28.65 -62.34 -16.75
N TYR N 303 29.07 -61.53 -17.70
CA TYR N 303 28.68 -61.74 -19.10
C TYR N 303 29.84 -61.54 -20.03
N LYS N 304 29.83 -62.24 -21.16
CA LYS N 304 30.86 -62.04 -22.17
C LYS N 304 30.33 -62.36 -23.56
N VAL N 305 30.32 -61.36 -24.44
CA VAL N 305 29.83 -61.59 -25.80
C VAL N 305 30.81 -62.38 -26.66
N VAL N 306 30.33 -63.50 -27.19
CA VAL N 306 31.14 -64.38 -28.03
C VAL N 306 30.48 -64.61 -29.38
N LYS N 307 31.31 -65.01 -30.34
CA LYS N 307 30.85 -65.33 -31.69
C LYS N 307 30.51 -66.82 -31.80
N ILE N 308 29.65 -67.17 -32.76
CA ILE N 308 29.35 -68.58 -33.05
C ILE N 308 29.57 -68.90 -34.54
N ASP O 1 51.93 -0.31 59.58
CA ASP O 1 51.65 1.12 59.44
C ASP O 1 50.57 1.36 58.39
N PHE O 2 50.76 0.79 57.21
CA PHE O 2 49.86 0.98 56.10
C PHE O 2 49.23 -0.33 55.63
N ASN O 3 47.92 -0.30 55.39
CA ASN O 3 47.19 -1.48 54.92
C ASN O 3 45.97 -1.08 54.10
N MET O 4 46.11 -1.12 52.77
CA MET O 4 45.02 -0.72 51.88
C MET O 4 43.79 -1.61 52.02
N TRP O 5 44.01 -2.88 52.33
CA TRP O 5 42.93 -3.86 52.31
C TRP O 5 41.96 -3.71 53.48
N LYS O 6 42.43 -3.06 54.55
CA LYS O 6 41.58 -2.76 55.69
C LYS O 6 41.53 -1.24 55.91
N ASN O 7 41.68 -0.50 54.83
CA ASN O 7 41.57 0.96 54.83
C ASN O 7 40.10 1.37 54.85
N ASN O 8 39.75 2.30 55.73
CA ASN O 8 38.36 2.72 55.88
C ASN O 8 37.98 3.94 55.04
N MET O 9 38.94 4.51 54.33
CA MET O 9 38.63 5.61 53.42
C MET O 9 37.85 5.09 52.21
N VAL O 10 38.08 3.82 51.87
CA VAL O 10 37.48 3.27 50.68
C VAL O 10 35.99 3.02 50.87
N GLU O 11 35.55 2.90 52.11
CA GLU O 11 34.13 2.71 52.36
C GLU O 11 33.40 4.04 52.34
N GLN O 12 34.12 5.09 52.70
CA GLN O 12 33.57 6.44 52.64
C GLN O 12 33.42 7.00 51.23
N MET O 13 34.35 6.60 50.36
CA MET O 13 34.31 6.95 48.94
C MET O 13 33.31 6.11 48.12
N GLN O 14 33.19 4.85 48.52
CA GLN O 14 32.14 3.99 47.99
C GLN O 14 30.84 4.72 48.33
N GLU O 15 30.65 5.01 49.62
CA GLU O 15 29.47 5.73 50.10
C GLU O 15 29.29 7.07 49.43
N ASP O 16 30.39 7.67 48.97
CA ASP O 16 30.35 8.95 48.26
C ASP O 16 29.91 8.79 46.81
N VAL O 17 30.53 7.81 46.15
CA VAL O 17 30.33 7.55 44.72
C VAL O 17 28.89 7.13 44.49
N ILE O 18 28.37 6.31 45.38
CA ILE O 18 26.99 5.86 45.28
C ILE O 18 26.04 7.05 45.36
N ASN O 19 26.33 7.97 46.28
CA ASN O 19 25.53 9.18 46.43
C ASN O 19 25.58 10.04 45.18
N LEU O 20 26.77 10.15 44.61
CA LEU O 20 26.96 10.95 43.40
C LEU O 20 26.16 10.38 42.24
N TRP O 21 26.19 9.05 42.09
CA TRP O 21 25.45 8.38 41.04
C TRP O 21 23.95 8.52 41.22
N ASP O 22 23.49 8.41 42.45
CA ASP O 22 22.06 8.40 42.76
C ASP O 22 21.36 9.75 42.56
N GLN O 23 22.11 10.75 42.15
CA GLN O 23 21.54 12.04 41.81
C GLN O 23 21.62 12.43 40.34
N SER O 24 22.84 12.39 39.78
CA SER O 24 23.02 12.62 38.35
C SER O 24 22.55 11.43 37.48
N LEU O 25 22.64 10.25 38.05
CA LEU O 25 22.10 9.05 37.42
C LEU O 25 20.99 8.53 38.33
N LYS O 26 19.76 8.60 37.85
CA LYS O 26 18.60 8.15 38.60
C LYS O 26 17.98 6.92 37.93
N PRO O 27 18.09 5.74 38.57
CA PRO O 27 17.51 4.54 37.95
C PRO O 27 15.99 4.48 38.04
N CYS O 28 15.34 4.26 36.90
CA CYS O 28 13.88 4.25 36.79
C CYS O 28 13.20 3.29 37.75
N VAL O 29 13.74 2.07 37.80
CA VAL O 29 13.30 1.08 38.78
C VAL O 29 14.51 0.46 39.46
N LYS O 30 14.39 0.32 40.79
CA LYS O 30 15.33 -0.46 41.58
C LYS O 30 14.59 -1.67 42.12
N LEU O 31 15.04 -2.85 41.71
CA LEU O 31 14.36 -4.08 42.07
C LEU O 31 15.19 -4.91 43.03
N THR O 32 14.58 -5.21 44.17
CA THR O 32 15.16 -6.04 45.19
C THR O 32 14.06 -7.00 45.62
N GLY O 33 14.42 -8.11 46.23
CA GLY O 33 13.40 -9.06 46.64
C GLY O 33 12.45 -8.39 47.61
N GLY O 34 13.01 -7.60 48.52
CA GLY O 34 12.21 -6.89 49.50
C GLY O 34 11.25 -5.83 48.97
N SER O 35 11.70 -5.00 48.04
CA SER O 35 10.90 -3.87 47.58
C SER O 35 11.32 -3.31 46.21
N VAL O 36 10.45 -2.49 45.62
CA VAL O 36 10.79 -1.81 44.38
C VAL O 36 10.71 -0.29 44.56
N ILE O 37 11.74 0.42 44.12
CA ILE O 37 11.73 1.88 44.18
C ILE O 37 11.65 2.46 42.78
N THR O 38 10.64 3.30 42.54
CA THR O 38 10.42 3.87 41.22
C THR O 38 10.59 5.38 41.19
N GLN O 39 11.34 5.84 40.20
CA GLN O 39 11.70 7.24 40.02
C GLN O 39 11.36 7.65 38.60
N ALA O 40 11.19 8.95 38.39
CA ALA O 40 10.79 9.49 37.10
C ALA O 40 11.83 9.19 36.01
N CYS O 41 13.10 9.29 36.39
CA CYS O 41 14.30 9.20 35.54
C CYS O 41 15.10 10.53 35.74
N PRO O 42 15.25 11.57 34.78
CA PRO O 42 14.94 11.28 33.38
C PRO O 42 16.25 11.10 32.65
N LYS O 43 16.25 10.54 31.46
CA LYS O 43 17.52 10.23 30.81
C LYS O 43 18.34 11.50 30.65
N VAL O 44 19.63 11.39 30.98
CA VAL O 44 20.54 12.52 30.86
C VAL O 44 21.98 12.05 30.66
N SER O 45 22.82 12.95 30.18
CA SER O 45 24.24 12.69 30.04
C SER O 45 24.88 12.56 31.41
N PHE O 46 25.86 11.66 31.52
CA PHE O 46 26.60 11.47 32.76
C PHE O 46 28.11 11.52 32.51
N GLU O 47 28.83 12.25 33.36
CA GLU O 47 30.27 12.28 33.28
C GLU O 47 30.83 12.54 34.68
N PRO O 48 31.66 11.62 35.19
CA PRO O 48 32.14 11.75 36.55
C PRO O 48 33.14 12.90 36.74
N ILE O 49 32.89 13.72 37.75
CA ILE O 49 33.85 14.73 38.18
C ILE O 49 34.87 14.13 39.17
N PRO O 50 36.09 14.69 39.21
CA PRO O 50 37.10 14.28 40.18
C PRO O 50 36.65 14.51 41.62
N ILE O 51 37.08 13.63 42.51
CA ILE O 51 36.74 13.71 43.93
C ILE O 51 37.98 13.83 44.81
N HIS O 52 37.96 14.75 45.76
CA HIS O 52 39.06 14.91 46.69
C HIS O 52 38.54 14.62 48.09
N TYR O 53 39.23 13.74 48.80
CA TYR O 53 38.82 13.43 50.16
C TYR O 53 39.37 14.49 51.08
N CYS O 54 38.51 15.08 51.89
CA CYS O 54 38.92 16.10 52.83
C CYS O 54 38.79 15.53 54.22
N ALA O 55 39.89 15.54 54.97
CA ALA O 55 39.87 15.02 56.32
C ALA O 55 39.06 15.92 57.24
N PRO O 56 38.24 15.31 58.08
CA PRO O 56 37.49 16.04 59.09
C PRO O 56 38.41 16.77 60.08
N ALA O 57 37.91 17.87 60.66
CA ALA O 57 38.67 18.61 61.67
C ALA O 57 39.05 17.69 62.83
N GLY O 58 40.34 17.64 63.13
CA GLY O 58 40.83 16.78 64.19
C GLY O 58 41.42 15.47 63.67
N PHE O 59 41.40 15.30 62.35
CA PHE O 59 42.06 14.17 61.71
C PHE O 59 43.00 14.66 60.62
N ALA O 60 43.80 13.73 60.09
CA ALA O 60 44.67 14.03 58.97
C ALA O 60 44.88 12.81 58.06
N ILE O 61 45.58 13.03 56.95
CA ILE O 61 45.81 11.98 55.98
C ILE O 61 47.29 11.84 55.65
N LEU O 62 47.79 10.61 55.80
CA LEU O 62 49.20 10.30 55.63
C LEU O 62 49.55 9.77 54.24
N LYS O 63 50.20 10.59 53.44
CA LYS O 63 50.63 10.19 52.11
C LYS O 63 51.94 9.41 52.15
N CYS O 64 51.86 8.11 51.87
CA CYS O 64 53.05 7.30 51.64
C CYS O 64 53.76 7.82 50.39
N ASN O 65 55.08 7.86 50.43
CA ASN O 65 55.85 8.47 49.36
C ASN O 65 56.70 7.50 48.56
N ASN O 66 56.55 6.21 48.83
CA ASN O 66 57.30 5.23 48.09
C ASN O 66 56.79 5.16 46.67
N LYS O 67 57.69 5.25 45.70
CA LYS O 67 57.32 5.07 44.31
C LYS O 67 56.84 3.65 44.19
N THR O 68 57.54 2.76 44.88
CA THR O 68 57.18 1.34 44.91
C THR O 68 56.68 0.95 46.29
N PHE O 69 55.36 0.80 46.42
CA PHE O 69 54.79 0.42 47.69
C PHE O 69 53.69 -0.62 47.56
N ASN O 70 53.78 -1.68 48.35
CA ASN O 70 52.93 -2.86 48.19
C ASN O 70 51.54 -2.73 48.79
N GLY O 71 51.26 -1.62 49.47
CA GLY O 71 49.99 -1.44 50.14
C GLY O 71 49.95 -2.13 51.50
N LYS O 72 51.00 -2.87 51.83
CA LYS O 72 51.17 -3.47 53.15
C LYS O 72 52.60 -3.26 53.61
N GLY O 73 52.77 -3.07 54.93
CA GLY O 73 54.08 -2.90 55.52
C GLY O 73 54.43 -1.53 56.07
N GLN O 74 55.56 -1.42 56.80
CA GLN O 74 56.03 -0.10 57.24
C GLN O 74 56.28 0.84 56.08
N CYS O 75 55.97 2.13 56.24
CA CYS O 75 56.26 3.11 55.19
C CYS O 75 57.25 4.12 55.77
N LYS O 76 58.43 4.16 55.16
CA LYS O 76 59.52 5.04 55.63
C LYS O 76 59.16 6.52 55.46
N ASN O 77 59.06 6.96 54.21
CA ASN O 77 58.73 8.34 53.89
C ASN O 77 57.21 8.55 53.96
N VAL O 78 56.77 9.47 54.81
CA VAL O 78 55.35 9.75 54.99
C VAL O 78 55.11 11.25 55.16
N SER O 79 54.10 11.77 54.48
CA SER O 79 53.72 13.18 54.65
C SER O 79 52.28 13.24 55.15
N THR O 80 51.76 14.44 55.38
CA THR O 80 50.34 14.61 55.72
C THR O 80 49.72 15.81 55.01
N VAL O 81 48.51 15.64 54.48
CA VAL O 81 47.78 16.81 53.95
C VAL O 81 46.32 16.80 54.40
N GLN O 82 45.59 17.86 54.09
CA GLN O 82 44.17 17.97 54.38
C GLN O 82 43.29 16.98 53.62
N CYS O 83 43.59 16.79 52.33
CA CYS O 83 42.71 16.02 51.45
C CYS O 83 43.41 15.39 50.24
N THR O 84 42.71 14.44 49.61
CA THR O 84 43.22 13.73 48.44
C THR O 84 43.30 14.62 47.21
N HIS O 85 44.12 14.22 46.25
CA HIS O 85 44.52 15.09 45.14
C HIS O 85 43.38 15.58 44.25
N GLY O 86 42.44 14.71 43.88
CA GLY O 86 42.50 13.30 44.15
C GLY O 86 41.41 12.54 43.42
N ILE O 87 41.56 11.23 43.31
CA ILE O 87 40.99 10.48 42.20
C ILE O 87 39.53 10.52 41.81
N ARG O 88 39.28 10.81 40.54
CA ARG O 88 37.93 10.85 39.98
C ARG O 88 37.48 9.41 39.98
N PRO O 89 36.13 9.19 40.28
CA PRO O 89 35.80 7.76 40.44
C PRO O 89 35.20 7.20 39.19
N VAL O 90 35.87 6.23 38.61
CA VAL O 90 35.36 5.57 37.42
C VAL O 90 34.89 4.20 37.83
N VAL O 91 33.61 3.94 37.59
CA VAL O 91 33.02 2.65 37.94
C VAL O 91 33.15 1.68 36.75
N SER O 92 33.96 0.63 36.92
CA SER O 92 34.27 -0.30 35.83
C SER O 92 34.70 -1.65 36.37
N THR O 93 34.67 -2.68 35.51
CA THR O 93 35.21 -3.97 35.90
C THR O 93 36.36 -4.37 34.97
N GLN O 94 37.18 -5.33 35.39
CA GLN O 94 38.36 -5.77 34.65
C GLN O 94 39.42 -4.68 34.41
N LEU O 95 39.09 -3.66 33.63
CA LEU O 95 40.06 -2.61 33.38
C LEU O 95 39.76 -1.38 34.26
N LEU O 96 40.82 -0.71 34.71
CA LEU O 96 40.67 0.50 35.50
C LEU O 96 41.07 1.68 34.66
N LEU O 97 40.19 2.68 34.57
CA LEU O 97 40.39 3.77 33.63
C LEU O 97 40.55 5.13 34.31
N ASN O 98 41.61 5.84 33.93
CA ASN O 98 41.86 7.18 34.45
C ASN O 98 42.48 7.21 35.86
N GLY O 99 42.93 6.05 36.33
CA GLY O 99 43.62 5.94 37.60
C GLY O 99 45.03 6.51 37.51
N SER O 100 45.64 6.84 38.65
CA SER O 100 46.95 7.44 38.62
C SER O 100 47.94 6.32 38.25
N LEU O 101 48.88 6.63 37.36
CA LEU O 101 49.89 5.67 36.94
C LEU O 101 50.96 5.50 38.03
N ALA O 102 51.53 4.30 38.11
CA ALA O 102 52.72 4.11 38.93
C ALA O 102 53.81 5.07 38.43
N GLU O 103 54.71 5.48 39.33
CA GLU O 103 55.72 6.47 38.97
C GLU O 103 57.05 5.85 38.59
N GLU O 104 57.20 4.55 38.75
CA GLU O 104 58.50 3.94 38.49
C GLU O 104 58.43 2.66 37.69
N LYS O 105 57.89 1.61 38.30
CA LYS O 105 57.81 0.31 37.67
C LYS O 105 56.44 -0.27 37.92
N VAL O 106 56.03 -1.22 37.08
CA VAL O 106 54.71 -1.79 37.26
C VAL O 106 54.66 -2.45 38.63
N VAL O 107 53.58 -2.21 39.36
CA VAL O 107 53.37 -2.85 40.64
C VAL O 107 52.09 -3.69 40.66
N ILE O 108 52.20 -4.93 41.10
CA ILE O 108 50.99 -5.69 41.40
C ILE O 108 50.87 -5.82 42.90
N ARG O 109 49.65 -5.99 43.40
CA ARG O 109 49.42 -6.02 44.84
C ARG O 109 48.15 -6.76 45.21
N SER O 110 48.32 -7.81 46.02
CA SER O 110 47.19 -8.51 46.61
C SER O 110 47.23 -8.29 48.12
N ASP O 111 46.11 -8.54 48.79
CA ASP O 111 46.12 -8.64 50.24
C ASP O 111 46.90 -9.87 50.67
N ASN O 112 46.62 -10.99 50.01
CA ASN O 112 47.37 -12.22 50.17
C ASN O 112 47.56 -12.89 48.82
N PHE O 113 48.81 -13.06 48.39
CA PHE O 113 49.09 -13.71 47.13
C PHE O 113 48.72 -15.19 47.07
N THR O 114 48.99 -15.92 48.16
CA THR O 114 48.77 -17.36 48.20
C THR O 114 47.31 -17.75 48.02
N ASP O 115 46.42 -16.99 48.64
CA ASP O 115 45.02 -17.24 48.46
C ASP O 115 44.76 -16.97 47.01
N ASN O 116 44.02 -17.87 46.39
CA ASN O 116 43.57 -17.68 45.02
C ASN O 116 42.34 -16.77 44.95
N ALA O 117 41.68 -16.57 46.08
CA ALA O 117 40.41 -15.84 46.11
C ALA O 117 40.57 -14.34 46.44
N LYS O 118 41.79 -13.89 46.66
CA LYS O 118 42.05 -12.46 46.90
C LYS O 118 42.50 -11.75 45.61
N THR O 119 41.73 -10.74 45.20
CA THR O 119 41.95 -10.04 43.95
C THR O 119 43.30 -9.30 43.89
N ILE O 120 44.11 -9.66 42.90
CA ILE O 120 45.37 -8.96 42.63
C ILE O 120 45.10 -7.69 41.83
N ILE O 121 45.38 -6.52 42.43
CA ILE O 121 45.27 -5.25 41.70
C ILE O 121 46.56 -4.99 40.93
N VAL O 122 46.48 -4.44 39.72
CA VAL O 122 47.67 -4.19 38.92
C VAL O 122 47.77 -2.72 38.49
N GLN O 123 48.94 -2.11 38.67
CA GLN O 123 49.16 -0.70 38.33
C GLN O 123 50.36 -0.54 37.41
N LEU O 124 50.17 0.19 36.31
CA LEU O 124 51.09 0.15 35.17
C LEU O 124 52.02 1.36 35.05
N ASN O 125 53.22 1.09 34.55
CA ASN O 125 54.23 2.13 34.39
C ASN O 125 53.80 3.21 33.41
N GLU O 126 53.19 2.80 32.30
CA GLU O 126 52.63 3.75 31.35
C GLU O 126 51.26 3.27 30.90
N SER O 127 50.38 4.23 30.58
CA SER O 127 49.00 3.89 30.28
C SER O 127 48.74 3.39 28.87
N VAL O 128 47.71 2.56 28.70
CA VAL O 128 47.28 2.13 27.36
C VAL O 128 45.91 2.70 26.97
N LYS O 129 45.86 3.42 25.86
CA LYS O 129 44.61 4.03 25.46
C LYS O 129 43.57 3.01 24.99
N ILE O 130 42.32 3.25 25.34
CA ILE O 130 41.19 2.42 24.91
C ILE O 130 40.09 3.32 24.39
N ASN O 131 39.55 2.99 23.22
CA ASN O 131 38.56 3.86 22.60
C ASN O 131 37.18 3.28 22.33
N CYS O 132 36.17 3.84 22.96
CA CYS O 132 34.87 3.24 22.85
C CYS O 132 33.84 4.13 22.18
N THR O 133 32.90 3.48 21.49
CA THR O 133 31.80 4.20 20.89
C THR O 133 30.56 3.34 20.66
N ARG O 134 29.41 4.00 20.73
CA ARG O 134 28.15 3.49 20.17
C ARG O 134 27.64 4.49 19.12
N PRO O 135 27.83 4.17 17.83
CA PRO O 135 27.43 5.09 16.76
C PRO O 135 25.92 5.01 16.45
N SER O 136 25.40 3.79 16.32
CA SER O 136 24.00 3.60 15.92
C SER O 136 23.03 3.76 17.10
N ASN O 137 21.85 4.30 16.81
CA ASN O 137 20.79 4.39 17.80
C ASN O 137 20.03 3.06 17.93
N ASN O 138 19.43 2.82 19.09
CA ASN O 138 18.65 1.59 19.31
C ASN O 138 17.14 1.82 19.36
N ILE O 145 15.84 4.83 11.61
CA ILE O 145 16.64 3.61 11.46
C ILE O 145 18.12 3.93 11.29
N GLY O 146 18.57 3.95 10.04
CA GLY O 146 19.97 4.17 9.70
C GLY O 146 20.69 2.86 9.42
N ASP O 147 22.00 2.95 9.24
CA ASP O 147 22.84 1.77 9.19
C ASP O 147 22.74 1.09 10.53
N ILE O 148 23.02 -0.21 10.59
CA ILE O 148 23.09 -0.85 11.90
C ILE O 148 24.57 -1.05 12.20
N ARG O 149 25.00 -0.60 13.37
CA ARG O 149 26.43 -0.57 13.68
C ARG O 149 26.74 -1.00 15.12
N GLN O 150 27.68 -1.92 15.26
CA GLN O 150 27.99 -2.47 16.58
C GLN O 150 28.93 -1.56 17.37
N ALA O 151 28.56 -1.33 18.63
CA ALA O 151 29.35 -0.53 19.53
C ALA O 151 30.60 -1.31 19.87
N HIS O 152 31.74 -0.63 20.00
CA HIS O 152 33.01 -1.34 20.13
C HIS O 152 34.10 -0.56 20.86
N CYS O 153 35.13 -1.28 21.30
CA CYS O 153 36.27 -0.68 21.98
C CYS O 153 37.58 -0.99 21.24
N ASN O 154 38.52 -0.05 21.28
CA ASN O 154 39.74 -0.11 20.48
C ASN O 154 41.01 -0.04 21.32
N ILE O 155 41.92 -0.98 21.11
CA ILE O 155 43.20 -0.96 21.82
C ILE O 155 44.34 -1.39 20.91
N SER O 156 45.41 -0.59 20.83
CA SER O 156 46.59 -1.01 20.06
C SER O 156 47.17 -2.32 20.59
N ARG O 157 47.59 -3.21 19.71
CA ARG O 157 48.09 -4.50 20.17
C ARG O 157 49.54 -4.37 20.66
N ALA O 158 50.22 -3.36 20.14
CA ALA O 158 51.56 -3.04 20.58
C ALA O 158 51.49 -2.75 22.07
N GLN O 159 50.84 -1.63 22.42
CA GLN O 159 50.88 -1.14 23.78
C GLN O 159 50.30 -2.16 24.75
N TRP O 160 49.22 -2.81 24.38
CA TRP O 160 48.68 -3.87 25.22
C TRP O 160 49.68 -5.02 25.29
N ASN O 161 50.29 -5.33 24.17
CA ASN O 161 51.26 -6.43 24.10
C ASN O 161 52.47 -6.16 24.98
N ASN O 162 52.98 -4.95 24.94
CA ASN O 162 54.07 -4.58 25.84
C ASN O 162 53.62 -4.64 27.28
N THR O 163 52.42 -4.14 27.53
CA THR O 163 51.90 -4.10 28.89
C THR O 163 51.81 -5.50 29.48
N LEU O 164 51.40 -6.45 28.66
CA LEU O 164 51.28 -7.83 29.12
C LEU O 164 52.65 -8.37 29.55
N LYS O 165 53.68 -8.04 28.78
CA LYS O 165 55.03 -8.50 29.09
C LYS O 165 55.51 -7.91 30.44
N GLN O 166 55.24 -6.63 30.65
CA GLN O 166 55.58 -5.97 31.92
C GLN O 166 54.82 -6.54 33.12
N ILE O 167 53.59 -7.01 32.89
CA ILE O 167 52.84 -7.67 33.95
C ILE O 167 53.38 -9.09 34.16
N VAL O 168 53.78 -9.72 33.05
CA VAL O 168 54.41 -11.03 33.10
C VAL O 168 55.65 -11.03 34.00
N GLU O 169 56.41 -9.94 33.98
CA GLU O 169 57.58 -9.80 34.83
C GLU O 169 57.30 -9.80 36.33
N LYS O 170 56.29 -9.05 36.77
CA LYS O 170 55.93 -9.02 38.19
C LYS O 170 55.24 -10.30 38.64
N LEU O 171 54.39 -10.85 37.78
CA LEU O 171 53.73 -12.11 38.10
C LEU O 171 54.71 -13.26 38.28
N ARG O 172 55.66 -13.40 37.35
CA ARG O 172 56.64 -14.48 37.42
C ARG O 172 57.62 -14.29 38.57
N GLU O 173 57.81 -13.04 38.97
CA GLU O 173 58.60 -12.73 40.15
C GLU O 173 57.86 -13.19 41.41
N GLN O 174 56.59 -12.84 41.52
CA GLN O 174 55.79 -13.26 42.68
C GLN O 174 55.63 -14.78 42.72
N PHE O 175 55.43 -15.38 41.55
CA PHE O 175 55.12 -16.80 41.45
C PHE O 175 56.30 -17.68 41.05
N ASN O 176 57.50 -17.10 41.12
CA ASN O 176 58.72 -17.85 40.90
C ASN O 176 58.89 -18.52 39.53
N ASN O 177 58.49 -17.81 38.48
CA ASN O 177 58.81 -18.23 37.12
C ASN O 177 57.90 -19.30 36.52
N LYS O 178 56.80 -19.61 37.20
CA LYS O 178 55.83 -20.51 36.62
C LYS O 178 55.27 -19.85 35.38
N THR O 179 55.07 -20.63 34.32
CA THR O 179 54.56 -20.08 33.08
C THR O 179 53.16 -19.55 33.37
N ILE O 180 52.82 -18.40 32.79
CA ILE O 180 51.52 -17.79 33.11
C ILE O 180 50.57 -17.70 31.92
N VAL O 181 49.39 -18.28 32.11
CA VAL O 181 48.34 -18.29 31.11
C VAL O 181 47.31 -17.21 31.43
N PHE O 182 46.98 -16.36 30.46
CA PHE O 182 45.91 -15.37 30.61
C PHE O 182 44.64 -15.91 30.00
N THR O 183 43.57 -15.98 30.78
CA THR O 183 42.34 -16.56 30.28
C THR O 183 41.18 -15.63 30.47
N HIS O 184 40.09 -15.90 29.78
CA HIS O 184 38.85 -15.16 29.94
C HIS O 184 38.18 -15.45 31.28
N SER O 185 37.19 -14.64 31.66
CA SER O 185 36.48 -14.86 32.91
C SER O 185 35.88 -16.27 32.93
N SER O 186 35.87 -16.89 34.10
CA SER O 186 35.36 -18.25 34.23
C SER O 186 33.84 -18.26 34.30
N GLY O 187 33.25 -17.08 34.43
CA GLY O 187 31.81 -16.96 34.51
C GLY O 187 31.31 -16.11 35.66
N GLY O 188 30.01 -15.80 35.62
CA GLY O 188 29.36 -14.97 36.62
C GLY O 188 28.33 -14.06 35.99
N ASP O 189 28.00 -12.97 36.69
CA ASP O 189 27.13 -11.93 36.15
C ASP O 189 27.84 -11.15 35.06
N PRO O 190 27.15 -10.89 33.95
CA PRO O 190 27.69 -10.20 32.77
C PRO O 190 28.58 -9.00 33.09
N GLU O 191 28.28 -8.28 34.17
CA GLU O 191 28.99 -7.05 34.52
C GLU O 191 30.46 -7.28 34.85
N ILE O 192 30.81 -8.52 35.17
CA ILE O 192 32.19 -8.86 35.51
C ILE O 192 32.79 -9.93 34.59
N VAL O 193 31.95 -10.55 33.76
CA VAL O 193 32.46 -11.51 32.79
C VAL O 193 32.90 -10.76 31.55
N MET O 194 32.54 -9.49 31.48
CA MET O 194 32.92 -8.63 30.37
C MET O 194 33.44 -7.31 30.92
N HIS O 195 34.24 -6.60 30.13
CA HIS O 195 34.70 -5.27 30.55
C HIS O 195 33.51 -4.31 30.49
N SER O 196 32.84 -4.17 31.63
CA SER O 196 31.68 -3.30 31.72
C SER O 196 32.11 -1.92 32.19
N PHE O 197 31.48 -0.89 31.65
CA PHE O 197 31.77 0.47 32.10
C PHE O 197 30.71 1.45 31.65
N ASN O 198 30.93 2.72 31.96
CA ASN O 198 29.97 3.72 31.57
C ASN O 198 30.57 4.81 30.73
N CYS O 199 30.00 5.01 29.55
CA CYS O 199 30.42 6.09 28.67
C CYS O 199 29.23 6.96 28.30
N GLY O 200 29.30 8.24 28.66
CA GLY O 200 28.28 9.19 28.29
C GLY O 200 26.91 8.94 28.92
N GLY O 201 26.82 7.91 29.75
CA GLY O 201 25.56 7.56 30.38
C GLY O 201 25.00 6.24 29.88
N GLU O 202 25.67 5.64 28.90
CA GLU O 202 25.28 4.34 28.39
C GLU O 202 26.08 3.29 29.10
N PHE O 203 25.46 2.16 29.38
CA PHE O 203 26.16 1.09 30.06
C PHE O 203 26.77 0.12 29.07
N PHE O 204 28.04 0.39 28.71
CA PHE O 204 28.78 -0.48 27.80
C PHE O 204 29.13 -1.81 28.42
N TYR O 205 29.02 -2.87 27.62
CA TYR O 205 29.38 -4.21 28.05
C TYR O 205 30.35 -4.83 27.05
N CYS O 206 31.59 -4.34 27.05
CA CYS O 206 32.62 -4.82 26.13
C CYS O 206 33.22 -6.19 26.41
N ASN O 207 33.75 -6.83 25.37
CA ASN O 207 34.30 -8.17 25.50
C ASN O 207 35.82 -8.11 25.51
N SER O 208 36.40 -8.65 26.59
CA SER O 208 37.84 -8.54 26.85
C SER O 208 38.67 -9.78 26.51
N THR O 209 38.05 -10.77 25.88
CA THR O 209 38.72 -12.05 25.67
C THR O 209 39.99 -11.92 24.85
N GLN O 210 39.96 -11.05 23.85
CA GLN O 210 41.11 -10.84 22.99
C GLN O 210 42.27 -10.34 23.84
N LEU O 211 41.93 -9.53 24.84
CA LEU O 211 42.91 -8.98 25.77
C LEU O 211 43.63 -10.06 26.58
N PHE O 212 42.91 -11.10 26.99
CA PHE O 212 43.51 -12.12 27.82
C PHE O 212 43.32 -13.53 27.25
N ASN O 213 44.01 -13.80 26.15
CA ASN O 213 44.07 -15.13 25.56
C ASN O 213 45.51 -15.46 25.16
N SER O 214 46.39 -15.62 26.15
CA SER O 214 47.81 -15.81 25.87
C SER O 214 48.51 -16.69 26.90
N THR O 215 49.65 -17.27 26.51
CA THR O 215 50.46 -18.05 27.43
C THR O 215 51.92 -17.62 27.35
N TRP O 216 52.51 -17.22 28.46
CA TRP O 216 53.92 -16.88 28.43
C TRP O 216 54.78 -17.84 29.22
N ASN O 217 55.59 -18.63 28.51
CA ASN O 217 56.59 -19.46 29.15
C ASN O 217 57.64 -18.56 29.80
N ASP O 218 58.01 -17.52 29.06
CA ASP O 218 59.01 -16.55 29.45
C ASP O 218 58.49 -15.19 29.02
N THR O 219 59.02 -14.13 29.60
CA THR O 219 58.60 -12.80 29.19
C THR O 219 58.95 -12.66 27.72
N GLU O 220 60.12 -13.18 27.35
CA GLU O 220 60.55 -13.25 25.97
C GLU O 220 59.71 -14.18 25.09
N LYS O 221 59.32 -15.33 25.64
CA LYS O 221 58.72 -16.40 24.84
C LYS O 221 57.25 -16.72 25.17
N SER O 222 56.34 -16.22 24.34
CA SER O 222 54.90 -16.42 24.54
C SER O 222 54.19 -16.85 23.26
N SER O 223 52.99 -17.39 23.42
CA SER O 223 52.33 -18.08 22.31
C SER O 223 51.10 -17.38 21.74
N GLY O 224 50.11 -17.13 22.60
CA GLY O 224 48.81 -16.69 22.13
C GLY O 224 48.64 -15.20 21.82
N THR O 225 49.73 -14.50 21.58
CA THR O 225 49.64 -13.04 21.46
C THR O 225 49.84 -12.42 20.06
N GLU O 226 50.44 -13.16 19.14
CA GLU O 226 50.56 -12.68 17.76
C GLU O 226 49.19 -12.45 17.13
N GLY O 227 49.02 -11.30 16.47
CA GLY O 227 47.75 -11.00 15.82
C GLY O 227 47.63 -9.64 15.14
N ASN O 228 46.41 -9.11 15.11
CA ASN O 228 46.07 -7.92 14.33
C ASN O 228 46.45 -6.57 14.95
N ASP O 229 46.89 -5.64 14.10
CA ASP O 229 47.41 -4.35 14.57
C ASP O 229 46.55 -3.61 15.59
N THR O 230 45.26 -3.43 15.30
CA THR O 230 44.35 -2.80 16.25
C THR O 230 43.36 -3.81 16.79
N ILE O 231 43.38 -4.04 18.10
CA ILE O 231 42.44 -4.94 18.72
C ILE O 231 41.06 -4.29 18.85
N ILE O 232 40.05 -4.99 18.35
CA ILE O 232 38.69 -4.49 18.35
C ILE O 232 37.75 -5.31 19.26
N LEU O 233 37.26 -4.69 20.32
CA LEU O 233 36.39 -5.35 21.29
C LEU O 233 34.90 -5.14 20.97
N PRO O 234 34.17 -6.23 20.72
CA PRO O 234 32.74 -6.15 20.45
C PRO O 234 32.04 -5.73 21.71
N CYS O 235 30.99 -4.93 21.60
CA CYS O 235 30.32 -4.44 22.80
C CYS O 235 28.81 -4.44 22.67
N ARG O 236 28.14 -4.69 23.78
CA ARG O 236 26.71 -4.50 23.81
C ARG O 236 26.44 -3.29 24.68
N ILE O 237 25.20 -2.84 24.73
CA ILE O 237 24.85 -1.77 25.63
C ILE O 237 23.57 -2.15 26.35
N LYS O 238 23.56 -2.10 27.67
CA LYS O 238 22.34 -2.51 28.36
C LYS O 238 21.60 -1.33 28.96
N GLN O 239 20.40 -1.61 29.46
CA GLN O 239 19.60 -0.59 30.13
C GLN O 239 18.95 -1.18 31.37
N ILE O 240 18.84 -2.50 31.41
CA ILE O 240 18.39 -3.18 32.61
C ILE O 240 19.55 -4.02 33.11
N ILE O 241 20.35 -3.44 33.99
CA ILE O 241 21.59 -4.06 34.42
C ILE O 241 21.54 -4.51 35.86
N ASN O 242 22.63 -5.09 36.31
CA ASN O 242 22.84 -5.37 37.71
C ASN O 242 23.56 -4.22 38.38
N MET O 243 23.06 -3.79 39.53
CA MET O 243 23.69 -2.68 40.22
C MET O 243 24.98 -3.14 40.86
N TRP O 244 25.91 -2.20 40.99
CA TRP O 244 27.12 -2.43 41.76
C TRP O 244 26.93 -1.87 43.18
N GLN O 245 26.18 -0.77 43.26
CA GLN O 245 25.92 -0.09 44.53
C GLN O 245 25.26 -0.97 45.58
N GLU O 246 24.30 -1.79 45.17
CA GLU O 246 23.65 -2.74 46.08
C GLU O 246 23.20 -4.00 45.33
N VAL O 247 22.72 -5.00 46.06
CA VAL O 247 22.28 -6.22 45.41
C VAL O 247 20.93 -5.99 44.76
N GLY O 248 20.89 -6.12 43.44
CA GLY O 248 19.65 -6.00 42.68
C GLY O 248 19.81 -5.53 41.26
N LYS O 249 18.72 -5.63 40.50
CA LYS O 249 18.65 -5.15 39.13
C LYS O 249 18.07 -3.75 39.07
N ALA O 250 18.50 -2.96 38.10
CA ALA O 250 17.98 -1.62 37.94
C ALA O 250 17.82 -1.29 36.47
N MET O 251 16.83 -0.45 36.17
CA MET O 251 16.62 -0.04 34.78
C MET O 251 16.80 1.47 34.58
N TYR O 252 17.82 1.86 33.84
CA TYR O 252 18.09 3.28 33.59
C TYR O 252 17.45 3.77 32.29
N ALA O 253 17.57 5.08 32.05
CA ALA O 253 17.04 5.69 30.84
C ALA O 253 18.09 5.58 29.72
N PRO O 254 17.70 5.86 28.47
CA PRO O 254 18.77 5.97 27.47
C PRO O 254 19.38 7.32 27.69
N PRO O 255 20.46 7.65 26.99
CA PRO O 255 20.96 9.01 27.17
C PRO O 255 20.47 9.93 26.06
N ILE O 256 20.69 11.23 26.26
CA ILE O 256 20.42 12.22 25.22
C ILE O 256 21.13 11.83 23.93
N LYS O 257 20.41 11.91 22.81
CA LYS O 257 20.88 11.35 21.55
C LYS O 257 22.23 11.92 21.07
N GLY O 258 22.77 11.31 20.03
CA GLY O 258 24.02 11.74 19.43
C GLY O 258 25.05 10.63 19.36
N GLN O 259 26.29 11.04 19.12
CA GLN O 259 27.41 10.10 19.11
C GLN O 259 28.14 10.16 20.45
N ILE O 260 28.13 9.04 21.18
CA ILE O 260 28.92 8.94 22.40
C ILE O 260 30.23 8.23 22.14
N ARG O 261 31.30 9.00 22.10
CA ARG O 261 32.64 8.45 21.99
C ARG O 261 33.37 8.76 23.28
N CYS O 262 34.08 7.79 23.84
CA CYS O 262 34.95 8.09 24.97
C CYS O 262 36.24 7.29 24.93
N SER O 263 37.36 8.00 24.96
CA SER O 263 38.65 7.33 24.96
C SER O 263 39.30 7.49 26.32
N SER O 264 39.57 6.38 26.97
CA SER O 264 40.19 6.41 28.28
C SER O 264 41.45 5.55 28.29
N ASN O 265 42.54 6.09 28.79
CA ASN O 265 43.77 5.34 28.95
C ASN O 265 43.60 4.28 30.04
N ILE O 266 44.20 3.12 29.85
CA ILE O 266 44.07 2.05 30.82
C ILE O 266 45.21 2.14 31.82
N THR O 267 44.87 2.45 33.07
CA THR O 267 45.88 2.62 34.10
C THR O 267 46.01 1.45 35.07
N GLY O 268 45.26 0.36 34.85
CA GLY O 268 45.32 -0.73 35.80
C GLY O 268 44.35 -1.87 35.55
N LEU O 269 44.61 -3.00 36.19
CA LEU O 269 43.82 -4.21 35.98
C LEU O 269 43.38 -4.85 37.29
N LEU O 270 42.44 -5.77 37.19
CA LEU O 270 41.98 -6.53 38.35
C LEU O 270 41.98 -8.00 37.98
N LEU O 271 42.85 -8.76 38.62
CA LEU O 271 43.02 -10.16 38.25
C LEU O 271 42.71 -11.10 39.40
N THR O 272 42.35 -12.34 39.05
CA THR O 272 42.24 -13.41 40.02
C THR O 272 42.88 -14.65 39.40
N ARG O 273 43.57 -15.45 40.22
CA ARG O 273 44.13 -16.69 39.71
C ARG O 273 43.37 -17.93 40.17
N ASP O 274 43.52 -19.01 39.43
CA ASP O 274 42.80 -20.25 39.69
C ASP O 274 43.36 -21.00 40.89
N GLY O 275 44.63 -21.35 40.80
CA GLY O 275 45.29 -22.11 41.84
C GLY O 275 44.68 -23.49 41.97
N GLY O 276 44.69 -24.02 43.19
CA GLY O 276 44.23 -25.37 43.43
C GLY O 276 45.34 -26.38 43.16
N LYS O 277 45.25 -27.53 43.82
CA LYS O 277 46.25 -28.58 43.68
C LYS O 277 46.00 -29.41 42.42
N ASN O 278 46.47 -28.90 41.28
CA ASN O 278 46.30 -29.61 40.01
C ASN O 278 47.66 -30.01 39.41
N GLU O 279 48.67 -30.09 40.27
CA GLU O 279 50.06 -30.40 39.90
C GLU O 279 50.53 -29.72 38.60
N SER O 280 50.20 -28.44 38.48
CA SER O 280 50.37 -27.72 37.22
C SER O 280 51.79 -27.22 36.91
N GLU O 281 52.37 -26.43 37.81
CA GLU O 281 53.61 -25.76 37.51
C GLU O 281 53.34 -24.61 36.54
N ILE O 282 52.07 -24.24 36.44
CA ILE O 282 51.61 -23.10 35.65
C ILE O 282 50.62 -22.28 36.48
N GLU O 283 50.50 -20.99 36.18
CA GLU O 283 49.52 -20.15 36.86
C GLU O 283 48.56 -19.44 35.89
N ILE O 284 47.26 -19.50 36.18
CA ILE O 284 46.25 -18.97 35.26
C ILE O 284 45.51 -17.74 35.82
N PHE O 285 45.54 -16.64 35.07
CA PHE O 285 44.97 -15.37 35.52
C PHE O 285 43.80 -14.87 34.67
N ARG O 286 42.66 -14.69 35.32
CA ARG O 286 41.45 -14.21 34.65
C ARG O 286 41.10 -12.83 35.15
N PRO O 287 40.48 -12.00 34.31
CA PRO O 287 40.10 -10.66 34.76
C PRO O 287 38.97 -10.76 35.79
N GLY O 288 38.78 -9.70 36.57
CA GLY O 288 37.77 -9.71 37.63
C GLY O 288 37.29 -8.32 37.94
N GLY O 289 36.86 -8.10 39.18
CA GLY O 289 36.40 -6.78 39.61
C GLY O 289 34.96 -6.81 40.07
N GLY O 290 34.34 -5.65 40.17
CA GLY O 290 32.93 -5.60 40.52
C GLY O 290 32.66 -5.00 41.88
N ASP O 291 33.42 -5.44 42.87
CA ASP O 291 33.43 -4.74 44.14
C ASP O 291 34.24 -3.48 43.87
N MET O 292 33.55 -2.35 43.74
CA MET O 292 34.22 -1.13 43.31
C MET O 292 35.09 -0.57 44.42
N ARG O 293 34.99 -1.19 45.59
CA ARG O 293 35.89 -0.85 46.68
C ARG O 293 37.34 -1.08 46.24
N ASP O 294 37.61 -2.21 45.58
CA ASP O 294 38.94 -2.45 45.04
C ASP O 294 39.34 -1.36 44.04
N ASN O 295 38.34 -0.84 43.33
CA ASN O 295 38.58 0.31 42.47
C ASN O 295 39.08 1.50 43.27
N TRP O 296 38.52 1.70 44.45
CA TRP O 296 38.93 2.82 45.27
C TRP O 296 40.32 2.59 45.90
N ARG O 297 40.54 1.38 46.40
CA ARG O 297 41.85 0.94 46.91
C ARG O 297 42.94 1.22 45.89
N SER O 298 42.67 0.90 44.64
CA SER O 298 43.60 1.14 43.52
C SER O 298 44.22 2.54 43.55
N GLU O 299 43.52 3.51 44.13
CA GLU O 299 44.04 4.86 44.18
C GLU O 299 44.47 5.26 45.58
N LEU O 300 43.78 4.73 46.59
CA LEU O 300 43.99 5.16 47.98
C LEU O 300 45.03 4.34 48.76
N TYR O 301 45.64 3.36 48.10
CA TYR O 301 46.66 2.50 48.73
C TYR O 301 47.71 3.31 49.49
N LYS O 302 48.03 4.48 48.97
CA LYS O 302 49.00 5.36 49.62
C LYS O 302 48.36 6.34 50.60
N TYR O 303 47.33 5.91 51.33
CA TYR O 303 46.69 6.81 52.30
C TYR O 303 46.09 6.10 53.50
N LYS O 304 46.00 6.83 54.61
CA LYS O 304 45.21 6.45 55.78
C LYS O 304 44.80 7.69 56.58
N VAL O 305 43.66 7.61 57.25
CA VAL O 305 43.21 8.71 58.08
C VAL O 305 43.54 8.43 59.53
N VAL O 306 44.26 9.37 60.14
CA VAL O 306 44.71 9.26 61.54
C VAL O 306 44.12 10.40 62.36
N LYS O 307 44.05 10.25 63.68
CA LYS O 307 43.65 11.37 64.52
C LYS O 307 44.86 12.17 65.07
N ILE O 308 44.62 13.44 65.40
CA ILE O 308 45.67 14.34 65.90
C ILE O 308 45.30 15.10 67.19
N ASP P 1 -64.27 36.78 27.75
CA ASP P 1 -64.02 35.87 28.85
C ASP P 1 -62.72 35.10 28.66
N PHE P 2 -62.64 34.36 27.57
CA PHE P 2 -61.45 33.56 27.30
C PHE P 2 -60.66 34.08 26.11
N ASN P 3 -59.38 34.38 26.34
CA ASN P 3 -58.47 34.66 25.25
C ASN P 3 -57.26 33.73 25.33
N MET P 4 -57.11 32.90 24.31
CA MET P 4 -55.95 32.01 24.21
C MET P 4 -54.67 32.81 24.04
N TRP P 5 -54.78 33.87 23.23
CA TRP P 5 -53.63 34.69 22.87
C TRP P 5 -53.01 35.42 24.06
N LYS P 6 -53.79 35.69 25.10
CA LYS P 6 -53.25 36.39 26.25
C LYS P 6 -53.36 35.51 27.51
N ASN P 7 -53.35 34.20 27.29
CA ASN P 7 -53.30 33.24 28.38
C ASN P 7 -51.91 33.29 29.02
N ASN P 8 -51.79 32.80 30.25
CA ASN P 8 -50.56 32.92 31.01
C ASN P 8 -50.07 31.55 31.48
N MET P 9 -50.77 30.52 31.03
CA MET P 9 -50.31 29.16 31.27
C MET P 9 -49.39 28.78 30.13
N VAL P 10 -49.49 29.52 29.02
CA VAL P 10 -48.61 29.32 27.89
C VAL P 10 -47.18 29.71 28.26
N GLU P 11 -47.03 30.81 29.00
CA GLU P 11 -45.74 31.34 29.39
C GLU P 11 -45.09 30.49 30.46
N GLN P 12 -45.93 29.81 31.24
CA GLN P 12 -45.42 28.93 32.29
C GLN P 12 -45.03 27.60 31.67
N MET P 13 -45.84 27.17 30.71
CA MET P 13 -45.58 25.97 29.93
C MET P 13 -44.21 26.09 29.27
N GLN P 14 -43.97 27.20 28.58
CA GLN P 14 -42.68 27.44 27.93
C GLN P 14 -41.52 27.13 28.87
N GLU P 15 -41.51 27.76 30.04
CA GLU P 15 -40.44 27.53 31.00
C GLU P 15 -40.42 26.08 31.51
N ASP P 16 -41.59 25.45 31.52
CA ASP P 16 -41.65 24.03 31.88
C ASP P 16 -40.85 23.20 30.86
N VAL P 17 -41.12 23.40 29.58
CA VAL P 17 -40.38 22.68 28.52
C VAL P 17 -38.90 22.97 28.57
N ILE P 18 -38.55 24.25 28.49
CA ILE P 18 -37.15 24.68 28.57
C ILE P 18 -36.41 23.98 29.69
N ASN P 19 -36.98 24.02 30.89
CA ASN P 19 -36.35 23.33 32.00
C ASN P 19 -36.27 21.79 31.78
N LEU P 20 -37.27 21.21 31.12
CA LEU P 20 -37.25 19.77 30.86
C LEU P 20 -36.07 19.40 29.95
N TRP P 21 -35.98 20.13 28.85
CA TRP P 21 -34.96 19.87 27.83
C TRP P 21 -33.57 20.06 28.37
N ASP P 22 -33.37 21.11 29.17
CA ASP P 22 -32.02 21.44 29.62
C ASP P 22 -31.43 20.31 30.45
N GLN P 23 -32.19 19.76 31.38
CA GLN P 23 -31.77 18.56 32.07
C GLN P 23 -31.75 17.34 31.16
N SER P 24 -32.79 17.21 30.35
CA SER P 24 -32.94 16.10 29.41
C SER P 24 -31.97 16.07 28.23
N LEU P 25 -31.72 17.23 27.65
CA LEU P 25 -30.95 17.33 26.41
C LEU P 25 -29.87 18.39 26.56
N LYS P 26 -28.81 18.07 27.28
CA LYS P 26 -27.82 19.10 27.61
C LYS P 26 -26.99 19.49 26.38
N PRO P 27 -27.01 20.77 26.02
CA PRO P 27 -26.18 21.25 24.89
C PRO P 27 -24.73 21.53 25.30
N CYS P 28 -23.79 21.20 24.43
CA CYS P 28 -22.36 21.29 24.73
C CYS P 28 -21.90 22.74 24.76
N VAL P 29 -22.51 23.56 23.91
CA VAL P 29 -22.14 24.95 23.78
C VAL P 29 -23.36 25.75 23.45
N LYS P 30 -23.65 26.76 24.25
CA LYS P 30 -24.71 27.73 23.94
C LYS P 30 -24.05 29.04 23.57
N LEU P 31 -24.41 29.59 22.41
CA LEU P 31 -23.73 30.78 21.91
C LEU P 31 -24.66 31.97 21.80
N THR P 32 -24.68 32.77 22.86
CA THR P 32 -25.37 34.07 22.86
C THR P 32 -24.33 35.13 23.17
N GLY P 33 -24.42 36.29 22.52
CA GLY P 33 -23.52 37.38 22.81
C GLY P 33 -23.71 37.92 24.23
N GLY P 34 -22.66 37.88 25.03
CA GLY P 34 -21.40 37.26 24.66
C GLY P 34 -20.99 36.29 25.75
N SER P 35 -21.81 35.25 25.93
CA SER P 35 -21.68 34.40 27.09
C SER P 35 -20.77 33.19 26.87
N VAL P 36 -20.99 32.49 25.75
CA VAL P 36 -20.30 31.23 25.45
C VAL P 36 -20.33 30.26 26.63
N ILE P 37 -21.47 29.63 26.85
CA ILE P 37 -21.63 28.70 27.96
C ILE P 37 -21.39 27.26 27.52
N THR P 38 -20.58 26.54 28.28
CA THR P 38 -20.08 25.23 27.85
C THR P 38 -20.16 24.18 28.95
N GLN P 39 -21.03 23.20 28.79
CA GLN P 39 -21.09 22.10 29.73
C GLN P 39 -20.76 20.77 29.08
N ALA P 40 -20.47 19.77 29.90
CA ALA P 40 -20.22 18.43 29.41
C ALA P 40 -21.52 17.81 28.93
N CYS P 41 -21.52 17.27 27.71
CA CYS P 41 -22.74 16.70 27.17
C CYS P 41 -22.55 15.24 26.82
N PRO P 42 -23.21 14.36 27.60
CA PRO P 42 -23.25 12.95 27.24
C PRO P 42 -24.23 12.78 26.07
N LYS P 43 -23.98 11.78 25.23
CA LYS P 43 -24.88 11.47 24.15
C LYS P 43 -26.09 10.79 24.77
N VAL P 44 -27.29 11.29 24.50
CA VAL P 44 -28.48 10.73 25.14
C VAL P 44 -29.61 10.53 24.11
N SER P 45 -30.54 9.62 24.43
CA SER P 45 -31.79 9.49 23.70
C SER P 45 -32.83 10.37 24.38
N PHE P 46 -33.71 10.98 23.59
CA PHE P 46 -34.64 11.96 24.12
C PHE P 46 -36.07 11.72 23.68
N GLU P 47 -36.95 11.47 24.66
CA GLU P 47 -38.37 11.26 24.39
C GLU P 47 -39.24 11.98 25.44
N PRO P 48 -39.97 13.01 25.01
CA PRO P 48 -40.70 13.91 25.92
C PRO P 48 -41.87 13.23 26.64
N ILE P 49 -41.76 13.11 27.96
CA ILE P 49 -42.86 12.61 28.78
C ILE P 49 -43.97 13.66 28.89
N PRO P 50 -45.19 13.26 29.33
CA PRO P 50 -46.29 14.24 29.41
C PRO P 50 -46.11 15.28 30.51
N ILE P 51 -46.63 16.49 30.27
CA ILE P 51 -46.64 17.55 31.26
C ILE P 51 -48.06 17.97 31.65
N HIS P 52 -48.32 18.09 32.96
CA HIS P 52 -49.59 18.59 33.45
C HIS P 52 -49.40 19.99 34.04
N TYR P 53 -50.17 20.96 33.55
CA TYR P 53 -50.18 22.28 34.19
C TYR P 53 -51.04 22.23 35.45
N CYS P 54 -50.39 22.33 36.61
CA CYS P 54 -51.11 22.41 37.87
C CYS P 54 -51.09 23.84 38.38
N ALA P 55 -52.24 24.32 38.83
CA ALA P 55 -52.31 25.63 39.45
C ALA P 55 -51.84 25.53 40.89
N PRO P 56 -51.23 26.60 41.41
CA PRO P 56 -50.79 26.63 42.81
C PRO P 56 -52.00 26.63 43.76
N ALA P 57 -51.79 26.37 45.04
CA ALA P 57 -52.87 26.48 46.01
C ALA P 57 -53.37 27.91 46.02
N GLY P 58 -54.69 28.07 45.96
CA GLY P 58 -55.30 29.39 45.95
C GLY P 58 -55.81 29.80 44.59
N PHE P 59 -55.52 28.98 43.58
CA PHE P 59 -55.98 29.23 42.22
C PHE P 59 -56.55 27.95 41.63
N ALA P 60 -57.22 28.07 40.48
CA ALA P 60 -57.80 26.91 39.81
C ALA P 60 -58.13 27.20 38.35
N ILE P 61 -58.28 26.15 37.54
CA ILE P 61 -58.41 26.30 36.09
C ILE P 61 -59.78 25.94 35.52
N LEU P 62 -60.34 26.86 34.74
CA LEU P 62 -61.67 26.67 34.15
C LEU P 62 -61.62 26.06 32.75
N LYS P 63 -61.87 24.77 32.66
CA LYS P 63 -61.84 24.07 31.38
C LYS P 63 -63.10 24.35 30.56
N CYS P 64 -62.95 24.97 29.39
CA CYS P 64 -64.08 25.15 28.48
C CYS P 64 -64.45 23.82 27.85
N ASN P 65 -65.75 23.64 27.59
CA ASN P 65 -66.24 22.34 27.16
C ASN P 65 -66.86 22.32 25.77
N ASN P 66 -66.89 23.47 25.11
CA ASN P 66 -67.48 23.52 23.79
C ASN P 66 -66.66 22.63 22.88
N LYS P 67 -67.33 21.79 22.09
CA LYS P 67 -66.63 20.95 21.14
C LYS P 67 -65.95 21.90 20.16
N THR P 68 -66.66 22.97 19.83
CA THR P 68 -66.12 24.00 18.95
C THR P 68 -65.83 25.23 19.80
N PHE P 69 -64.55 25.49 20.06
CA PHE P 69 -64.20 26.72 20.77
C PHE P 69 -62.99 27.45 20.19
N ASN P 70 -63.25 28.62 19.61
CA ASN P 70 -62.21 29.43 18.98
C ASN P 70 -61.13 29.91 19.95
N GLY P 71 -61.51 30.19 21.20
CA GLY P 71 -60.57 30.65 22.21
C GLY P 71 -60.62 32.15 22.44
N LYS P 72 -61.61 32.82 21.85
CA LYS P 72 -61.82 34.26 22.03
C LYS P 72 -63.26 34.62 22.34
N GLY P 73 -63.50 35.04 23.58
CA GLY P 73 -64.84 35.34 24.05
C GLY P 73 -65.37 34.24 24.96
N GLN P 74 -66.40 34.56 25.73
CA GLN P 74 -66.95 33.66 26.72
C GLN P 74 -67.54 32.40 26.11
N CYS P 75 -67.34 31.28 26.78
CA CYS P 75 -67.94 30.00 26.38
C CYS P 75 -68.87 29.54 27.49
N LYS P 76 -70.08 29.13 27.11
CA LYS P 76 -71.15 28.90 28.08
C LYS P 76 -70.87 27.64 28.92
N ASN P 77 -70.69 26.50 28.25
CA ASN P 77 -70.40 25.24 28.93
C ASN P 77 -69.03 25.28 29.61
N VAL P 78 -69.00 25.21 30.93
CA VAL P 78 -67.75 25.28 31.67
C VAL P 78 -67.61 24.12 32.67
N SER P 79 -66.36 23.75 32.96
CA SER P 79 -66.04 22.87 34.09
C SER P 79 -64.83 23.51 34.77
N THR P 80 -64.40 22.95 35.89
CA THR P 80 -63.14 23.40 36.49
C THR P 80 -62.35 22.22 37.04
N VAL P 81 -61.05 22.18 36.73
CA VAL P 81 -60.20 21.07 37.17
C VAL P 81 -58.89 21.57 37.81
N GLN P 82 -58.18 20.68 38.49
CA GLN P 82 -56.93 21.02 39.16
C GLN P 82 -55.71 20.95 38.24
N CYS P 83 -55.73 20.01 37.29
CA CYS P 83 -54.64 19.84 36.33
C CYS P 83 -55.15 19.66 34.90
N THR P 84 -54.39 20.17 33.94
CA THR P 84 -54.68 20.04 32.52
C THR P 84 -54.26 18.62 32.12
N HIS P 85 -54.74 18.17 30.96
CA HIS P 85 -54.58 16.77 30.58
C HIS P 85 -53.10 16.45 30.47
N GLY P 86 -52.35 17.39 29.92
CA GLY P 86 -50.93 17.21 29.71
C GLY P 86 -50.74 16.78 28.28
N ILE P 87 -50.29 17.70 27.45
CA ILE P 87 -50.06 17.40 26.06
C ILE P 87 -48.57 17.27 25.91
N ARG P 88 -48.11 16.15 25.37
CA ARG P 88 -46.69 15.88 25.36
C ARG P 88 -46.13 17.12 24.68
N PRO P 89 -45.03 17.61 25.24
CA PRO P 89 -44.38 18.86 24.83
C PRO P 89 -43.47 18.73 23.60
N VAL P 90 -44.04 18.34 22.47
CA VAL P 90 -43.27 18.22 21.24
C VAL P 90 -42.87 19.60 20.73
N VAL P 91 -41.64 19.73 20.25
CA VAL P 91 -41.19 20.98 19.67
C VAL P 91 -41.06 20.80 18.16
N SER P 92 -41.76 21.63 17.41
CA SER P 92 -41.81 21.52 15.96
C SER P 92 -42.20 22.84 15.34
N THR P 93 -41.98 22.96 14.04
CA THR P 93 -42.41 24.14 13.30
C THR P 93 -43.19 23.68 12.08
N GLN P 94 -44.12 24.51 11.60
CA GLN P 94 -44.90 24.16 10.43
C GLN P 94 -45.94 23.09 10.75
N LEU P 95 -45.49 22.00 11.35
CA LEU P 95 -46.37 20.88 11.67
C LEU P 95 -46.40 20.60 13.16
N LEU P 96 -47.59 20.30 13.67
CA LEU P 96 -47.74 19.95 15.08
C LEU P 96 -48.01 18.46 15.20
N LEU P 97 -47.22 17.79 16.02
CA LEU P 97 -47.27 16.34 16.12
C LEU P 97 -47.67 15.84 17.49
N ASN P 98 -48.62 14.91 17.52
CA ASN P 98 -49.08 14.30 18.77
C ASN P 98 -50.04 15.20 19.55
N GLY P 99 -50.50 16.26 18.89
CA GLY P 99 -51.47 17.17 19.47
C GLY P 99 -52.87 16.57 19.56
N SER P 100 -53.68 17.09 20.48
CA SER P 100 -55.01 16.58 20.66
C SER P 100 -55.85 16.98 19.45
N LEU P 101 -56.55 15.99 18.90
CA LEU P 101 -57.37 16.21 17.73
C LEU P 101 -58.60 17.02 18.10
N ALA P 102 -59.01 17.92 17.21
CA ALA P 102 -60.20 18.72 17.46
C ALA P 102 -61.43 17.85 17.30
N GLU P 103 -62.37 17.97 18.24
CA GLU P 103 -63.63 17.25 18.14
C GLU P 103 -64.45 17.85 17.01
N GLU P 104 -65.22 17.01 16.33
CA GLU P 104 -66.08 17.52 15.28
C GLU P 104 -65.27 18.22 14.18
N LYS P 105 -65.66 19.43 13.80
CA LYS P 105 -65.06 20.17 12.70
C LYS P 105 -63.64 20.69 12.92
N VAL P 106 -62.90 20.77 11.83
CA VAL P 106 -61.60 21.43 11.75
C VAL P 106 -61.69 22.85 12.29
N VAL P 107 -60.74 23.26 13.14
CA VAL P 107 -60.78 24.61 13.72
C VAL P 107 -59.62 25.47 13.26
N ILE P 108 -59.89 26.73 12.87
CA ILE P 108 -58.79 27.62 12.51
C ILE P 108 -58.73 28.92 13.32
N ARG P 109 -57.69 29.05 14.13
CA ARG P 109 -57.64 30.08 15.17
C ARG P 109 -56.61 31.19 14.92
N SER P 110 -57.06 32.43 15.08
CA SER P 110 -56.15 33.57 15.01
C SER P 110 -56.59 34.67 15.97
N ASP P 111 -55.64 35.34 16.62
CA ASP P 111 -56.00 36.45 17.49
C ASP P 111 -56.62 37.57 16.68
N ASN P 112 -55.98 37.89 15.54
CA ASN P 112 -56.59 38.78 14.54
C ASN P 112 -56.41 38.18 13.15
N PHE P 113 -57.52 37.82 12.52
CA PHE P 113 -57.47 37.29 11.16
C PHE P 113 -57.01 38.29 10.11
N THR P 114 -57.47 39.53 10.24
CA THR P 114 -57.12 40.57 9.28
C THR P 114 -55.63 40.86 9.27
N ASP P 115 -55.02 40.89 10.45
CA ASP P 115 -53.60 41.10 10.49
C ASP P 115 -53.00 39.90 9.81
N ASN P 116 -52.15 40.16 8.84
CA ASN P 116 -51.37 39.10 8.20
C ASN P 116 -50.24 38.64 9.13
N ALA P 117 -49.67 39.61 9.85
CA ALA P 117 -48.56 39.39 10.77
C ALA P 117 -48.89 38.43 11.91
N LYS P 118 -50.14 38.00 11.96
CA LYS P 118 -50.58 37.13 13.03
C LYS P 118 -50.67 35.69 12.54
N THR P 119 -50.13 34.80 13.35
CA THR P 119 -50.05 33.37 13.05
C THR P 119 -51.40 32.69 13.16
N ILE P 120 -51.73 31.86 12.17
CA ILE P 120 -52.93 31.03 12.23
C ILE P 120 -52.63 29.64 12.79
N ILE P 121 -53.13 29.31 13.97
CA ILE P 121 -53.06 27.93 14.43
C ILE P 121 -54.17 27.13 13.72
N VAL P 122 -53.92 25.85 13.46
CA VAL P 122 -54.94 24.99 12.86
C VAL P 122 -55.07 23.66 13.60
N GLN P 123 -56.30 23.28 13.94
CA GLN P 123 -56.57 21.98 14.54
C GLN P 123 -57.38 21.06 13.63
N LEU P 124 -57.02 19.78 13.66
CA LEU P 124 -57.48 18.80 12.68
C LEU P 124 -58.64 17.92 13.13
N ASN P 125 -59.53 17.64 12.18
CA ASN P 125 -60.60 16.64 12.33
C ASN P 125 -59.99 15.28 12.63
N GLU P 126 -59.21 14.76 11.67
CA GLU P 126 -58.49 13.49 11.84
C GLU P 126 -56.97 13.56 11.66
N SER P 127 -56.24 12.69 12.36
CA SER P 127 -54.78 12.77 12.40
C SER P 127 -54.12 12.07 11.20
N VAL P 128 -53.09 12.72 10.66
CA VAL P 128 -52.34 12.16 9.54
C VAL P 128 -50.99 11.54 9.89
N LYS P 129 -50.83 10.24 9.71
CA LYS P 129 -49.57 9.62 10.13
C LYS P 129 -48.38 10.15 9.34
N ILE P 130 -47.29 10.46 10.04
CA ILE P 130 -46.04 10.84 9.40
C ILE P 130 -44.90 9.96 9.92
N ASN P 131 -44.10 9.43 9.01
CA ASN P 131 -43.02 8.53 9.40
C ASN P 131 -41.64 9.03 9.03
N CYS P 132 -40.73 9.00 10.00
CA CYS P 132 -39.40 9.54 9.82
C CYS P 132 -38.29 8.54 10.16
N THR P 133 -37.24 8.49 9.33
CA THR P 133 -36.12 7.62 9.60
C THR P 133 -34.77 8.19 9.15
N ARG P 134 -33.70 7.78 9.83
CA ARG P 134 -32.34 8.14 9.46
C ARG P 134 -31.53 6.84 9.45
N PRO P 135 -31.77 6.00 8.36
CA PRO P 135 -31.20 4.65 8.54
C PRO P 135 -29.69 4.57 8.66
N SER P 136 -28.95 5.30 7.84
CA SER P 136 -27.50 5.20 7.85
C SER P 136 -26.89 5.72 9.15
N ASN P 137 -25.93 4.97 9.69
CA ASN P 137 -25.26 5.42 10.91
C ASN P 137 -24.01 6.23 10.57
N ASN P 138 -23.84 7.38 11.21
CA ASN P 138 -22.65 8.22 10.98
C ASN P 138 -22.44 9.25 12.08
N ILE P 144 -18.75 7.33 7.45
CA ILE P 144 -19.95 7.15 6.65
C ILE P 144 -19.85 5.88 5.82
N ILE P 145 -19.91 4.73 6.48
CA ILE P 145 -19.80 3.45 5.80
C ILE P 145 -20.83 2.43 6.29
N GLY P 146 -21.20 1.47 5.43
CA GLY P 146 -20.85 1.48 4.02
C GLY P 146 -21.95 2.03 3.16
N ASP P 147 -23.20 1.73 3.53
CA ASP P 147 -24.36 2.08 2.74
C ASP P 147 -24.74 3.53 2.95
N ILE P 148 -25.04 4.24 1.88
CA ILE P 148 -25.39 5.65 2.04
C ILE P 148 -26.87 5.95 1.86
N ARG P 149 -27.54 6.22 2.97
CA ARG P 149 -28.98 6.37 3.00
C ARG P 149 -29.36 7.79 3.42
N GLN P 150 -30.28 8.42 2.71
CA GLN P 150 -30.75 9.74 3.11
C GLN P 150 -31.87 9.67 4.13
N ALA P 151 -31.82 10.54 5.14
CA ALA P 151 -32.90 10.65 6.11
C ALA P 151 -34.12 11.27 5.48
N HIS P 152 -35.29 10.71 5.75
CA HIS P 152 -36.51 11.12 5.06
C HIS P 152 -37.77 10.95 5.90
N CYS P 153 -38.85 11.61 5.48
CA CYS P 153 -40.15 11.49 6.12
C CYS P 153 -41.22 11.07 5.12
N ASN P 154 -42.09 10.15 5.53
CA ASN P 154 -43.13 9.64 4.63
C ASN P 154 -44.51 9.99 5.08
N ILE P 155 -45.25 10.55 4.14
CA ILE P 155 -46.65 10.91 4.33
C ILE P 155 -47.51 10.34 3.21
N SER P 156 -48.65 9.76 3.57
CA SER P 156 -49.62 9.34 2.58
C SER P 156 -50.15 10.59 1.89
N ARG P 157 -50.35 10.53 0.57
CA ARG P 157 -50.80 11.72 -0.15
C ARG P 157 -52.33 11.87 -0.11
N ALA P 158 -53.01 10.73 0.03
CA ALA P 158 -54.45 10.73 0.20
C ALA P 158 -54.80 11.58 1.43
N GLN P 159 -54.41 11.06 2.60
CA GLN P 159 -54.70 11.72 3.86
C GLN P 159 -54.38 13.21 3.81
N TRP P 160 -53.20 13.56 3.30
CA TRP P 160 -52.81 14.95 3.24
C TRP P 160 -53.75 15.75 2.35
N ASN P 161 -54.17 15.15 1.25
CA ASN P 161 -55.09 15.80 0.34
C ASN P 161 -56.41 16.09 1.05
N ASN P 162 -56.87 15.15 1.86
CA ASN P 162 -58.11 15.36 2.61
C ASN P 162 -57.96 16.51 3.59
N THR P 163 -56.84 16.56 4.28
CA THR P 163 -56.59 17.61 5.25
C THR P 163 -56.53 18.97 4.58
N LEU P 164 -55.83 19.04 3.45
CA LEU P 164 -55.83 20.26 2.65
C LEU P 164 -57.25 20.70 2.26
N LYS P 165 -58.06 19.75 1.78
CA LYS P 165 -59.46 20.03 1.43
C LYS P 165 -60.23 20.68 2.60
N GLN P 166 -60.23 20.03 3.76
CA GLN P 166 -60.92 20.56 4.94
C GLN P 166 -60.42 21.97 5.34
N ILE P 167 -59.10 22.11 5.43
CA ILE P 167 -58.52 23.40 5.75
C ILE P 167 -58.92 24.49 4.76
N VAL P 168 -59.09 24.12 3.49
CA VAL P 168 -59.60 25.06 2.50
C VAL P 168 -61.08 25.38 2.75
N GLU P 169 -61.84 24.43 3.28
CA GLU P 169 -63.22 24.74 3.61
C GLU P 169 -63.33 25.79 4.72
N LYS P 170 -62.54 25.61 5.78
CA LYS P 170 -62.48 26.62 6.84
C LYS P 170 -61.91 27.96 6.34
N LEU P 171 -60.91 27.91 5.48
CA LEU P 171 -60.28 29.13 4.97
C LEU P 171 -61.16 29.97 4.03
N ARG P 172 -61.79 29.32 3.04
CA ARG P 172 -62.74 30.04 2.18
C ARG P 172 -63.89 30.56 3.01
N GLU P 173 -64.23 29.82 4.06
CA GLU P 173 -65.20 30.28 5.04
C GLU P 173 -64.77 31.64 5.58
N GLN P 174 -63.57 31.70 6.17
CA GLN P 174 -63.08 32.94 6.75
C GLN P 174 -62.75 34.06 5.76
N PHE P 175 -62.34 33.72 4.53
CA PHE P 175 -61.80 34.74 3.62
C PHE P 175 -62.56 34.93 2.30
N ASN P 176 -63.85 35.27 2.39
CA ASN P 176 -64.66 35.64 1.22
C ASN P 176 -64.76 34.59 0.13
N ASN P 177 -64.67 33.31 0.52
CA ASN P 177 -64.67 32.21 -0.45
C ASN P 177 -63.57 32.33 -1.52
N LYS P 178 -62.51 33.06 -1.20
CA LYS P 178 -61.47 33.34 -2.18
C LYS P 178 -60.67 32.10 -2.53
N THR P 179 -60.10 32.08 -3.73
CA THR P 179 -59.25 30.96 -4.12
C THR P 179 -57.97 31.01 -3.31
N ILE P 180 -57.65 29.92 -2.62
CA ILE P 180 -56.49 29.93 -1.75
C ILE P 180 -55.28 29.17 -2.30
N VAL P 181 -54.10 29.79 -2.13
CA VAL P 181 -52.84 29.30 -2.66
C VAL P 181 -51.91 28.84 -1.53
N PHE P 182 -51.28 27.68 -1.71
CA PHE P 182 -50.31 27.16 -0.75
C PHE P 182 -48.87 27.26 -1.25
N THR P 183 -48.02 27.93 -0.50
CA THR P 183 -46.63 28.01 -0.86
C THR P 183 -45.74 27.53 0.28
N HIS P 184 -44.44 27.51 0.03
CA HIS P 184 -43.44 27.19 1.04
C HIS P 184 -43.16 28.45 1.85
N SER P 185 -42.37 28.34 2.91
CA SER P 185 -42.03 29.51 3.73
C SER P 185 -41.22 30.57 2.98
N SER P 186 -41.67 31.82 3.05
CA SER P 186 -41.04 32.90 2.26
C SER P 186 -39.58 33.20 2.62
N GLY P 187 -39.08 32.55 3.67
CA GLY P 187 -37.70 32.76 4.08
C GLY P 187 -37.53 32.75 5.59
N GLY P 188 -36.29 32.89 6.04
CA GLY P 188 -35.98 32.89 7.45
C GLY P 188 -35.02 31.78 7.82
N ASP P 189 -35.02 31.39 9.08
CA ASP P 189 -34.10 30.37 9.56
C ASP P 189 -34.51 28.95 9.17
N PRO P 190 -33.51 28.08 8.94
CA PRO P 190 -33.67 26.65 8.66
C PRO P 190 -34.72 25.99 9.53
N GLU P 191 -34.79 26.40 10.78
CA GLU P 191 -35.64 25.73 11.75
C GLU P 191 -37.12 26.04 11.52
N ILE P 192 -37.40 27.05 10.70
CA ILE P 192 -38.77 27.44 10.45
C ILE P 192 -39.14 27.44 8.98
N VAL P 193 -38.13 27.46 8.11
CA VAL P 193 -38.38 27.36 6.68
C VAL P 193 -38.56 25.89 6.37
N MET P 194 -38.05 25.07 7.26
CA MET P 194 -38.22 23.63 7.14
C MET P 194 -38.97 23.10 8.34
N HIS P 195 -39.60 21.94 8.15
CA HIS P 195 -40.29 21.28 9.24
C HIS P 195 -39.17 20.72 10.10
N SER P 196 -38.79 21.49 11.10
CA SER P 196 -37.75 21.05 12.02
C SER P 196 -38.42 20.35 13.17
N PHE P 197 -37.77 19.33 13.71
CA PHE P 197 -38.29 18.66 14.90
C PHE P 197 -37.30 17.68 15.44
N ASN P 198 -37.70 16.97 16.47
CA ASN P 198 -36.77 16.09 17.12
C ASN P 198 -37.20 14.63 17.18
N CYS P 199 -36.26 13.72 16.92
CA CYS P 199 -36.54 12.29 16.94
C CYS P 199 -35.35 11.46 17.39
N GLY P 200 -35.48 10.86 18.57
CA GLY P 200 -34.44 9.99 19.06
C GLY P 200 -33.28 10.78 19.63
N GLY P 201 -33.34 12.10 19.45
CA GLY P 201 -32.28 12.99 19.87
C GLY P 201 -31.65 13.72 18.69
N GLU P 202 -31.86 13.18 17.50
CA GLU P 202 -31.37 13.79 16.27
C GLU P 202 -32.25 14.96 15.93
N PHE P 203 -31.67 15.99 15.31
CA PHE P 203 -32.41 17.20 14.98
C PHE P 203 -32.73 17.28 13.49
N PHE P 204 -33.92 16.80 13.14
CA PHE P 204 -34.32 16.73 11.74
C PHE P 204 -34.71 18.08 11.20
N TYR P 205 -34.17 18.40 10.04
CA TYR P 205 -34.65 19.50 9.21
C TYR P 205 -35.28 18.94 7.94
N CYS P 206 -36.55 18.58 8.01
CA CYS P 206 -37.26 18.05 6.83
C CYS P 206 -37.75 19.13 5.86
N ASN P 207 -37.97 18.76 4.60
CA ASN P 207 -38.42 19.71 3.60
C ASN P 207 -39.90 19.55 3.28
N SER P 208 -40.65 20.64 3.43
CA SER P 208 -42.10 20.61 3.40
C SER P 208 -42.78 21.12 2.12
N THR P 209 -42.01 21.39 1.08
CA THR P 209 -42.59 22.02 -0.11
C THR P 209 -43.69 21.18 -0.77
N GLN P 210 -43.47 19.88 -0.83
CA GLN P 210 -44.44 18.96 -1.39
C GLN P 210 -45.79 18.95 -0.66
N LEU P 211 -45.78 19.23 0.64
CA LEU P 211 -47.05 19.37 1.38
C LEU P 211 -47.75 20.70 1.06
N PHE P 212 -46.96 21.75 0.82
CA PHE P 212 -47.52 23.09 0.65
C PHE P 212 -47.25 23.68 -0.72
N ASN P 213 -47.80 23.03 -1.74
CA ASN P 213 -47.60 23.39 -3.15
C ASN P 213 -48.93 23.13 -3.85
N SER P 214 -49.95 23.94 -3.54
CA SER P 214 -51.28 23.79 -4.07
C SER P 214 -52.10 25.04 -4.33
N THR P 215 -52.98 24.99 -5.32
CA THR P 215 -53.88 26.11 -5.61
C THR P 215 -55.30 25.57 -5.68
N TRP P 216 -56.20 26.15 -4.89
CA TRP P 216 -57.58 25.68 -4.82
C TRP P 216 -58.55 26.81 -5.14
N ASN P 217 -59.50 26.54 -6.02
CA ASN P 217 -60.59 27.47 -6.30
C ASN P 217 -61.85 27.10 -5.51
N ASP P 218 -62.22 25.83 -5.57
CA ASP P 218 -63.34 25.32 -4.79
C ASP P 218 -62.82 24.33 -3.76
N THR P 219 -63.74 23.67 -3.06
CA THR P 219 -63.41 22.58 -2.16
C THR P 219 -63.01 21.38 -3.00
N GLU P 220 -63.48 21.37 -4.24
CA GLU P 220 -62.99 20.43 -5.25
C GLU P 220 -62.27 21.26 -6.31
N LYS P 221 -61.80 20.60 -7.37
CA LYS P 221 -61.19 21.27 -8.51
C LYS P 221 -59.98 22.16 -8.11
N SER P 222 -58.90 21.48 -7.75
CA SER P 222 -57.69 22.15 -7.28
C SER P 222 -56.55 21.92 -8.25
N SER P 223 -55.69 22.91 -8.41
CA SER P 223 -54.57 22.78 -9.33
C SER P 223 -53.27 22.41 -8.62
N GLY P 224 -52.59 21.40 -9.13
CA GLY P 224 -51.31 20.98 -8.59
C GLY P 224 -51.38 20.24 -7.27
N THR P 225 -52.39 19.38 -7.12
CA THR P 225 -52.56 18.62 -5.90
C THR P 225 -52.47 17.12 -6.15
N GLU P 226 -51.97 16.76 -7.34
CA GLU P 226 -51.81 15.36 -7.73
C GLU P 226 -50.42 14.87 -7.40
N GLY P 227 -50.33 13.77 -6.66
CA GLY P 227 -49.06 13.25 -6.17
C GLY P 227 -48.89 11.75 -6.26
N ASN P 228 -47.63 11.32 -6.23
CA ASN P 228 -47.30 9.90 -6.18
C ASN P 228 -47.79 9.31 -4.87
N ASP P 229 -48.20 8.04 -4.90
CA ASP P 229 -48.92 7.44 -3.77
C ASP P 229 -48.41 7.90 -2.41
N THR P 230 -47.23 7.43 -2.03
CA THR P 230 -46.57 7.93 -0.82
C THR P 230 -45.74 9.19 -1.13
N ILE P 231 -45.84 10.18 -0.26
CA ILE P 231 -45.06 11.39 -0.42
C ILE P 231 -43.87 11.37 0.55
N ILE P 232 -42.69 11.62 0.00
CA ILE P 232 -41.43 11.49 0.73
C ILE P 232 -40.68 12.81 0.75
N LEU P 233 -40.26 13.20 1.95
CA LEU P 233 -39.62 14.47 2.21
C LEU P 233 -38.16 14.26 2.59
N PRO P 234 -37.26 14.89 1.84
CA PRO P 234 -35.83 14.94 2.19
C PRO P 234 -35.62 15.55 3.56
N CYS P 235 -34.66 15.03 4.32
CA CYS P 235 -34.32 15.60 5.62
C CYS P 235 -32.83 15.74 5.81
N ARG P 236 -32.41 16.91 6.27
CA ARG P 236 -31.06 17.07 6.78
C ARG P 236 -31.13 16.75 8.27
N ILE P 237 -29.98 16.60 8.91
CA ILE P 237 -29.92 16.44 10.35
C ILE P 237 -28.76 17.27 10.88
N LYS P 238 -29.00 18.14 11.85
CA LYS P 238 -27.91 19.00 12.28
C LYS P 238 -27.45 18.64 13.67
N GLN P 239 -26.41 19.33 14.14
CA GLN P 239 -26.02 19.23 15.54
C GLN P 239 -25.65 20.62 16.10
N ILE P 240 -25.33 21.54 15.20
CA ILE P 240 -25.17 22.95 15.52
C ILE P 240 -26.42 23.62 15.00
N ILE P 241 -27.31 24.02 15.89
CA ILE P 241 -28.60 24.53 15.47
C ILE P 241 -28.94 25.89 16.05
N ASN P 242 -30.08 26.43 15.63
CA ASN P 242 -30.60 27.63 16.26
C ASN P 242 -31.49 27.28 17.44
N MET P 243 -31.13 27.78 18.63
CA MET P 243 -31.93 27.55 19.82
C MET P 243 -33.28 28.22 19.66
N TRP P 244 -34.33 27.49 20.02
CA TRP P 244 -35.68 28.05 20.09
C TRP P 244 -35.90 28.70 21.45
N GLN P 245 -35.13 28.24 22.43
CA GLN P 245 -35.28 28.68 23.81
C GLN P 245 -34.84 30.12 24.01
N GLU P 246 -33.75 30.51 23.36
CA GLU P 246 -33.21 31.87 23.43
C GLU P 246 -32.40 32.20 22.18
N VAL P 247 -32.27 33.47 21.87
CA VAL P 247 -31.58 33.90 20.65
C VAL P 247 -30.12 33.48 20.60
N GLY P 248 -29.82 32.53 19.72
CA GLY P 248 -28.46 32.07 19.54
C GLY P 248 -28.31 30.66 18.97
N LYS P 249 -27.05 30.24 18.84
CA LYS P 249 -26.72 28.92 18.33
C LYS P 249 -26.34 27.99 19.47
N ALA P 250 -26.65 26.71 19.32
CA ALA P 250 -26.19 25.72 20.29
C ALA P 250 -25.64 24.48 19.60
N MET P 251 -24.97 23.63 20.36
CA MET P 251 -24.46 22.40 19.77
C MET P 251 -24.73 21.18 20.62
N TYR P 252 -25.61 20.31 20.14
CA TYR P 252 -25.94 19.11 20.89
C TYR P 252 -25.08 17.94 20.41
N ALA P 253 -24.84 17.00 21.32
CA ALA P 253 -24.15 15.76 20.99
C ALA P 253 -25.00 14.84 20.09
N PRO P 254 -24.32 13.99 19.28
CA PRO P 254 -25.04 12.96 18.53
C PRO P 254 -25.68 11.98 19.51
N PRO P 255 -26.66 11.18 19.06
CA PRO P 255 -27.42 10.31 19.97
C PRO P 255 -26.77 8.94 20.23
N ILE P 256 -27.46 8.10 20.98
CA ILE P 256 -27.06 6.70 21.14
C ILE P 256 -27.10 6.05 19.76
N LYS P 257 -26.17 5.13 19.51
CA LYS P 257 -25.98 4.57 18.17
C LYS P 257 -27.20 3.89 17.53
N GLY P 258 -27.10 3.64 16.24
CA GLY P 258 -28.08 2.85 15.51
C GLY P 258 -28.99 3.62 14.57
N GLN P 259 -30.03 2.92 14.13
CA GLN P 259 -31.09 3.52 13.36
C GLN P 259 -32.07 4.19 14.32
N ILE P 260 -32.65 5.30 13.88
CA ILE P 260 -33.69 5.97 14.64
C ILE P 260 -34.93 6.14 13.77
N ARG P 261 -36.00 5.44 14.13
CA ARG P 261 -37.27 5.55 13.43
C ARG P 261 -38.28 6.13 14.39
N CYS P 262 -39.19 6.98 13.89
CA CYS P 262 -40.33 7.42 14.71
C CYS P 262 -41.54 7.86 13.89
N SER P 263 -42.71 7.45 14.34
CA SER P 263 -43.97 7.77 13.70
C SER P 263 -44.79 8.73 14.57
N SER P 264 -45.39 9.74 13.93
CA SER P 264 -46.02 10.81 14.70
C SER P 264 -47.37 11.20 14.11
N ASN P 265 -48.33 11.54 14.96
CA ASN P 265 -49.60 12.01 14.46
C ASN P 265 -49.56 13.50 14.14
N ILE P 266 -49.71 13.86 12.86
CA ILE P 266 -49.91 15.26 12.52
C ILE P 266 -51.34 15.60 12.88
N THR P 267 -51.50 16.52 13.84
CA THR P 267 -52.80 16.82 14.38
C THR P 267 -53.10 18.30 14.27
N GLY P 268 -52.18 19.04 13.67
CA GLY P 268 -52.31 20.48 13.61
C GLY P 268 -51.34 21.14 12.68
N LEU P 269 -51.62 22.39 12.32
CA LEU P 269 -50.73 23.15 11.45
C LEU P 269 -50.49 24.52 12.04
N LEU P 270 -49.50 25.20 11.49
CA LEU P 270 -49.27 26.60 11.81
C LEU P 270 -49.12 27.26 10.46
N LEU P 271 -49.84 28.35 10.24
CA LEU P 271 -49.80 28.97 8.93
C LEU P 271 -49.65 30.46 9.05
N THR P 272 -49.43 31.09 7.92
CA THR P 272 -49.49 32.55 7.79
C THR P 272 -50.03 32.92 6.42
N ARG P 273 -50.72 34.05 6.35
CA ARG P 273 -51.16 34.59 5.07
C ARG P 273 -50.29 35.80 4.71
N ASP P 274 -49.90 35.90 3.45
CA ASP P 274 -49.15 37.06 2.96
C ASP P 274 -50.00 38.30 3.12
N GLY P 275 -51.23 38.23 2.63
CA GLY P 275 -52.19 39.30 2.88
C GLY P 275 -51.67 40.64 2.44
N GLY P 276 -50.97 40.68 1.32
CA GLY P 276 -50.49 41.95 0.78
C GLY P 276 -51.21 42.26 -0.51
N LYS P 277 -51.74 43.47 -0.62
CA LYS P 277 -52.53 43.80 -1.80
C LYS P 277 -52.13 44.93 -2.75
N ASN P 278 -51.90 44.62 -4.03
CA ASN P 278 -52.02 43.27 -4.51
C ASN P 278 -53.49 42.90 -4.46
N GLU P 279 -54.35 43.81 -4.90
CA GLU P 279 -55.77 43.48 -4.86
C GLU P 279 -56.13 42.19 -5.54
N SER P 280 -56.53 41.19 -4.79
CA SER P 280 -56.81 39.88 -5.28
C SER P 280 -57.88 38.96 -4.80
N GLU P 281 -58.43 38.15 -5.69
CA GLU P 281 -59.40 37.14 -5.29
C GLU P 281 -58.49 36.26 -4.45
N ILE P 282 -57.26 36.08 -4.94
CA ILE P 282 -56.30 35.20 -4.31
C ILE P 282 -55.83 35.63 -2.91
N GLU P 283 -55.78 34.62 -2.05
CA GLU P 283 -55.07 34.61 -0.78
C GLU P 283 -54.05 33.48 -0.73
N ILE P 284 -52.87 33.77 -0.19
CA ILE P 284 -51.72 32.87 -0.21
C ILE P 284 -51.30 32.46 1.20
N PHE P 285 -51.11 31.17 1.42
CA PHE P 285 -50.78 30.69 2.75
C PHE P 285 -49.51 29.85 2.79
N ARG P 286 -48.58 30.23 3.66
CA ARG P 286 -47.31 29.53 3.78
C ARG P 286 -47.20 28.94 5.18
N PRO P 287 -46.34 27.92 5.37
CA PRO P 287 -46.24 27.44 6.75
C PRO P 287 -45.50 28.46 7.60
N GLY P 288 -45.52 28.26 8.90
CA GLY P 288 -44.88 29.19 9.81
C GLY P 288 -44.59 28.47 11.09
N GLY P 289 -44.59 29.22 12.19
CA GLY P 289 -44.29 28.65 13.48
C GLY P 289 -42.92 29.12 13.89
N GLY P 290 -42.45 28.63 15.03
CA GLY P 290 -41.18 29.08 15.58
C GLY P 290 -41.28 29.45 17.05
N ASP P 291 -42.30 30.22 17.39
CA ASP P 291 -42.59 30.57 18.78
C ASP P 291 -43.33 29.37 19.40
N MET P 292 -42.63 28.57 20.18
CA MET P 292 -43.24 27.37 20.76
C MET P 292 -44.40 27.69 21.71
N ARG P 293 -44.55 28.98 22.02
CA ARG P 293 -45.71 29.41 22.76
C ARG P 293 -46.97 29.00 22.01
N ASP P 294 -47.06 29.31 20.71
CA ASP P 294 -48.18 28.86 19.87
C ASP P 294 -48.38 27.34 19.96
N ASN P 295 -47.27 26.62 19.97
CA ASN P 295 -47.29 25.18 20.18
C ASN P 295 -48.05 24.83 21.47
N TRP P 296 -47.89 25.64 22.51
CA TRP P 296 -48.65 25.39 23.72
C TRP P 296 -50.10 25.92 23.67
N ARG P 297 -50.30 27.05 22.99
CA ARG P 297 -51.62 27.66 22.83
C ARG P 297 -52.59 26.72 22.14
N SER P 298 -52.08 25.92 21.21
CA SER P 298 -52.91 24.93 20.54
C SER P 298 -53.37 23.82 21.49
N GLU P 299 -52.91 23.87 22.73
CA GLU P 299 -53.38 22.95 23.77
C GLU P 299 -54.18 23.70 24.82
N LEU P 300 -53.55 24.72 25.40
CA LEU P 300 -54.16 25.47 26.49
C LEU P 300 -55.04 26.61 26.00
N TYR P 301 -55.55 26.50 24.77
CA TYR P 301 -56.51 27.46 24.25
C TYR P 301 -57.78 27.40 25.08
N LYS P 302 -58.12 26.19 25.52
CA LYS P 302 -59.32 25.93 26.31
C LYS P 302 -58.99 25.85 27.80
N TYR P 303 -58.21 26.80 28.28
CA TYR P 303 -57.91 26.85 29.71
C TYR P 303 -57.84 28.28 30.22
N LYS P 304 -58.27 28.47 31.46
CA LYS P 304 -58.17 29.76 32.13
C LYS P 304 -57.75 29.52 33.56
N VAL P 305 -57.02 30.46 34.13
CA VAL P 305 -56.62 30.35 35.53
C VAL P 305 -57.21 31.51 36.32
N VAL P 306 -57.90 31.19 37.41
CA VAL P 306 -58.51 32.21 38.25
C VAL P 306 -58.17 31.95 39.71
N LYS P 307 -58.31 32.98 40.55
CA LYS P 307 -58.02 32.87 41.97
C LYS P 307 -59.28 32.53 42.77
N ILE P 308 -59.11 31.76 43.85
CA ILE P 308 -60.24 31.39 44.70
C ILE P 308 -60.27 32.16 46.01
C1 NAG Q . -9.78 30.48 -25.46
C2 NAG Q . -8.33 30.24 -25.04
C3 NAG Q . -8.27 30.01 -23.55
C4 NAG Q . -8.86 31.20 -22.82
C5 NAG Q . -10.25 31.52 -23.36
C6 NAG Q . -10.76 32.82 -22.76
C7 NAG Q . -7.67 29.15 -27.10
C8 NAG Q . -8.91 28.77 -27.85
N2 NAG Q . -7.78 29.12 -25.78
O3 NAG Q . -6.91 29.84 -23.14
O4 NAG Q . -8.92 30.91 -21.42
O5 NAG Q . -10.25 31.64 -24.78
O6 NAG Q . -9.79 33.84 -23.00
O7 NAG Q . -6.65 29.46 -27.67
C1 NAG Q . -7.63 31.02 -20.80
C2 NAG Q . -7.81 31.32 -19.32
C3 NAG Q . -6.47 31.37 -18.60
C4 NAG Q . -5.56 30.20 -18.94
C5 NAG Q . -5.55 29.93 -20.43
C6 NAG Q . -4.78 28.64 -20.69
C7 NAG Q . -9.74 32.76 -18.92
C8 NAG Q . -10.14 34.12 -18.41
N2 NAG Q . -8.45 32.61 -19.14
O3 NAG Q . -6.71 31.36 -17.18
O4 NAG Q . -4.23 30.56 -18.57
O5 NAG Q . -6.86 29.83 -20.97
O6 NAG Q . -5.14 28.13 -21.97
O7 NAG Q . -10.56 31.89 -19.12
C1 BMA Q . -3.53 30.32 -17.44
C2 BMA Q . -2.06 30.15 -17.03
C3 BMA Q . -1.92 30.21 -15.50
C4 BMA Q . -2.54 31.49 -14.91
C5 BMA Q . -4.02 31.61 -15.35
C6 BMA Q . -4.76 32.88 -14.94
O2 BMA Q . -1.35 31.24 -17.50
O3 BMA Q . -0.54 29.81 -15.72
O4 BMA Q . -2.48 31.55 -13.52
O5 BMA Q . -4.05 31.56 -16.82
O6 BMA Q . -4.05 34.05 -15.48
C1 MAN Q . -0.02 29.12 -14.73
C2 MAN Q . 1.46 29.46 -14.69
C3 MAN Q . 2.15 28.83 -15.88
C4 MAN Q . 1.86 27.34 -15.95
C5 MAN Q . 0.37 27.06 -15.81
C6 MAN Q . 0.13 25.56 -15.68
O2 MAN Q . 2.04 28.92 -13.49
O3 MAN Q . 3.56 29.01 -15.77
O4 MAN Q . 2.32 26.84 -17.21
O5 MAN Q . -0.15 27.70 -14.66
O6 MAN Q . -0.52 25.32 -14.43
C1 MAN Q . 2.82 29.95 -12.87
C2 MAN Q . 3.82 29.34 -11.91
C3 MAN Q . 3.08 28.65 -10.77
C4 MAN Q . 2.16 29.67 -10.10
C5 MAN Q . 1.25 30.30 -11.14
C6 MAN Q . 0.40 31.40 -10.48
O2 MAN Q . 4.63 30.36 -11.34
O3 MAN Q . 4.03 28.18 -9.82
O4 MAN Q . 1.36 29.01 -9.11
O5 MAN Q . 2.02 30.90 -12.16
O6 MAN Q . 1.21 32.56 -10.31
C1 MAN Q . 5.71 30.70 -12.23
C2 MAN Q . 6.76 31.44 -11.44
C3 MAN Q . 6.21 32.74 -10.89
C4 MAN Q . 5.56 33.55 -11.99
C5 MAN Q . 4.60 32.69 -12.81
C6 MAN Q . 4.05 33.47 -13.99
O2 MAN Q . 7.90 31.73 -12.27
O3 MAN Q . 7.27 33.51 -10.33
O4 MAN Q . 4.83 34.63 -11.41
O5 MAN Q . 5.28 31.54 -13.29
O6 MAN Q . 4.04 32.63 -15.15
C1 MAN Q . -4.53 35.29 -14.95
C2 MAN Q . -3.70 36.40 -15.57
C3 MAN Q . -2.27 36.34 -15.08
C4 MAN Q . -2.21 36.30 -13.58
C5 MAN Q . -3.14 35.24 -13.00
C6 MAN Q . -3.21 35.40 -11.48
O2 MAN Q . -4.26 37.68 -15.23
O3 MAN Q . -1.57 37.51 -15.54
O4 MAN Q . -0.87 36.01 -13.15
O5 MAN Q . -4.46 35.39 -13.53
O6 MAN Q . -3.87 36.64 -11.18
C1 MAN Q . -3.89 36.83 -9.75
C2 MAN Q . -4.40 38.23 -9.43
C3 MAN Q . -3.38 39.30 -9.79
C4 MAN Q . -1.99 38.93 -9.27
C5 MAN Q . -1.64 37.51 -9.71
C6 MAN Q . -0.25 37.10 -9.26
O2 MAN Q . -4.71 38.32 -8.04
O3 MAN Q . -3.77 40.55 -9.21
O4 MAN Q . -1.03 39.84 -9.80
O5 MAN Q . -2.61 36.63 -9.16
O6 MAN Q . 0.08 37.73 -8.01
C1 MAN Q . -6.05 38.82 -7.89
C2 MAN Q . -6.36 39.03 -6.43
C3 MAN Q . -6.32 37.71 -5.67
C4 MAN Q . -7.22 36.70 -6.36
C5 MAN Q . -6.87 36.61 -7.84
C6 MAN Q . -7.78 35.62 -8.57
O2 MAN Q . -7.67 39.59 -6.31
O3 MAN Q . -6.76 37.92 -4.32
O4 MAN Q . -7.05 35.42 -5.75
O5 MAN Q . -7.01 37.90 -8.43
O6 MAN Q . -7.00 34.89 -9.52
C1 MAN Q . -0.13 37.01 -15.87
C2 MAN Q . 0.60 38.28 -16.31
C3 MAN Q . -0.27 39.10 -17.26
C4 MAN Q . -0.77 38.22 -18.40
C5 MAN Q . -1.47 37.01 -17.82
C6 MAN Q . -2.00 36.10 -18.92
O2 MAN Q . 1.81 37.93 -16.98
O3 MAN Q . 0.51 40.18 -17.80
O4 MAN Q . -1.66 38.96 -19.23
O5 MAN Q . -0.56 36.28 -17.02
O6 MAN Q . -2.43 34.86 -18.34
C1 NAG R . 12.76 -38.88 7.22
C2 NAG R . 11.27 -38.62 6.98
C3 NAG R . 10.84 -37.40 7.77
C4 NAG R . 11.13 -37.61 9.24
C5 NAG R . 12.58 -38.02 9.45
C6 NAG R . 12.83 -38.41 10.89
C7 NAG R . 11.26 -39.43 4.71
C8 NAG R . 12.67 -39.53 4.24
N2 NAG R . 11.01 -38.46 5.57
O3 NAG R . 9.44 -37.17 7.60
O4 NAG R . 10.85 -36.41 9.95
O5 NAG R . 12.94 -39.12 8.61
O6 NAG R . 11.87 -39.41 11.26
O7 NAG R . 10.40 -40.20 4.32
C1 NAG R . 9.43 -36.22 10.14
C2 NAG R . 9.20 -35.33 11.36
C3 NAG R . 7.72 -35.03 11.55
C4 NAG R . 7.02 -34.61 10.28
C5 NAG R . 7.41 -35.49 9.10
C6 NAG R . 6.84 -34.90 7.82
C7 NAG R . 10.84 -35.77 13.11
C8 NAG R . 10.99 -36.27 14.51
N2 NAG R . 9.67 -35.99 12.55
O3 NAG R . 7.58 -33.99 12.51
O4 NAG R . 5.61 -34.77 10.45
O5 NAG R . 8.83 -35.63 8.99
O6 NAG R . 7.55 -35.42 6.70
O7 NAG R . 11.75 -35.20 12.54
C1 BMA R . 4.66 -33.91 10.86
C2 BMA R . 3.16 -33.70 10.65
C3 BMA R . 2.62 -32.66 11.66
C4 BMA R . 2.97 -33.03 13.12
C5 BMA R . 4.49 -33.21 13.26
C6 BMA R . 5.01 -33.69 14.61
O2 BMA R . 2.51 -34.88 10.98
O3 BMA R . 1.37 -32.73 10.91
O4 BMA R . 2.54 -32.09 14.05
O5 BMA R . 4.91 -34.23 12.28
O6 BMA R . 4.38 -34.97 14.94
C1 MAN R . 0.80 -31.57 10.62
C2 MAN R . -0.57 -32.07 11.08
C3 MAN R . -1.44 -32.40 9.87
C4 MAN R . -1.48 -31.22 8.91
C5 MAN R . -0.06 -30.75 8.59
C6 MAN R . -0.09 -29.52 7.69
O2 MAN R . -1.20 -31.06 11.87
O3 MAN R . -2.77 -32.70 10.31
O4 MAN R . -2.14 -31.60 7.70
O5 MAN R . 0.62 -30.44 9.79
O6 MAN R . 1.25 -29.13 7.38
C1 MAN R . -2.75 -31.05 12.24
C2 MAN R . -3.98 -30.16 12.16
C3 MAN R . -3.61 -28.73 12.47
C4 MAN R . -2.82 -28.63 13.76
C5 MAN R . -1.67 -29.63 13.77
C6 MAN R . -0.98 -29.63 15.14
O2 MAN R . -4.94 -30.60 13.11
O3 MAN R . -4.81 -27.97 12.62
O4 MAN R . -2.28 -27.31 13.90
O5 MAN R . -2.19 -30.95 13.53
O6 MAN R . -1.42 -30.75 15.90
C1 MAN R . -5.72 -31.67 12.55
C2 MAN R . -7.09 -31.69 13.20
C3 MAN R . -6.98 -31.98 14.69
C4 MAN R . -6.12 -33.21 14.94
C5 MAN R . -4.81 -33.13 14.16
C6 MAN R . -4.00 -34.40 14.30
O2 MAN R . -7.90 -32.70 12.60
O3 MAN R . -8.29 -32.21 15.21
O4 MAN R . -5.82 -33.29 16.33
O5 MAN R . -5.11 -32.94 12.78
O6 MAN R . -3.40 -34.71 13.05
C1 MAN R . 4.60 -35.38 16.30
C2 MAN R . 3.88 -36.70 16.51
C3 MAN R . 2.38 -36.51 16.45
C4 MAN R . 1.93 -35.41 17.39
C5 MAN R . 2.75 -34.14 17.21
C6 MAN R . 2.43 -33.16 18.32
O2 MAN R . 4.22 -37.26 17.79
O3 MAN R . 1.73 -37.73 16.84
O4 MAN R . 0.56 -35.09 17.14
O5 MAN R . 4.15 -34.44 17.28
O6 MAN R . 2.88 -33.70 19.57
C1 MAN R . 2.52 -32.81 20.64
C2 MAN R . 2.82 -33.47 21.98
C3 MAN R . 1.84 -34.59 22.29
C4 MAN R . 0.41 -34.16 22.03
C5 MAN R . 0.29 -33.55 20.64
C6 MAN R . -1.14 -33.14 20.30
O2 MAN R . 2.74 -32.48 23.02
O3 MAN R . 1.97 -34.98 23.66
O4 MAN R . -0.46 -35.29 22.13
O5 MAN R . 1.14 -32.42 20.59
O6 MAN R . -1.82 -32.73 21.50
C1 MAN R . 3.95 -32.53 23.78
C2 MAN R . 3.86 -31.59 24.97
C3 MAN R . 3.72 -30.15 24.49
C4 MAN R . 4.85 -29.83 23.52
C5 MAN R . 4.91 -30.88 22.41
C6 MAN R . 6.04 -30.60 21.43
O2 MAN R . 5.04 -31.71 25.76
O3 MAN R . 3.78 -29.26 25.62
O4 MAN R . 4.61 -28.54 22.94
O5 MAN R . 5.09 -32.17 23.01
O6 MAN R . 5.60 -30.88 20.11
C1 MAN R . 0.46 -37.84 15.92
C2 MAN R . -0.21 -39.12 16.39
C3 MAN R . 0.81 -40.23 16.57
C4 MAN R . 1.64 -40.37 15.32
C5 MAN R . 2.27 -39.03 14.97
C6 MAN R . 3.15 -39.12 13.73
O2 MAN R . -1.17 -39.53 15.42
O3 MAN R . 0.11 -41.46 16.83
O4 MAN R . 2.68 -41.35 15.52
O5 MAN R . 1.23 -38.08 14.75
O6 MAN R . 3.49 -37.81 13.31
C1 NAG S . 38.22 1.48 15.74
C2 NAG S . 37.58 2.69 15.08
C3 NAG S . 36.91 2.27 13.79
C4 NAG S . 37.92 1.62 12.86
C5 NAG S . 38.64 0.50 13.59
C6 NAG S . 39.79 -0.02 12.74
C7 NAG S . 37.05 3.82 17.15
C8 NAG S . 37.16 2.83 18.26
N2 NAG S . 36.64 3.32 15.99
O3 NAG S . 36.36 3.42 13.13
O4 NAG S . 37.23 1.11 11.71
O5 NAG S . 39.18 0.95 14.83
O6 NAG S . 40.61 1.07 12.36
O7 NAG S . 37.31 5.00 17.31
C1 NAG S . 36.90 2.17 10.79
C2 NAG S . 36.77 1.58 9.40
C3 NAG S . 36.33 2.63 8.39
C4 NAG S . 35.17 3.48 8.87
C5 NAG S . 35.36 3.92 10.31
C6 NAG S . 34.07 4.57 10.80
C7 NAG S . 38.38 -0.23 9.02
C8 NAG S . 39.56 -0.62 8.19
N2 NAG S . 38.04 1.05 8.95
O3 NAG S . 35.95 1.98 7.18
O4 NAG S . 35.12 4.67 8.08
O5 NAG S . 35.69 2.82 11.15
O6 NAG S . 34.04 4.57 12.23
O7 NAG S . 37.79 -1.04 9.71
C1 BMA S . 34.42 4.96 6.97
C2 BMA S . 33.85 6.22 6.29
C3 BMA S . 33.42 5.90 4.85
C4 BMA S . 34.55 5.25 4.03
C5 BMA S . 35.09 4.00 4.75
C6 BMA S . 36.30 3.31 4.13
O2 BMA S . 34.86 7.15 6.16
O3 BMA S . 32.83 7.23 4.84
O4 BMA S . 34.19 4.91 2.74
O5 BMA S . 35.50 4.41 6.11
O6 BMA S . 37.41 4.27 4.05
C1 MAN S . 31.72 7.45 3.87
C2 MAN S . 31.65 8.87 3.30
C3 MAN S . 31.25 9.85 4.38
C4 MAN S . 29.93 9.39 4.98
C5 MAN S . 30.12 7.99 5.53
C6 MAN S . 28.83 7.50 6.19
O2 MAN S . 30.71 8.94 2.23
O3 MAN S . 31.08 11.15 3.82
O4 MAN S . 29.56 10.28 6.04
O5 MAN S . 30.48 7.11 4.46
O6 MAN S . 28.30 6.40 5.43
C1 MAN S . 31.34 9.55 1.10
C2 MAN S . 30.32 10.23 0.21
C3 MAN S . 29.37 9.22 -0.39
C4 MAN S . 30.13 8.07 -1.03
C5 MAN S . 31.20 7.53 -0.10
C6 MAN S . 32.04 6.48 -0.82
O2 MAN S . 31.00 10.91 -0.86
O3 MAN S . 28.58 9.86 -1.40
O4 MAN S . 29.22 7.03 -1.37
O5 MAN S . 32.05 8.59 0.32
O6 MAN S . 33.28 7.06 -1.20
C1 MAN S . 31.44 12.20 -0.41
C2 MAN S . 31.52 13.14 -1.59
C3 MAN S . 32.56 12.66 -2.58
C4 MAN S . 33.88 12.36 -1.89
C5 MAN S . 33.66 11.50 -0.66
C6 MAN S . 34.95 11.30 0.13
O2 MAN S . 31.88 14.44 -1.14
O3 MAN S . 32.77 13.68 -3.57
O4 MAN S . 34.75 11.68 -2.79
O5 MAN S . 32.72 12.13 0.20
O6 MAN S . 34.66 11.35 1.53
C1 MAN S . 38.51 3.79 3.25
C2 MAN S . 39.57 4.87 3.24
C3 MAN S . 39.08 6.08 2.45
C4 MAN S . 38.58 5.67 1.08
C5 MAN S . 37.60 4.51 1.16
C6 MAN S . 37.31 4.00 -0.24
O2 MAN S . 40.78 4.38 2.62
O3 MAN S . 40.18 7.00 2.29
O4 MAN S . 37.92 6.78 0.47
O5 MAN S . 38.16 3.44 1.92
O6 MAN S . 38.51 3.42 -0.78
C1 MAN S . 38.27 2.98 -2.13
C2 MAN S . 39.57 2.55 -2.79
C3 MAN S . 40.48 3.74 -3.08
C4 MAN S . 39.70 4.86 -3.77
C5 MAN S . 38.44 5.17 -2.98
C6 MAN S . 37.64 6.32 -3.59
O2 MAN S . 39.29 1.85 -4.00
O3 MAN S . 41.54 3.33 -3.94
O4 MAN S . 40.52 6.02 -3.85
O5 MAN S . 37.64 3.99 -2.93
O6 MAN S . 37.79 6.32 -5.01
C1 MAN S . 39.98 0.59 -3.96
C2 MAN S . 39.81 -0.12 -5.29
C3 MAN S . 38.35 -0.45 -5.53
C4 MAN S . 37.79 -1.20 -4.34
C5 MAN S . 38.09 -0.44 -3.05
C6 MAN S . 37.56 -1.18 -1.82
O2 MAN S . 40.57 -1.34 -5.27
O3 MAN S . 38.22 -1.25 -6.71
O4 MAN S . 36.38 -1.35 -4.49
O5 MAN S . 39.49 -0.25 -2.93
O6 MAN S . 37.00 -0.24 -0.90
C1 MAN S . 39.53 8.42 2.40
C2 MAN S . 40.69 9.37 2.18
C3 MAN S . 41.92 8.93 2.98
C4 MAN S . 41.53 8.69 4.43
C5 MAN S . 40.37 7.73 4.50
C6 MAN S . 39.96 7.46 5.94
O2 MAN S . 40.33 10.69 2.61
O3 MAN S . 42.93 9.93 2.89
O4 MAN S . 42.65 8.17 5.15
O5 MAN S . 39.26 8.28 3.80
O6 MAN S . 38.71 6.75 5.94
C1 NAG T . 42.50 5.90 20.79
C2 NAG T . 43.45 5.80 19.59
C3 NAG T . 44.56 6.82 19.69
C4 NAG T . 44.00 8.21 19.93
C5 NAG T . 43.00 8.19 21.09
C6 NAG T . 42.37 9.56 21.30
C7 NAG T . 43.51 3.55 18.72
C8 NAG T . 43.17 2.24 19.36
N2 NAG T . 44.02 4.47 19.52
O3 NAG T . 45.32 6.82 18.47
O4 NAG T . 45.07 9.10 20.25
O5 NAG T . 41.98 7.23 20.86
O6 NAG T . 42.17 10.20 20.03
O7 NAG T . 43.32 3.76 17.54
C1 NAG T . 45.76 9.54 19.02
C2 NAG T . 46.53 10.82 19.30
C3 NAG T . 47.13 11.36 17.99
C4 NAG T . 47.91 10.28 17.28
C5 NAG T . 47.14 8.95 17.22
C6 NAG T . 48.02 7.84 16.65
C7 NAG T . 46.17 12.96 20.36
C8 NAG T . 45.79 14.18 19.59
N2 NAG T . 45.68 11.81 19.90
O3 NAG T . 47.98 12.47 18.28
O4 NAG T . 48.19 10.70 15.94
O5 NAG T . 46.67 8.58 18.51
O6 NAG T . 49.36 7.98 17.15
O7 NAG T . 46.89 12.99 21.35
C1 NAG U . 52.44 -7.48 20.39
C2 NAG U . 53.25 -8.55 19.65
C3 NAG U . 54.11 -7.94 18.56
C4 NAG U . 53.30 -7.00 17.68
C5 NAG U . 52.49 -6.02 18.53
C6 NAG U . 51.61 -5.13 17.65
C7 NAG U . 53.56 -10.20 21.40
C8 NAG U . 53.21 -9.73 22.78
N2 NAG U . 54.07 -9.27 20.59
O3 NAG U . 54.68 -8.97 17.76
O4 NAG U . 54.18 -6.27 16.82
O5 NAG U . 51.67 -6.75 19.44
O6 NAG U . 50.65 -5.93 16.97
O7 NAG U . 53.40 -11.35 21.05
C1 NAG U . 54.62 -7.14 15.72
C2 NAG U . 54.87 -6.32 14.47
C3 NAG U . 55.34 -7.20 13.31
C4 NAG U . 56.46 -8.13 13.75
C5 NAG U . 56.11 -8.84 15.05
C6 NAG U . 57.27 -9.71 15.53
C7 NAG U . 53.48 -4.33 14.47
C8 NAG U . 52.48 -3.56 13.67
N2 NAG U . 53.68 -5.59 14.10
O3 NAG U . 55.78 -6.38 12.22
O4 NAG U . 56.71 -9.10 12.73
O5 NAG U . 55.80 -7.88 16.05
O6 NAG U . 57.18 -9.89 16.94
O7 NAG U . 54.06 -3.84 15.43
C1 NAG V . -40.68 5.67 3.06
C2 NAG V . -40.08 4.40 3.62
C3 NAG V . -39.09 3.83 2.63
C4 NAG V . -39.79 3.56 1.31
C5 NAG V . -40.52 4.81 0.84
C6 NAG V . -41.38 4.50 -0.38
C7 NAG V . -40.14 5.11 5.93
C8 NAG V . -40.38 6.59 5.96
N2 NAG V . -39.44 4.67 4.90
O3 NAG V . -38.55 2.60 3.12
O4 NAG V . -38.82 3.16 0.34
O5 NAG V . -41.36 5.34 1.86
O6 NAG V . -42.22 3.39 -0.07
O7 NAG V . -40.57 4.38 6.80
C1 NAG V . -38.43 1.79 0.54
C2 NAG V . -37.91 1.21 -0.78
C3 NAG V . -37.40 -0.21 -0.62
C4 NAG V . -36.49 -0.38 0.57
C5 NAG V . -37.03 0.33 1.81
C6 NAG V . -35.97 0.30 2.90
C7 NAG V . -39.18 2.10 -2.69
C8 NAG V . -40.10 1.70 -3.79
N2 NAG V . -38.98 1.18 -1.75
O3 NAG V . -36.69 -0.58 -1.80
O4 NAG V . -36.40 -1.77 0.90
O5 NAG V . -37.40 1.67 1.53
O6 NAG V . -36.26 1.31 3.86
O7 NAG V . -38.66 3.20 -2.65
C1 BMA V . -35.53 -2.72 0.52
C2 BMA V . -34.97 -4.03 1.09
C3 BMA V . -34.20 -4.80 -0.01
C4 BMA V . -35.05 -5.02 -1.28
C5 BMA V . -35.58 -3.65 -1.80
C6 BMA V . -36.53 -3.69 -3.00
O2 BMA V . -36.05 -4.85 1.40
O3 BMA V . -33.79 -5.70 1.05
O4 BMA V . -34.37 -5.66 -2.30
O5 BMA V . -36.31 -3.00 -0.70
O6 BMA V . -37.70 -4.50 -2.64
C1 MAN V . -32.52 -6.04 1.07
C2 MAN V . -32.84 -7.51 1.25
C3 MAN V . -32.61 -7.94 2.70
C4 MAN V . -31.22 -7.53 3.15
C5 MAN V . -30.96 -6.06 2.84
C6 MAN V . -29.54 -5.66 3.22
O2 MAN V . -32.01 -8.30 0.39
O3 MAN V . -32.76 -9.36 2.82
O4 MAN V . -31.08 -7.77 4.55
O5 MAN V . -31.17 -5.81 1.46
O6 MAN V . -29.34 -4.27 2.95
C1 MAN V . -31.81 -9.87 0.52
C2 MAN V . -30.72 -10.91 0.65
C3 MAN V . -29.54 -10.56 -0.23
C4 MAN V . -30.01 -10.26 -1.65
C5 MAN V . -31.17 -9.29 -1.66
C6 MAN V . -31.70 -9.11 -3.08
O2 MAN V . -31.22 -12.18 0.25
O3 MAN V . -28.63 -11.66 -0.27
O4 MAN V . -28.91 -9.70 -2.39
O5 MAN V . -32.21 -9.79 -0.83
O6 MAN V . -32.89 -9.89 -3.22
C1 MAN V . -31.90 -12.81 1.35
C2 MAN V . -31.83 -14.31 1.19
C3 MAN V . -32.57 -14.76 -0.05
C4 MAN V . -33.96 -14.14 -0.11
C5 MAN V . -33.91 -12.65 0.17
C6 MAN V . -35.31 -12.05 0.24
O2 MAN V . -32.43 -14.94 2.33
O3 MAN V . -32.68 -16.18 -0.04
O4 MAN V . -34.52 -14.36 -1.41
O5 MAN V . -33.26 -12.42 1.41
O6 MAN V . -35.34 -11.07 1.29
C1 MAN V . -38.53 -4.82 -3.77
C2 MAN V . -39.69 -5.67 -3.28
C3 MAN V . -39.19 -7.04 -2.84
C4 MAN V . -38.35 -7.68 -3.92
C5 MAN V . -37.29 -6.74 -4.46
C6 MAN V . -36.64 -7.35 -5.69
O2 MAN V . -40.66 -5.84 -4.31
O3 MAN V . -40.32 -7.88 -2.57
O4 MAN V . -37.72 -8.85 -3.39
O5 MAN V . -37.86 -5.49 -4.84
O6 MAN V . -37.61 -7.41 -6.74
C1 MAN V . -37.03 -8.05 -7.89
C2 MAN V . -38.10 -8.30 -8.95
C3 MAN V . -39.06 -9.41 -8.53
C4 MAN V . -38.29 -10.63 -8.02
C5 MAN V . -37.27 -10.20 -6.96
C6 MAN V . -36.51 -11.37 -6.38
O2 MAN V . -37.49 -8.64 -10.19
O3 MAN V . -39.86 -9.80 -9.65
O4 MAN V . -39.20 -11.56 -7.45
O5 MAN V . -36.38 -9.28 -7.57
O6 MAN V . -36.35 -12.39 -7.37
C1 MAN V . -38.01 -7.79 -11.21
C2 MAN V . -37.47 -8.21 -12.56
C3 MAN V . -35.96 -8.04 -12.61
C4 MAN V . -35.58 -6.63 -12.19
C5 MAN V . -36.24 -6.27 -10.87
C6 MAN V . -35.92 -4.85 -10.44
O2 MAN V . -38.06 -7.40 -13.58
O3 MAN V . -35.48 -8.31 -13.92
O4 MAN V . -34.17 -6.53 -12.07
O5 MAN V . -37.65 -6.42 -10.99
O6 MAN V . -35.69 -4.82 -9.02
C1 MAN V . -39.88 -8.75 -1.33
C2 MAN V . -41.09 -9.65 -1.09
C3 MAN V . -42.39 -8.86 -1.17
C4 MAN V . -42.31 -7.64 -0.25
C5 MAN V . -41.07 -6.83 -0.60
C6 MAN V . -40.96 -5.59 0.26
O2 MAN V . -40.99 -10.24 0.20
O3 MAN V . -43.47 -9.70 -0.75
O4 MAN V . -43.48 -6.84 -0.40
O5 MAN V . -39.92 -7.64 -0.44
O6 MAN V . -39.68 -5.00 0.08
C1 NAG W . -6.37 25.88 -42.04
C2 NAG W . -6.60 24.58 -41.25
C3 NAG W . -5.78 24.55 -39.94
C4 NAG W . -4.42 25.19 -40.06
C5 NAG W . -4.51 26.49 -40.85
C6 NAG W . -3.20 27.20 -41.05
C7 NAG W . -8.62 23.24 -40.92
C8 NAG W . -7.81 22.05 -41.39
N2 NAG W . -7.99 24.42 -40.92
O3 NAG W . -5.62 23.19 -39.54
O4 NAG W . -3.96 25.48 -38.74
O5 NAG W . -5.02 26.14 -42.14
O6 NAG W . -2.48 26.57 -42.10
O7 NAG W . -9.80 23.14 -40.60
C1 NAG X . -37.21 26.76 -56.69
C2 NAG X . -37.39 26.34 -58.13
C3 NAG X . -38.87 26.29 -58.47
C4 NAG X . -39.63 25.39 -57.49
C5 NAG X . -39.29 25.67 -56.03
C6 NAG X . -39.73 24.56 -55.09
C7 NAG X . -35.98 26.85 -60.09
C8 NAG X . -35.94 25.36 -60.33
N2 NAG X . -36.69 27.25 -59.03
O3 NAG X . -39.01 25.80 -59.79
O4 NAG X . -41.01 25.61 -57.67
O5 NAG X . -37.87 25.81 -55.83
O6 NAG X . -41.04 24.07 -55.40
O7 NAG X . -35.40 27.63 -60.83
C1 NAG Y . -6.72 32.94 -32.73
C2 NAG Y . -6.85 34.30 -32.06
C3 NAG Y . -6.08 35.37 -32.84
C4 NAG Y . -4.66 34.92 -33.12
C5 NAG Y . -4.66 33.54 -33.75
C6 NAG Y . -3.28 32.96 -33.90
C7 NAG Y . -9.00 34.57 -30.88
C8 NAG Y . -8.28 34.12 -29.64
N2 NAG Y . -8.26 34.65 -31.99
O3 NAG Y . -6.07 36.55 -32.08
O4 NAG Y . -4.03 35.87 -33.98
O5 NAG Y . -5.37 32.64 -32.90
O6 NAG Y . -2.78 32.55 -32.63
O7 NAG Y . -10.18 34.85 -30.88
C1 NAG Z . -21.04 42.13 -30.84
C2 NAG Z . -21.99 43.35 -30.76
C3 NAG Z . -21.29 44.59 -30.17
C4 NAG Z . -20.41 44.26 -28.97
C5 NAG Z . -19.50 43.10 -29.34
C6 NAG Z . -18.51 42.70 -28.26
C7 NAG Z . -23.67 43.99 -32.48
C8 NAG Z . -24.67 44.13 -31.38
N2 NAG Z . -22.43 43.63 -32.12
O3 NAG Z . -22.29 45.50 -29.75
O4 NAG Z . -19.66 45.42 -28.59
O5 NAG Z . -20.35 41.98 -29.60
O6 NAG Z . -19.15 42.35 -27.04
O7 NAG Z . -23.96 44.20 -33.65
C1 NAG AA . -24.94 23.81 -27.11
C2 NAG AA . -25.38 25.11 -26.41
C3 NAG AA . -26.61 24.88 -25.53
C4 NAG AA . -27.67 24.04 -26.23
C5 NAG AA . -27.01 22.78 -26.77
C6 NAG AA . -27.93 21.85 -27.50
C7 NAG AA . -23.41 26.53 -26.12
C8 NAG AA . -22.35 27.02 -25.17
N2 NAG AA . -24.30 25.67 -25.63
O3 NAG AA . -27.16 26.16 -25.24
O4 NAG AA . -28.75 23.76 -25.35
O5 NAG AA . -26.03 23.19 -27.72
O6 NAG AA . -27.16 20.88 -28.22
O7 NAG AA . -23.45 26.92 -27.31
C1 NAG BA . -29.34 32.74 -26.35
C2 NAG BA . -28.36 32.12 -25.34
C3 NAG BA . -29.08 31.82 -24.02
C4 NAG BA . -29.71 33.10 -23.48
C5 NAG BA . -30.69 33.64 -24.52
C6 NAG BA . -31.34 34.93 -24.10
C7 NAG BA . -26.42 30.72 -25.89
C8 NAG BA . -25.94 29.44 -26.52
N2 NAG BA . -27.73 30.93 -25.89
O3 NAG BA . -28.19 31.26 -23.06
O4 NAG BA . -30.37 32.92 -22.23
O5 NAG BA . -29.98 33.91 -25.74
O6 NAG BA . -32.08 35.51 -25.17
O7 NAG BA . -25.63 31.52 -25.37
C1 NAG CA . -19.61 35.29 -19.90
C2 NAG CA . -19.49 33.77 -19.86
C3 NAG CA . -19.73 33.24 -18.45
C4 NAG CA . -18.85 33.97 -17.43
C5 NAG CA . -19.03 35.48 -17.58
C6 NAG CA . -18.10 36.28 -16.69
C7 NAG CA . -19.99 32.38 -21.82
C8 NAG CA . -21.07 31.76 -22.65
N2 NAG CA . -20.40 33.12 -20.79
O3 NAG CA . -19.43 31.85 -18.42
O4 NAG CA . -19.22 33.55 -16.12
O5 NAG CA . -18.73 35.88 -18.93
O6 NAG CA . -17.95 37.60 -17.19
O7 NAG CA . -18.79 32.21 -22.07
C1 NAG DA . -5.80 33.04 -43.34
C2 NAG DA . -4.80 32.35 -44.26
C3 NAG DA . -3.54 33.20 -44.41
C4 NAG DA . -3.89 34.63 -44.82
C5 NAG DA . -4.97 35.20 -43.89
C6 NAG DA . -5.48 36.55 -44.31
C7 NAG DA . -4.66 29.92 -44.51
C8 NAG DA . -4.27 28.62 -43.87
N2 NAG DA . -4.47 31.01 -43.77
O3 NAG DA . -2.67 32.64 -45.38
O4 NAG DA . -2.72 35.44 -44.75
O5 NAG DA . -6.11 34.32 -43.86
O6 NAG DA . -6.14 37.18 -43.23
O7 NAG DA . -5.11 29.97 -45.66
CL CL EA . -3.79 25.50 -22.60
C1 GOL FA . -5.74 35.28 -18.29
O1 GOL FA . -6.49 36.04 -17.34
C2 GOL FA . -5.88 35.92 -19.66
O2 GOL FA . -7.19 36.47 -19.79
C3 GOL FA . -5.67 34.86 -20.75
O3 GOL FA . -6.51 35.16 -21.86
C1 GOL GA . 8.18 -38.38 12.92
O1 GOL GA . 7.50 -38.61 11.69
C2 GOL GA . 7.24 -37.65 13.89
O2 GOL GA . 5.92 -37.64 13.33
C3 GOL GA . 7.22 -38.39 15.22
O3 GOL GA . 5.90 -38.31 15.78
C1 GOL HA . -40.84 -3.01 -0.78
O1 GOL HA . -41.04 -1.91 0.11
C2 GOL HA . -41.00 -2.53 -2.22
O2 GOL HA . -39.94 -1.62 -2.53
C3 GOL HA . -40.94 -3.72 -3.17
O3 GOL HA . -41.28 -3.31 -4.49
C1 GOL IA . 40.69 2.77 8.93
O1 GOL IA . 40.20 3.18 10.21
C2 GOL IA . 39.89 3.45 7.83
O2 GOL IA . 39.32 2.46 6.97
C3 GOL IA . 40.81 4.36 7.03
O3 GOL IA . 40.96 3.82 5.71
C1 NAG JA . 14.48 -47.52 -7.35
C2 NAG JA . 14.38 -46.15 -8.00
C3 NAG JA . 13.20 -45.39 -7.44
C4 NAG JA . 11.93 -46.20 -7.63
C5 NAG JA . 12.08 -47.57 -7.00
C6 NAG JA . 10.92 -48.47 -7.31
C7 NAG JA . 16.14 -44.62 -8.79
C8 NAG JA . 17.41 -43.91 -8.43
N2 NAG JA . 15.62 -45.39 -7.83
O3 NAG JA . 13.10 -44.14 -8.10
O4 NAG JA . 10.83 -45.52 -7.05
O5 NAG JA . 13.26 -48.22 -7.52
O6 NAG JA . 10.76 -48.61 -8.71
O7 NAG JA . 15.62 -44.51 -9.89
C1 NAG KA . 48.75 -53.80 -9.43
C2 NAG KA . 49.51 -53.75 -10.79
C3 NAG KA . 50.97 -53.32 -10.60
C4 NAG KA . 51.07 -52.07 -9.72
C5 NAG KA . 50.32 -52.29 -8.42
C6 NAG KA . 50.29 -51.06 -7.53
C7 NAG KA . 49.13 -55.14 -12.78
C8 NAG KA . 49.09 -56.53 -13.33
N2 NAG KA . 49.43 -55.03 -11.48
O3 NAG KA . 51.53 -53.04 -11.87
O4 NAG KA . 52.42 -51.77 -9.40
O5 NAG KA . 48.95 -52.60 -8.73
O6 NAG KA . 49.07 -51.00 -6.80
O7 NAG KA . 48.93 -54.15 -13.49
C1 NAG LA . 11.54 -45.96 3.73
C2 NAG LA . 11.69 -46.60 5.14
C3 NAG LA . 11.13 -48.02 5.17
C4 NAG LA . 9.69 -48.03 4.70
C5 NAG LA . 9.69 -47.53 3.26
C6 NAG LA . 8.32 -47.53 2.62
C7 NAG LA . 13.54 -45.89 6.60
C8 NAG LA . 15.01 -46.03 6.88
N2 NAG LA . 13.08 -46.61 5.57
O3 NAG LA . 11.20 -48.54 6.49
O4 NAG LA . 9.11 -49.32 4.84
O5 NAG LA . 10.15 -46.17 3.23
O6 NAG LA . 7.73 -46.24 2.72
O7 NAG LA . 12.81 -45.15 7.27
C1 NAG MA . 24.13 -49.03 14.56
C2 NAG MA . 24.99 -49.28 15.79
C3 NAG MA . 24.14 -49.81 16.95
C4 NAG MA . 22.88 -48.99 17.18
C5 NAG MA . 22.16 -48.59 15.88
C6 NAG MA . 21.21 -47.43 16.09
C7 NAG MA . 27.33 -49.96 15.75
C8 NAG MA . 28.31 -51.03 15.36
N2 NAG MA . 26.05 -50.21 15.49
O3 NAG MA . 24.93 -49.70 18.12
O4 NAG MA . 21.98 -49.73 18.02
O5 NAG MA . 23.10 -48.14 14.88
O6 NAG MA . 21.86 -46.24 16.52
O7 NAG MA . 27.68 -48.91 16.27
C1 NAG NA . 28.31 -32.91 4.47
C2 NAG NA . 29.33 -31.89 3.93
C3 NAG NA . 30.58 -31.83 4.83
C4 NAG NA . 30.21 -31.79 6.31
C5 NAG NA . 29.18 -32.88 6.62
C6 NAG NA . 28.68 -32.89 8.04
C7 NAG NA . 30.22 -31.44 1.67
C8 NAG NA . 30.57 -32.05 0.33
N2 NAG NA . 29.72 -32.29 2.58
O3 NAG NA . 31.35 -30.70 4.49
O4 NAG NA . 31.38 -32.04 7.07
O5 NAG NA . 28.04 -32.64 5.80
O6 NAG NA . 27.28 -32.67 8.06
O7 NAG NA . 30.36 -30.25 1.91
C1 NAG OA . 31.80 -37.45 12.27
C2 NAG OA . 30.42 -36.81 12.43
C3 NAG OA . 30.25 -36.23 13.84
C4 NAG OA . 30.57 -37.29 14.90
C5 NAG OA . 31.97 -37.83 14.64
C6 NAG OA . 32.35 -38.94 15.59
C7 NAG OA . 29.11 -35.54 10.79
C8 NAG OA . 29.12 -34.42 9.79
N2 NAG OA . 30.24 -35.76 11.43
O3 NAG OA . 28.91 -35.78 14.01
O4 NAG OA . 30.48 -36.76 16.21
O5 NAG OA . 32.03 -38.40 13.32
O6 NAG OA . 33.75 -39.19 15.54
O7 NAG OA . 28.09 -36.20 11.00
C1 NAG PA . 13.87 -53.75 -3.59
C2 NAG PA . 13.39 -54.14 -4.98
C3 NAG PA . 12.04 -54.87 -4.91
C4 NAG PA . 12.06 -55.97 -3.85
C5 NAG PA . 12.59 -55.43 -2.52
C6 NAG PA . 12.73 -56.51 -1.47
C7 NAG PA . 13.95 -52.84 -6.98
C8 NAG PA . 13.71 -51.56 -7.74
N2 NAG PA . 13.29 -52.97 -5.82
O3 NAG PA . 11.75 -55.44 -6.17
O4 NAG PA . 10.74 -56.47 -3.65
O5 NAG PA . 13.90 -54.89 -2.74
O6 NAG PA . 13.65 -56.12 -0.45
O7 NAG PA . 14.70 -53.74 -7.40
CL CL QA . 5.69 -34.39 3.28
C1 NAG RA . 38.54 8.64 31.42
C2 NAG RA . 37.05 8.34 31.24
C3 NAG RA . 36.57 8.72 29.84
C4 NAG RA . 37.02 10.12 29.48
C5 NAG RA . 38.51 10.30 29.76
C6 NAG RA . 38.96 11.73 29.47
C7 NAG RA . 35.64 6.49 31.97
C8 NAG RA . 35.53 5.02 32.20
N2 NAG RA . 36.80 6.93 31.48
O3 NAG RA . 35.14 8.66 29.79
O4 NAG RA . 36.78 10.36 28.09
O5 NAG RA . 38.77 10.00 31.12
O6 NAG RA . 38.28 12.20 28.29
O7 NAG RA . 34.72 7.25 32.21
C1 NAG SA . 46.83 -16.36 52.87
C2 NAG SA . 46.57 -17.88 52.75
C3 NAG SA . 47.05 -18.61 54.01
C4 NAG SA . 48.48 -18.22 54.37
C5 NAG SA . 48.53 -16.71 54.52
C6 NAG SA . 49.88 -16.17 54.92
C7 NAG SA . 44.71 -19.13 51.74
C8 NAG SA . 43.21 -19.25 51.64
N2 NAG SA . 45.16 -18.15 52.52
O3 NAG SA . 46.97 -20.02 53.81
O4 NAG SA . 48.89 -18.86 55.57
O5 NAG SA . 48.20 -16.14 53.26
O6 NAG SA . 50.26 -15.11 54.06
O7 NAG SA . 45.47 -19.89 51.14
C1 NAG TA . 63.54 -16.98 36.04
C2 NAG TA . 63.88 -15.53 35.64
C3 NAG TA . 65.19 -15.10 36.28
C4 NAG TA . 65.09 -15.24 37.79
C5 NAG TA . 64.79 -16.70 38.13
C6 NAG TA . 64.61 -16.94 39.60
C7 NAG TA . 63.49 -14.24 33.58
C8 NAG TA . 63.61 -14.23 32.09
N2 NAG TA . 63.92 -15.35 34.20
O3 NAG TA . 65.49 -13.75 35.94
O4 NAG TA . 66.29 -14.83 38.44
O5 NAG TA . 63.57 -17.11 37.48
O6 NAG TA . 64.07 -18.23 39.86
O7 NAG TA . 63.03 -13.28 34.20
C1 NAG UA . 33.87 -12.91 23.73
C2 NAG UA . 32.77 -13.93 24.05
C3 NAG UA . 33.22 -15.34 23.63
C4 NAG UA . 33.79 -15.36 22.22
C5 NAG UA . 34.83 -14.25 22.06
C6 NAG UA . 35.37 -14.10 20.65
C7 NAG UA . 31.21 -13.83 25.95
C8 NAG UA . 31.10 -13.81 27.44
N2 NAG UA . 32.46 -13.91 25.46
O3 NAG UA . 32.11 -16.24 23.70
O4 NAG UA . 34.40 -16.62 21.96
O5 NAG UA . 34.21 -12.98 22.38
O6 NAG UA . 36.49 -13.21 20.62
O7 NAG UA . 30.23 -13.77 25.21
C1 NAG VA . 43.09 -16.48 21.18
C2 NAG VA . 43.56 -17.35 20.01
C3 NAG VA . 43.17 -16.71 18.69
C4 NAG VA . 41.67 -16.45 18.66
C5 NAG VA . 41.21 -15.70 19.91
C6 NAG VA . 39.70 -15.65 20.03
C7 NAG VA . 45.56 -18.63 19.41
C8 NAG VA . 47.04 -18.77 19.55
N2 NAG VA . 44.99 -17.60 20.06
O3 NAG VA . 43.55 -17.56 17.61
O4 NAG VA . 41.35 -15.67 17.52
O5 NAG VA . 41.69 -16.35 21.12
O6 NAG VA . 39.29 -14.44 20.65
O7 NAG VA . 44.89 -19.40 18.73
C1 NAG WA . 45.71 9.90 29.60
C2 NAG WA . 45.06 10.80 30.64
C3 NAG WA . 45.64 12.20 30.51
C4 NAG WA . 47.15 12.16 30.61
C5 NAG WA . 47.74 11.17 29.62
C6 NAG WA . 49.25 11.04 29.80
C7 NAG WA . 42.91 11.42 31.49
C8 NAG WA . 41.69 12.17 31.05
N2 NAG WA . 43.62 10.84 30.53
O3 NAG WA . 45.11 13.03 31.54
O4 NAG WA . 47.69 13.46 30.35
O5 NAG WA . 47.15 9.88 29.79
O6 NAG WA . 49.55 9.67 30.12
O7 NAG WA . 43.22 11.34 32.66
CL CL XA . 31.50 6.88 13.73
C1 NAG YA . -56.14 43.50 13.82
C2 NAG YA . -55.93 44.29 12.52
C3 NAG YA . -56.51 45.70 12.65
C4 NAG YA . -57.95 45.66 13.18
C5 NAG YA . -57.99 44.83 14.46
C6 NAG YA . -59.40 44.64 15.00
C7 NAG YA . -54.08 44.50 10.92
C8 NAG YA . -52.60 44.57 10.73
N2 NAG YA . -54.51 44.36 12.17
O3 NAG YA . -56.49 46.33 11.38
O4 NAG YA . -58.43 46.96 13.45
O5 NAG YA . -57.50 43.52 14.18
O6 NAG YA . -59.43 43.60 15.95
O7 NAG YA . -54.86 44.57 9.96
C1 NAG ZA . -45.23 11.35 18.95
C2 NAG ZA . -43.72 11.70 18.90
C3 NAG ZA . -42.89 10.49 18.49
C4 NAG ZA . -43.22 9.29 19.37
C5 NAG ZA . -44.73 9.01 19.36
C6 NAG ZA . -45.10 7.91 20.33
C7 NAG ZA . -42.49 13.71 18.22
C8 NAG ZA . -42.39 14.82 17.23
N2 NAG ZA . -43.46 12.83 18.01
O3 NAG ZA . -41.53 10.81 18.70
O4 NAG ZA . -42.51 8.14 18.90
O5 NAG ZA . -45.44 10.18 19.79
O6 NAG ZA . -46.20 8.28 21.15
O7 NAG ZA . -41.72 13.62 19.17
C1 NAG AB . -46.26 4.95 9.12
C2 NAG AB . -47.21 4.52 7.98
C3 NAG AB . -48.40 3.77 8.56
C4 NAG AB . -47.91 2.54 9.31
C5 NAG AB . -46.99 2.99 10.44
C6 NAG AB . -46.37 1.83 11.19
C7 NAG AB . -47.18 5.89 5.95
C8 NAG AB . -47.75 7.10 5.27
N2 NAG AB . -47.64 5.65 7.18
O3 NAG AB . -49.32 3.42 7.54
O4 NAG AB . -49.01 1.78 9.83
O5 NAG AB . -45.90 3.77 9.92
O6 NAG AB . -44.96 1.97 11.34
O7 NAG AB . -46.34 5.18 5.41
C1 NAG BB . -55.45 13.55 -3.41
C2 NAG BB . -55.70 13.78 -4.93
C3 NAG BB . -55.92 12.46 -5.70
C4 NAG BB . -54.97 11.35 -5.27
C5 NAG BB . -54.89 11.25 -3.76
C6 NAG BB . -53.86 10.25 -3.30
C7 NAG BB . -56.72 15.98 -5.31
C8 NAG BB . -58.00 16.74 -5.51
N2 NAG BB . -56.84 14.66 -5.13
O3 NAG BB . -55.70 12.74 -7.09
O4 NAG BB . -55.45 10.10 -5.78
O5 NAG BB . -54.50 12.52 -3.22
O6 NAG BB . -52.96 10.81 -2.35
O7 NAG BB . -55.64 16.53 -5.28
C1 NAG CB . -37.13 21.65 -0.89
C2 NAG CB . -35.85 22.52 -1.03
C3 NAG CB . -36.01 23.56 -2.15
C4 NAG CB . -36.54 22.95 -3.43
C5 NAG CB . -37.84 22.23 -3.11
C6 NAG CB . -38.49 21.56 -4.30
C7 NAG CB . -34.37 23.13 0.86
C8 NAG CB . -34.29 23.87 2.17
N2 NAG CB . -35.56 23.17 0.24
O3 NAG CB . -34.75 24.19 -2.39
O4 NAG CB . -36.75 23.92 -4.45
O5 NAG CB . -37.54 21.18 -2.18
O6 NAG CB . -38.74 20.20 -3.97
O7 NAG CB . -33.39 22.54 0.39
CL CL DB . -34.92 1.69 6.77
#